data_8VUJ
#
_entry.id   8VUJ
#
_cell.length_a   1.00
_cell.length_b   1.00
_cell.length_c   1.00
_cell.angle_alpha   90.00
_cell.angle_beta   90.00
_cell.angle_gamma   90.00
#
_symmetry.space_group_name_H-M   'P 1'
#
loop_
_entity.id
_entity.type
_entity.pdbx_description
1 polymer 'Glutamate receptor ionotropic, NMDA 1'
2 polymer 'Glutamate receptor ionotropic, NMDA 2A'
3 polymer 'Glutamate receptor ionotropic, NMDA 1'
4 polymer '003-102 Heavy'
5 polymer '003-102 Light'
#
loop_
_entity_poly.entity_id
_entity_poly.type
_entity_poly.pdbx_seq_one_letter_code
_entity_poly.pdbx_strand_id
1 'polypeptide(L)'
;VNIGAVLSTRKHEQMFREAVNQANKRHGSWKIQLNATSVTHKPNAIQMALSVCEDLISSQVYAILVSHPPTPNDHFTPTP
VSYTAGFYRIPVLGLTTRMSIYSDKSIHLSFLRTVPPYSHQSSVWFEMMRVYSWNHIILLVSDDHEGRAAQKRLETLLEE
RESKAEKVLQFDPGTKNVTALLMEAKELEARVIILSASEDDAATVYRAAAMLNMTGSGYVWLVGEREISGNALRYAPDGI
LGLQLINGKNESAHISDAVGVVAQAVHELLEKENITDPPRGCVGNTNIWKTGPLFKRVLMSSKYADGVTGRVEFNEDGDR
KFANYSIMNLQNRKLVQVGIYNGTHVIPNDRKIIWPGGETEKPRGYQMSTRLKIVTIHQEPFVYVKPTLSDGTCKEEFTV
NGDPVKKVICTGPNDTSPGSPRHTVPQCCYGFCIDLLIKLARTMNFTYEVHLVADGKFGTQERVNNSNKKEWNGMMGELL
SGQADMIVAPLTINNERAQYIEFSKPFKYQGLTILVKKEIPRSTLDSFMQPFQSTLWLLVGLSVHVVAVMLYLLDRFSPF
GRFKVNSEEEEEDALTLSSAMWFSWGVLLNSGIGEGAPRSFSARILGMVWAGFAMIIVASYTANLAAFLVLDRPEERITG
INDPRLRNPSDKFIYATVKQSSVDIYFRRQVELSTMYRHMEKHNYESAAEAIQAVRDNKLHAFIWDSAVLEFEASQKCDL
VTTGELFFRSGFGIGMRKDSPWKQNVSLSILKSHENGFMEDLDKTWVRYQECDSRSNAPATLTFENMAGVFMLVAGGIVA
GIFLIFIEIAYKRHK
;
A
2 'polypeptide(L)'
;LNIAVMLGHSHDVTERELRTLWGPEQAAGLPLDVNVVALLMNRTDPKSLITHVCDLMSGARIHGLVFGDDTDQEAVAQML
DFISSHTFVPILGIHGGASMIMADKDPTSTFFQFGASIQQQATVMLKIMQDYDWHVFSLVTTIFPGYREFISFVKTTVDN
SFVGWDMQNVITLDTSFEDAKTQVQLKKIHSSVILLYCSKDEAVLILSEARSLGLTGYDFFWIVPSLVSGNTELIPKEFP
SGLISVSYDDWDYSLEARVRDGIGILTTAASSMLEKFSYIPEAKASCYGQMERPEVPMHTLHPFMVNVTWDGKDLSFTEE
GYQVHPRLVVIVLNKDREWEKVGKWENHTLSLRHAVWPRYKSFSDCEPDDNHLSIVTLEEAPFVIVEDIDPLTETCVRNT
VPCRKFVKINNSTNEGMNVKKCCKGFCIDILKKLSRTVKFTYDLYLVTNGKHGKKVNNVWNGMIGEVVYQRAVMAVGSLT
INEERSEVVDFSVPFVETGISVMVSRSNGTVSPSAFLEPFSASVWVMMFVMLLIVSAIAVFVFEYFSPVGYNRCLADGRE
PGGPSFTIGKAIWLLWGLVFNNSVPVQNPKGTTSKIMVSVWAFFAVIFLASYTANLAAFMIQEEFVDQVTGLSDKKFQRP
HDYSPPFRFGTVPNGSTERNIRNNYPYMHQYMTKFNQKGVEDALVSLKTGKLDAFIYDAAVLNYKAGRDEGCKLVTIGSG
YIFATTGYGIALQKGSPWKRQIDLALLQFVGDGEMEELETLWLTGICHNEKNEVMSSQLDIDNMAGVFYMLAAAMALSLI
TFIWEHLF
;
B,D
3 'polypeptide(L)'
;IVNIGAVLSTRKHEQMFREAVNQANKRHGSWKIQLNATSVTHKPNAIQMALSVCEDLISSQVYAILVSHPPTPNDHFTPT
PVSYTAGFYRIPVLGLTTRMSIYSDKSIHLSFLRTVPPYSHQSSVWFEMMRVYSWNHIILLVSDDHEGRAAQKRLETLLE
ERESKAEKVLQFDPGTKNVTALLMEAKELEARVIILSASEDDAATVYRAAAMLNMTGSGYVWLVGEREISGNALRYAPDG
ILGLQLINGKNESAHISDAVGVVAQAVHELLEKENITDPPRGCVGNTNIWKTGPLFKRVLMSSKYADGVTGRVEFNEDGD
RKFANYSIMNLQRRKLVQVGIYNGTHVIPNDRKIIWPGGETEKPRGYQMSTRLKIVTIHQEPFVYVKPTLSDGTCKEEFT
VNGDPVKKVICTGPNDTSPGSPRHTVPQCCYGFCIDLLIKLARTMNFTYEVHLVADGKFGTQERVNNSNKKEWNGMMGEL
LSGQADMIVAPLTINNERAQYIEFSKPFKYQGLTILVKKEIPRSTLDSFMQPFQSTLWLLVGLSVHVVAVMLYLLDRFSP
FGRFKVNSEEEEEDALTLSSAMWFSWGVLLNSGIGEGAPRSFSARILGMVWAGFAMIIVASYTANLAAFLVLDRPEERIT
GINDPRLRNPSDKFIYATVKQSSVDIYFRRQVELSTMYRHMEKHNYESAAEAIQAVRDNKLHAFIWDSAVLEFEASQKCD
LVTTGELFFRSGFGIGMRKDSPWKQNVSLSILKSHENGFMEDLDKTWVRYQECDSRSNAPATLTFENMAGVFMLVAGGIV
AGIFLIFIEIAYKRHK
;
C
4 'polypeptide(L)'
;LQLQESGPGLVKPSQTLSLTCTVSGGSISSSNWWSWVRQPPGKGLEWIGEIYHSGNTNYNPSLKSRVTVSVDKSKNQFSL
KLTSVTAADTAVYYCARDVSGGVNWFDPWGQGTLVTV
;
H,I
5 'polypeptide(L)'
;NFMLTQPHSVSESPGKTVTISCTRSSGSIASNYVQWYQQRPGSAPTTVIYEDNQRPSGVPDRFSGSIDSSSNSASLTISG
LKTEDEADYYCQSYDSSTVVFGGGTKLTV
;
L,M
#
# COMPACT_ATOMS: atom_id res chain seq x y z
N VAL A 1 56.75 -6.08 -39.75
CA VAL A 1 57.11 -5.12 -38.71
C VAL A 1 58.43 -5.51 -38.06
N ASN A 2 58.56 -5.26 -36.77
CA ASN A 2 59.80 -5.50 -36.02
C ASN A 2 59.50 -6.22 -34.71
N ILE A 3 58.73 -7.31 -34.80
CA ILE A 3 58.35 -8.06 -33.61
C ILE A 3 59.59 -8.62 -32.93
N GLY A 4 59.73 -8.34 -31.63
CA GLY A 4 60.80 -8.88 -30.83
C GLY A 4 60.29 -9.91 -29.83
N ALA A 5 61.25 -10.47 -29.08
CA ALA A 5 60.92 -11.48 -28.08
C ALA A 5 62.08 -11.61 -27.11
N VAL A 6 61.79 -12.21 -25.96
CA VAL A 6 62.78 -12.49 -24.93
C VAL A 6 62.71 -13.98 -24.63
N LEU A 7 63.83 -14.67 -24.76
CA LEU A 7 63.89 -16.13 -24.58
C LEU A 7 64.94 -16.47 -23.53
N SER A 8 65.13 -17.77 -23.32
CA SER A 8 66.00 -18.29 -22.27
C SER A 8 67.41 -18.60 -22.76
N THR A 9 67.55 -19.36 -23.85
CA THR A 9 68.84 -19.81 -24.33
C THR A 9 68.96 -19.55 -25.83
N ARG A 10 70.19 -19.72 -26.33
CA ARG A 10 70.46 -19.43 -27.74
C ARG A 10 69.71 -20.39 -28.66
N LYS A 11 69.61 -21.67 -28.27
CA LYS A 11 68.92 -22.64 -29.12
C LYS A 11 67.46 -22.27 -29.30
N HIS A 12 66.81 -21.80 -28.23
CA HIS A 12 65.43 -21.33 -28.35
C HIS A 12 65.34 -20.11 -29.25
N GLU A 13 66.35 -19.25 -29.24
CA GLU A 13 66.38 -18.12 -30.17
C GLU A 13 66.46 -18.61 -31.62
N GLN A 14 67.26 -19.65 -31.87
CA GLN A 14 67.32 -20.24 -33.21
C GLN A 14 65.97 -20.83 -33.60
N MET A 15 65.29 -21.49 -32.66
CA MET A 15 63.97 -22.03 -32.94
C MET A 15 62.98 -20.91 -33.27
N PHE A 16 63.06 -19.81 -32.53
CA PHE A 16 62.18 -18.66 -32.81
C PHE A 16 62.46 -18.09 -34.19
N ARG A 17 63.74 -17.97 -34.56
CA ARG A 17 64.07 -17.46 -35.89
C ARG A 17 63.57 -18.40 -36.98
N GLU A 18 63.72 -19.71 -36.78
CA GLU A 18 63.21 -20.67 -37.76
C GLU A 18 61.70 -20.58 -37.87
N ALA A 19 61.00 -20.42 -36.74
CA ALA A 19 59.55 -20.32 -36.77
C ALA A 19 59.10 -19.06 -37.50
N VAL A 20 59.76 -17.93 -37.26
CA VAL A 20 59.38 -16.71 -37.95
C VAL A 20 59.70 -16.80 -39.44
N ASN A 21 60.80 -17.47 -39.79
CA ASN A 21 61.12 -17.68 -41.21
C ASN A 21 60.06 -18.53 -41.88
N GLN A 22 59.61 -19.60 -41.22
CA GLN A 22 58.56 -20.44 -41.78
C GLN A 22 57.25 -19.67 -41.91
N ALA A 23 56.92 -18.84 -40.91
CA ALA A 23 55.70 -18.05 -40.98
C ALA A 23 55.76 -17.05 -42.14
N ASN A 24 56.91 -16.41 -42.34
CA ASN A 24 57.05 -15.49 -43.47
C ASN A 24 57.00 -16.23 -44.80
N LYS A 25 57.56 -17.44 -44.85
CA LYS A 25 57.49 -18.24 -46.06
C LYS A 25 56.05 -18.61 -46.40
N ARG A 26 55.26 -18.95 -45.38
CA ARG A 26 53.86 -19.28 -45.61
C ARG A 26 53.09 -18.09 -46.20
N HIS A 27 53.32 -16.90 -45.65
CA HIS A 27 52.67 -15.68 -46.13
C HIS A 27 53.66 -14.53 -46.07
N GLY A 28 53.92 -13.91 -47.21
CA GLY A 28 54.87 -12.81 -47.29
C GLY A 28 54.16 -11.46 -47.27
N SER A 29 54.71 -10.54 -46.50
CA SER A 29 54.12 -9.21 -46.37
C SER A 29 54.38 -8.40 -47.65
N TRP A 30 53.68 -7.28 -47.76
CA TRP A 30 53.75 -6.47 -48.98
C TRP A 30 55.07 -5.73 -49.08
N LYS A 31 55.36 -4.86 -48.12
CA LYS A 31 56.56 -4.03 -48.19
C LYS A 31 57.31 -4.00 -46.87
N ILE A 32 56.58 -4.07 -45.75
CA ILE A 32 57.19 -3.93 -44.44
C ILE A 32 57.91 -5.20 -43.99
N GLN A 33 57.39 -6.37 -44.35
CA GLN A 33 57.96 -7.67 -44.01
C GLN A 33 57.95 -7.89 -42.50
N LEU A 34 58.66 -8.92 -42.03
CA LEU A 34 58.67 -9.28 -40.62
C LEU A 34 60.11 -9.56 -40.20
N ASN A 35 60.60 -8.80 -39.23
CA ASN A 35 61.91 -9.02 -38.65
C ASN A 35 61.76 -9.87 -37.38
N ALA A 36 62.89 -10.15 -36.73
CA ALA A 36 62.87 -10.95 -35.51
C ALA A 36 64.14 -10.65 -34.71
N THR A 37 63.98 -10.03 -33.55
CA THR A 37 65.09 -9.75 -32.65
C THR A 37 64.83 -10.39 -31.30
N SER A 38 65.91 -10.83 -30.65
CA SER A 38 65.79 -11.56 -29.40
C SER A 38 66.93 -11.16 -28.47
N VAL A 39 66.69 -11.36 -27.17
CA VAL A 39 67.67 -11.09 -26.13
C VAL A 39 67.69 -12.27 -25.16
N THR A 40 68.49 -12.15 -24.11
CA THR A 40 68.64 -13.20 -23.11
C THR A 40 68.24 -12.67 -21.73
N HIS A 41 68.15 -13.59 -20.78
CA HIS A 41 67.79 -13.26 -19.41
C HIS A 41 69.04 -12.93 -18.62
N LYS A 42 69.17 -11.67 -18.20
CA LYS A 42 70.26 -11.26 -17.32
C LYS A 42 69.67 -10.90 -15.97
N PRO A 43 69.83 -11.74 -14.95
CA PRO A 43 69.14 -11.48 -13.68
C PRO A 43 69.78 -10.38 -12.86
N ASN A 44 69.18 -9.19 -12.91
CA ASN A 44 69.52 -8.10 -12.00
C ASN A 44 68.31 -7.26 -11.65
N ALA A 45 67.12 -7.64 -12.12
CA ALA A 45 65.87 -6.91 -11.95
C ALA A 45 65.89 -5.58 -12.70
N ILE A 46 66.60 -4.59 -12.16
CA ILE A 46 66.61 -3.26 -12.78
C ILE A 46 67.32 -3.30 -14.13
N GLN A 47 68.47 -3.98 -14.18
CA GLN A 47 69.20 -4.10 -15.45
C GLN A 47 68.34 -4.78 -16.51
N MET A 48 67.55 -5.77 -16.10
CA MET A 48 66.67 -6.45 -17.04
C MET A 48 65.69 -5.47 -17.69
N ALA A 49 65.02 -4.66 -16.85
CA ALA A 49 64.03 -3.72 -17.38
C ALA A 49 64.68 -2.66 -18.27
N LEU A 50 65.80 -2.09 -17.82
CA LEU A 50 66.49 -1.09 -18.63
C LEU A 50 66.89 -1.67 -19.98
N SER A 51 67.51 -2.85 -19.97
CA SER A 51 67.97 -3.48 -21.20
C SER A 51 66.81 -3.80 -22.13
N VAL A 52 65.72 -4.35 -21.60
CA VAL A 52 64.63 -4.71 -22.50
C VAL A 52 64.01 -3.46 -23.10
N CYS A 53 63.79 -2.41 -22.31
CA CYS A 53 63.15 -1.23 -22.88
C CYS A 53 64.03 -0.64 -23.97
N GLU A 54 65.32 -0.45 -23.67
CA GLU A 54 66.24 0.09 -24.66
C GLU A 54 66.26 -0.76 -25.92
N ASP A 55 66.66 -2.02 -25.80
CA ASP A 55 66.89 -2.87 -26.96
C ASP A 55 65.60 -3.21 -27.71
N LEU A 56 64.43 -3.01 -27.12
CA LEU A 56 63.21 -3.36 -27.83
C LEU A 56 62.53 -2.13 -28.43
N ILE A 57 62.14 -1.15 -27.60
CA ILE A 57 61.48 0.02 -28.16
C ILE A 57 62.45 0.95 -28.87
N SER A 58 63.76 0.72 -28.73
CA SER A 58 64.69 1.37 -29.64
C SER A 58 64.56 0.84 -31.06
N SER A 59 63.96 -0.34 -31.24
CA SER A 59 63.77 -0.95 -32.55
C SER A 59 62.33 -0.89 -33.02
N GLN A 60 61.46 -0.16 -32.31
CA GLN A 60 60.07 0.07 -32.72
C GLN A 60 59.31 -1.25 -32.89
N VAL A 61 59.16 -1.97 -31.76
CA VAL A 61 58.53 -3.27 -31.75
C VAL A 61 57.02 -3.14 -31.82
N TYR A 62 56.33 -4.26 -32.07
CA TYR A 62 54.87 -4.31 -32.10
C TYR A 62 54.28 -5.21 -31.03
N ALA A 63 54.97 -6.28 -30.64
CA ALA A 63 54.53 -7.18 -29.59
C ALA A 63 55.72 -7.96 -29.09
N ILE A 64 55.74 -8.25 -27.80
CA ILE A 64 56.88 -8.91 -27.15
C ILE A 64 56.43 -10.27 -26.64
N LEU A 65 57.27 -11.27 -26.85
CA LEU A 65 57.06 -12.62 -26.31
C LEU A 65 58.05 -12.84 -25.19
N VAL A 66 57.54 -13.18 -24.00
CA VAL A 66 58.36 -13.37 -22.81
C VAL A 66 58.08 -14.77 -22.26
N SER A 67 59.15 -15.50 -21.94
CA SER A 67 59.05 -16.86 -21.44
C SER A 67 59.58 -16.93 -20.01
N HIS A 68 59.33 -18.07 -19.37
CA HIS A 68 59.71 -18.27 -17.98
C HIS A 68 60.93 -19.15 -17.89
N PRO A 69 62.04 -18.67 -17.36
CA PRO A 69 63.23 -19.53 -17.19
C PRO A 69 62.98 -20.58 -16.12
N PRO A 70 63.75 -21.68 -16.13
CA PRO A 70 63.46 -22.78 -15.20
C PRO A 70 63.89 -22.51 -13.77
N THR A 71 64.27 -21.28 -13.45
CA THR A 71 64.63 -20.96 -12.08
C THR A 71 63.38 -20.94 -11.21
N PRO A 72 63.36 -21.69 -10.10
CA PRO A 72 62.15 -21.73 -9.27
C PRO A 72 61.89 -20.44 -8.53
N ASN A 73 61.46 -19.41 -9.24
CA ASN A 73 61.09 -18.13 -8.64
C ASN A 73 59.62 -17.77 -8.84
N ASP A 74 59.00 -18.24 -9.91
CA ASP A 74 57.58 -18.08 -10.23
C ASP A 74 57.20 -16.65 -10.59
N HIS A 75 58.13 -15.70 -10.53
CA HIS A 75 57.85 -14.32 -10.90
C HIS A 75 58.82 -13.78 -11.94
N PHE A 76 60.10 -14.12 -11.83
CA PHE A 76 61.22 -13.67 -12.66
C PHE A 76 60.91 -12.58 -13.68
N THR A 77 61.13 -12.89 -14.96
CA THR A 77 61.06 -11.86 -16.00
C THR A 77 59.71 -11.16 -16.14
N PRO A 78 58.56 -11.84 -16.07
CA PRO A 78 57.30 -11.15 -16.39
C PRO A 78 57.05 -9.89 -15.58
N THR A 79 57.39 -9.87 -14.29
CA THR A 79 57.11 -8.66 -13.50
C THR A 79 57.90 -7.45 -13.98
N PRO A 80 59.24 -7.51 -14.15
CA PRO A 80 59.92 -6.34 -14.72
C PRO A 80 59.52 -6.05 -16.17
N VAL A 81 59.23 -7.07 -16.97
CA VAL A 81 58.94 -6.82 -18.38
C VAL A 81 57.58 -6.13 -18.55
N SER A 82 56.58 -6.59 -17.81
CA SER A 82 55.20 -6.18 -18.08
C SER A 82 54.97 -4.72 -17.73
N TYR A 83 55.59 -4.22 -16.66
CA TYR A 83 55.40 -2.82 -16.29
C TYR A 83 55.91 -1.89 -17.40
N THR A 84 57.14 -2.12 -17.86
CA THR A 84 57.69 -1.29 -18.92
C THR A 84 56.89 -1.44 -20.20
N ALA A 85 56.50 -2.67 -20.56
CA ALA A 85 55.74 -2.85 -21.79
C ALA A 85 54.32 -2.31 -21.69
N GLY A 86 53.81 -2.12 -20.47
CA GLY A 86 52.50 -1.55 -20.28
C GLY A 86 52.48 -0.06 -20.10
N PHE A 87 53.65 0.56 -19.86
CA PHE A 87 53.71 2.01 -19.86
C PHE A 87 53.29 2.57 -21.21
N TYR A 88 53.74 1.96 -22.31
CA TYR A 88 53.37 2.38 -23.65
C TYR A 88 52.20 1.57 -24.21
N ARG A 89 51.60 0.69 -23.42
CA ARG A 89 50.41 -0.07 -23.78
C ARG A 89 50.63 -1.01 -24.97
N ILE A 90 51.88 -1.38 -25.24
CA ILE A 90 52.14 -2.41 -26.25
C ILE A 90 51.77 -3.76 -25.65
N PRO A 91 51.22 -4.69 -26.43
CA PRO A 91 50.79 -5.97 -25.86
C PRO A 91 51.91 -7.00 -25.81
N VAL A 92 51.95 -7.74 -24.71
CA VAL A 92 52.93 -8.80 -24.50
C VAL A 92 52.22 -10.14 -24.47
N LEU A 93 53.00 -11.19 -24.68
CA LEU A 93 52.50 -12.56 -24.72
C LEU A 93 53.26 -13.40 -23.70
N GLY A 94 52.52 -14.15 -22.89
CA GLY A 94 53.11 -15.08 -21.94
C GLY A 94 53.14 -16.48 -22.50
N LEU A 95 54.15 -17.25 -22.09
CA LEU A 95 54.33 -18.60 -22.61
C LEU A 95 54.15 -19.67 -21.54
N THR A 96 54.91 -19.62 -20.46
CA THR A 96 54.88 -20.65 -19.43
C THR A 96 54.84 -20.03 -18.04
N THR A 97 53.98 -19.04 -17.85
CA THR A 97 53.80 -18.39 -16.56
C THR A 97 52.37 -18.63 -16.12
N ARG A 98 52.19 -19.52 -15.14
CA ARG A 98 50.87 -19.96 -14.71
C ARG A 98 50.40 -19.28 -13.42
N MET A 99 51.12 -18.28 -12.95
CA MET A 99 50.74 -17.63 -11.71
C MET A 99 49.41 -16.90 -11.90
N SER A 100 48.67 -16.74 -10.82
CA SER A 100 47.31 -16.20 -10.88
C SER A 100 47.23 -14.71 -10.56
N ILE A 101 48.36 -14.04 -10.36
CA ILE A 101 48.31 -12.62 -10.05
C ILE A 101 48.15 -11.79 -11.33
N TYR A 102 48.76 -12.25 -12.43
CA TYR A 102 48.70 -11.50 -13.68
C TYR A 102 47.32 -11.54 -14.32
N SER A 103 46.40 -12.36 -13.82
CA SER A 103 45.05 -12.38 -14.37
C SER A 103 44.23 -11.17 -13.94
N ASP A 104 44.70 -10.40 -12.97
CA ASP A 104 44.01 -9.19 -12.53
C ASP A 104 44.44 -8.05 -13.44
N LYS A 105 43.60 -7.72 -14.42
CA LYS A 105 43.97 -6.73 -15.42
C LYS A 105 43.71 -5.31 -14.92
N SER A 106 44.18 -5.01 -13.72
CA SER A 106 44.15 -3.66 -13.17
C SER A 106 45.53 -3.17 -12.76
N ILE A 107 46.39 -4.06 -12.26
CA ILE A 107 47.78 -3.71 -12.05
C ILE A 107 48.56 -3.87 -13.35
N HIS A 108 48.41 -5.02 -14.01
CA HIS A 108 49.05 -5.29 -15.29
C HIS A 108 48.08 -4.91 -16.40
N LEU A 109 48.33 -3.77 -17.05
CA LEU A 109 47.39 -3.24 -18.01
C LEU A 109 47.36 -4.07 -19.30
N SER A 110 48.51 -4.58 -19.72
CA SER A 110 48.63 -5.32 -20.97
C SER A 110 49.36 -6.64 -20.70
N PHE A 111 48.64 -7.74 -20.84
CA PHE A 111 49.23 -9.06 -20.65
C PHE A 111 48.30 -10.12 -21.21
N LEU A 112 48.86 -11.04 -22.00
CA LEU A 112 48.13 -12.17 -22.55
C LEU A 112 48.92 -13.44 -22.29
N ARG A 113 48.23 -14.47 -21.81
CA ARG A 113 48.88 -15.73 -21.46
C ARG A 113 48.39 -16.84 -22.36
N THR A 114 49.29 -17.78 -22.68
CA THR A 114 48.98 -18.90 -23.54
C THR A 114 48.55 -20.15 -22.77
N VAL A 115 48.95 -20.28 -21.52
CA VAL A 115 48.56 -21.42 -20.69
C VAL A 115 47.61 -20.95 -19.61
N PRO A 116 46.60 -21.75 -19.25
CA PRO A 116 45.62 -21.33 -18.23
C PRO A 116 46.27 -21.17 -16.88
N PRO A 117 45.82 -20.22 -16.06
CA PRO A 117 46.42 -20.03 -14.74
C PRO A 117 46.04 -21.11 -13.76
N TYR A 118 46.61 -21.06 -12.55
CA TYR A 118 46.33 -22.10 -11.57
C TYR A 118 44.86 -22.12 -11.16
N SER A 119 44.28 -20.94 -10.90
CA SER A 119 42.93 -20.88 -10.36
C SER A 119 41.91 -21.54 -11.27
N HIS A 120 42.12 -21.48 -12.59
CA HIS A 120 41.17 -22.09 -13.51
C HIS A 120 41.06 -23.59 -13.28
N GLN A 121 42.14 -24.24 -12.85
CA GLN A 121 42.08 -25.67 -12.59
C GLN A 121 41.07 -26.01 -11.51
N SER A 122 40.71 -25.04 -10.66
CA SER A 122 39.70 -25.28 -9.64
C SER A 122 38.37 -25.71 -10.28
N SER A 123 38.09 -25.23 -11.49
CA SER A 123 36.88 -25.65 -12.18
C SER A 123 36.81 -27.17 -12.30
N VAL A 124 37.95 -27.80 -12.60
CA VAL A 124 37.98 -29.25 -12.73
C VAL A 124 37.50 -29.92 -11.46
N TRP A 125 37.83 -29.34 -10.30
CA TRP A 125 37.35 -29.89 -9.04
C TRP A 125 35.84 -30.12 -9.09
N PHE A 126 35.09 -29.10 -9.55
CA PHE A 126 33.64 -29.22 -9.61
C PHE A 126 33.25 -30.40 -10.49
N GLU A 127 33.87 -30.53 -11.66
CA GLU A 127 33.55 -31.64 -12.54
C GLU A 127 33.93 -32.97 -11.89
N MET A 128 35.03 -32.98 -11.12
CA MET A 128 35.38 -34.17 -10.35
C MET A 128 34.23 -34.64 -9.47
N MET A 129 33.50 -33.71 -8.86
CA MET A 129 32.39 -34.07 -8.00
C MET A 129 31.06 -34.01 -8.73
N ARG A 130 31.07 -33.88 -10.06
CA ARG A 130 29.81 -33.92 -10.78
C ARG A 130 29.35 -35.36 -10.98
N VAL A 131 30.09 -36.15 -11.77
CA VAL A 131 29.82 -37.58 -11.80
C VAL A 131 30.75 -38.34 -10.86
N TYR A 132 30.52 -38.16 -9.56
CA TYR A 132 31.06 -39.08 -8.56
C TYR A 132 30.18 -39.20 -7.33
N SER A 133 29.01 -38.55 -7.30
CA SER A 133 28.14 -38.49 -6.12
C SER A 133 28.91 -37.95 -4.91
N TRP A 134 29.40 -36.71 -5.06
CA TRP A 134 30.13 -36.02 -4.00
C TRP A 134 29.63 -34.59 -3.92
N ASN A 135 29.12 -34.20 -2.75
CA ASN A 135 28.62 -32.84 -2.56
C ASN A 135 28.97 -32.29 -1.18
N HIS A 136 30.10 -32.70 -0.61
CA HIS A 136 30.51 -32.20 0.70
C HIS A 136 32.03 -32.09 0.74
N ILE A 137 32.53 -30.86 0.89
CA ILE A 137 33.95 -30.58 0.81
C ILE A 137 34.37 -29.72 2.00
N ILE A 138 35.60 -29.92 2.46
CA ILE A 138 36.16 -29.17 3.58
C ILE A 138 37.43 -28.46 3.14
N LEU A 139 37.46 -28.04 1.88
CA LEU A 139 38.67 -27.56 1.20
C LEU A 139 39.53 -26.65 2.08
N LEU A 140 40.81 -26.96 2.12
CA LEU A 140 41.81 -26.10 2.74
C LEU A 140 42.25 -25.03 1.74
N VAL A 141 43.07 -24.10 2.22
CA VAL A 141 43.57 -23.03 1.36
C VAL A 141 44.74 -22.33 2.04
N SER A 142 45.64 -21.76 1.24
CA SER A 142 46.73 -20.95 1.75
C SER A 142 46.22 -19.53 2.02
N ASP A 143 47.13 -18.60 2.28
CA ASP A 143 46.76 -17.23 2.59
C ASP A 143 47.32 -16.20 1.62
N ASP A 144 48.05 -16.64 0.60
CA ASP A 144 48.60 -15.72 -0.40
C ASP A 144 47.50 -15.35 -1.39
N HIS A 145 47.87 -14.65 -2.46
CA HIS A 145 46.89 -14.22 -3.45
C HIS A 145 46.26 -15.41 -4.17
N GLU A 146 47.07 -16.40 -4.52
CA GLU A 146 46.56 -17.51 -5.32
C GLU A 146 45.51 -18.32 -4.57
N GLY A 147 45.73 -18.56 -3.28
CA GLY A 147 44.76 -19.31 -2.51
C GLY A 147 43.43 -18.59 -2.39
N ARG A 148 43.49 -17.29 -2.07
CA ARG A 148 42.26 -16.51 -1.97
C ARG A 148 41.53 -16.46 -3.29
N ALA A 149 42.26 -16.31 -4.40
CA ALA A 149 41.62 -16.28 -5.71
C ALA A 149 40.95 -17.61 -6.03
N ALA A 150 41.63 -18.72 -5.74
CA ALA A 150 41.04 -20.03 -6.00
C ALA A 150 39.79 -20.26 -5.16
N GLN A 151 39.85 -19.89 -3.87
CA GLN A 151 38.69 -20.05 -3.01
C GLN A 151 37.51 -19.20 -3.49
N LYS A 152 37.79 -17.95 -3.88
CA LYS A 152 36.72 -17.09 -4.38
C LYS A 152 36.12 -17.65 -5.65
N ARG A 153 36.96 -18.15 -6.57
CA ARG A 153 36.44 -18.72 -7.81
C ARG A 153 35.56 -19.94 -7.54
N LEU A 154 36.02 -20.83 -6.65
CA LEU A 154 35.21 -22.01 -6.34
C LEU A 154 33.90 -21.63 -5.68
N GLU A 155 33.93 -20.65 -4.78
CA GLU A 155 32.71 -20.23 -4.10
C GLU A 155 31.72 -19.60 -5.08
N THR A 156 32.22 -18.76 -6.01
CA THR A 156 31.33 -18.13 -6.98
C THR A 156 30.86 -19.08 -8.07
N LEU A 157 31.56 -20.20 -8.26
CA LEU A 157 31.10 -21.20 -9.22
C LEU A 157 30.20 -22.25 -8.58
N LEU A 158 30.23 -22.39 -7.25
CA LEU A 158 29.40 -23.36 -6.56
C LEU A 158 28.00 -22.85 -6.26
N GLU A 159 27.69 -21.60 -6.60
CA GLU A 159 26.37 -21.05 -6.35
C GLU A 159 25.35 -21.46 -7.41
N GLU A 160 25.79 -22.01 -8.54
CA GLU A 160 24.85 -22.44 -9.57
C GLU A 160 24.01 -23.63 -9.09
N ARG A 161 24.59 -24.49 -8.26
CA ARG A 161 23.89 -25.64 -7.71
C ARG A 161 23.25 -25.35 -6.36
N GLU A 162 23.37 -24.12 -5.86
CA GLU A 162 22.78 -23.70 -4.58
C GLU A 162 23.32 -24.52 -3.42
N SER A 163 24.52 -25.10 -3.57
CA SER A 163 25.15 -25.84 -2.50
C SER A 163 26.04 -24.90 -1.68
N LYS A 164 26.83 -25.46 -0.77
CA LYS A 164 27.67 -24.63 0.10
C LYS A 164 28.82 -25.48 0.63
N ALA A 165 29.99 -24.86 0.71
CA ALA A 165 31.15 -25.54 1.28
C ALA A 165 31.02 -25.64 2.79
N GLU A 166 31.68 -26.65 3.36
CA GLU A 166 31.56 -26.89 4.81
C GLU A 166 32.48 -25.97 5.60
N LYS A 167 33.79 -26.09 5.39
CA LYS A 167 34.76 -25.31 6.13
C LYS A 167 35.81 -24.77 5.18
N VAL A 168 36.34 -23.58 5.50
CA VAL A 168 37.25 -22.86 4.62
C VAL A 168 38.56 -22.59 5.36
N LEU A 169 38.98 -23.53 6.20
CA LEU A 169 40.17 -23.34 7.04
C LEU A 169 41.37 -22.88 6.21
N GLN A 170 42.12 -21.93 6.75
CA GLN A 170 43.32 -21.42 6.10
C GLN A 170 44.45 -21.31 7.11
N PHE A 171 45.67 -21.50 6.63
CA PHE A 171 46.86 -21.42 7.45
C PHE A 171 47.81 -20.36 6.91
N ASP A 172 48.56 -19.74 7.82
CA ASP A 172 49.52 -18.72 7.42
C ASP A 172 50.64 -19.35 6.60
N PRO A 173 51.11 -18.68 5.55
CA PRO A 173 52.17 -19.25 4.72
C PRO A 173 53.49 -19.36 5.48
N GLY A 174 54.28 -20.36 5.10
CA GLY A 174 55.59 -20.55 5.71
C GLY A 174 55.56 -20.83 7.19
N THR A 175 54.60 -21.64 7.64
CA THR A 175 54.48 -21.96 9.05
C THR A 175 55.29 -23.21 9.37
N LYS A 176 55.17 -23.70 10.60
CA LYS A 176 55.89 -24.90 11.02
C LYS A 176 55.07 -25.86 11.87
N ASN A 177 53.79 -25.57 12.11
CA ASN A 177 52.94 -26.46 12.90
C ASN A 177 51.50 -26.21 12.50
N VAL A 178 50.89 -27.18 11.82
CA VAL A 178 49.52 -27.03 11.31
C VAL A 178 48.65 -28.11 11.93
N THR A 179 48.96 -28.52 13.16
CA THR A 179 48.19 -29.57 13.81
C THR A 179 46.83 -29.08 14.29
N ALA A 180 46.68 -27.78 14.57
CA ALA A 180 45.43 -27.27 15.08
C ALA A 180 44.33 -27.35 14.03
N LEU A 181 44.62 -26.91 12.81
CA LEU A 181 43.62 -26.94 11.75
C LEU A 181 43.22 -28.37 11.41
N LEU A 182 44.20 -29.27 11.35
CA LEU A 182 43.89 -30.67 11.07
C LEU A 182 43.06 -31.29 12.20
N MET A 183 43.38 -30.95 13.45
CA MET A 183 42.58 -31.43 14.56
C MET A 183 41.15 -30.93 14.48
N GLU A 184 40.97 -29.65 14.12
CA GLU A 184 39.63 -29.11 13.96
C GLU A 184 38.88 -29.80 12.83
N ALA A 185 39.56 -30.08 11.71
CA ALA A 185 38.90 -30.70 10.57
C ALA A 185 38.63 -32.18 10.79
N LYS A 186 39.34 -32.82 11.72
CA LYS A 186 39.11 -34.24 11.99
C LYS A 186 37.71 -34.48 12.55
N GLU A 187 37.27 -33.61 13.46
CA GLU A 187 35.97 -33.77 14.12
C GLU A 187 34.89 -33.11 13.25
N LEU A 188 34.55 -33.80 12.17
CA LEU A 188 33.52 -33.33 11.24
C LEU A 188 32.83 -34.54 10.64
N GLU A 189 32.08 -34.31 9.56
CA GLU A 189 31.33 -35.38 8.92
C GLU A 189 31.56 -35.49 7.41
N ALA A 190 32.36 -34.60 6.82
CA ALA A 190 32.66 -34.66 5.39
C ALA A 190 34.06 -35.25 5.19
N ARG A 191 34.21 -36.04 4.14
CA ARG A 191 35.42 -36.83 3.90
C ARG A 191 36.05 -36.53 2.55
N VAL A 192 36.03 -35.26 2.14
CA VAL A 192 36.66 -34.82 0.90
C VAL A 192 37.53 -33.61 1.21
N ILE A 193 38.79 -33.65 0.78
CA ILE A 193 39.76 -32.60 1.04
C ILE A 193 40.30 -32.09 -0.29
N ILE A 194 40.35 -30.78 -0.46
CA ILE A 194 40.74 -30.16 -1.72
C ILE A 194 41.98 -29.30 -1.47
N LEU A 195 42.86 -29.79 -0.60
CA LEU A 195 44.11 -29.10 -0.27
C LEU A 195 44.79 -28.52 -1.48
N SER A 196 45.24 -27.26 -1.36
CA SER A 196 45.92 -26.58 -2.46
C SER A 196 46.80 -25.49 -1.86
N ALA A 197 48.11 -25.69 -1.88
CA ALA A 197 49.05 -24.73 -1.32
C ALA A 197 50.38 -24.85 -2.07
N SER A 198 51.43 -24.27 -1.49
CA SER A 198 52.76 -24.35 -2.08
C SER A 198 53.40 -25.70 -1.74
N GLU A 199 54.53 -25.97 -2.39
CA GLU A 199 55.17 -27.28 -2.26
C GLU A 199 55.63 -27.53 -0.83
N ASP A 200 56.34 -26.57 -0.23
CA ASP A 200 56.82 -26.75 1.13
C ASP A 200 55.66 -26.86 2.12
N ASP A 201 54.65 -26.00 1.96
CA ASP A 201 53.48 -26.10 2.81
C ASP A 201 52.73 -27.42 2.60
N ALA A 202 52.72 -27.91 1.35
CA ALA A 202 52.11 -29.21 1.09
C ALA A 202 52.84 -30.32 1.82
N ALA A 203 54.17 -30.31 1.79
CA ALA A 203 54.93 -31.32 2.52
C ALA A 203 54.69 -31.21 4.03
N THR A 204 54.63 -29.98 4.54
CA THR A 204 54.39 -29.78 5.97
C THR A 204 53.03 -30.33 6.38
N VAL A 205 51.98 -30.01 5.61
CA VAL A 205 50.65 -30.48 5.98
C VAL A 205 50.54 -32.00 5.80
N TYR A 206 51.21 -32.56 4.80
CA TYR A 206 51.21 -34.01 4.64
C TYR A 206 51.84 -34.69 5.86
N ARG A 207 52.99 -34.19 6.29
CA ARG A 207 53.66 -34.78 7.45
C ARG A 207 52.82 -34.59 8.71
N ALA A 208 52.18 -33.44 8.87
CA ALA A 208 51.36 -33.19 10.05
C ALA A 208 50.14 -34.10 10.08
N ALA A 209 49.49 -34.30 8.93
CA ALA A 209 48.28 -35.10 8.88
C ALA A 209 48.56 -36.60 8.82
N ALA A 210 49.80 -37.00 8.53
CA ALA A 210 50.12 -38.42 8.55
C ALA A 210 50.00 -39.00 9.95
N MET A 211 50.44 -38.24 10.96
CA MET A 211 50.39 -38.70 12.35
C MET A 211 48.99 -38.71 12.93
N LEU A 212 48.01 -38.11 12.26
CA LEU A 212 46.66 -37.99 12.78
C LEU A 212 45.71 -39.06 12.26
N ASN A 213 46.23 -40.06 11.56
CA ASN A 213 45.42 -41.12 10.95
C ASN A 213 44.38 -40.54 10.00
N MET A 214 44.76 -39.47 9.30
CA MET A 214 43.88 -38.85 8.32
C MET A 214 43.97 -39.50 6.95
N THR A 215 44.93 -40.40 6.73
CA THR A 215 45.11 -41.07 5.45
C THR A 215 44.56 -42.50 5.46
N GLY A 216 43.57 -42.77 6.30
CA GLY A 216 42.99 -44.09 6.41
C GLY A 216 41.94 -44.34 5.35
N SER A 217 41.20 -45.43 5.55
CA SER A 217 40.17 -45.83 4.60
C SER A 217 39.03 -44.81 4.56
N GLY A 218 38.47 -44.63 3.37
CA GLY A 218 37.34 -43.73 3.20
C GLY A 218 37.65 -42.26 3.42
N TYR A 219 38.86 -41.82 3.02
CA TYR A 219 39.26 -40.41 3.10
C TYR A 219 39.83 -40.03 1.74
N VAL A 220 38.97 -39.66 0.81
CA VAL A 220 39.40 -39.36 -0.55
C VAL A 220 40.00 -37.96 -0.59
N TRP A 221 41.20 -37.85 -1.17
CA TRP A 221 41.89 -36.57 -1.32
C TRP A 221 41.67 -36.02 -2.72
N LEU A 222 42.09 -34.77 -2.90
CA LEU A 222 42.06 -34.10 -4.19
C LEU A 222 43.09 -32.99 -4.13
N VAL A 223 44.08 -33.03 -5.02
CA VAL A 223 45.29 -32.22 -4.89
C VAL A 223 45.57 -31.54 -6.22
N GLY A 224 45.91 -30.25 -6.16
CA GLY A 224 46.19 -29.47 -7.34
C GLY A 224 47.45 -29.92 -8.05
N GLU A 225 47.89 -29.07 -8.99
CA GLU A 225 49.02 -29.39 -9.84
C GLU A 225 50.36 -29.02 -9.23
N ARG A 226 50.39 -28.31 -8.11
CA ARG A 226 51.64 -27.89 -7.49
C ARG A 226 52.06 -28.77 -6.33
N GLU A 227 51.13 -29.43 -5.66
CA GLU A 227 51.45 -30.19 -4.46
C GLU A 227 51.92 -31.61 -4.77
N ILE A 228 52.13 -31.96 -6.03
CA ILE A 228 52.83 -33.19 -6.40
C ILE A 228 53.91 -32.80 -7.41
N SER A 229 55.09 -32.43 -6.90
CA SER A 229 56.22 -32.07 -7.76
C SER A 229 57.50 -31.94 -6.96
N GLY A 230 58.56 -32.63 -7.38
CA GLY A 230 59.89 -32.40 -6.86
C GLY A 230 60.13 -32.82 -5.43
N ASN A 231 59.37 -32.24 -4.50
CA ASN A 231 59.56 -32.48 -3.08
C ASN A 231 58.35 -33.11 -2.42
N ALA A 232 57.15 -32.58 -2.66
CA ALA A 232 55.96 -33.09 -2.01
C ALA A 232 55.59 -34.50 -2.46
N LEU A 233 56.14 -34.98 -3.58
CA LEU A 233 55.89 -36.34 -4.03
C LEU A 233 56.61 -37.38 -3.19
N ARG A 234 57.27 -36.97 -2.10
CA ARG A 234 57.96 -37.88 -1.19
C ARG A 234 57.13 -38.24 0.03
N TYR A 235 56.41 -37.27 0.60
CA TYR A 235 55.66 -37.47 1.83
C TYR A 235 54.17 -37.73 1.61
N ALA A 236 53.67 -37.53 0.39
CA ALA A 236 52.23 -37.61 0.16
C ALA A 236 51.74 -39.04 0.35
N PRO A 237 50.56 -39.22 0.93
CA PRO A 237 50.00 -40.57 1.10
C PRO A 237 49.43 -41.10 -0.20
N ASP A 238 49.30 -42.42 -0.25
CA ASP A 238 48.81 -43.09 -1.45
C ASP A 238 47.35 -42.73 -1.71
N GLY A 239 47.03 -42.56 -3.00
CA GLY A 239 45.65 -42.39 -3.43
C GLY A 239 45.24 -40.99 -3.84
N ILE A 240 46.14 -40.02 -3.86
CA ILE A 240 45.77 -38.66 -4.19
C ILE A 240 45.50 -38.55 -5.69
N LEU A 241 44.43 -37.82 -6.05
CA LEU A 241 44.04 -37.64 -7.44
C LEU A 241 44.54 -36.29 -7.95
N GLY A 242 45.85 -36.19 -8.10
CA GLY A 242 46.44 -34.97 -8.61
C GLY A 242 46.17 -34.78 -10.09
N LEU A 243 46.28 -33.53 -10.54
CA LEU A 243 46.08 -33.17 -11.94
C LEU A 243 47.41 -32.78 -12.57
N GLN A 244 47.37 -32.55 -13.87
CA GLN A 244 48.56 -32.20 -14.64
C GLN A 244 48.13 -31.42 -15.87
N LEU A 245 49.11 -31.12 -16.72
CA LEU A 245 48.88 -30.46 -18.00
C LEU A 245 49.61 -31.22 -19.10
N ILE A 246 49.04 -31.20 -20.30
CA ILE A 246 49.60 -31.96 -21.41
C ILE A 246 50.77 -31.21 -22.05
N ASN A 247 50.49 -30.02 -22.58
CA ASN A 247 51.53 -29.22 -23.24
C ASN A 247 52.11 -28.25 -22.22
N GLY A 248 53.04 -28.76 -21.42
CA GLY A 248 53.64 -27.98 -20.36
C GLY A 248 54.95 -27.34 -20.75
N LYS A 249 56.07 -27.90 -20.28
CA LYS A 249 57.40 -27.38 -20.58
C LYS A 249 57.82 -27.85 -21.98
N ASN A 250 57.11 -27.33 -22.98
CA ASN A 250 57.38 -27.62 -24.39
C ASN A 250 57.39 -26.28 -25.11
N GLU A 251 58.57 -25.67 -25.20
CA GLU A 251 58.67 -24.30 -25.71
C GLU A 251 58.40 -24.21 -27.21
N SER A 252 58.76 -25.25 -27.97
CA SER A 252 58.67 -25.16 -29.43
C SER A 252 57.24 -25.00 -29.90
N ALA A 253 56.34 -25.87 -29.42
CA ALA A 253 54.94 -25.81 -29.85
C ALA A 253 54.30 -24.49 -29.42
N HIS A 254 54.57 -24.05 -28.19
CA HIS A 254 54.01 -22.79 -27.71
C HIS A 254 54.51 -21.61 -28.53
N ILE A 255 55.80 -21.62 -28.88
CA ILE A 255 56.36 -20.55 -29.71
C ILE A 255 55.71 -20.55 -31.08
N SER A 256 55.51 -21.73 -31.66
CA SER A 256 54.87 -21.80 -32.98
C SER A 256 53.45 -21.25 -32.92
N ASP A 257 52.69 -21.64 -31.89
CA ASP A 257 51.33 -21.14 -31.76
C ASP A 257 51.31 -19.63 -31.56
N ALA A 258 52.22 -19.12 -30.72
CA ALA A 258 52.25 -17.69 -30.45
C ALA A 258 52.60 -16.89 -31.70
N VAL A 259 53.60 -17.35 -32.47
CA VAL A 259 53.97 -16.60 -33.66
C VAL A 259 52.88 -16.68 -34.71
N GLY A 260 52.20 -17.82 -34.81
CA GLY A 260 51.06 -17.89 -35.72
C GLY A 260 49.96 -16.91 -35.35
N VAL A 261 49.61 -16.86 -34.07
CA VAL A 261 48.57 -15.94 -33.62
C VAL A 261 48.98 -14.49 -33.85
N VAL A 262 50.23 -14.16 -33.54
CA VAL A 262 50.71 -12.79 -33.71
C VAL A 262 50.72 -12.39 -35.18
N ALA A 263 51.18 -13.29 -36.05
CA ALA A 263 51.19 -12.98 -37.49
C ALA A 263 49.78 -12.78 -38.02
N GLN A 264 48.85 -13.66 -37.61
CA GLN A 264 47.46 -13.49 -38.07
C GLN A 264 46.89 -12.17 -37.58
N ALA A 265 47.15 -11.81 -36.32
CA ALA A 265 46.62 -10.56 -35.77
C ALA A 265 47.21 -9.35 -36.48
N VAL A 266 48.53 -9.37 -36.76
CA VAL A 266 49.14 -8.22 -37.40
C VAL A 266 48.67 -8.10 -38.85
N HIS A 267 48.44 -9.22 -39.52
CA HIS A 267 47.90 -9.16 -40.88
C HIS A 267 46.47 -8.64 -40.88
N GLU A 268 45.69 -8.99 -39.85
CA GLU A 268 44.34 -8.44 -39.73
C GLU A 268 44.39 -6.94 -39.45
N LEU A 269 45.29 -6.50 -38.57
CA LEU A 269 45.30 -5.11 -38.13
C LEU A 269 45.90 -4.18 -39.17
N LEU A 270 46.83 -4.67 -40.00
CA LEU A 270 47.53 -3.79 -40.94
C LEU A 270 46.59 -3.04 -41.86
N GLU A 271 45.41 -3.58 -42.13
CA GLU A 271 44.39 -2.90 -42.90
C GLU A 271 43.39 -2.25 -41.94
N LYS A 272 43.46 -0.94 -41.81
CA LYS A 272 42.59 -0.20 -40.90
C LYS A 272 42.55 1.26 -41.35
N GLU A 273 41.76 2.06 -40.63
CA GLU A 273 41.62 3.47 -40.96
C GLU A 273 42.77 4.30 -40.40
N ASN A 274 42.95 4.28 -39.08
CA ASN A 274 43.98 5.05 -38.41
C ASN A 274 45.00 4.11 -37.81
N ILE A 275 46.27 4.30 -38.17
CA ILE A 275 47.38 3.48 -37.68
C ILE A 275 48.52 4.40 -37.32
N THR A 276 49.18 4.12 -36.18
CA THR A 276 50.29 4.91 -35.70
C THR A 276 51.49 4.02 -35.43
N ASP A 277 52.68 4.59 -35.58
CA ASP A 277 53.94 3.89 -35.39
C ASP A 277 54.35 3.89 -33.92
N PRO A 278 55.08 2.86 -33.48
CA PRO A 278 55.54 2.84 -32.10
C PRO A 278 56.57 3.92 -31.84
N PRO A 279 56.72 4.36 -30.59
CA PRO A 279 57.72 5.38 -30.29
C PRO A 279 59.13 4.84 -30.42
N ARG A 280 60.06 5.76 -30.66
CA ARG A 280 61.47 5.43 -30.83
C ARG A 280 62.24 5.92 -29.60
N GLY A 281 63.01 5.02 -28.99
CA GLY A 281 63.86 5.39 -27.88
C GLY A 281 63.32 5.00 -26.52
N CYS A 282 64.18 4.48 -25.65
CA CYS A 282 63.78 4.14 -24.29
C CYS A 282 63.37 5.40 -23.53
N VAL A 283 63.98 6.53 -23.84
CA VAL A 283 63.64 7.81 -23.25
C VAL A 283 63.06 8.72 -24.33
N GLY A 284 62.55 9.88 -23.91
CA GLY A 284 61.98 10.83 -24.85
C GLY A 284 60.47 10.92 -24.78
N ASN A 285 59.78 10.30 -25.74
CA ASN A 285 58.33 10.35 -25.78
C ASN A 285 57.73 9.73 -24.52
N THR A 286 56.74 10.43 -23.95
CA THR A 286 56.03 9.94 -22.77
C THR A 286 54.52 9.85 -23.03
N ASN A 287 54.12 9.72 -24.29
CA ASN A 287 52.71 9.64 -24.65
C ASN A 287 52.35 8.21 -25.01
N ILE A 288 51.23 7.73 -24.47
CA ILE A 288 50.78 6.35 -24.68
C ILE A 288 50.34 6.17 -26.12
N TRP A 289 50.22 4.91 -26.54
CA TRP A 289 49.69 4.61 -27.87
C TRP A 289 48.25 5.04 -28.02
N LYS A 290 47.90 5.44 -29.24
CA LYS A 290 46.52 5.70 -29.62
C LYS A 290 45.85 4.49 -30.28
N THR A 291 46.60 3.43 -30.55
CA THR A 291 46.08 2.23 -31.18
C THR A 291 46.30 0.97 -30.36
N GLY A 292 46.94 1.08 -29.20
CA GLY A 292 47.23 -0.07 -28.37
C GLY A 292 46.00 -0.84 -27.91
N PRO A 293 45.04 -0.13 -27.30
CA PRO A 293 43.80 -0.83 -26.90
C PRO A 293 43.09 -1.50 -28.07
N LEU A 294 43.08 -0.88 -29.25
CA LEU A 294 42.49 -1.52 -30.42
C LEU A 294 43.26 -2.78 -30.79
N PHE A 295 44.59 -2.74 -30.71
CA PHE A 295 45.39 -3.92 -30.99
C PHE A 295 45.06 -5.05 -30.02
N LYS A 296 44.94 -4.73 -28.73
CA LYS A 296 44.59 -5.76 -27.76
C LYS A 296 43.20 -6.31 -28.00
N ARG A 297 42.24 -5.44 -28.33
CA ARG A 297 40.87 -5.88 -28.57
C ARG A 297 40.80 -6.81 -29.78
N VAL A 298 41.53 -6.48 -30.84
CA VAL A 298 41.51 -7.33 -32.03
C VAL A 298 42.33 -8.60 -31.82
N LEU A 299 43.32 -8.58 -30.92
CA LEU A 299 44.10 -9.78 -30.63
C LEU A 299 43.31 -10.77 -29.79
N MET A 300 42.54 -10.27 -28.81
CA MET A 300 41.80 -11.17 -27.93
C MET A 300 40.76 -11.97 -28.70
N SER A 301 40.05 -11.33 -29.64
CA SER A 301 39.02 -12.01 -30.43
C SER A 301 39.65 -12.60 -31.68
N SER A 302 40.47 -13.62 -31.47
CA SER A 302 41.17 -14.32 -32.56
C SER A 302 40.93 -15.82 -32.40
N LYS A 303 39.97 -16.35 -33.15
CA LYS A 303 39.66 -17.78 -33.13
C LYS A 303 40.55 -18.53 -34.12
N TYR A 304 41.86 -18.48 -33.86
CA TYR A 304 42.86 -19.13 -34.71
C TYR A 304 42.82 -20.63 -34.41
N ALA A 305 41.78 -21.28 -34.93
CA ALA A 305 41.49 -22.68 -34.62
C ALA A 305 42.22 -23.63 -35.56
N ASP A 306 43.54 -23.46 -35.67
CA ASP A 306 44.37 -24.36 -36.48
C ASP A 306 45.81 -24.21 -36.02
N GLY A 307 46.36 -25.25 -35.42
CA GLY A 307 47.71 -25.18 -34.92
C GLY A 307 48.26 -26.56 -34.59
N VAL A 308 49.21 -26.58 -33.65
CA VAL A 308 49.85 -27.82 -33.23
C VAL A 308 49.51 -28.19 -31.80
N THR A 309 48.96 -27.26 -31.00
CA THR A 309 48.51 -27.57 -29.65
C THR A 309 46.99 -27.54 -29.53
N GLY A 310 46.27 -27.64 -30.65
CA GLY A 310 44.84 -27.59 -30.63
C GLY A 310 44.29 -26.19 -30.85
N ARG A 311 42.97 -26.09 -30.73
CA ARG A 311 42.30 -24.81 -30.91
C ARG A 311 42.75 -23.82 -29.85
N VAL A 312 43.04 -22.59 -30.28
CA VAL A 312 43.47 -21.52 -29.38
C VAL A 312 42.33 -20.51 -29.31
N GLU A 313 41.69 -20.41 -28.15
CA GLU A 313 40.59 -19.48 -27.95
C GLU A 313 40.81 -18.77 -26.62
N PHE A 314 40.82 -17.44 -26.66
CA PHE A 314 41.03 -16.64 -25.47
C PHE A 314 39.69 -16.38 -24.78
N ASN A 315 39.73 -15.62 -23.69
CA ASN A 315 38.51 -15.28 -22.95
C ASN A 315 38.47 -13.80 -22.61
N GLU A 316 37.52 -13.40 -21.75
CA GLU A 316 37.24 -11.98 -21.58
C GLU A 316 38.37 -11.24 -20.88
N ASP A 317 39.09 -11.89 -19.97
CA ASP A 317 40.14 -11.22 -19.21
C ASP A 317 41.54 -11.53 -19.72
N GLY A 318 41.66 -12.26 -20.82
CA GLY A 318 42.97 -12.47 -21.44
C GLY A 318 43.70 -13.72 -20.98
N ASP A 319 43.01 -14.85 -20.98
CA ASP A 319 43.60 -16.14 -20.64
C ASP A 319 43.44 -17.10 -21.81
N ARG A 320 43.82 -18.35 -21.59
CA ARG A 320 43.57 -19.43 -22.53
C ARG A 320 42.52 -20.36 -21.94
N LYS A 321 41.49 -20.65 -22.73
CA LYS A 321 40.42 -21.55 -22.33
C LYS A 321 40.51 -22.84 -23.13
N PHE A 322 39.70 -23.82 -22.73
CA PHE A 322 39.59 -25.10 -23.41
C PHE A 322 40.93 -25.83 -23.44
N ALA A 323 41.49 -26.04 -22.24
CA ALA A 323 42.72 -26.79 -22.11
C ALA A 323 42.41 -28.29 -22.04
N ASN A 324 43.45 -29.11 -21.85
CA ASN A 324 43.29 -30.56 -21.79
C ASN A 324 44.15 -31.10 -20.65
N TYR A 325 43.56 -31.19 -19.47
CA TYR A 325 44.27 -31.79 -18.33
C TYR A 325 44.23 -33.31 -18.43
N SER A 326 45.20 -33.94 -17.80
CA SER A 326 45.31 -35.40 -17.77
C SER A 326 45.29 -35.84 -16.31
N ILE A 327 44.10 -36.24 -15.84
CA ILE A 327 43.95 -36.68 -14.46
C ILE A 327 44.90 -37.85 -14.20
N MET A 328 45.58 -37.82 -13.06
CA MET A 328 46.67 -38.74 -12.81
C MET A 328 46.66 -39.18 -11.35
N ASN A 329 46.64 -40.49 -11.13
CA ASN A 329 46.63 -41.09 -9.81
C ASN A 329 48.05 -41.48 -9.41
N LEU A 330 48.23 -41.74 -8.12
CA LEU A 330 49.52 -42.11 -7.54
C LEU A 330 49.38 -43.49 -6.89
N GLN A 331 49.77 -44.54 -7.60
CA GLN A 331 49.71 -45.91 -7.11
C GLN A 331 51.12 -46.37 -6.76
N ASN A 332 51.40 -46.52 -5.46
CA ASN A 332 52.67 -47.05 -4.97
C ASN A 332 53.85 -46.24 -5.50
N ARG A 333 53.78 -44.93 -5.34
CA ARG A 333 54.85 -44.01 -5.72
C ARG A 333 55.19 -44.12 -7.20
N LYS A 334 54.18 -44.29 -8.03
CA LYS A 334 54.34 -44.38 -9.48
C LYS A 334 53.12 -43.74 -10.13
N LEU A 335 53.24 -42.48 -10.52
CA LEU A 335 52.11 -41.76 -11.11
C LEU A 335 51.66 -42.44 -12.40
N VAL A 336 50.36 -42.64 -12.53
CA VAL A 336 49.77 -43.28 -13.70
C VAL A 336 48.52 -42.51 -14.11
N GLN A 337 48.36 -42.30 -15.41
CA GLN A 337 47.18 -41.62 -15.92
C GLN A 337 45.96 -42.53 -15.82
N VAL A 338 44.85 -42.00 -15.33
CA VAL A 338 43.64 -42.79 -15.13
C VAL A 338 42.42 -42.08 -15.70
N GLY A 339 42.65 -41.01 -16.46
CA GLY A 339 41.54 -40.28 -17.03
C GLY A 339 42.00 -39.23 -18.00
N ILE A 340 41.04 -38.47 -18.51
CA ILE A 340 41.29 -37.40 -19.48
C ILE A 340 40.23 -36.34 -19.28
N TYR A 341 40.66 -35.07 -19.36
CA TYR A 341 39.77 -33.93 -19.35
C TYR A 341 39.82 -33.25 -20.71
N ASN A 342 38.67 -33.08 -21.35
CA ASN A 342 38.60 -32.54 -22.70
C ASN A 342 37.78 -31.26 -22.79
N GLY A 343 37.29 -30.74 -21.67
CA GLY A 343 36.47 -29.55 -21.68
C GLY A 343 35.03 -29.82 -21.30
N THR A 344 34.67 -29.46 -20.06
CA THR A 344 33.33 -29.65 -19.52
C THR A 344 32.90 -31.12 -19.51
N HIS A 345 33.86 -32.03 -19.53
CA HIS A 345 33.57 -33.47 -19.48
C HIS A 345 34.79 -34.20 -18.97
N VAL A 346 34.56 -35.43 -18.53
CA VAL A 346 35.63 -36.34 -18.10
C VAL A 346 35.37 -37.70 -18.71
N ILE A 347 36.43 -38.35 -19.17
CA ILE A 347 36.35 -39.65 -19.82
C ILE A 347 37.23 -40.62 -19.06
N PRO A 348 36.65 -41.47 -18.21
CA PRO A 348 37.44 -42.47 -17.50
C PRO A 348 38.12 -43.44 -18.47
N ASN A 349 39.33 -43.86 -18.10
CA ASN A 349 40.12 -44.77 -18.92
C ASN A 349 39.92 -46.20 -18.44
N ASP A 350 40.69 -47.11 -19.04
CA ASP A 350 40.57 -48.54 -18.76
C ASP A 350 41.50 -48.98 -17.63
N ARG A 351 41.55 -48.16 -16.59
CA ARG A 351 42.36 -48.43 -15.40
C ARG A 351 41.51 -48.27 -14.16
N LYS A 352 41.69 -49.17 -13.21
CA LYS A 352 40.93 -49.16 -11.97
C LYS A 352 41.60 -48.23 -10.96
N ILE A 353 40.85 -47.24 -10.48
CA ILE A 353 41.39 -46.29 -9.52
C ILE A 353 41.56 -46.97 -8.17
N ILE A 354 42.73 -46.80 -7.56
CA ILE A 354 42.99 -47.29 -6.21
C ILE A 354 42.93 -46.11 -5.26
N TRP A 355 41.96 -46.12 -4.36
CA TRP A 355 41.73 -45.03 -3.44
C TRP A 355 42.64 -45.15 -2.23
N PRO A 356 42.81 -44.06 -1.46
CA PRO A 356 43.61 -44.17 -0.24
C PRO A 356 43.06 -45.24 0.68
N GLY A 357 43.96 -45.89 1.41
CA GLY A 357 43.61 -47.18 1.96
C GLY A 357 44.12 -48.28 1.06
N GLY A 358 43.30 -48.71 0.11
CA GLY A 358 43.62 -49.84 -0.74
C GLY A 358 42.37 -50.61 -1.11
N GLU A 359 41.23 -50.16 -0.61
CA GLU A 359 39.95 -50.67 -1.07
C GLU A 359 39.71 -50.25 -2.52
N THR A 360 39.02 -51.11 -3.25
CA THR A 360 38.64 -50.84 -4.64
C THR A 360 37.12 -50.68 -4.66
N GLU A 361 36.65 -49.49 -4.30
CA GLU A 361 35.22 -49.22 -4.20
C GLU A 361 35.01 -47.74 -4.49
N LYS A 362 33.83 -47.23 -4.13
CA LYS A 362 33.52 -45.80 -4.18
C LYS A 362 33.28 -45.34 -2.75
N PRO A 363 34.31 -44.86 -2.07
CA PRO A 363 34.13 -44.42 -0.68
C PRO A 363 33.10 -43.31 -0.57
N ARG A 364 32.24 -43.42 0.44
CA ARG A 364 31.21 -42.43 0.65
C ARG A 364 31.81 -41.14 1.22
N GLY A 365 31.22 -40.01 0.84
CA GLY A 365 31.67 -38.72 1.29
C GLY A 365 30.99 -38.20 2.54
N TYR A 366 30.20 -39.02 3.22
CA TYR A 366 29.46 -38.58 4.39
C TYR A 366 29.54 -39.63 5.50
N GLN A 367 29.47 -39.15 6.74
CA GLN A 367 29.39 -40.00 7.91
C GLN A 367 28.34 -39.43 8.85
N MET A 368 27.64 -40.32 9.55
CA MET A 368 26.51 -39.91 10.39
C MET A 368 26.93 -39.46 11.78
N SER A 369 28.07 -39.92 12.28
CA SER A 369 28.58 -39.54 13.60
C SER A 369 27.65 -39.96 14.73
N THR A 370 26.46 -39.35 14.79
CA THR A 370 25.45 -39.64 15.81
C THR A 370 25.99 -39.40 17.23
N ARG A 371 26.34 -38.14 17.49
CA ARG A 371 26.74 -37.70 18.82
C ARG A 371 25.79 -36.67 19.38
N LEU A 372 25.46 -35.64 18.59
CA LEU A 372 24.34 -34.73 18.86
C LEU A 372 24.50 -34.03 20.22
N LYS A 373 25.52 -33.19 20.30
CA LYS A 373 25.67 -32.31 21.45
C LYS A 373 24.50 -31.34 21.51
N ILE A 374 23.91 -31.19 22.70
CA ILE A 374 22.64 -30.50 22.88
C ILE A 374 22.81 -29.41 23.93
N VAL A 375 22.32 -28.21 23.63
CA VAL A 375 22.34 -27.09 24.57
C VAL A 375 20.95 -26.91 25.17
N THR A 376 20.91 -26.38 26.39
CA THR A 376 19.65 -26.14 27.08
C THR A 376 19.91 -25.13 28.20
N ILE A 377 18.82 -24.58 28.73
CA ILE A 377 18.89 -23.58 29.79
C ILE A 377 17.91 -23.94 30.89
N HIS A 378 18.12 -23.34 32.06
CA HIS A 378 17.28 -23.57 33.23
C HIS A 378 16.20 -22.48 33.26
N GLN A 379 14.98 -22.85 32.87
CA GLN A 379 13.88 -21.87 32.86
C GLN A 379 13.25 -21.74 34.24
N GLU A 380 12.61 -22.83 34.71
CA GLU A 380 12.03 -23.00 36.05
C GLU A 380 11.18 -24.27 36.08
N PRO A 381 10.10 -24.38 35.29
CA PRO A 381 9.27 -25.59 35.36
C PRO A 381 9.61 -26.63 34.31
N PHE A 382 10.50 -26.34 33.36
CA PHE A 382 10.86 -27.25 32.30
C PHE A 382 12.13 -28.03 32.61
N VAL A 383 13.20 -27.31 32.91
CA VAL A 383 14.52 -27.92 33.14
C VAL A 383 14.99 -27.47 34.51
N TYR A 384 14.72 -28.28 35.53
CA TYR A 384 15.27 -28.01 36.85
C TYR A 384 16.78 -28.17 36.84
N VAL A 385 17.45 -27.41 37.70
CA VAL A 385 18.90 -27.53 37.89
C VAL A 385 19.19 -27.59 39.38
N LYS A 386 19.86 -28.65 39.82
CA LYS A 386 20.21 -28.84 41.20
C LYS A 386 21.68 -29.27 41.31
N PRO A 387 22.40 -28.77 42.30
CA PRO A 387 23.81 -29.17 42.45
C PRO A 387 23.93 -30.63 42.85
N THR A 388 25.04 -31.23 42.44
CA THR A 388 25.32 -32.63 42.74
C THR A 388 26.26 -32.76 43.92
N LEU A 389 26.22 -33.92 44.56
CA LEU A 389 27.08 -34.22 45.70
C LEU A 389 28.29 -35.04 45.23
N SER A 390 29.26 -35.16 46.12
CA SER A 390 30.52 -35.84 45.81
C SER A 390 30.34 -37.37 45.87
N ASP A 391 29.46 -37.87 45.01
CA ASP A 391 29.22 -39.30 44.92
C ASP A 391 29.04 -39.79 43.49
N GLY A 392 29.20 -38.94 42.49
CA GLY A 392 29.02 -39.34 41.11
C GLY A 392 27.59 -39.37 40.63
N THR A 393 26.62 -39.05 41.50
CA THR A 393 25.21 -39.01 41.15
C THR A 393 24.60 -37.72 41.67
N CYS A 394 23.30 -37.56 41.44
CA CYS A 394 22.58 -36.38 41.91
C CYS A 394 21.75 -36.67 43.15
N LYS A 395 20.79 -37.59 43.04
CA LYS A 395 19.87 -37.95 44.10
C LYS A 395 19.01 -39.10 43.58
N GLU A 396 18.11 -39.58 44.44
CA GLU A 396 17.17 -40.64 44.06
C GLU A 396 15.84 -40.33 44.73
N GLU A 397 14.95 -39.68 43.99
CA GLU A 397 13.63 -39.30 44.48
C GLU A 397 12.57 -40.21 43.88
N PHE A 398 11.31 -39.95 44.19
CA PHE A 398 10.19 -40.74 43.69
C PHE A 398 9.02 -39.80 43.42
N THR A 399 7.86 -40.38 43.13
CA THR A 399 6.66 -39.62 42.79
C THR A 399 5.48 -40.24 43.52
N VAL A 400 4.28 -39.81 43.13
CA VAL A 400 3.06 -40.33 43.75
C VAL A 400 2.94 -41.83 43.51
N ASN A 401 3.24 -42.28 42.29
CA ASN A 401 3.19 -43.70 41.96
C ASN A 401 4.47 -44.43 42.32
N GLY A 402 5.47 -43.73 42.85
CA GLY A 402 6.72 -44.36 43.21
C GLY A 402 7.68 -44.58 42.06
N ASP A 403 7.39 -44.02 40.89
CA ASP A 403 8.29 -44.17 39.74
C ASP A 403 9.45 -43.21 39.88
N PRO A 404 10.70 -43.68 39.85
CA PRO A 404 11.84 -42.77 39.97
C PRO A 404 11.91 -41.82 38.78
N VAL A 405 12.39 -40.61 39.05
CA VAL A 405 12.58 -39.60 38.01
C VAL A 405 13.84 -39.94 37.23
N LYS A 406 14.01 -39.33 36.07
CA LYS A 406 15.15 -39.56 35.20
C LYS A 406 16.07 -38.35 35.21
N LYS A 407 17.36 -38.59 35.43
CA LYS A 407 18.35 -37.52 35.53
C LYS A 407 19.49 -37.80 34.56
N VAL A 408 20.19 -36.73 34.18
CA VAL A 408 21.39 -36.82 33.36
C VAL A 408 22.45 -35.91 33.96
N ILE A 409 23.71 -36.25 33.68
CA ILE A 409 24.83 -35.43 34.15
C ILE A 409 24.92 -34.19 33.27
N CYS A 410 24.95 -33.03 33.91
CA CYS A 410 24.74 -31.76 33.24
C CYS A 410 26.01 -30.93 33.34
N THR A 411 26.54 -30.50 32.20
CA THR A 411 27.81 -29.76 32.14
C THR A 411 27.50 -28.29 31.92
N GLY A 412 27.33 -27.56 33.02
CA GLY A 412 27.03 -26.15 32.95
C GLY A 412 27.95 -25.31 33.80
N PRO A 413 27.81 -23.99 33.72
CA PRO A 413 28.67 -23.09 34.49
C PRO A 413 28.04 -22.75 35.85
N ASN A 414 28.84 -22.05 36.66
CA ASN A 414 28.42 -21.60 37.99
C ASN A 414 28.86 -20.17 38.22
N ASP A 415 28.67 -19.31 37.21
CA ASP A 415 29.15 -17.94 37.26
C ASP A 415 28.00 -16.95 37.13
N THR A 416 26.92 -17.17 37.89
CA THR A 416 25.78 -16.27 37.82
C THR A 416 26.16 -14.85 38.20
N SER A 417 26.96 -14.69 39.26
CA SER A 417 27.43 -13.37 39.64
C SER A 417 28.40 -12.83 38.59
N PRO A 418 28.35 -11.53 38.30
CA PRO A 418 29.24 -10.98 37.28
C PRO A 418 30.69 -10.97 37.74
N GLY A 419 31.59 -11.04 36.76
CA GLY A 419 33.02 -11.01 37.00
C GLY A 419 33.69 -12.35 37.20
N SER A 420 33.07 -13.22 37.99
CA SER A 420 33.66 -14.53 38.27
C SER A 420 33.63 -15.40 37.01
N PRO A 421 34.75 -16.00 36.63
CA PRO A 421 34.73 -16.92 35.48
C PRO A 421 33.98 -18.20 35.81
N ARG A 422 33.52 -18.87 34.76
CA ARG A 422 32.75 -20.09 34.91
C ARG A 422 33.59 -21.19 35.53
N HIS A 423 32.96 -22.00 36.39
CA HIS A 423 33.62 -23.12 37.04
C HIS A 423 33.38 -24.44 36.34
N THR A 424 32.35 -24.54 35.50
CA THR A 424 32.06 -25.74 34.72
C THR A 424 31.90 -26.97 35.61
N VAL A 425 31.26 -26.80 36.76
CA VAL A 425 31.00 -27.93 37.65
C VAL A 425 29.92 -28.81 37.06
N PRO A 426 30.08 -30.13 37.03
CA PRO A 426 29.05 -31.00 36.44
C PRO A 426 27.82 -31.15 37.33
N GLN A 427 26.91 -30.19 37.24
CA GLN A 427 25.69 -30.21 38.05
C GLN A 427 24.69 -31.20 37.43
N CYS A 428 23.45 -31.17 37.90
CA CYS A 428 22.41 -32.09 37.46
C CYS A 428 21.20 -31.33 36.96
N CYS A 429 20.64 -31.77 35.83
CA CYS A 429 19.45 -31.15 35.27
C CYS A 429 18.45 -32.23 34.86
N TYR A 430 17.17 -31.97 35.13
CA TYR A 430 16.11 -32.92 34.84
C TYR A 430 14.79 -32.16 34.75
N GLY A 431 13.82 -32.81 34.12
CA GLY A 431 12.48 -32.22 34.07
C GLY A 431 11.77 -32.62 32.79
N PHE A 432 10.84 -31.74 32.38
CA PHE A 432 9.98 -32.01 31.23
C PHE A 432 10.79 -32.17 29.95
N CYS A 433 11.64 -31.20 29.64
CA CYS A 433 12.41 -31.24 28.40
C CYS A 433 13.37 -32.42 28.40
N ILE A 434 13.97 -32.72 29.56
CA ILE A 434 14.91 -33.83 29.65
C ILE A 434 14.19 -35.16 29.40
N ASP A 435 12.98 -35.31 29.94
CA ASP A 435 12.23 -36.55 29.71
C ASP A 435 11.82 -36.67 28.24
N LEU A 436 11.41 -35.57 27.62
CA LEU A 436 11.10 -35.60 26.19
C LEU A 436 12.33 -35.99 25.38
N LEU A 437 13.50 -35.46 25.76
CA LEU A 437 14.73 -35.81 25.09
C LEU A 437 15.06 -37.28 25.27
N ILE A 438 14.82 -37.82 26.46
CA ILE A 438 15.08 -39.24 26.72
C ILE A 438 14.23 -40.10 25.79
N LYS A 439 12.94 -39.78 25.71
CA LYS A 439 12.06 -40.56 24.84
C LYS A 439 12.47 -40.44 23.38
N LEU A 440 12.80 -39.23 22.94
CA LEU A 440 13.20 -39.03 21.55
C LEU A 440 14.48 -39.79 21.23
N ALA A 441 15.45 -39.76 22.12
CA ALA A 441 16.70 -40.49 21.90
C ALA A 441 16.46 -41.99 21.88
N ARG A 442 15.58 -42.49 22.75
CA ARG A 442 15.27 -43.91 22.72
C ARG A 442 14.62 -44.31 21.40
N THR A 443 13.73 -43.47 20.88
CA THR A 443 13.03 -43.82 19.65
C THR A 443 13.96 -43.81 18.44
N MET A 444 14.81 -42.80 18.32
CA MET A 444 15.61 -42.58 17.12
C MET A 444 16.98 -43.22 17.17
N ASN A 445 17.35 -43.85 18.29
CA ASN A 445 18.62 -44.58 18.42
C ASN A 445 19.82 -43.66 18.18
N PHE A 446 19.99 -42.68 19.06
CA PHE A 446 21.17 -41.84 19.06
C PHE A 446 21.51 -41.51 20.52
N THR A 447 22.45 -40.57 20.70
CA THR A 447 23.02 -40.28 22.00
C THR A 447 23.07 -38.78 22.20
N TYR A 448 23.12 -38.34 23.47
CA TYR A 448 23.11 -36.94 23.82
C TYR A 448 24.24 -36.63 24.78
N GLU A 449 24.69 -35.37 24.75
CA GLU A 449 25.80 -34.89 25.58
C GLU A 449 25.43 -33.55 26.20
N VAL A 450 24.26 -33.48 26.82
CA VAL A 450 23.63 -32.24 27.31
C VAL A 450 24.62 -31.34 28.03
N HIS A 451 24.58 -30.05 27.73
CA HIS A 451 25.43 -29.06 28.40
C HIS A 451 24.74 -27.70 28.30
N LEU A 452 24.86 -26.91 29.37
CA LEU A 452 24.20 -25.61 29.43
C LEU A 452 24.93 -24.59 28.56
N VAL A 453 24.38 -23.38 28.53
CA VAL A 453 24.97 -22.28 27.80
C VAL A 453 25.73 -21.39 28.77
N ALA A 454 26.61 -20.54 28.21
CA ALA A 454 27.45 -19.70 29.06
C ALA A 454 26.72 -18.43 29.49
N ASP A 455 26.30 -17.61 28.53
CA ASP A 455 25.70 -16.32 28.85
C ASP A 455 24.39 -16.48 29.61
N GLY A 456 23.55 -17.43 29.19
CA GLY A 456 22.28 -17.64 29.84
C GLY A 456 21.13 -16.83 29.28
N LYS A 457 21.24 -16.33 28.05
CA LYS A 457 20.19 -15.54 27.43
C LYS A 457 19.48 -16.35 26.35
N PHE A 458 18.22 -16.01 26.10
CA PHE A 458 17.40 -16.78 25.19
C PHE A 458 17.84 -16.67 23.73
N GLY A 459 18.71 -15.73 23.40
CA GLY A 459 19.28 -15.70 22.08
C GLY A 459 18.58 -14.84 21.05
N THR A 460 18.39 -13.56 21.34
CA THR A 460 17.88 -12.62 20.34
C THR A 460 19.02 -12.09 19.50
N GLN A 461 18.70 -11.12 18.63
CA GLN A 461 19.66 -10.55 17.69
C GLN A 461 20.03 -9.15 18.12
N GLU A 462 21.34 -8.89 18.21
CA GLU A 462 21.86 -7.58 18.58
C GLU A 462 22.87 -7.14 17.53
N ARG A 463 23.36 -5.91 17.68
CA ARG A 463 24.35 -5.35 16.78
C ARG A 463 25.71 -5.33 17.46
N VAL A 464 26.77 -5.49 16.65
CA VAL A 464 28.12 -5.45 17.19
C VAL A 464 28.51 -4.03 17.56
N ASN A 465 29.49 -3.92 18.45
CA ASN A 465 29.89 -2.60 18.96
C ASN A 465 30.61 -1.81 17.87
N ASN A 466 30.21 -0.54 17.72
CA ASN A 466 30.84 0.40 16.80
C ASN A 466 30.93 -0.17 15.38
N SER A 467 29.84 -0.81 14.94
CA SER A 467 29.79 -1.37 13.60
C SER A 467 28.34 -1.53 13.19
N ASN A 468 28.13 -1.69 11.88
CA ASN A 468 26.80 -1.85 11.31
C ASN A 468 26.43 -3.31 11.07
N LYS A 469 27.27 -4.25 11.48
CA LYS A 469 26.99 -5.66 11.26
C LYS A 469 26.02 -6.19 12.31
N LYS A 470 25.52 -7.39 12.06
CA LYS A 470 24.58 -8.06 12.95
C LYS A 470 25.21 -9.32 13.53
N GLU A 471 24.92 -9.59 14.79
CA GLU A 471 25.48 -10.74 15.49
C GLU A 471 24.40 -11.41 16.32
N TRP A 472 24.59 -12.71 16.56
CA TRP A 472 23.70 -13.51 17.38
C TRP A 472 24.41 -13.90 18.66
N ASN A 473 23.77 -13.64 19.80
CA ASN A 473 24.36 -13.94 21.11
C ASN A 473 23.52 -14.99 21.82
N GLY A 474 24.16 -15.71 22.74
CA GLY A 474 23.46 -16.69 23.54
C GLY A 474 23.18 -18.00 22.84
N MET A 475 21.95 -18.50 22.98
CA MET A 475 21.60 -19.82 22.47
C MET A 475 21.75 -19.89 20.95
N MET A 476 21.14 -18.96 20.23
CA MET A 476 21.16 -19.01 18.77
C MET A 476 22.57 -18.83 18.23
N GLY A 477 23.34 -17.90 18.81
CA GLY A 477 24.71 -17.73 18.38
C GLY A 477 25.55 -18.96 18.65
N GLU A 478 25.32 -19.63 19.78
CA GLU A 478 26.04 -20.86 20.08
C GLU A 478 25.68 -21.95 19.08
N LEU A 479 24.40 -22.05 18.72
CA LEU A 479 23.99 -23.08 17.78
C LEU A 479 24.55 -22.83 16.38
N LEU A 480 24.54 -21.57 15.94
CA LEU A 480 24.95 -21.27 14.57
C LEU A 480 26.43 -21.52 14.34
N SER A 481 27.26 -21.37 15.37
CA SER A 481 28.71 -21.52 15.21
C SER A 481 29.17 -22.95 15.49
N GLY A 482 28.48 -23.93 14.90
CA GLY A 482 28.91 -25.32 14.93
C GLY A 482 29.19 -25.91 16.30
N GLN A 483 28.51 -25.42 17.33
CA GLN A 483 28.75 -25.88 18.69
C GLN A 483 27.66 -26.81 19.23
N ALA A 484 26.55 -26.96 18.50
CA ALA A 484 25.48 -27.84 18.93
C ALA A 484 24.61 -28.17 17.72
N ASP A 485 23.63 -29.05 17.94
CA ASP A 485 22.70 -29.42 16.88
C ASP A 485 21.23 -29.38 17.29
N MET A 486 20.92 -29.42 18.58
CA MET A 486 19.55 -29.35 19.05
C MET A 486 19.43 -28.32 20.15
N ILE A 487 18.25 -27.70 20.22
CA ILE A 487 18.01 -26.60 21.16
C ILE A 487 16.86 -26.96 22.07
N VAL A 488 16.80 -28.23 22.51
CA VAL A 488 15.67 -28.70 23.28
C VAL A 488 15.63 -27.92 24.58
N ALA A 489 14.66 -27.01 24.69
CA ALA A 489 14.47 -26.05 25.76
C ALA A 489 13.25 -25.23 25.41
N PRO A 490 12.69 -24.45 26.34
CA PRO A 490 11.60 -23.54 25.96
C PRO A 490 12.07 -22.45 25.01
N LEU A 491 11.63 -22.51 23.76
CA LEU A 491 12.09 -21.58 22.72
C LEU A 491 10.91 -21.17 21.88
N THR A 492 10.57 -19.87 21.93
CA THR A 492 9.39 -19.37 21.22
C THR A 492 9.65 -19.35 19.72
N ILE A 493 8.60 -19.58 18.95
CA ILE A 493 8.67 -19.49 17.50
C ILE A 493 8.45 -18.05 17.08
N ASN A 494 9.41 -17.50 16.31
CA ASN A 494 9.33 -16.12 15.89
C ASN A 494 9.79 -16.00 14.43
N ASN A 495 9.28 -14.98 13.74
CA ASN A 495 9.65 -14.77 12.35
C ASN A 495 11.12 -14.40 12.22
N GLU A 496 11.62 -13.56 13.11
CA GLU A 496 13.01 -13.14 13.04
C GLU A 496 13.96 -14.33 13.22
N ARG A 497 13.63 -15.24 14.14
CA ARG A 497 14.46 -16.43 14.33
C ARG A 497 14.36 -17.36 13.12
N ALA A 498 13.14 -17.65 12.66
CA ALA A 498 12.90 -18.70 11.69
C ALA A 498 13.51 -18.40 10.32
N GLN A 499 14.19 -17.26 10.18
CA GLN A 499 14.79 -16.92 8.90
C GLN A 499 15.89 -17.90 8.51
N TYR A 500 16.76 -18.25 9.45
CA TYR A 500 17.89 -19.13 9.17
C TYR A 500 18.02 -20.20 10.24
N ILE A 501 16.91 -20.84 10.56
CA ILE A 501 16.89 -22.04 11.41
C ILE A 501 15.61 -22.80 11.10
N GLU A 502 15.74 -24.11 10.90
CA GLU A 502 14.60 -24.94 10.53
C GLU A 502 13.97 -25.48 11.81
N PHE A 503 12.75 -25.03 12.10
CA PHE A 503 12.06 -25.39 13.33
C PHE A 503 11.41 -26.77 13.19
N SER A 504 10.64 -27.15 14.20
CA SER A 504 9.86 -28.38 14.18
C SER A 504 8.43 -28.05 14.60
N LYS A 505 7.56 -29.04 14.53
CA LYS A 505 6.18 -28.84 14.96
C LYS A 505 6.15 -28.58 16.46
N PRO A 506 5.32 -27.64 16.91
CA PRO A 506 5.31 -27.28 18.32
C PRO A 506 4.84 -28.43 19.21
N PHE A 507 5.39 -28.48 20.41
CA PHE A 507 4.97 -29.46 21.42
C PHE A 507 4.28 -28.79 22.61
N LYS A 508 3.79 -27.56 22.43
CA LYS A 508 3.06 -26.84 23.45
C LYS A 508 2.34 -25.67 22.79
N TYR A 509 1.45 -25.04 23.55
CA TYR A 509 0.72 -23.87 23.09
C TYR A 509 0.57 -22.89 24.24
N GLN A 510 0.95 -21.64 24.02
CA GLN A 510 0.95 -20.65 25.08
C GLN A 510 0.93 -19.26 24.47
N GLY A 511 0.69 -18.27 25.32
CA GLY A 511 0.74 -16.88 24.90
C GLY A 511 1.27 -16.02 26.03
N LEU A 512 1.67 -14.80 25.66
CA LEU A 512 2.19 -13.87 26.66
C LEU A 512 1.12 -13.53 27.69
N THR A 513 1.54 -13.35 28.94
CA THR A 513 0.59 -13.20 30.04
C THR A 513 1.18 -12.24 31.07
N ILE A 514 0.29 -11.48 31.70
CA ILE A 514 0.64 -10.50 32.73
C ILE A 514 0.38 -11.13 34.10
N LEU A 515 1.34 -10.98 35.02
CA LEU A 515 1.17 -11.40 36.39
C LEU A 515 1.35 -10.21 37.33
N VAL A 516 0.44 -10.09 38.30
CA VAL A 516 0.47 -9.03 39.29
C VAL A 516 0.23 -9.65 40.66
N LYS A 517 0.87 -9.09 41.69
CA LYS A 517 0.65 -9.56 43.05
C LYS A 517 -0.78 -9.26 43.48
N LYS A 518 -1.30 -10.10 44.37
CA LYS A 518 -2.66 -9.98 44.86
C LYS A 518 -2.64 -9.56 46.32
N GLU A 519 -3.43 -8.55 46.66
CA GLU A 519 -3.54 -8.08 48.03
C GLU A 519 -4.30 -9.12 48.84
N ILE A 520 -3.56 -9.89 49.65
CA ILE A 520 -4.21 -10.94 50.45
C ILE A 520 -5.24 -10.38 51.43
N PRO A 521 -4.94 -9.34 52.23
CA PRO A 521 -5.98 -8.82 53.12
C PRO A 521 -6.90 -7.87 52.37
N ARG A 522 -8.19 -8.21 52.34
CA ARG A 522 -9.19 -7.40 51.65
C ARG A 522 -10.25 -6.82 52.57
N SER A 523 -10.33 -7.27 53.82
CA SER A 523 -11.32 -6.77 54.76
C SER A 523 -10.81 -6.94 56.18
N THR A 524 -11.43 -6.22 57.11
CA THR A 524 -11.09 -6.30 58.52
C THR A 524 -12.26 -6.70 59.40
N LEU A 525 -13.48 -6.31 59.06
CA LEU A 525 -14.73 -6.66 59.75
C LEU A 525 -14.85 -6.03 61.13
N ASP A 526 -13.82 -5.33 61.61
CA ASP A 526 -13.88 -4.65 62.90
C ASP A 526 -14.06 -3.14 62.75
N SER A 527 -14.42 -2.67 61.56
CA SER A 527 -14.51 -1.24 61.31
C SER A 527 -15.74 -0.65 62.00
N PHE A 528 -15.54 0.48 62.67
CA PHE A 528 -16.63 1.26 63.26
C PHE A 528 -17.30 2.11 62.19
N MET A 529 -18.10 3.09 62.61
CA MET A 529 -18.69 4.03 61.65
C MET A 529 -17.67 5.01 61.06
N GLN A 530 -16.38 4.83 61.36
CA GLN A 530 -15.35 5.73 60.84
C GLN A 530 -15.27 5.78 59.32
N PRO A 531 -15.32 4.66 58.58
CA PRO A 531 -15.24 4.76 57.11
C PRO A 531 -16.28 5.68 56.49
N PHE A 532 -17.50 5.71 57.04
CA PHE A 532 -18.49 6.66 56.54
C PHE A 532 -18.23 8.05 57.12
N GLN A 533 -18.38 8.20 58.43
CA GLN A 533 -18.04 9.43 59.12
C GLN A 533 -18.12 9.19 60.62
N SER A 534 -17.12 9.70 61.34
CA SER A 534 -17.18 9.71 62.81
C SER A 534 -17.82 10.98 63.34
N THR A 535 -17.63 12.10 62.65
CA THR A 535 -18.32 13.34 63.02
C THR A 535 -19.82 13.18 62.89
N LEU A 536 -20.28 12.38 61.92
CA LEU A 536 -21.71 12.10 61.82
C LEU A 536 -22.21 11.36 63.05
N TRP A 537 -21.45 10.38 63.54
CA TRP A 537 -21.84 9.67 64.75
C TRP A 537 -21.85 10.61 65.96
N LEU A 538 -20.85 11.49 66.06
CA LEU A 538 -20.81 12.44 67.17
C LEU A 538 -22.00 13.39 67.11
N LEU A 539 -22.35 13.88 65.92
CA LEU A 539 -23.50 14.75 65.77
C LEU A 539 -24.79 14.03 66.10
N VAL A 540 -24.91 12.75 65.70
CA VAL A 540 -26.09 11.97 66.03
C VAL A 540 -26.22 11.80 67.53
N GLY A 541 -25.11 11.51 68.21
CA GLY A 541 -25.16 11.39 69.66
C GLY A 541 -25.54 12.70 70.34
N LEU A 542 -24.98 13.81 69.86
CA LEU A 542 -25.34 15.11 70.42
C LEU A 542 -26.81 15.43 70.21
N SER A 543 -27.33 15.12 69.01
CA SER A 543 -28.75 15.36 68.74
C SER A 543 -29.63 14.47 69.61
N VAL A 544 -29.22 13.22 69.83
CA VAL A 544 -29.99 12.33 70.70
C VAL A 544 -30.00 12.86 72.13
N HIS A 545 -28.85 13.34 72.61
CA HIS A 545 -28.80 13.90 73.96
C HIS A 545 -29.69 15.14 74.07
N VAL A 546 -29.66 16.00 73.05
CA VAL A 546 -30.49 17.20 73.06
C VAL A 546 -31.97 16.82 73.04
N VAL A 547 -32.33 15.80 72.26
CA VAL A 547 -33.71 15.34 72.20
C VAL A 547 -34.15 14.79 73.55
N ALA A 548 -33.27 14.03 74.21
CA ALA A 548 -33.59 13.52 75.54
C ALA A 548 -33.78 14.66 76.53
N VAL A 549 -32.92 15.67 76.48
CA VAL A 549 -33.05 16.82 77.38
C VAL A 549 -34.37 17.55 77.12
N MET A 550 -34.72 17.74 75.85
CA MET A 550 -35.96 18.41 75.52
C MET A 550 -37.18 17.61 75.99
N LEU A 551 -37.13 16.29 75.83
CA LEU A 551 -38.23 15.44 76.29
C LEU A 551 -38.36 15.50 77.80
N TYR A 552 -37.24 15.51 78.52
CA TYR A 552 -37.29 15.66 79.97
C TYR A 552 -37.87 17.02 80.36
N LEU A 553 -37.51 18.06 79.62
CA LEU A 553 -38.05 19.40 79.89
C LEU A 553 -39.55 19.44 79.66
N LEU A 554 -40.03 18.77 78.61
CA LEU A 554 -41.46 18.76 78.32
C LEU A 554 -42.25 18.06 79.41
N ASP A 555 -41.64 17.10 80.11
CA ASP A 555 -42.35 16.40 81.19
C ASP A 555 -42.69 17.35 82.33
N ARG A 556 -41.78 18.26 82.66
CA ARG A 556 -42.01 19.22 83.74
C ARG A 556 -43.10 20.22 83.38
N THR A 576 -40.70 8.28 88.70
CA THR A 576 -40.69 9.43 87.81
C THR A 576 -39.54 10.38 88.14
N LEU A 577 -39.66 11.63 87.69
CA LEU A 577 -38.67 12.68 87.92
C LEU A 577 -37.35 12.22 87.31
N SER A 578 -36.26 12.13 88.06
CA SER A 578 -34.98 11.71 87.48
C SER A 578 -35.07 10.31 86.91
N SER A 579 -35.76 9.39 87.61
CA SER A 579 -35.98 8.06 87.05
C SER A 579 -36.74 8.14 85.74
N ALA A 580 -37.67 9.09 85.62
CA ALA A 580 -38.35 9.31 84.34
C ALA A 580 -37.35 9.71 83.27
N MET A 581 -36.39 10.57 83.62
CA MET A 581 -35.31 10.91 82.70
C MET A 581 -34.29 9.79 82.57
N TRP A 582 -34.34 8.79 83.44
CA TRP A 582 -33.39 7.67 83.35
C TRP A 582 -33.59 6.90 82.06
N PHE A 583 -34.85 6.67 81.66
CA PHE A 583 -35.17 5.95 80.44
C PHE A 583 -36.11 6.74 79.55
N SER A 584 -36.03 8.07 79.60
CA SER A 584 -36.93 8.90 78.82
C SER A 584 -36.71 8.71 77.32
N TRP A 585 -35.46 8.85 76.87
CA TRP A 585 -35.15 8.71 75.46
C TRP A 585 -33.94 7.80 75.25
N GLY A 586 -33.06 7.72 76.25
CA GLY A 586 -31.87 6.89 76.12
C GLY A 586 -32.19 5.43 75.94
N VAL A 587 -33.15 4.91 76.71
CA VAL A 587 -33.57 3.52 76.56
C VAL A 587 -34.34 3.34 75.25
N LEU A 588 -35.21 4.30 74.92
CA LEU A 588 -36.03 4.17 73.73
C LEU A 588 -35.18 4.11 72.46
N LEU A 589 -34.12 4.93 72.40
CA LEU A 589 -33.24 4.91 71.24
C LEU A 589 -32.25 3.75 71.26
N ASN A 590 -32.15 3.02 72.36
CA ASN A 590 -31.19 1.92 72.46
C ASN A 590 -31.82 0.58 72.11
N SER A 591 -32.83 0.17 72.86
CA SER A 591 -33.48 -1.13 72.68
C SER A 591 -34.80 -1.11 73.45
N GLY A 592 -35.44 -2.27 73.53
CA GLY A 592 -36.72 -2.38 74.22
C GLY A 592 -36.58 -2.48 75.73
N ILE A 593 -37.01 -1.44 76.44
CA ILE A 593 -36.96 -1.40 77.89
C ILE A 593 -38.37 -1.29 78.50
N GLY A 594 -39.21 -0.42 77.94
CA GLY A 594 -40.55 -0.27 78.45
C GLY A 594 -40.67 0.49 79.75
N GLU A 595 -39.66 1.28 80.09
CA GLU A 595 -39.66 2.05 81.34
C GLU A 595 -40.13 3.48 81.15
N GLY A 596 -40.57 3.86 79.95
CA GLY A 596 -41.01 5.22 79.72
C GLY A 596 -42.31 5.52 80.44
N ALA A 597 -42.44 6.77 80.88
CA ALA A 597 -43.63 7.25 81.59
C ALA A 597 -44.09 8.54 80.93
N PRO A 598 -44.82 8.44 79.81
CA PRO A 598 -45.28 9.65 79.13
C PRO A 598 -46.24 10.46 79.99
N ARG A 599 -46.16 11.78 79.85
CA ARG A 599 -47.00 12.71 80.59
C ARG A 599 -48.00 13.43 79.70
N SER A 600 -47.56 13.93 78.55
CA SER A 600 -48.41 14.63 77.61
C SER A 600 -48.26 14.01 76.22
N PHE A 601 -49.23 14.32 75.35
CA PHE A 601 -49.19 13.81 73.98
C PHE A 601 -47.99 14.34 73.22
N SER A 602 -47.48 15.51 73.60
CA SER A 602 -46.28 16.04 72.97
C SER A 602 -45.08 15.14 73.24
N ALA A 603 -44.99 14.58 74.45
CA ALA A 603 -43.91 13.65 74.75
C ALA A 603 -44.02 12.39 73.88
N ARG A 604 -45.24 11.88 73.68
CA ARG A 604 -45.41 10.72 72.81
C ARG A 604 -45.03 11.04 71.37
N ILE A 605 -45.40 12.23 70.89
CA ILE A 605 -45.04 12.63 69.54
C ILE A 605 -43.53 12.74 69.39
N LEU A 606 -42.86 13.33 70.39
CA LEU A 606 -41.41 13.44 70.36
C LEU A 606 -40.76 12.06 70.37
N GLY A 607 -41.28 11.15 71.18
CA GLY A 607 -40.74 9.79 71.20
C GLY A 607 -40.92 9.08 69.88
N MET A 608 -42.09 9.23 69.25
CA MET A 608 -42.30 8.63 67.94
C MET A 608 -41.36 9.22 66.90
N VAL A 609 -41.15 10.53 66.95
CA VAL A 609 -40.22 11.17 66.01
C VAL A 609 -38.81 10.66 66.22
N TRP A 610 -38.40 10.52 67.49
CA TRP A 610 -37.07 10.00 67.78
C TRP A 610 -36.91 8.57 67.30
N ALA A 611 -37.94 7.74 67.49
CA ALA A 611 -37.88 6.36 67.01
C ALA A 611 -37.78 6.32 65.49
N GLY A 612 -38.55 7.15 64.79
CA GLY A 612 -38.45 7.21 63.34
C GLY A 612 -37.10 7.66 62.87
N PHE A 613 -36.53 8.68 63.52
CA PHE A 613 -35.20 9.15 63.15
C PHE A 613 -34.15 8.08 63.40
N ALA A 614 -34.26 7.35 64.52
CA ALA A 614 -33.32 6.27 64.80
C ALA A 614 -33.41 5.17 63.76
N MET A 615 -34.64 4.81 63.36
CA MET A 615 -34.82 3.80 62.33
C MET A 615 -34.24 4.26 61.00
N ILE A 616 -34.44 5.53 60.65
CA ILE A 616 -33.90 6.07 59.42
C ILE A 616 -32.37 6.04 59.44
N ILE A 617 -31.78 6.41 60.58
CA ILE A 617 -30.33 6.39 60.71
C ILE A 617 -29.79 4.98 60.60
N VAL A 618 -30.48 4.02 61.22
CA VAL A 618 -30.06 2.61 61.13
C VAL A 618 -30.13 2.13 59.69
N ALA A 619 -31.20 2.48 58.98
CA ALA A 619 -31.32 2.08 57.58
C ALA A 619 -30.22 2.71 56.74
N SER A 620 -29.91 3.98 56.98
CA SER A 620 -28.85 4.65 56.23
C SER A 620 -27.50 3.99 56.50
N TYR A 621 -27.22 3.66 57.76
CA TYR A 621 -25.96 3.01 58.09
C TYR A 621 -25.85 1.63 57.45
N THR A 622 -26.94 0.87 57.47
CA THR A 622 -26.94 -0.45 56.83
C THR A 622 -26.74 -0.33 55.33
N ALA A 623 -27.39 0.66 54.70
CA ALA A 623 -27.21 0.88 53.27
C ALA A 623 -25.77 1.26 52.95
N ASN A 624 -25.17 2.12 53.78
CA ASN A 624 -23.77 2.49 53.58
C ASN A 624 -22.85 1.29 53.70
N LEU A 625 -23.09 0.44 54.70
CA LEU A 625 -22.27 -0.76 54.87
C LEU A 625 -22.42 -1.70 53.69
N ALA A 626 -23.65 -1.89 53.20
CA ALA A 626 -23.86 -2.77 52.05
C ALA A 626 -23.19 -2.20 50.81
N ALA A 627 -23.29 -0.88 50.60
CA ALA A 627 -22.65 -0.26 49.44
C ALA A 627 -21.13 -0.40 49.52
N PHE A 628 -20.56 -0.21 50.71
CA PHE A 628 -19.12 -0.38 50.86
C PHE A 628 -18.70 -1.82 50.61
N LEU A 629 -19.51 -2.79 51.06
CA LEU A 629 -19.20 -4.19 50.80
C LEU A 629 -19.25 -4.49 49.31
N VAL A 630 -20.25 -3.96 48.61
CA VAL A 630 -20.33 -4.17 47.15
C VAL A 630 -19.18 -3.45 46.46
N LEU A 631 -18.89 -2.22 46.86
CA LEU A 631 -17.81 -1.44 46.27
C LEU A 631 -16.43 -1.93 46.69
N ASP A 632 -16.36 -2.85 47.67
CA ASP A 632 -15.07 -3.31 48.19
C ASP A 632 -14.24 -3.95 47.08
N ARG A 633 -12.92 -4.03 47.35
CA ARG A 633 -11.93 -4.53 46.41
C ARG A 633 -11.96 -3.72 45.11
N PRO A 634 -11.59 -2.44 45.15
CA PRO A 634 -11.58 -1.64 43.91
C PRO A 634 -10.59 -2.15 42.88
N GLU A 635 -9.52 -2.81 43.31
CA GLU A 635 -8.53 -3.32 42.38
C GLU A 635 -9.12 -4.41 41.51
N GLU A 636 -8.85 -4.34 40.21
CA GLU A 636 -9.34 -5.31 39.25
C GLU A 636 -8.22 -5.72 38.31
N ARG A 637 -8.38 -6.91 37.73
CA ARG A 637 -7.39 -7.41 36.78
C ARG A 637 -7.43 -6.58 35.51
N ILE A 638 -6.26 -6.15 35.04
CA ILE A 638 -6.15 -5.35 33.84
C ILE A 638 -6.40 -6.26 32.64
N THR A 639 -7.37 -5.89 31.80
CA THR A 639 -7.78 -6.73 30.68
C THR A 639 -6.76 -6.67 29.55
N GLY A 640 -5.73 -7.51 29.62
CA GLY A 640 -4.76 -7.58 28.55
C GLY A 640 -3.91 -6.32 28.44
N ILE A 641 -3.31 -6.16 27.26
CA ILE A 641 -2.46 -5.01 26.98
C ILE A 641 -3.20 -3.90 26.25
N ASN A 642 -4.38 -4.18 25.68
CA ASN A 642 -5.14 -3.15 24.99
C ASN A 642 -5.74 -2.12 25.94
N ASP A 643 -5.68 -2.36 27.25
CA ASP A 643 -6.20 -1.40 28.21
C ASP A 643 -5.39 -0.11 28.15
N PRO A 644 -6.03 1.04 27.93
CA PRO A 644 -5.28 2.30 27.89
C PRO A 644 -4.59 2.65 29.20
N ARG A 645 -5.06 2.10 30.33
CA ARG A 645 -4.42 2.39 31.61
C ARG A 645 -2.99 1.88 31.66
N LEU A 646 -2.67 0.84 30.87
CA LEU A 646 -1.30 0.37 30.72
C LEU A 646 -0.64 0.88 29.46
N ARG A 647 -1.42 1.16 28.41
CA ARG A 647 -0.85 1.76 27.21
C ARG A 647 -0.28 3.14 27.50
N ASN A 648 -0.99 3.93 28.29
CA ASN A 648 -0.49 5.24 28.70
C ASN A 648 0.49 5.08 29.84
N PRO A 649 1.74 5.52 29.69
CA PRO A 649 2.71 5.39 30.78
C PRO A 649 2.35 6.27 31.96
N SER A 650 2.74 5.82 33.15
CA SER A 650 2.49 6.55 34.38
C SER A 650 3.59 6.22 35.38
N ASP A 651 3.78 7.11 36.35
CA ASP A 651 4.79 6.91 37.38
C ASP A 651 4.22 6.15 38.58
N LYS A 652 3.53 5.05 38.29
CA LYS A 652 3.01 4.17 39.33
C LYS A 652 3.20 2.70 39.02
N PHE A 653 3.76 2.35 37.86
CA PHE A 653 4.00 0.97 37.48
C PHE A 653 5.40 0.88 36.87
N ILE A 654 6.17 -0.11 37.32
CA ILE A 654 7.54 -0.28 36.86
C ILE A 654 7.62 -1.62 36.13
N TYR A 655 6.54 -1.99 35.45
CA TYR A 655 6.49 -3.27 34.76
C TYR A 655 7.61 -3.40 33.75
N ALA A 656 8.25 -4.56 33.74
CA ALA A 656 9.34 -4.86 32.82
C ALA A 656 9.45 -6.36 32.66
N THR A 657 10.17 -6.78 31.63
CA THR A 657 10.39 -8.18 31.34
C THR A 657 11.89 -8.48 31.34
N VAL A 658 12.23 -9.74 31.08
CA VAL A 658 13.63 -10.14 31.03
C VAL A 658 14.29 -9.57 29.79
N LYS A 659 15.50 -9.05 29.95
CA LYS A 659 16.22 -8.47 28.84
C LYS A 659 16.62 -9.54 27.84
N GLN A 660 16.56 -9.18 26.56
CA GLN A 660 16.99 -10.05 25.46
C GLN A 660 16.24 -11.38 25.46
N SER A 661 14.93 -11.29 25.22
CA SER A 661 14.09 -12.46 25.02
C SER A 661 13.19 -12.21 23.81
N SER A 662 12.31 -13.16 23.53
CA SER A 662 11.40 -13.01 22.40
C SER A 662 10.39 -11.90 22.63
N VAL A 663 10.04 -11.63 23.89
CA VAL A 663 9.06 -10.58 24.18
C VAL A 663 9.62 -9.22 23.79
N ASP A 664 10.91 -9.00 24.00
CA ASP A 664 11.52 -7.74 23.59
C ASP A 664 11.45 -7.57 22.07
N ILE A 665 11.71 -8.64 21.33
CA ILE A 665 11.62 -8.59 19.87
C ILE A 665 10.19 -8.28 19.44
N TYR A 666 9.21 -8.94 20.08
CA TYR A 666 7.81 -8.69 19.73
C TYR A 666 7.41 -7.24 20.01
N PHE A 667 7.83 -6.70 21.15
CA PHE A 667 7.51 -5.32 21.48
C PHE A 667 8.31 -4.33 20.63
N ARG A 668 9.40 -4.77 20.02
CA ARG A 668 10.19 -3.87 19.19
C ARG A 668 9.54 -3.63 17.83
N ARG A 669 9.35 -4.68 17.05
CA ARG A 669 8.78 -4.55 15.70
C ARG A 669 7.27 -4.61 15.72
N GLN A 670 6.68 -3.85 16.64
CA GLN A 670 5.23 -3.65 16.72
C GLN A 670 4.95 -2.20 17.08
N VAL A 671 5.62 -1.27 16.40
CA VAL A 671 5.79 0.07 16.92
C VAL A 671 4.50 0.87 16.77
N GLU A 672 3.66 0.80 17.80
CA GLU A 672 2.54 1.70 18.00
C GLU A 672 2.39 2.16 19.43
N LEU A 673 3.14 1.58 20.37
CA LEU A 673 3.07 1.89 21.79
C LEU A 673 4.49 1.99 22.36
N SER A 674 5.36 2.70 21.63
CA SER A 674 6.79 2.71 21.93
C SER A 674 7.09 3.32 23.30
N THR A 675 6.14 4.05 23.90
CA THR A 675 6.35 4.56 25.25
C THR A 675 6.55 3.42 26.24
N MET A 676 5.70 2.39 26.15
CA MET A 676 5.88 1.22 27.00
C MET A 676 7.19 0.52 26.71
N TYR A 677 7.59 0.49 25.43
CA TYR A 677 8.87 -0.13 25.07
C TYR A 677 10.03 0.59 25.76
N ARG A 678 10.02 1.92 25.72
CA ARG A 678 11.08 2.67 26.38
C ARG A 678 11.05 2.47 27.89
N HIS A 679 9.85 2.50 28.48
CA HIS A 679 9.73 2.32 29.92
C HIS A 679 10.26 0.96 30.35
N MET A 680 10.03 -0.07 29.54
CA MET A 680 10.59 -1.39 29.84
C MET A 680 12.09 -1.42 29.61
N GLU A 681 12.56 -0.73 28.56
CA GLU A 681 13.99 -0.73 28.25
C GLU A 681 14.80 -0.05 29.34
N LYS A 682 14.18 0.87 30.08
CA LYS A 682 14.87 1.50 31.20
C LYS A 682 14.74 0.73 32.51
N HIS A 683 14.03 -0.40 32.51
CA HIS A 683 13.86 -1.18 33.74
C HIS A 683 13.95 -2.69 33.54
N ASN A 684 14.41 -3.16 32.39
CA ASN A 684 14.40 -4.60 32.12
C ASN A 684 15.30 -5.35 33.08
N TYR A 685 14.82 -6.51 33.54
CA TYR A 685 15.57 -7.36 34.45
C TYR A 685 16.45 -8.33 33.66
N GLU A 686 17.01 -9.33 34.35
CA GLU A 686 17.99 -10.24 33.76
C GLU A 686 17.50 -11.67 33.60
N SER A 687 16.76 -12.20 34.58
CA SER A 687 16.32 -13.58 34.51
C SER A 687 14.97 -13.72 35.19
N ALA A 688 14.28 -14.83 34.88
CA ALA A 688 12.95 -15.05 35.40
C ALA A 688 12.96 -15.21 36.92
N ALA A 689 13.94 -15.94 37.44
CA ALA A 689 13.99 -16.20 38.88
C ALA A 689 14.17 -14.91 39.67
N GLU A 690 15.11 -14.06 39.23
CA GLU A 690 15.33 -12.80 39.92
C GLU A 690 14.10 -11.90 39.83
N ALA A 691 13.45 -11.87 38.67
CA ALA A 691 12.26 -11.04 38.51
C ALA A 691 11.13 -11.51 39.42
N ILE A 692 10.93 -12.82 39.51
CA ILE A 692 9.88 -13.35 40.38
C ILE A 692 10.20 -13.05 41.83
N GLN A 693 11.45 -13.24 42.24
CA GLN A 693 11.84 -12.96 43.62
C GLN A 693 11.61 -11.49 43.96
N ALA A 694 11.99 -10.58 43.04
CA ALA A 694 11.77 -9.17 43.28
C ALA A 694 10.28 -8.84 43.35
N VAL A 695 9.47 -9.44 42.46
CA VAL A 695 8.04 -9.19 42.47
C VAL A 695 7.42 -9.67 43.76
N ARG A 696 7.97 -10.71 44.37
CA ARG A 696 7.42 -11.21 45.63
C ARG A 696 7.44 -10.15 46.72
N ASP A 697 8.55 -9.42 46.85
CA ASP A 697 8.64 -8.37 47.86
C ASP A 697 8.27 -7.00 47.31
N ASN A 698 7.13 -6.95 46.63
CA ASN A 698 6.51 -5.71 46.13
C ASN A 698 7.53 -4.71 45.59
N LYS A 699 8.34 -5.19 44.64
CA LYS A 699 9.31 -4.32 43.95
C LYS A 699 8.80 -3.93 42.56
N LEU A 700 8.46 -4.92 41.75
CA LEU A 700 7.84 -4.68 40.44
C LEU A 700 6.36 -5.03 40.53
N HIS A 701 5.52 -4.12 40.05
CA HIS A 701 4.08 -4.27 40.18
C HIS A 701 3.46 -5.08 39.05
N ALA A 702 4.25 -5.52 38.06
CA ALA A 702 3.70 -6.32 36.96
C ALA A 702 4.85 -7.08 36.31
N PHE A 703 4.46 -8.03 35.45
CA PHE A 703 5.42 -8.90 34.78
C PHE A 703 4.74 -9.56 33.60
N ILE A 704 5.42 -9.57 32.45
CA ILE A 704 4.92 -10.20 31.24
C ILE A 704 5.86 -11.34 30.86
N TRP A 705 5.29 -12.52 30.65
CA TRP A 705 6.13 -13.69 30.37
C TRP A 705 5.25 -14.80 29.79
N ASP A 706 5.83 -15.99 29.64
CA ASP A 706 5.12 -17.10 29.03
C ASP A 706 3.96 -17.54 29.90
N SER A 707 2.93 -18.09 29.26
CA SER A 707 1.72 -18.47 29.99
C SER A 707 1.97 -19.65 30.91
N ALA A 708 2.60 -20.70 30.40
CA ALA A 708 2.74 -21.94 31.17
C ALA A 708 3.62 -21.73 32.39
N VAL A 709 4.76 -21.07 32.22
CA VAL A 709 5.70 -20.88 33.32
C VAL A 709 5.07 -20.07 34.44
N LEU A 710 4.43 -18.95 34.07
CA LEU A 710 3.84 -18.07 35.08
C LEU A 710 2.63 -18.71 35.73
N GLU A 711 1.84 -19.46 34.95
CA GLU A 711 0.70 -20.17 35.52
C GLU A 711 1.16 -21.20 36.55
N PHE A 712 2.23 -21.95 36.24
CA PHE A 712 2.76 -22.90 37.21
C PHE A 712 3.30 -22.19 38.44
N GLU A 713 4.02 -21.08 38.25
CA GLU A 713 4.60 -20.36 39.38
C GLU A 713 3.50 -19.81 40.29
N ALA A 714 2.40 -19.34 39.72
CA ALA A 714 1.30 -18.82 40.53
C ALA A 714 0.54 -19.95 41.21
N SER A 715 0.30 -21.05 40.51
CA SER A 715 -0.46 -22.16 41.08
C SER A 715 0.25 -22.78 42.26
N GLN A 716 1.56 -23.00 42.16
CA GLN A 716 2.30 -23.59 43.26
C GLN A 716 2.44 -22.61 44.41
N LYS A 717 3.06 -21.46 44.16
CA LYS A 717 3.18 -20.40 45.17
C LYS A 717 1.89 -19.60 45.13
N CYS A 718 0.93 -20.01 45.97
CA CYS A 718 -0.42 -19.45 45.93
C CYS A 718 -0.47 -18.06 46.54
N ASP A 719 0.19 -17.10 45.88
CA ASP A 719 0.16 -15.72 46.33
C ASP A 719 0.05 -14.71 45.20
N LEU A 720 -0.07 -15.15 43.95
CA LEU A 720 -0.11 -14.26 42.79
C LEU A 720 -1.29 -14.65 41.91
N VAL A 721 -1.60 -13.77 40.95
CA VAL A 721 -2.69 -13.98 40.01
C VAL A 721 -2.16 -13.74 38.60
N THR A 722 -2.94 -14.22 37.62
CA THR A 722 -2.60 -14.10 36.21
C THR A 722 -3.70 -13.29 35.52
N THR A 723 -3.51 -11.97 35.48
CA THR A 723 -4.47 -11.10 34.81
C THR A 723 -4.38 -11.29 33.30
N GLY A 724 -5.47 -10.96 32.61
CA GLY A 724 -5.56 -11.14 31.17
C GLY A 724 -5.80 -12.59 30.81
N GLU A 725 -5.99 -12.83 29.51
CA GLU A 725 -6.25 -14.17 29.01
C GLU A 725 -5.12 -14.68 28.10
N LEU A 726 -4.84 -13.99 27.00
CA LEU A 726 -3.90 -14.43 25.98
C LEU A 726 -3.70 -13.32 24.96
N PHE A 727 -2.51 -13.30 24.37
CA PHE A 727 -2.23 -12.47 23.20
C PHE A 727 -0.88 -12.89 22.63
N PHE A 728 -0.80 -12.91 21.30
CA PHE A 728 0.39 -13.38 20.58
C PHE A 728 0.73 -14.81 20.99
N ARG A 729 -0.19 -15.72 20.66
CA ARG A 729 0.00 -17.12 21.00
C ARG A 729 0.91 -17.82 19.99
N SER A 730 1.86 -18.60 20.51
CA SER A 730 2.80 -19.34 19.68
C SER A 730 3.51 -20.39 20.52
N GLY A 731 3.57 -21.63 20.02
CA GLY A 731 4.15 -22.70 20.79
C GLY A 731 5.67 -22.72 20.77
N PHE A 732 6.23 -23.63 21.55
CA PHE A 732 7.67 -23.81 21.60
C PHE A 732 8.11 -24.68 20.43
N GLY A 733 9.36 -25.15 20.44
CA GLY A 733 9.84 -25.99 19.37
C GLY A 733 11.25 -26.46 19.65
N ILE A 734 11.74 -27.29 18.73
CA ILE A 734 13.09 -27.86 18.82
C ILE A 734 13.87 -27.35 17.62
N GLY A 735 14.74 -26.37 17.87
CA GLY A 735 15.48 -25.75 16.79
C GLY A 735 16.61 -26.63 16.30
N MET A 736 16.73 -26.74 14.98
CA MET A 736 17.83 -27.46 14.34
C MET A 736 18.27 -26.69 13.10
N ARG A 737 19.50 -26.94 12.67
CA ARG A 737 20.03 -26.25 11.52
C ARG A 737 19.35 -26.70 10.23
N LYS A 738 19.42 -25.85 9.21
CA LYS A 738 18.73 -26.12 7.95
C LYS A 738 19.25 -27.38 7.28
N ASP A 739 20.56 -27.57 7.27
CA ASP A 739 21.18 -28.72 6.61
C ASP A 739 21.43 -29.81 7.66
N SER A 740 20.35 -30.52 8.01
CA SER A 740 20.44 -31.61 8.96
C SER A 740 19.46 -32.69 8.53
N PRO A 741 19.82 -33.96 8.65
CA PRO A 741 18.94 -35.06 8.23
C PRO A 741 17.93 -35.50 9.28
N TRP A 742 17.96 -34.94 10.49
CA TRP A 742 17.07 -35.38 11.55
C TRP A 742 15.68 -34.76 11.45
N LYS A 743 15.47 -33.76 10.59
CA LYS A 743 14.22 -33.02 10.60
C LYS A 743 13.03 -33.92 10.28
N GLN A 744 13.04 -34.55 9.11
CA GLN A 744 11.87 -35.28 8.66
C GLN A 744 11.51 -36.45 9.57
N ASN A 745 12.45 -36.91 10.39
CA ASN A 745 12.18 -38.00 11.32
C ASN A 745 11.86 -37.51 12.73
N VAL A 746 12.16 -36.25 13.06
CA VAL A 746 11.91 -35.76 14.42
C VAL A 746 10.48 -35.26 14.51
N SER A 747 10.13 -34.30 13.65
CA SER A 747 8.81 -33.67 13.73
C SER A 747 7.70 -34.70 13.65
N LEU A 748 7.77 -35.60 12.66
CA LEU A 748 6.80 -36.67 12.55
C LEU A 748 6.65 -37.42 13.87
N SER A 749 7.78 -37.79 14.48
CA SER A 749 7.74 -38.49 15.75
C SER A 749 6.92 -37.73 16.79
N ILE A 750 7.13 -36.40 16.87
CA ILE A 750 6.39 -35.61 17.85
C ILE A 750 4.89 -35.77 17.62
N LEU A 751 4.45 -35.71 16.36
CA LEU A 751 3.04 -35.91 16.08
C LEU A 751 2.59 -37.29 16.52
N LYS A 752 3.39 -38.31 16.24
CA LYS A 752 3.04 -39.66 16.67
C LYS A 752 3.04 -39.79 18.18
N SER A 753 3.72 -38.87 18.88
CA SER A 753 3.71 -38.85 20.33
C SER A 753 2.72 -37.85 20.90
N HIS A 754 1.92 -37.21 20.05
CA HIS A 754 0.99 -36.19 20.50
C HIS A 754 -0.46 -36.67 20.51
N GLU A 755 -0.72 -37.88 20.04
CA GLU A 755 -2.09 -38.38 19.95
C GLU A 755 -2.39 -39.59 20.82
N ASN A 756 -1.39 -40.38 21.20
CA ASN A 756 -1.63 -41.48 22.12
C ASN A 756 -1.38 -41.07 23.57
N GLY A 757 -1.93 -39.91 23.95
CA GLY A 757 -1.94 -39.45 25.32
C GLY A 757 -0.62 -39.35 26.06
N PHE A 758 0.50 -39.54 25.35
CA PHE A 758 1.80 -39.49 26.03
C PHE A 758 2.11 -38.09 26.53
N MET A 759 1.99 -37.09 25.67
CA MET A 759 2.32 -35.72 26.06
C MET A 759 1.37 -35.22 27.15
N GLU A 760 0.09 -35.53 27.02
CA GLU A 760 -0.88 -35.12 28.05
C GLU A 760 -0.55 -35.77 29.39
N ASP A 761 -0.20 -37.06 29.38
CA ASP A 761 0.16 -37.74 30.61
C ASP A 761 1.41 -37.11 31.23
N LEU A 762 2.41 -36.81 30.41
CA LEU A 762 3.63 -36.21 30.94
C LEU A 762 3.36 -34.83 31.53
N ASP A 763 2.53 -34.03 30.85
CA ASP A 763 2.17 -32.71 31.37
C ASP A 763 1.41 -32.84 32.69
N LYS A 764 0.49 -33.80 32.78
CA LYS A 764 -0.22 -34.03 34.03
C LYS A 764 0.76 -34.42 35.14
N THR A 765 1.78 -35.20 34.80
CA THR A 765 2.75 -35.64 35.81
C THR A 765 3.62 -34.49 36.30
N TRP A 766 4.08 -33.63 35.38
CA TRP A 766 5.13 -32.67 35.71
C TRP A 766 4.63 -31.25 35.94
N VAL A 767 3.80 -30.71 35.05
CA VAL A 767 3.54 -29.27 35.08
C VAL A 767 2.28 -28.90 35.86
N ARG A 768 1.27 -29.76 35.89
CA ARG A 768 -0.01 -29.44 36.54
C ARG A 768 -0.39 -30.57 37.49
N TYR A 769 0.01 -30.42 38.76
CA TYR A 769 -0.37 -31.38 39.79
C TYR A 769 -0.82 -30.74 41.10
N GLN A 770 -0.58 -29.45 41.32
CA GLN A 770 -0.95 -28.78 42.55
C GLN A 770 -2.08 -27.78 42.30
N GLU A 771 -2.74 -27.38 43.37
CA GLU A 771 -3.84 -26.43 43.28
C GLU A 771 -4.00 -25.73 44.62
N CYS A 772 -4.71 -24.60 44.60
CA CYS A 772 -5.00 -23.84 45.80
C CYS A 772 -6.39 -23.25 45.76
N LEU A 782 -17.44 -13.15 57.71
CA LEU A 782 -17.96 -13.61 59.00
C LEU A 782 -16.87 -14.24 59.86
N THR A 783 -15.82 -13.46 60.12
CA THR A 783 -14.69 -13.92 60.92
C THR A 783 -14.83 -13.43 62.36
N PHE A 784 -13.93 -13.92 63.22
CA PHE A 784 -13.95 -13.54 64.63
C PHE A 784 -13.53 -12.09 64.84
N GLU A 785 -12.86 -11.48 63.86
CA GLU A 785 -12.45 -10.09 64.01
C GLU A 785 -13.64 -9.15 64.15
N ASN A 786 -14.78 -9.53 63.58
CA ASN A 786 -16.00 -8.74 63.75
C ASN A 786 -16.64 -8.93 65.12
N MET A 787 -16.29 -10.00 65.83
CA MET A 787 -16.88 -10.30 67.13
C MET A 787 -15.89 -10.20 68.28
N ALA A 788 -14.76 -10.91 68.19
CA ALA A 788 -13.81 -10.93 69.30
C ALA A 788 -13.28 -9.55 69.60
N GLY A 789 -12.94 -8.78 68.55
CA GLY A 789 -12.48 -7.42 68.75
C GLY A 789 -13.47 -6.56 69.51
N VAL A 790 -14.75 -6.89 69.43
CA VAL A 790 -15.76 -6.23 70.24
C VAL A 790 -15.89 -6.88 71.61
N PHE A 791 -15.80 -8.21 71.66
CA PHE A 791 -16.03 -8.92 72.92
C PHE A 791 -15.01 -8.50 73.97
N MET A 792 -13.74 -8.37 73.58
CA MET A 792 -12.72 -7.89 74.51
C MET A 792 -13.09 -6.51 75.03
N LEU A 793 -13.61 -5.64 74.16
CA LEU A 793 -14.10 -4.34 74.61
C LEU A 793 -15.21 -4.51 75.63
N VAL A 794 -16.12 -5.46 75.38
CA VAL A 794 -17.13 -5.79 76.37
C VAL A 794 -16.48 -6.24 77.67
N ALA A 795 -15.40 -7.03 77.56
CA ALA A 795 -14.65 -7.41 78.75
C ALA A 795 -14.12 -6.19 79.49
N GLY A 796 -13.76 -5.13 78.76
CA GLY A 796 -13.35 -3.90 79.42
C GLY A 796 -14.44 -3.36 80.31
N GLY A 797 -15.70 -3.45 79.87
CA GLY A 797 -16.80 -3.05 80.73
C GLY A 797 -16.85 -3.86 82.01
N ILE A 798 -16.51 -5.16 81.92
CA ILE A 798 -16.47 -6.00 83.11
C ILE A 798 -15.43 -5.48 84.09
N VAL A 799 -14.41 -4.77 83.61
CA VAL A 799 -13.39 -4.20 84.47
C VAL A 799 -13.68 -2.74 84.80
N ALA A 800 -14.79 -2.18 84.31
CA ALA A 800 -15.12 -0.78 84.56
C ALA A 800 -16.44 -0.62 85.29
N GLY A 801 -17.50 -1.31 84.86
CA GLY A 801 -18.79 -1.13 85.48
C GLY A 801 -18.84 -1.61 86.93
N ILE A 802 -18.22 -2.76 87.20
CA ILE A 802 -18.29 -3.35 88.54
C ILE A 802 -17.71 -2.39 89.57
N PHE A 803 -16.54 -1.82 89.27
CA PHE A 803 -15.98 -0.79 90.14
C PHE A 803 -16.92 0.40 90.26
N LEU A 804 -17.52 0.82 89.14
CA LEU A 804 -18.52 1.87 89.18
C LEU A 804 -19.69 1.49 90.08
N ILE A 805 -20.01 0.19 90.14
CA ILE A 805 -21.06 -0.27 91.05
C ILE A 805 -20.69 0.08 92.47
N PHE A 806 -19.43 -0.12 92.85
CA PHE A 806 -18.96 0.31 94.16
C PHE A 806 -19.16 1.81 94.35
N ILE A 807 -18.91 2.58 93.29
CA ILE A 807 -19.19 4.02 93.34
C ILE A 807 -20.66 4.25 93.63
N GLU A 808 -21.53 3.47 92.99
CA GLU A 808 -22.95 3.54 93.30
C GLU A 808 -23.20 3.21 94.77
N ILE A 809 -22.48 2.21 95.29
CA ILE A 809 -22.57 1.91 96.72
C ILE A 809 -22.11 3.11 97.54
N ALA A 810 -21.09 3.81 97.05
CA ALA A 810 -20.71 5.07 97.69
C ALA A 810 -21.79 6.12 97.51
N TYR A 811 -22.43 6.16 96.34
CA TYR A 811 -23.46 7.16 96.08
C TYR A 811 -24.63 7.00 97.04
N LYS A 812 -25.06 5.78 97.28
CA LYS A 812 -26.10 5.51 98.28
C LYS A 812 -25.59 5.60 99.70
N ARG A 813 -24.27 5.63 99.91
CA ARG A 813 -23.72 5.71 101.27
C ARG A 813 -24.02 7.05 101.90
N HIS A 814 -23.75 8.14 101.18
CA HIS A 814 -23.97 9.49 101.71
C HIS A 814 -25.35 10.03 101.39
N LYS A 815 -26.15 9.33 100.60
CA LYS A 815 -27.48 9.78 100.25
C LYS A 815 -28.54 9.13 101.12
N LEU B 1 69.02 12.11 9.69
CA LEU B 1 68.74 11.31 8.51
C LEU B 1 69.00 12.10 7.23
N ASN B 2 68.46 11.61 6.12
CA ASN B 2 68.61 12.28 4.83
C ASN B 2 67.43 11.89 3.95
N ILE B 3 66.47 12.79 3.82
CA ILE B 3 65.24 12.56 3.07
C ILE B 3 65.28 13.41 1.80
N ALA B 4 65.01 12.78 0.67
CA ALA B 4 64.95 13.47 -0.61
C ALA B 4 63.51 13.81 -0.96
N VAL B 5 63.35 14.79 -1.87
CA VAL B 5 62.05 15.17 -2.38
C VAL B 5 62.14 15.26 -3.90
N MET B 6 60.98 15.14 -4.55
CA MET B 6 60.90 15.23 -5.99
C MET B 6 59.59 15.90 -6.38
N LEU B 7 59.59 16.52 -7.56
CA LEU B 7 58.40 17.20 -8.06
C LEU B 7 58.38 17.12 -9.58
N GLY B 8 57.20 17.29 -10.15
CA GLY B 8 56.99 17.21 -11.57
C GLY B 8 57.06 18.53 -12.31
N HIS B 9 57.56 19.59 -11.68
CA HIS B 9 57.64 20.92 -12.29
C HIS B 9 56.26 21.39 -12.76
N SER B 10 55.24 21.15 -11.93
CA SER B 10 53.88 21.55 -12.23
C SER B 10 53.71 23.04 -11.93
N HIS B 11 52.45 23.49 -11.85
CA HIS B 11 52.14 24.89 -11.58
C HIS B 11 52.61 25.30 -10.18
N ASP B 12 53.18 24.36 -9.42
CA ASP B 12 53.76 24.64 -8.11
C ASP B 12 55.25 24.89 -8.18
N VAL B 13 55.74 25.46 -9.28
CA VAL B 13 57.17 25.69 -9.45
C VAL B 13 57.64 26.71 -8.42
N THR B 14 58.76 26.40 -7.76
CA THR B 14 59.33 27.27 -6.75
C THR B 14 60.83 27.03 -6.70
N GLU B 15 61.50 27.59 -5.70
CA GLU B 15 62.93 27.44 -5.52
C GLU B 15 63.23 26.44 -4.42
N ARG B 16 64.51 26.21 -4.19
CA ARG B 16 64.92 25.23 -3.17
C ARG B 16 64.47 25.65 -1.79
N GLU B 17 64.61 26.93 -1.44
CA GLU B 17 64.19 27.41 -0.13
C GLU B 17 62.68 27.28 0.05
N LEU B 18 61.92 27.64 -0.98
CA LEU B 18 60.47 27.54 -0.89
C LEU B 18 60.01 26.10 -0.80
N ARG B 19 60.66 25.20 -1.54
CA ARG B 19 60.25 23.80 -1.53
C ARG B 19 60.70 23.10 -0.25
N THR B 20 61.78 23.57 0.39
CA THR B 20 62.28 22.91 1.58
C THR B 20 61.28 23.00 2.73
N LEU B 21 60.80 24.20 3.03
CA LEU B 21 59.76 24.49 4.02
C LEU B 21 60.22 24.19 5.45
N TRP B 22 61.42 23.65 5.64
CA TRP B 22 61.86 23.23 6.96
C TRP B 22 62.32 24.43 7.78
N GLY B 23 61.83 24.52 9.01
CA GLY B 23 62.21 25.58 9.92
C GLY B 23 62.91 25.05 11.15
N PRO B 24 62.74 25.75 12.29
CA PRO B 24 63.34 25.26 13.53
C PRO B 24 62.83 23.89 13.95
N GLU B 25 61.57 23.59 13.69
CA GLU B 25 60.98 22.29 13.99
C GLU B 25 59.88 22.04 12.96
N GLN B 26 59.02 21.06 13.22
CA GLN B 26 57.88 20.81 12.35
C GLN B 26 56.56 21.18 13.02
N ALA B 27 56.23 20.54 14.14
CA ALA B 27 55.08 21.03 14.90
C ALA B 27 55.35 21.16 16.40
N ALA B 28 56.04 20.19 17.00
CA ALA B 28 56.25 20.22 18.45
C ALA B 28 57.61 19.68 18.89
N GLY B 29 58.52 19.37 17.97
CA GLY B 29 59.73 18.68 18.38
C GLY B 29 60.44 17.94 17.26
N LEU B 30 60.68 16.63 17.48
CA LEU B 30 61.44 15.78 16.57
C LEU B 30 62.86 16.31 16.42
N PRO B 31 63.70 16.19 17.46
CA PRO B 31 65.04 16.80 17.41
C PRO B 31 66.03 16.05 16.54
N LEU B 32 65.64 14.95 15.91
CA LEU B 32 66.55 14.24 15.03
C LEU B 32 66.91 15.11 13.83
N ASP B 33 68.20 15.14 13.49
CA ASP B 33 68.68 16.01 12.43
C ASP B 33 68.32 15.44 11.07
N VAL B 34 67.67 16.26 10.24
CA VAL B 34 67.26 15.87 8.89
C VAL B 34 67.66 16.98 7.93
N ASN B 35 67.64 16.64 6.64
CA ASN B 35 67.89 17.61 5.58
C ASN B 35 67.07 17.21 4.36
N VAL B 36 66.82 18.19 3.50
CA VAL B 36 65.98 18.02 2.32
C VAL B 36 66.81 18.28 1.08
N VAL B 37 66.79 17.32 0.16
CA VAL B 37 67.46 17.44 -1.13
C VAL B 37 66.39 17.63 -2.20
N ALA B 38 66.36 18.81 -2.81
CA ALA B 38 65.34 19.15 -3.78
C ALA B 38 65.81 18.82 -5.19
N LEU B 39 65.00 18.05 -5.92
CA LEU B 39 65.27 17.71 -7.30
C LEU B 39 64.11 18.19 -8.17
N LEU B 40 64.17 17.88 -9.46
CA LEU B 40 63.15 18.32 -10.40
C LEU B 40 63.25 17.49 -11.66
N MET B 41 62.10 16.99 -12.13
CA MET B 41 62.03 16.19 -13.34
C MET B 41 61.01 16.81 -14.29
N ASN B 42 61.42 17.05 -15.52
CA ASN B 42 60.53 17.66 -16.50
C ASN B 42 59.51 16.65 -17.03
N ARG B 43 59.98 15.51 -17.51
CA ARG B 43 59.10 14.47 -18.04
C ARG B 43 59.43 13.14 -17.37
N THR B 44 58.40 12.33 -17.16
CA THR B 44 58.55 11.04 -16.50
C THR B 44 58.68 9.95 -17.55
N ASP B 45 59.83 9.28 -17.59
CA ASP B 45 60.08 8.16 -18.45
C ASP B 45 60.68 7.02 -17.64
N PRO B 46 60.42 5.76 -18.02
CA PRO B 46 60.91 4.64 -17.21
C PRO B 46 62.42 4.62 -17.04
N LYS B 47 63.16 4.71 -18.14
CA LYS B 47 64.62 4.71 -18.04
C LYS B 47 65.12 5.91 -17.26
N SER B 48 64.56 7.09 -17.55
CA SER B 48 64.97 8.30 -16.85
C SER B 48 64.64 8.19 -15.36
N LEU B 49 63.46 7.67 -15.04
CA LEU B 49 63.07 7.53 -13.64
C LEU B 49 64.01 6.58 -12.91
N ILE B 50 64.31 5.43 -13.50
CA ILE B 50 65.21 4.46 -12.87
C ILE B 50 66.58 5.08 -12.65
N THR B 51 67.12 5.72 -13.70
CA THR B 51 68.44 6.33 -13.60
C THR B 51 68.48 7.38 -12.50
N HIS B 52 67.50 8.29 -12.49
CA HIS B 52 67.50 9.35 -11.48
C HIS B 52 67.38 8.79 -10.07
N VAL B 53 66.44 7.85 -9.87
CA VAL B 53 66.22 7.34 -8.51
C VAL B 53 67.45 6.62 -7.99
N CYS B 54 67.99 5.68 -8.78
CA CYS B 54 69.08 4.87 -8.24
C CYS B 54 70.46 5.46 -8.52
N ASP B 55 70.53 6.67 -9.09
CA ASP B 55 71.75 7.47 -9.00
C ASP B 55 71.70 8.43 -7.83
N LEU B 56 70.52 8.94 -7.49
CA LEU B 56 70.37 9.72 -6.27
C LEU B 56 70.59 8.85 -5.04
N MET B 57 70.13 7.59 -5.09
CA MET B 57 70.34 6.67 -3.98
C MET B 57 71.82 6.34 -3.76
N SER B 58 72.66 6.53 -4.77
CA SER B 58 74.09 6.29 -4.66
C SER B 58 74.87 7.51 -4.19
N GLY B 59 74.19 8.61 -3.89
CA GLY B 59 74.85 9.82 -3.44
C GLY B 59 74.76 10.04 -1.95
N ALA B 60 73.78 10.83 -1.53
CA ALA B 60 73.59 11.21 -0.12
C ALA B 60 73.14 10.05 0.76
N ARG B 61 73.00 8.83 0.25
CA ARG B 61 72.55 7.68 1.03
C ARG B 61 71.17 7.96 1.65
N ILE B 62 70.19 8.18 0.76
CA ILE B 62 68.87 8.62 1.20
C ILE B 62 68.17 7.53 2.00
N HIS B 63 67.12 7.94 2.71
CA HIS B 63 66.31 7.03 3.52
C HIS B 63 64.83 7.17 3.25
N GLY B 64 64.43 7.83 2.17
CA GLY B 64 63.02 7.99 1.88
C GLY B 64 62.83 8.72 0.55
N LEU B 65 61.57 8.85 0.16
CA LEU B 65 61.21 9.52 -1.07
C LEU B 65 59.75 9.93 -1.00
N VAL B 66 59.46 11.15 -1.47
CA VAL B 66 58.11 11.69 -1.45
C VAL B 66 57.68 12.04 -2.87
N PHE B 67 58.11 11.22 -3.83
CA PHE B 67 57.84 11.42 -5.25
C PHE B 67 56.37 11.78 -5.47
N GLY B 68 56.14 12.98 -6.00
CA GLY B 68 54.82 13.38 -6.45
C GLY B 68 54.87 14.03 -7.81
N ASP B 69 54.21 13.43 -8.79
CA ASP B 69 54.27 13.90 -10.17
C ASP B 69 53.02 14.71 -10.50
N ASP B 70 52.89 15.08 -11.78
CA ASP B 70 51.74 15.83 -12.25
C ASP B 70 51.08 15.20 -13.47
N THR B 71 51.64 14.12 -14.02
CA THR B 71 51.08 13.46 -15.19
C THR B 71 49.94 12.55 -14.76
N ASP B 72 49.45 11.73 -15.69
CA ASP B 72 48.32 10.83 -15.42
C ASP B 72 48.65 9.47 -16.04
N GLN B 73 49.19 8.56 -15.23
CA GLN B 73 49.50 7.21 -15.69
C GLN B 73 49.69 6.31 -14.48
N GLU B 74 48.89 5.24 -14.40
CA GLU B 74 49.07 4.24 -13.35
C GLU B 74 50.42 3.55 -13.47
N ALA B 75 51.00 3.51 -14.67
CA ALA B 75 52.31 2.89 -14.85
C ALA B 75 53.37 3.60 -14.02
N VAL B 76 53.17 4.87 -13.70
CA VAL B 76 54.11 5.57 -12.82
C VAL B 76 54.07 4.95 -11.42
N ALA B 77 52.86 4.69 -10.91
CA ALA B 77 52.75 4.04 -9.61
C ALA B 77 53.34 2.64 -9.65
N GLN B 78 53.09 1.89 -10.73
CA GLN B 78 53.67 0.56 -10.83
C GLN B 78 55.19 0.60 -10.85
N MET B 79 55.76 1.55 -11.61
CA MET B 79 57.20 1.70 -11.66
C MET B 79 57.76 2.06 -10.29
N LEU B 80 57.08 2.95 -9.57
CA LEU B 80 57.53 3.31 -8.23
C LEU B 80 57.55 2.11 -7.30
N ASP B 81 56.48 1.30 -7.35
CA ASP B 81 56.43 0.11 -6.49
C ASP B 81 57.54 -0.86 -6.85
N PHE B 82 57.77 -1.08 -8.15
CA PHE B 82 58.81 -2.02 -8.58
C PHE B 82 60.18 -1.53 -8.16
N ILE B 83 60.43 -0.22 -8.25
CA ILE B 83 61.70 0.33 -7.80
C ILE B 83 61.86 0.12 -6.30
N SER B 84 60.80 0.37 -5.53
CA SER B 84 60.87 0.20 -4.08
C SER B 84 61.09 -1.25 -3.69
N SER B 85 60.65 -2.19 -4.53
CA SER B 85 60.77 -3.61 -4.17
C SER B 85 62.22 -4.06 -4.13
N HIS B 86 63.05 -3.58 -5.07
CA HIS B 86 64.43 -4.05 -5.21
C HIS B 86 65.45 -3.02 -4.73
N THR B 87 65.05 -2.09 -3.87
CA THR B 87 65.97 -1.09 -3.34
C THR B 87 65.90 -0.92 -1.83
N PHE B 88 64.81 -1.34 -1.18
CA PHE B 88 64.64 -1.21 0.27
C PHE B 88 64.74 0.25 0.73
N VAL B 89 64.06 1.12 0.00
CA VAL B 89 63.94 2.53 0.40
C VAL B 89 62.46 2.88 0.45
N PRO B 90 61.98 3.44 1.55
CA PRO B 90 60.54 3.73 1.66
C PRO B 90 60.14 4.88 0.75
N ILE B 91 59.10 4.67 -0.04
CA ILE B 91 58.59 5.67 -0.98
C ILE B 91 57.11 5.84 -0.73
N LEU B 92 56.63 7.07 -0.79
CA LEU B 92 55.20 7.36 -0.64
C LEU B 92 54.82 8.53 -1.54
N GLY B 93 53.86 8.28 -2.43
CA GLY B 93 53.40 9.32 -3.33
C GLY B 93 52.40 10.24 -2.68
N ILE B 94 52.29 11.46 -3.22
CA ILE B 94 51.42 12.47 -2.62
C ILE B 94 50.49 13.15 -3.60
N HIS B 95 50.74 13.15 -4.90
CA HIS B 95 49.94 13.98 -5.79
C HIS B 95 50.00 13.47 -7.22
N GLY B 96 48.83 13.29 -7.82
CA GLY B 96 48.70 13.13 -9.26
C GLY B 96 49.04 11.76 -9.80
N GLY B 97 50.32 11.47 -9.94
CA GLY B 97 50.75 10.21 -10.50
C GLY B 97 50.67 9.09 -9.48
N ALA B 98 51.46 9.20 -8.41
CA ALA B 98 51.45 8.20 -7.35
C ALA B 98 50.37 8.49 -6.32
N SER B 99 49.13 8.65 -6.80
CA SER B 99 47.99 8.88 -5.93
C SER B 99 46.78 8.04 -6.30
N MET B 100 46.86 7.25 -7.37
CA MET B 100 45.79 6.31 -7.73
C MET B 100 46.11 4.97 -7.09
N ILE B 101 45.25 4.55 -6.15
CA ILE B 101 45.54 3.36 -5.35
C ILE B 101 45.44 2.12 -6.24
N MET B 102 46.45 1.26 -6.17
CA MET B 102 46.45 -0.02 -6.86
C MET B 102 45.86 -1.10 -5.97
N ALA B 103 45.48 -2.21 -6.60
CA ALA B 103 44.76 -3.28 -5.92
C ALA B 103 45.58 -3.92 -4.82
N ASP B 104 46.69 -4.57 -5.17
CA ASP B 104 47.49 -5.30 -4.20
C ASP B 104 48.97 -5.18 -4.55
N LYS B 105 49.79 -4.95 -3.53
CA LYS B 105 51.22 -4.82 -3.71
C LYS B 105 51.90 -6.18 -3.52
N ASP B 106 53.22 -6.18 -3.64
CA ASP B 106 54.02 -7.38 -3.40
C ASP B 106 54.15 -7.61 -1.89
N PRO B 107 54.42 -8.85 -1.48
CA PRO B 107 54.49 -9.14 -0.03
C PRO B 107 55.62 -8.41 0.69
N THR B 108 56.64 -7.95 -0.02
CA THR B 108 57.78 -7.28 0.60
C THR B 108 58.02 -5.92 -0.04
N SER B 109 56.96 -5.15 -0.24
CA SER B 109 57.04 -3.83 -0.86
C SER B 109 56.55 -2.78 0.13
N THR B 110 57.31 -1.69 0.27
CA THR B 110 56.98 -0.58 1.15
C THR B 110 56.70 0.64 0.27
N PHE B 111 55.43 0.85 -0.05
CA PHE B 111 55.04 1.96 -0.94
C PHE B 111 53.61 2.33 -0.57
N PHE B 112 53.45 3.45 0.13
CA PHE B 112 52.18 3.84 0.73
C PHE B 112 51.62 5.06 0.01
N GLN B 113 50.35 5.00 -0.36
CA GLN B 113 49.71 6.06 -1.11
C GLN B 113 48.90 6.96 -0.17
N PHE B 114 48.23 7.95 -0.75
CA PHE B 114 47.46 8.92 0.01
C PHE B 114 46.00 8.99 -0.41
N GLY B 115 45.56 8.19 -1.39
CA GLY B 115 44.20 8.27 -1.87
C GLY B 115 43.20 7.53 -1.01
N ALA B 116 42.19 6.92 -1.64
CA ALA B 116 41.18 6.17 -0.92
C ALA B 116 40.79 4.94 -1.74
N SER B 117 40.73 3.79 -1.09
CA SER B 117 40.39 2.55 -1.77
C SER B 117 38.91 2.55 -2.17
N ILE B 118 38.54 1.58 -3.00
CA ILE B 118 37.16 1.51 -3.51
C ILE B 118 36.17 1.29 -2.38
N GLN B 119 36.60 0.63 -1.30
CA GLN B 119 35.69 0.36 -0.19
C GLN B 119 35.24 1.65 0.48
N GLN B 120 36.15 2.60 0.66
CA GLN B 120 35.80 3.86 1.29
C GLN B 120 34.81 4.65 0.43
N GLN B 121 35.01 4.66 -0.89
CA GLN B 121 34.07 5.35 -1.77
C GLN B 121 32.70 4.69 -1.71
N ALA B 122 32.66 3.35 -1.72
CA ALA B 122 31.37 2.65 -1.64
C ALA B 122 30.66 2.96 -0.33
N THR B 123 31.39 2.96 0.79
CA THR B 123 30.73 3.22 2.06
C THR B 123 30.31 4.68 2.19
N VAL B 124 31.05 5.60 1.58
CA VAL B 124 30.60 7.00 1.56
C VAL B 124 29.31 7.13 0.77
N MET B 125 29.24 6.46 -0.38
CA MET B 125 28.00 6.49 -1.17
C MET B 125 26.83 5.93 -0.38
N LEU B 126 27.03 4.80 0.30
CA LEU B 126 25.95 4.22 1.08
C LEU B 126 25.53 5.14 2.23
N LYS B 127 26.50 5.79 2.86
CA LYS B 127 26.16 6.73 3.93
C LYS B 127 25.33 7.89 3.40
N ILE B 128 25.70 8.44 2.24
CA ILE B 128 24.93 9.53 1.64
C ILE B 128 23.52 9.06 1.32
N MET B 129 23.40 7.88 0.71
CA MET B 129 22.09 7.37 0.32
C MET B 129 21.20 7.16 1.54
N GLN B 130 21.77 6.62 2.63
CA GLN B 130 21.00 6.47 3.85
C GLN B 130 20.60 7.83 4.41
N ASP B 131 21.50 8.82 4.34
CA ASP B 131 21.21 10.13 4.89
C ASP B 131 20.06 10.81 4.16
N TYR B 132 20.00 10.66 2.84
CA TYR B 132 18.96 11.32 2.05
C TYR B 132 17.71 10.46 1.86
N ASP B 133 17.63 9.30 2.52
CA ASP B 133 16.44 8.46 2.52
C ASP B 133 16.05 8.04 1.09
N TRP B 134 16.95 7.26 0.49
CA TRP B 134 16.80 6.75 -0.88
C TRP B 134 16.90 5.24 -0.89
N HIS B 135 16.10 4.57 -0.04
CA HIS B 135 16.30 3.16 0.21
C HIS B 135 15.72 2.27 -0.89
N VAL B 136 16.06 2.56 -2.14
CA VAL B 136 15.76 1.68 -3.27
C VAL B 136 16.63 2.10 -4.44
N PHE B 137 17.30 1.15 -5.08
CA PHE B 137 18.19 1.48 -6.19
C PHE B 137 18.55 0.22 -6.95
N SER B 138 19.24 0.41 -8.07
CA SER B 138 19.65 -0.69 -8.94
C SER B 138 20.93 -0.27 -9.65
N LEU B 139 22.05 -0.88 -9.28
CA LEU B 139 23.34 -0.52 -9.85
C LEU B 139 23.57 -1.23 -11.17
N VAL B 140 24.13 -0.50 -12.13
CA VAL B 140 24.52 -1.05 -13.43
C VAL B 140 26.01 -0.78 -13.62
N THR B 141 26.75 -1.80 -14.05
CA THR B 141 28.18 -1.70 -14.22
C THR B 141 28.60 -2.33 -15.53
N THR B 142 29.25 -1.55 -16.39
CA THR B 142 29.90 -2.12 -17.55
C THR B 142 31.15 -2.90 -17.12
N ILE B 143 31.56 -3.83 -17.98
CA ILE B 143 32.74 -4.64 -17.66
C ILE B 143 33.98 -3.75 -17.68
N PHE B 144 34.76 -3.81 -16.61
CA PHE B 144 35.95 -2.99 -16.46
C PHE B 144 36.80 -3.60 -15.36
N PRO B 145 38.12 -3.42 -15.41
CA PRO B 145 38.96 -3.98 -14.35
C PRO B 145 38.52 -3.55 -12.96
N GLY B 146 38.46 -4.52 -12.05
CA GLY B 146 38.07 -4.26 -10.67
C GLY B 146 36.58 -4.22 -10.42
N TYR B 147 35.74 -4.43 -11.44
CA TYR B 147 34.30 -4.36 -11.23
C TYR B 147 33.77 -5.54 -10.45
N ARG B 148 34.55 -6.60 -10.28
CA ARG B 148 34.12 -7.73 -9.47
C ARG B 148 34.11 -7.38 -8.00
N GLU B 149 35.10 -6.60 -7.55
CA GLU B 149 35.17 -6.23 -6.13
C GLU B 149 34.02 -5.34 -5.73
N PHE B 150 33.63 -4.41 -6.60
CA PHE B 150 32.59 -3.44 -6.25
C PHE B 150 31.25 -4.13 -6.02
N ILE B 151 30.85 -5.00 -6.96
CA ILE B 151 29.55 -5.67 -6.84
C ILE B 151 29.52 -6.56 -5.61
N SER B 152 30.60 -7.32 -5.38
CA SER B 152 30.64 -8.21 -4.23
C SER B 152 30.59 -7.42 -2.93
N PHE B 153 31.33 -6.31 -2.86
CA PHE B 153 31.32 -5.51 -1.64
C PHE B 153 29.96 -4.91 -1.38
N VAL B 154 29.30 -4.39 -2.43
CA VAL B 154 27.97 -3.82 -2.25
C VAL B 154 26.99 -4.89 -1.78
N LYS B 155 27.06 -6.08 -2.38
CA LYS B 155 26.17 -7.15 -1.99
C LYS B 155 26.40 -7.56 -0.54
N THR B 156 27.67 -7.67 -0.12
CA THR B 156 27.97 -8.13 1.22
C THR B 156 27.75 -7.06 2.28
N THR B 157 27.71 -5.78 1.89
CA THR B 157 27.42 -4.72 2.84
C THR B 157 25.97 -4.26 2.81
N VAL B 158 25.18 -4.77 1.86
CA VAL B 158 23.74 -4.48 1.87
C VAL B 158 22.94 -5.55 2.58
N ASP B 159 23.52 -6.74 2.81
CA ASP B 159 22.86 -7.81 3.53
C ASP B 159 23.21 -7.81 5.02
N ASN B 160 24.06 -6.90 5.47
CA ASN B 160 24.42 -6.79 6.87
C ASN B 160 23.92 -5.52 7.53
N SER B 161 23.45 -4.54 6.74
CA SER B 161 23.00 -3.28 7.29
C SER B 161 21.71 -3.47 8.10
N PHE B 162 21.47 -2.51 8.99
CA PHE B 162 20.31 -2.55 9.88
C PHE B 162 19.18 -1.65 9.41
N VAL B 163 19.24 -1.16 8.16
CA VAL B 163 18.27 -0.20 7.66
C VAL B 163 17.28 -0.89 6.73
N GLY B 164 17.72 -1.95 6.07
CA GLY B 164 16.84 -2.70 5.19
C GLY B 164 16.65 -2.10 3.82
N TRP B 165 17.74 -2.02 3.03
CA TRP B 165 17.66 -1.53 1.66
C TRP B 165 16.86 -2.49 0.80
N ASP B 166 16.69 -2.13 -0.48
CA ASP B 166 15.92 -2.91 -1.44
C ASP B 166 16.76 -3.11 -2.69
N MET B 167 17.43 -4.26 -2.78
CA MET B 167 18.24 -4.59 -3.95
C MET B 167 17.34 -4.86 -5.15
N GLN B 168 17.44 -4.03 -6.17
CA GLN B 168 16.79 -4.30 -7.44
C GLN B 168 17.78 -5.03 -8.35
N ASN B 169 17.42 -5.14 -9.63
CA ASN B 169 18.24 -5.90 -10.56
C ASN B 169 19.61 -5.27 -10.77
N VAL B 170 20.63 -6.11 -10.86
CA VAL B 170 22.00 -5.68 -11.17
C VAL B 170 22.27 -6.01 -12.62
N ILE B 171 22.70 -5.02 -13.38
CA ILE B 171 22.84 -5.13 -14.84
C ILE B 171 24.30 -4.96 -15.22
N THR B 172 24.75 -5.76 -16.18
CA THR B 172 26.07 -5.63 -16.77
C THR B 172 25.92 -5.45 -18.28
N LEU B 173 26.75 -4.58 -18.85
CA LEU B 173 26.71 -4.26 -20.27
C LEU B 173 28.04 -4.69 -20.89
N ASP B 174 28.06 -5.94 -21.39
CA ASP B 174 29.29 -6.48 -21.94
C ASP B 174 29.75 -5.70 -23.17
N THR B 175 28.83 -5.39 -24.07
CA THR B 175 29.12 -4.62 -25.28
C THR B 175 28.37 -3.31 -25.21
N SER B 176 29.10 -2.21 -25.14
CA SER B 176 28.48 -0.90 -25.02
C SER B 176 27.84 -0.47 -26.34
N PHE B 177 26.62 0.02 -26.26
CA PHE B 177 25.88 0.52 -27.43
C PHE B 177 25.75 -0.54 -28.52
N GLU B 178 25.53 -1.79 -28.11
CA GLU B 178 25.27 -2.85 -29.07
C GLU B 178 23.81 -2.88 -29.53
N ASP B 179 22.94 -2.12 -28.86
CA ASP B 179 21.51 -2.03 -29.14
C ASP B 179 20.87 -3.38 -29.45
N ALA B 180 21.38 -4.43 -28.80
CA ALA B 180 20.79 -5.77 -28.91
C ALA B 180 20.63 -6.35 -27.52
N LYS B 181 21.48 -5.93 -26.60
CA LYS B 181 21.38 -6.30 -25.20
C LYS B 181 21.45 -5.12 -24.24
N THR B 182 21.96 -3.96 -24.67
CA THR B 182 21.95 -2.79 -23.80
C THR B 182 20.54 -2.21 -23.68
N GLN B 183 19.82 -2.11 -24.80
CA GLN B 183 18.51 -1.50 -24.78
C GLN B 183 17.51 -2.32 -23.99
N VAL B 184 17.45 -3.63 -24.26
CA VAL B 184 16.46 -4.48 -23.59
C VAL B 184 16.73 -4.55 -22.09
N GLN B 185 18.00 -4.70 -21.70
CA GLN B 185 18.34 -4.80 -20.29
C GLN B 185 18.13 -3.47 -19.58
N LEU B 186 18.49 -2.37 -20.23
CA LEU B 186 18.40 -1.05 -19.61
C LEU B 186 16.97 -0.53 -19.53
N LYS B 187 16.08 -0.98 -20.42
CA LYS B 187 14.73 -0.43 -20.46
C LYS B 187 13.91 -0.75 -19.21
N LYS B 188 14.30 -1.75 -18.43
CA LYS B 188 13.55 -2.14 -17.24
C LYS B 188 14.31 -1.63 -16.01
N ILE B 189 14.03 -0.40 -15.61
CA ILE B 189 14.62 0.22 -14.43
C ILE B 189 13.49 0.87 -13.64
N HIS B 190 13.01 0.18 -12.62
CA HIS B 190 12.03 0.74 -11.70
C HIS B 190 12.70 1.21 -10.41
N SER B 191 13.58 2.20 -10.56
CA SER B 191 14.33 2.74 -9.44
C SER B 191 14.58 4.22 -9.69
N SER B 192 15.28 4.86 -8.75
CA SER B 192 15.60 6.28 -8.90
C SER B 192 16.99 6.66 -8.43
N VAL B 193 17.81 5.72 -7.98
CA VAL B 193 19.12 6.03 -7.42
C VAL B 193 20.22 5.28 -8.17
N ILE B 194 20.06 5.15 -9.50
CA ILE B 194 21.00 4.44 -10.37
C ILE B 194 22.44 4.79 -10.01
N LEU B 195 23.31 3.78 -9.96
CA LEU B 195 24.63 3.87 -9.36
C LEU B 195 25.69 3.33 -10.32
N LEU B 196 25.71 3.87 -11.55
CA LEU B 196 26.55 3.34 -12.61
C LEU B 196 28.03 3.33 -12.22
N TYR B 197 28.81 2.55 -12.97
CA TYR B 197 30.24 2.42 -12.72
C TYR B 197 30.93 2.12 -14.06
N CYS B 198 31.45 3.16 -14.69
CA CYS B 198 32.19 3.06 -15.94
C CYS B 198 33.48 3.87 -15.80
N SER B 199 34.35 3.82 -16.80
CA SER B 199 35.59 4.56 -16.65
C SER B 199 35.45 6.02 -17.03
N LYS B 200 35.40 6.33 -18.33
CA LYS B 200 34.89 7.62 -18.79
C LYS B 200 34.06 7.45 -20.06
N ASP B 201 34.56 6.58 -20.96
CA ASP B 201 33.94 6.47 -22.28
C ASP B 201 32.63 5.71 -22.21
N GLU B 202 32.58 4.63 -21.43
CA GLU B 202 31.34 3.92 -21.22
C GLU B 202 30.34 4.73 -20.40
N ALA B 203 30.76 5.84 -19.79
CA ALA B 203 29.83 6.70 -19.07
C ALA B 203 29.11 7.65 -20.02
N VAL B 204 29.84 8.27 -20.96
CA VAL B 204 29.21 9.20 -21.89
C VAL B 204 28.21 8.47 -22.78
N LEU B 205 28.60 7.31 -23.30
CA LEU B 205 27.70 6.54 -24.15
C LEU B 205 26.47 6.09 -23.38
N ILE B 206 26.65 5.63 -22.14
CA ILE B 206 25.51 5.20 -21.33
C ILE B 206 24.58 6.36 -21.05
N LEU B 207 25.13 7.53 -20.72
CA LEU B 207 24.29 8.69 -20.47
C LEU B 207 23.52 9.12 -21.72
N SER B 208 24.18 9.10 -22.87
CA SER B 208 23.51 9.45 -24.11
C SER B 208 22.40 8.47 -24.45
N GLU B 209 22.64 7.18 -24.24
CA GLU B 209 21.62 6.17 -24.50
C GLU B 209 20.51 6.18 -23.46
N ALA B 210 20.76 6.71 -22.27
CA ALA B 210 19.73 6.74 -21.23
C ALA B 210 18.88 8.00 -21.27
N ARG B 211 19.44 9.11 -21.75
CA ARG B 211 18.63 10.32 -21.89
C ARG B 211 17.51 10.11 -22.90
N SER B 212 17.80 9.44 -24.01
CA SER B 212 16.80 9.17 -25.02
C SER B 212 15.75 8.17 -24.55
N LEU B 213 16.01 7.43 -23.49
CA LEU B 213 15.06 6.46 -22.95
C LEU B 213 14.19 7.05 -21.83
N GLY B 214 14.35 8.33 -21.53
CA GLY B 214 13.56 8.95 -20.48
C GLY B 214 14.05 8.69 -19.08
N LEU B 215 15.19 8.01 -18.92
CA LEU B 215 15.72 7.72 -17.58
C LEU B 215 16.27 8.96 -16.89
N THR B 216 16.44 10.08 -17.59
CA THR B 216 16.97 11.31 -17.01
C THR B 216 15.82 12.32 -16.92
N GLY B 217 15.16 12.34 -15.77
CA GLY B 217 14.06 13.25 -15.56
C GLY B 217 14.26 14.17 -14.37
N TYR B 218 13.17 14.68 -13.81
CA TYR B 218 13.27 15.59 -12.67
C TYR B 218 13.47 14.84 -11.35
N ASP B 219 13.17 13.54 -11.32
CA ASP B 219 13.42 12.71 -10.14
C ASP B 219 14.19 11.47 -10.59
N PHE B 220 15.51 11.61 -10.74
CA PHE B 220 16.38 10.51 -11.07
C PHE B 220 17.79 10.89 -10.62
N PHE B 221 18.22 10.36 -9.48
CA PHE B 221 19.50 10.74 -8.90
C PHE B 221 20.57 9.76 -9.33
N TRP B 222 21.59 10.25 -10.01
CA TRP B 222 22.75 9.46 -10.41
C TRP B 222 23.87 9.62 -9.39
N ILE B 223 24.49 8.51 -9.03
CA ILE B 223 25.67 8.52 -8.17
C ILE B 223 26.80 7.83 -8.92
N VAL B 224 28.00 8.40 -8.86
CA VAL B 224 29.07 8.00 -9.75
C VAL B 224 30.39 7.91 -8.99
N PRO B 225 31.21 6.88 -9.22
CA PRO B 225 32.49 6.76 -8.49
C PRO B 225 33.49 7.85 -8.83
N SER B 226 34.64 7.82 -8.15
CA SER B 226 35.61 8.91 -8.27
C SER B 226 36.37 8.90 -9.60
N LEU B 227 36.49 7.74 -10.25
CA LEU B 227 37.31 7.65 -11.44
C LEU B 227 36.62 8.13 -12.71
N VAL B 228 35.33 8.46 -12.65
CA VAL B 228 34.66 9.04 -13.80
C VAL B 228 34.98 10.53 -13.91
N SER B 229 34.84 11.25 -12.80
CA SER B 229 35.23 12.67 -12.75
C SER B 229 36.75 12.73 -12.69
N GLY B 230 37.37 12.61 -13.86
CA GLY B 230 38.81 12.50 -13.99
C GLY B 230 39.60 13.62 -13.34
N ASN B 231 39.43 14.84 -13.86
CA ASN B 231 40.14 16.00 -13.32
C ASN B 231 39.22 17.18 -13.06
N THR B 232 37.89 16.98 -13.18
CA THR B 232 36.90 18.03 -12.93
C THR B 232 37.16 19.28 -13.78
N GLU B 233 37.77 19.09 -14.95
CA GLU B 233 38.02 20.21 -15.85
C GLU B 233 37.78 19.85 -17.32
N LEU B 234 37.26 18.65 -17.60
CA LEU B 234 36.98 18.21 -18.96
C LEU B 234 35.59 17.59 -19.03
N ILE B 235 34.62 18.27 -18.44
CA ILE B 235 33.24 17.77 -18.38
C ILE B 235 32.60 17.82 -19.76
N PRO B 236 32.08 16.70 -20.26
CA PRO B 236 31.40 16.71 -21.56
C PRO B 236 30.02 17.37 -21.48
N LYS B 237 29.30 17.36 -22.60
CA LYS B 237 27.98 17.96 -22.65
C LYS B 237 26.86 17.00 -22.28
N GLU B 238 27.17 15.71 -22.08
CA GLU B 238 26.15 14.72 -21.79
C GLU B 238 25.94 14.49 -20.29
N PHE B 239 26.71 15.14 -19.44
CA PHE B 239 26.55 14.96 -18.00
C PHE B 239 25.37 15.79 -17.51
N PRO B 240 24.31 15.18 -17.00
CA PRO B 240 23.18 15.96 -16.51
C PRO B 240 23.53 16.72 -15.25
N SER B 241 22.86 17.85 -15.06
CA SER B 241 23.04 18.63 -13.85
C SER B 241 22.52 17.87 -12.64
N GLY B 242 23.15 18.10 -11.50
CA GLY B 242 22.79 17.37 -10.30
C GLY B 242 23.21 15.92 -10.34
N LEU B 243 24.52 15.68 -10.38
CA LEU B 243 25.09 14.33 -10.42
C LEU B 243 26.10 14.22 -9.29
N ILE B 244 25.75 13.45 -8.25
CA ILE B 244 26.62 13.31 -7.10
C ILE B 244 27.74 12.33 -7.42
N SER B 245 28.97 12.70 -7.09
CA SER B 245 30.12 11.84 -7.35
C SER B 245 31.20 12.14 -6.34
N VAL B 246 31.41 11.24 -5.38
CA VAL B 246 32.44 11.44 -4.36
C VAL B 246 33.81 11.37 -5.01
N SER B 247 34.71 12.26 -4.58
CA SER B 247 36.04 12.33 -5.15
C SER B 247 37.01 12.89 -4.12
N TYR B 248 38.30 12.67 -4.36
CA TYR B 248 39.32 13.18 -3.46
C TYR B 248 39.42 14.70 -3.58
N ASP B 249 40.02 15.31 -2.56
CA ASP B 249 40.08 16.76 -2.46
C ASP B 249 41.30 17.31 -3.18
N ASP B 250 41.09 18.42 -3.90
CA ASP B 250 42.18 19.17 -4.50
C ASP B 250 42.07 20.68 -4.31
N TRP B 251 40.89 21.20 -3.93
CA TRP B 251 40.76 22.63 -3.69
C TRP B 251 41.44 23.03 -2.39
N ASP B 252 41.25 22.25 -1.33
CA ASP B 252 41.95 22.43 -0.08
C ASP B 252 43.08 21.42 0.02
N TYR B 253 43.76 21.40 1.16
CA TYR B 253 44.90 20.50 1.40
C TYR B 253 45.96 20.70 0.33
N SER B 254 46.55 21.89 0.33
CA SER B 254 47.52 22.24 -0.69
C SER B 254 48.77 21.35 -0.60
N LEU B 255 49.42 21.16 -1.74
CA LEU B 255 50.58 20.27 -1.81
C LEU B 255 51.69 20.74 -0.89
N GLU B 256 51.77 22.05 -0.62
CA GLU B 256 52.76 22.55 0.32
C GLU B 256 52.58 21.93 1.69
N ALA B 257 51.33 21.69 2.09
CA ALA B 257 51.06 21.01 3.34
C ALA B 257 51.30 19.50 3.22
N ARG B 258 51.04 18.92 2.05
CA ARG B 258 51.22 17.48 1.88
C ARG B 258 52.69 17.08 1.98
N VAL B 259 53.58 17.88 1.39
CA VAL B 259 55.01 17.60 1.50
C VAL B 259 55.45 17.63 2.95
N ARG B 260 55.00 18.64 3.70
CA ARG B 260 55.32 18.73 5.12
C ARG B 260 54.79 17.53 5.87
N ASP B 261 53.56 17.10 5.55
CA ASP B 261 52.98 15.95 6.23
C ASP B 261 53.78 14.67 5.97
N GLY B 262 54.20 14.47 4.72
CA GLY B 262 55.00 13.30 4.41
C GLY B 262 56.35 13.30 5.11
N ILE B 263 57.03 14.45 5.07
CA ILE B 263 58.31 14.55 5.77
C ILE B 263 58.13 14.32 7.26
N GLY B 264 57.03 14.85 7.82
CA GLY B 264 56.78 14.67 9.24
C GLY B 264 56.51 13.23 9.61
N ILE B 265 55.72 12.51 8.81
CA ILE B 265 55.44 11.11 9.13
C ILE B 265 56.72 10.28 9.02
N LEU B 266 57.55 10.54 8.00
CA LEU B 266 58.81 9.81 7.90
C LEU B 266 59.72 10.10 9.09
N THR B 267 59.82 11.38 9.47
CA THR B 267 60.68 11.75 10.59
C THR B 267 60.18 11.16 11.89
N THR B 268 58.86 11.14 12.09
CA THR B 268 58.31 10.57 13.32
C THR B 268 58.58 9.07 13.39
N ALA B 269 58.40 8.36 12.27
CA ALA B 269 58.71 6.93 12.27
C ALA B 269 60.18 6.68 12.57
N ALA B 270 61.07 7.45 11.93
CA ALA B 270 62.50 7.28 12.17
C ALA B 270 62.87 7.58 13.62
N SER B 271 62.31 8.64 14.19
CA SER B 271 62.62 9.00 15.56
C SER B 271 62.10 7.96 16.54
N SER B 272 60.91 7.40 16.27
CA SER B 272 60.40 6.34 17.13
C SER B 272 61.29 5.10 17.07
N MET B 273 61.72 4.72 15.86
CA MET B 273 62.60 3.56 15.74
C MET B 273 63.93 3.80 16.46
N LEU B 274 64.48 5.01 16.32
CA LEU B 274 65.73 5.34 17.00
C LEU B 274 65.57 5.32 18.51
N GLU B 275 64.47 5.88 19.02
CA GLU B 275 64.25 5.85 20.46
C GLU B 275 64.01 4.43 20.95
N LYS B 276 63.53 3.54 20.09
CA LYS B 276 63.26 2.17 20.52
C LYS B 276 64.53 1.33 20.54
N PHE B 277 65.11 1.08 19.36
CA PHE B 277 66.18 0.08 19.24
C PHE B 277 67.25 0.57 18.27
N SER B 278 67.64 1.84 18.40
CA SER B 278 68.35 2.57 17.35
C SER B 278 69.47 1.76 16.70
N TYR B 279 69.27 1.37 15.45
CA TYR B 279 70.14 0.51 14.65
C TYR B 279 70.16 0.98 13.19
N ILE B 280 70.06 2.28 12.96
CA ILE B 280 69.73 2.87 11.66
C ILE B 280 70.57 2.27 10.54
N PRO B 281 69.96 1.50 9.63
CA PRO B 281 70.72 0.96 8.51
C PRO B 281 71.10 2.04 7.52
N GLU B 282 72.18 1.78 6.78
CA GLU B 282 72.69 2.71 5.80
C GLU B 282 72.03 2.46 4.44
N ALA B 283 72.56 3.08 3.39
CA ALA B 283 72.01 2.94 2.06
C ALA B 283 72.28 1.54 1.50
N LYS B 284 71.54 1.19 0.46
CA LYS B 284 71.66 -0.12 -0.17
C LYS B 284 72.60 -0.05 -1.37
N ALA B 285 73.82 0.41 -1.11
CA ALA B 285 74.88 0.49 -2.11
C ALA B 285 74.43 1.19 -3.38
N SER B 286 74.18 0.42 -4.43
CA SER B 286 73.72 0.96 -5.71
C SER B 286 72.67 0.03 -6.30
N CYS B 287 71.79 0.61 -7.14
CA CYS B 287 70.73 -0.18 -7.74
C CYS B 287 71.29 -1.25 -8.68
N TYR B 288 72.28 -0.91 -9.48
CA TYR B 288 72.94 -1.88 -10.34
C TYR B 288 74.23 -2.35 -9.70
N GLY B 289 74.52 -3.64 -9.85
CA GLY B 289 75.74 -4.22 -9.33
C GLY B 289 76.06 -5.55 -9.99
N GLN B 290 76.56 -6.51 -9.21
CA GLN B 290 76.84 -7.85 -9.72
C GLN B 290 75.94 -8.89 -9.08
N MET B 291 75.93 -8.97 -7.75
CA MET B 291 75.09 -9.92 -7.03
C MET B 291 75.03 -9.51 -5.57
N GLU B 292 73.84 -9.60 -4.99
CA GLU B 292 73.65 -9.26 -3.58
C GLU B 292 72.42 -9.99 -3.08
N ARG B 293 72.61 -10.88 -2.12
CA ARG B 293 71.49 -11.63 -1.56
C ARG B 293 70.63 -10.72 -0.71
N PRO B 294 69.33 -10.57 -1.02
CA PRO B 294 68.47 -9.68 -0.24
C PRO B 294 68.00 -10.36 1.04
N GLU B 295 68.44 -9.84 2.19
CA GLU B 295 68.03 -10.36 3.48
C GLU B 295 68.07 -9.20 4.48
N VAL B 296 66.91 -8.60 4.71
CA VAL B 296 66.82 -7.50 5.68
C VAL B 296 67.08 -8.03 7.08
N PRO B 297 67.82 -7.32 7.92
CA PRO B 297 68.06 -7.83 9.28
C PRO B 297 66.79 -7.95 10.11
N MET B 298 65.98 -6.90 10.17
CA MET B 298 64.67 -6.95 10.79
C MET B 298 63.71 -6.09 9.98
N HIS B 299 62.44 -6.08 10.39
CA HIS B 299 61.45 -5.22 9.76
C HIS B 299 61.75 -3.78 10.13
N THR B 300 62.40 -3.05 9.21
CA THR B 300 62.91 -1.72 9.50
C THR B 300 61.79 -0.74 9.87
N LEU B 301 60.87 -0.49 8.94
CA LEU B 301 59.75 0.41 9.22
C LEU B 301 58.46 -0.02 8.56
N HIS B 302 58.39 -1.22 7.99
CA HIS B 302 57.12 -1.73 7.47
C HIS B 302 56.05 -1.81 8.54
N PRO B 303 56.29 -2.35 9.73
CA PRO B 303 55.27 -2.31 10.79
C PRO B 303 55.41 -1.16 11.78
N PHE B 304 56.30 -0.20 11.52
CA PHE B 304 56.58 0.84 12.50
C PHE B 304 55.80 2.13 12.27
N MET B 305 55.30 2.38 11.07
CA MET B 305 54.54 3.60 10.79
C MET B 305 53.05 3.42 11.01
N VAL B 306 52.61 2.27 11.49
CA VAL B 306 51.21 2.07 11.86
C VAL B 306 50.96 2.76 13.20
N ASN B 307 49.84 3.47 13.29
CA ASN B 307 49.42 4.18 14.52
C ASN B 307 50.49 5.20 14.95
N VAL B 308 50.69 6.20 14.09
CA VAL B 308 51.58 7.31 14.36
C VAL B 308 50.79 8.60 14.31
N THR B 309 50.82 9.36 15.40
CA THR B 309 50.08 10.62 15.52
C THR B 309 51.06 11.79 15.50
N TRP B 310 50.69 12.85 14.80
CA TRP B 310 51.57 14.01 14.66
C TRP B 310 50.71 15.26 14.51
N ASP B 311 50.65 16.06 15.57
CA ASP B 311 50.00 17.38 15.55
C ASP B 311 48.53 17.27 15.15
N GLY B 312 47.76 16.56 15.97
CA GLY B 312 46.32 16.46 15.74
C GLY B 312 45.89 15.49 14.66
N LYS B 313 46.55 15.52 13.51
CA LYS B 313 46.22 14.60 12.43
C LYS B 313 46.51 13.17 12.83
N ASP B 314 45.76 12.23 12.25
CA ASP B 314 45.86 10.83 12.63
C ASP B 314 46.28 9.96 11.45
N LEU B 315 47.29 10.40 10.70
CA LEU B 315 47.79 9.62 9.58
C LEU B 315 48.32 8.28 10.06
N SER B 316 47.63 7.19 9.73
CA SER B 316 48.00 5.88 10.22
C SER B 316 47.54 4.84 9.20
N PHE B 317 48.48 4.34 8.41
CA PHE B 317 48.15 3.36 7.37
C PHE B 317 47.95 1.97 7.97
N THR B 318 47.12 1.18 7.30
CA THR B 318 46.91 -0.21 7.65
C THR B 318 47.80 -1.11 6.82
N GLU B 319 47.78 -2.40 7.15
CA GLU B 319 48.61 -3.38 6.46
C GLU B 319 48.24 -3.53 4.99
N GLU B 320 46.99 -3.21 4.63
CA GLU B 320 46.58 -3.35 3.23
C GLU B 320 47.37 -2.42 2.33
N GLY B 321 47.56 -1.17 2.75
CA GLY B 321 48.33 -0.22 1.96
C GLY B 321 47.63 1.10 1.72
N TYR B 322 46.38 1.21 2.17
CA TYR B 322 45.64 2.45 2.01
C TYR B 322 45.83 3.33 3.24
N GLN B 323 45.04 4.39 3.34
CA GLN B 323 45.00 5.23 4.54
C GLN B 323 43.82 4.80 5.41
N VAL B 324 43.63 5.51 6.52
CA VAL B 324 42.55 5.19 7.45
C VAL B 324 41.67 6.42 7.63
N HIS B 325 42.26 7.60 7.47
CA HIS B 325 41.53 8.87 7.62
C HIS B 325 41.73 9.68 6.34
N PRO B 326 41.01 9.34 5.28
CA PRO B 326 41.17 10.06 4.02
C PRO B 326 40.54 11.45 4.07
N ARG B 327 40.62 12.18 2.97
CA ARG B 327 40.07 13.52 2.86
C ARG B 327 38.98 13.58 1.79
N LEU B 328 38.11 12.58 1.79
CA LEU B 328 37.08 12.49 0.76
C LEU B 328 36.12 13.68 0.84
N VAL B 329 35.65 14.11 -0.32
CA VAL B 329 34.78 15.27 -0.44
C VAL B 329 33.69 14.95 -1.44
N VAL B 330 32.45 15.26 -1.10
CA VAL B 330 31.31 15.04 -2.00
C VAL B 330 31.10 16.29 -2.84
N ILE B 331 30.98 16.12 -4.15
CA ILE B 331 30.79 17.23 -5.07
C ILE B 331 29.61 16.93 -5.98
N VAL B 332 28.95 17.99 -6.47
CA VAL B 332 27.76 17.87 -7.29
C VAL B 332 27.83 18.90 -8.41
N LEU B 333 27.47 18.48 -9.62
CA LEU B 333 27.48 19.35 -10.79
C LEU B 333 26.24 20.22 -10.75
N ASN B 334 26.43 21.52 -10.53
CA ASN B 334 25.32 22.46 -10.36
C ASN B 334 24.90 23.03 -11.71
N LYS B 335 24.07 24.07 -11.69
CA LYS B 335 23.59 24.73 -12.91
C LYS B 335 24.55 25.84 -13.32
N ASP B 336 25.83 25.49 -13.35
CA ASP B 336 26.84 26.35 -13.94
C ASP B 336 27.90 25.59 -14.72
N ARG B 337 27.76 24.27 -14.88
CA ARG B 337 28.81 23.43 -15.45
C ARG B 337 30.13 23.62 -14.71
N GLU B 338 30.04 23.59 -13.38
CA GLU B 338 31.20 23.71 -12.51
C GLU B 338 30.94 22.92 -11.24
N TRP B 339 31.94 22.17 -10.80
CA TRP B 339 31.76 21.30 -9.64
C TRP B 339 31.75 22.12 -8.35
N GLU B 340 30.63 22.09 -7.65
CA GLU B 340 30.51 22.74 -6.35
C GLU B 340 30.96 21.74 -5.27
N LYS B 341 30.69 22.06 -4.01
CA LYS B 341 31.07 21.20 -2.90
C LYS B 341 29.96 21.19 -1.86
N VAL B 342 29.53 19.99 -1.47
CA VAL B 342 28.49 19.82 -0.45
C VAL B 342 28.99 18.77 0.54
N GLY B 343 29.50 19.22 1.68
CA GLY B 343 29.85 18.33 2.76
C GLY B 343 31.22 17.68 2.61
N LYS B 344 32.02 17.74 3.66
CA LYS B 344 33.30 17.05 3.69
C LYS B 344 33.12 15.66 4.29
N TRP B 345 34.22 15.01 4.65
CA TRP B 345 34.20 13.71 5.31
C TRP B 345 35.12 13.80 6.52
N GLU B 346 34.53 13.96 7.70
CA GLU B 346 35.28 14.13 8.94
C GLU B 346 35.77 12.78 9.44
N ASN B 347 36.19 12.73 10.71
CA ASN B 347 36.70 11.50 11.32
C ASN B 347 35.85 10.29 10.94
N HIS B 348 34.58 10.29 11.34
CA HIS B 348 33.63 9.33 10.78
C HIS B 348 32.27 9.92 10.44
N THR B 349 31.87 11.04 11.04
CA THR B 349 30.58 11.63 10.73
C THR B 349 30.58 12.24 9.33
N LEU B 350 29.45 12.14 8.64
CA LEU B 350 29.35 12.67 7.28
C LEU B 350 29.49 14.18 7.26
N SER B 351 28.84 14.87 8.20
CA SER B 351 28.91 16.33 8.33
C SER B 351 28.52 17.02 7.03
N LEU B 352 27.25 16.85 6.66
CA LEU B 352 26.73 17.39 5.41
C LEU B 352 26.63 18.91 5.50
N ARG B 353 26.18 19.53 4.39
CA ARG B 353 26.07 20.97 4.32
C ARG B 353 24.68 21.41 3.90
N HIS B 354 23.99 20.57 3.14
CA HIS B 354 22.64 20.87 2.65
C HIS B 354 21.65 19.93 3.32
N ALA B 355 20.58 20.52 3.89
CA ALA B 355 19.61 19.71 4.62
C ALA B 355 18.82 18.80 3.69
N VAL B 356 18.30 19.35 2.59
CA VAL B 356 17.47 18.61 1.64
C VAL B 356 18.00 18.88 0.23
N TRP B 357 17.95 17.86 -0.61
CA TRP B 357 18.42 17.98 -1.99
C TRP B 357 17.58 19.03 -2.72
N PRO B 358 18.18 20.10 -3.25
CA PRO B 358 17.37 21.18 -3.82
C PRO B 358 16.96 20.99 -5.27
N ARG B 359 16.59 19.77 -5.65
CA ARG B 359 15.89 19.49 -6.90
C ARG B 359 16.48 20.19 -8.12
N TYR B 360 17.71 19.86 -8.50
CA TYR B 360 18.35 20.52 -9.63
C TYR B 360 17.64 20.20 -10.95
N LYS B 361 17.78 21.10 -11.91
CA LYS B 361 17.24 20.89 -13.25
C LYS B 361 17.95 19.71 -13.91
N SER B 362 17.25 19.04 -14.82
CA SER B 362 17.74 17.73 -15.28
C SER B 362 18.82 17.85 -16.35
N PHE B 363 18.48 18.32 -17.55
CA PHE B 363 19.48 18.49 -18.60
C PHE B 363 19.58 19.93 -19.09
N SER B 364 18.57 20.43 -19.81
CA SER B 364 18.42 21.86 -20.06
C SER B 364 16.97 22.33 -20.10
N ASP B 365 16.02 21.46 -20.48
CA ASP B 365 14.61 21.83 -20.55
C ASP B 365 13.81 20.53 -20.50
N CYS B 366 13.25 20.24 -19.33
CA CYS B 366 12.48 19.02 -19.10
C CYS B 366 11.04 19.38 -18.78
N GLU B 367 10.24 18.37 -18.48
CA GLU B 367 8.87 18.60 -18.05
C GLU B 367 8.86 19.23 -16.67
N PRO B 368 8.28 20.42 -16.48
CA PRO B 368 8.31 21.05 -15.17
C PRO B 368 7.61 20.20 -14.13
N ASP B 369 8.15 20.20 -12.91
CA ASP B 369 7.57 19.41 -11.83
C ASP B 369 6.24 19.98 -11.40
N ASP B 370 5.27 19.09 -11.16
CA ASP B 370 3.95 19.48 -10.70
C ASP B 370 3.47 18.70 -9.49
N ASN B 371 4.17 17.64 -9.09
CA ASN B 371 3.79 16.84 -7.94
C ASN B 371 4.69 17.08 -6.74
N HIS B 372 5.40 18.20 -6.71
CA HIS B 372 6.28 18.56 -5.61
C HIS B 372 5.75 19.83 -4.96
N LEU B 373 5.59 19.80 -3.63
CA LEU B 373 5.03 20.94 -2.91
C LEU B 373 5.93 21.36 -1.76
N SER B 374 5.45 22.26 -0.91
CA SER B 374 6.20 22.71 0.25
C SER B 374 5.19 23.01 1.35
N ILE B 375 4.98 22.05 2.23
CA ILE B 375 3.99 22.14 3.29
C ILE B 375 4.63 22.73 4.54
N VAL B 376 3.82 23.37 5.37
CA VAL B 376 4.27 24.01 6.59
C VAL B 376 3.35 23.60 7.73
N THR B 377 3.94 23.29 8.88
CA THR B 377 3.18 22.87 10.06
C THR B 377 3.76 23.57 11.29
N LEU B 378 3.35 23.12 12.47
CA LEU B 378 3.77 23.73 13.73
C LEU B 378 3.60 22.73 14.85
N GLU B 379 4.56 22.70 15.77
CA GLU B 379 4.55 21.73 16.86
C GLU B 379 3.48 22.10 17.89
N GLU B 380 2.26 21.63 17.66
CA GLU B 380 1.10 21.94 18.49
C GLU B 380 0.75 20.73 19.36
N ALA B 381 -0.45 20.80 19.96
CA ALA B 381 -1.07 19.76 20.76
C ALA B 381 -1.18 18.47 19.94
N PRO B 382 -1.54 17.30 20.54
CA PRO B 382 -1.25 16.03 19.85
C PRO B 382 -2.01 15.83 18.55
N PHE B 383 -1.77 16.72 17.59
CA PHE B 383 -2.03 16.48 16.18
C PHE B 383 -0.74 16.20 15.42
N VAL B 384 0.31 16.97 15.70
CA VAL B 384 1.67 16.66 15.29
C VAL B 384 2.59 16.88 16.48
N ILE B 385 3.54 15.98 16.68
CA ILE B 385 4.55 16.10 17.73
C ILE B 385 5.88 15.65 17.15
N VAL B 386 6.94 16.38 17.49
CA VAL B 386 8.27 16.14 16.97
C VAL B 386 9.08 15.32 17.97
N GLU B 387 10.02 14.55 17.45
CA GLU B 387 10.92 13.75 18.28
C GLU B 387 12.17 13.44 17.49
N ASP B 388 13.25 13.15 18.22
CA ASP B 388 14.52 12.84 17.59
C ASP B 388 14.54 11.41 17.06
N ILE B 389 15.49 11.14 16.17
CA ILE B 389 15.59 9.84 15.52
C ILE B 389 16.15 8.82 16.49
N ASP B 390 15.82 7.54 16.25
CA ASP B 390 16.30 6.47 17.10
C ASP B 390 17.76 6.14 16.78
N PRO B 391 18.57 5.87 17.80
CA PRO B 391 19.96 5.46 17.53
C PRO B 391 20.06 4.21 16.68
N LEU B 392 19.17 3.25 16.89
CA LEU B 392 19.11 2.04 16.08
C LEU B 392 18.29 2.31 14.83
N THR B 393 18.73 1.73 13.70
CA THR B 393 18.18 2.06 12.39
C THR B 393 18.18 3.58 12.19
N GLU B 394 19.40 4.13 12.15
CA GLU B 394 19.62 5.55 12.41
C GLU B 394 19.27 6.41 11.19
N THR B 395 18.03 6.28 10.73
CA THR B 395 17.40 7.33 9.94
C THR B 395 16.21 7.92 10.68
N CYS B 396 15.16 7.11 10.92
CA CYS B 396 14.25 7.21 12.06
C CYS B 396 13.17 6.15 11.91
N VAL B 397 12.23 6.10 12.87
CA VAL B 397 11.14 5.14 12.86
C VAL B 397 10.36 5.22 11.55
N ARG B 398 9.72 4.12 11.15
CA ARG B 398 9.07 4.01 9.85
C ARG B 398 7.61 4.41 9.85
N ASN B 399 7.02 4.70 11.02
CA ASN B 399 5.62 5.09 11.08
C ASN B 399 5.40 6.58 10.86
N THR B 400 6.47 7.34 10.66
CA THR B 400 6.42 8.79 10.57
C THR B 400 7.03 9.26 9.26
N VAL B 401 7.16 10.57 9.11
CA VAL B 401 7.73 11.18 7.92
C VAL B 401 8.83 12.15 8.35
N PRO B 402 9.88 12.35 7.54
CA PRO B 402 10.98 13.23 7.96
C PRO B 402 10.54 14.69 7.98
N CYS B 403 10.70 15.33 9.13
CA CYS B 403 10.29 16.72 9.33
C CYS B 403 11.53 17.58 9.55
N ARG B 404 12.00 18.24 8.49
CA ARG B 404 13.05 19.22 8.65
C ARG B 404 12.51 20.45 9.37
N LYS B 405 13.42 21.19 10.00
CA LYS B 405 13.03 22.35 10.80
C LYS B 405 14.16 23.37 10.77
N PHE B 406 13.93 24.49 11.47
CA PHE B 406 14.93 25.53 11.64
C PHE B 406 15.13 25.78 13.12
N VAL B 407 16.40 25.79 13.55
CA VAL B 407 16.76 26.07 14.93
C VAL B 407 17.87 27.11 14.94
N LYS B 408 17.72 28.13 15.77
CA LYS B 408 18.73 29.16 15.89
C LYS B 408 19.99 28.60 16.55
N ILE B 409 21.15 29.06 16.07
CA ILE B 409 22.42 28.59 16.62
C ILE B 409 22.61 29.22 17.99
N ASN B 410 22.51 28.40 19.04
CA ASN B 410 22.64 28.85 20.44
C ASN B 410 21.59 29.94 20.68
N ASN B 411 21.95 31.03 21.35
CA ASN B 411 21.02 32.13 21.60
C ASN B 411 21.49 33.43 20.98
N SER B 412 22.75 33.81 21.20
CA SER B 412 23.25 35.07 20.64
C SER B 412 23.48 34.97 19.14
N THR B 413 24.04 33.85 18.69
CA THR B 413 24.33 33.68 17.27
C THR B 413 23.04 33.61 16.45
N ASN B 414 23.07 34.24 15.27
CA ASN B 414 21.92 34.28 14.39
C ASN B 414 21.94 33.20 13.32
N GLU B 415 22.93 32.31 13.35
CA GLU B 415 23.03 31.23 12.37
C GLU B 415 22.08 30.10 12.77
N GLY B 416 22.19 28.96 12.09
CA GLY B 416 21.36 27.82 12.41
C GLY B 416 21.45 26.70 11.39
N MET B 417 21.43 25.46 11.86
CA MET B 417 21.50 24.28 11.02
C MET B 417 20.12 23.64 10.95
N ASN B 418 19.65 23.37 9.73
CA ASN B 418 18.34 22.78 9.51
C ASN B 418 18.44 21.27 9.73
N VAL B 419 18.40 20.88 11.00
CA VAL B 419 18.52 19.48 11.40
C VAL B 419 17.31 18.69 10.93
N LYS B 420 17.41 17.37 10.94
CA LYS B 420 16.33 16.49 10.54
C LYS B 420 15.82 15.74 11.76
N LYS B 421 14.52 15.85 12.03
CA LYS B 421 13.89 15.15 13.14
C LYS B 421 12.45 14.85 12.75
N CYS B 422 12.17 13.59 12.45
CA CYS B 422 10.85 13.22 11.95
C CYS B 422 9.80 13.37 13.04
N CYS B 423 8.61 13.80 12.62
CA CYS B 423 7.50 14.07 13.53
C CYS B 423 6.28 13.27 13.10
N LYS B 424 5.43 12.95 14.08
CA LYS B 424 4.28 12.09 13.81
C LYS B 424 3.11 12.51 14.68
N GLY B 425 1.96 11.89 14.43
CA GLY B 425 0.79 12.17 15.24
C GLY B 425 -0.53 11.87 14.57
N PHE B 426 -1.53 12.73 14.81
CA PHE B 426 -2.85 12.52 14.22
C PHE B 426 -2.90 13.02 12.78
N CYS B 427 -2.64 14.32 12.59
CA CYS B 427 -2.86 14.93 11.28
C CYS B 427 -1.82 14.46 10.25
N ILE B 428 -0.63 14.06 10.72
CA ILE B 428 0.37 13.52 9.81
C ILE B 428 -0.14 12.27 9.11
N ASP B 429 -0.94 11.46 9.81
CA ASP B 429 -1.53 10.28 9.18
C ASP B 429 -2.46 10.66 8.03
N ILE B 430 -3.28 11.69 8.23
CA ILE B 430 -4.17 12.12 7.14
C ILE B 430 -3.35 12.72 6.01
N LEU B 431 -2.23 13.39 6.33
CA LEU B 431 -1.35 13.88 5.27
C LEU B 431 -0.78 12.74 4.45
N LYS B 432 -0.33 11.68 5.12
CA LYS B 432 0.21 10.52 4.41
C LYS B 432 -0.85 9.87 3.54
N LYS B 433 -2.07 9.72 4.07
CA LYS B 433 -3.14 9.12 3.28
C LYS B 433 -3.50 9.98 2.08
N LEU B 434 -3.51 11.30 2.25
CA LEU B 434 -3.76 12.19 1.13
C LEU B 434 -2.67 12.07 0.08
N SER B 435 -1.42 11.99 0.51
CA SER B 435 -0.31 11.83 -0.43
C SER B 435 -0.44 10.53 -1.20
N ARG B 436 -0.82 9.45 -0.52
CA ARG B 436 -0.99 8.17 -1.20
C ARG B 436 -2.13 8.23 -2.21
N THR B 437 -3.25 8.86 -1.83
CA THR B 437 -4.42 8.86 -2.71
C THR B 437 -4.22 9.76 -3.92
N VAL B 438 -3.69 10.98 -3.72
CA VAL B 438 -3.56 11.94 -4.80
C VAL B 438 -2.23 11.79 -5.55
N LYS B 439 -1.28 11.03 -5.01
CA LYS B 439 -0.02 10.71 -5.67
C LYS B 439 0.79 11.97 -5.99
N PHE B 440 1.22 12.63 -4.92
CA PHE B 440 2.16 13.73 -5.03
C PHE B 440 3.31 13.56 -4.06
N THR B 441 4.16 14.58 -3.93
CA THR B 441 5.31 14.54 -3.03
C THR B 441 5.35 15.82 -2.21
N TYR B 442 5.98 15.74 -1.05
CA TYR B 442 5.97 16.83 -0.09
C TYR B 442 7.32 16.94 0.62
N ASP B 443 7.60 18.13 1.12
CA ASP B 443 8.85 18.45 1.80
C ASP B 443 8.56 19.26 3.06
N LEU B 444 7.65 18.77 3.89
CA LEU B 444 7.10 19.56 4.99
C LEU B 444 8.19 20.01 5.96
N TYR B 445 7.99 21.20 6.53
CA TYR B 445 8.94 21.79 7.46
C TYR B 445 8.20 22.64 8.48
N LEU B 446 8.85 22.85 9.62
CA LEU B 446 8.23 23.59 10.71
C LEU B 446 8.40 25.10 10.51
N VAL B 447 7.66 25.86 11.33
CA VAL B 447 7.67 27.31 11.24
C VAL B 447 8.79 27.86 12.10
N THR B 448 9.14 29.13 11.86
CA THR B 448 10.27 29.78 12.51
C THR B 448 9.85 30.87 13.49
N ASN B 449 9.07 31.84 13.05
CA ASN B 449 8.74 33.01 13.86
C ASN B 449 7.32 32.92 14.39
N GLY B 450 7.18 33.08 15.70
CA GLY B 450 5.86 33.09 16.32
C GLY B 450 5.17 31.74 16.24
N LYS B 451 3.84 31.78 16.35
CA LYS B 451 3.03 30.58 16.21
C LYS B 451 1.62 30.98 15.81
N HIS B 452 1.01 30.14 14.99
CA HIS B 452 -0.35 30.34 14.47
C HIS B 452 -0.40 31.68 13.72
N GLY B 453 -1.55 32.33 13.70
CA GLY B 453 -1.69 33.56 12.96
C GLY B 453 -2.32 34.69 13.76
N LYS B 454 -1.72 35.87 13.70
CA LYS B 454 -2.25 37.04 14.39
C LYS B 454 -1.75 38.27 13.63
N LYS B 455 -2.64 38.86 12.83
CA LYS B 455 -2.26 40.01 12.01
C LYS B 455 -1.87 41.19 12.90
N VAL B 456 -0.76 41.84 12.55
CA VAL B 456 -0.28 43.02 13.27
C VAL B 456 0.38 43.97 12.29
N ASN B 457 -0.19 45.17 12.15
CA ASN B 457 0.31 46.18 11.21
C ASN B 457 0.38 45.62 9.80
N ASN B 458 -0.69 44.92 9.41
CA ASN B 458 -0.79 44.28 8.10
C ASN B 458 0.36 43.29 7.86
N VAL B 459 0.75 42.58 8.92
CA VAL B 459 1.79 41.56 8.86
C VAL B 459 1.32 40.36 9.68
N TRP B 460 1.47 39.17 9.12
CA TRP B 460 1.05 37.94 9.77
C TRP B 460 2.24 37.19 10.31
N ASN B 461 2.10 36.64 11.51
CA ASN B 461 3.20 35.99 12.22
C ASN B 461 3.29 34.52 11.82
N GLY B 462 3.74 34.30 10.58
CA GLY B 462 3.95 32.96 10.10
C GLY B 462 2.66 32.21 9.86
N MET B 463 2.80 30.90 9.62
CA MET B 463 1.68 30.02 9.31
C MET B 463 0.83 30.62 8.19
N ILE B 464 -0.10 31.50 8.57
CA ILE B 464 -0.85 32.25 7.56
C ILE B 464 0.10 33.13 6.76
N GLY B 465 1.11 33.70 7.43
CA GLY B 465 2.08 34.54 6.75
C GLY B 465 2.93 33.82 5.72
N GLU B 466 3.10 32.51 5.87
CA GLU B 466 3.89 31.73 4.94
C GLU B 466 3.04 31.12 3.83
N VAL B 467 1.74 31.43 3.78
CA VAL B 467 0.87 30.94 2.72
C VAL B 467 0.31 32.13 1.95
N VAL B 468 0.20 33.28 2.64
CA VAL B 468 -0.31 34.47 1.97
C VAL B 468 0.69 34.98 0.93
N TYR B 469 1.98 34.87 1.23
CA TYR B 469 3.03 35.42 0.38
C TYR B 469 3.49 34.44 -0.70
N GLN B 470 2.71 33.39 -0.96
CA GLN B 470 3.03 32.40 -1.98
C GLN B 470 4.42 31.78 -1.75
N ARG B 471 4.75 31.55 -0.48
CA ARG B 471 6.04 30.96 -0.13
C ARG B 471 5.94 29.48 0.21
N ALA B 472 4.75 28.96 0.50
CA ALA B 472 4.57 27.56 0.84
C ALA B 472 3.12 27.18 0.59
N VAL B 473 2.89 26.27 -0.35
CA VAL B 473 1.54 25.82 -0.65
C VAL B 473 1.01 24.97 0.49
N MET B 474 -0.24 25.20 0.87
CA MET B 474 -0.95 24.47 1.93
C MET B 474 -0.35 24.74 3.31
N ALA B 475 -1.18 24.68 4.34
CA ALA B 475 -0.76 24.83 5.73
C ALA B 475 -1.41 23.70 6.52
N VAL B 476 -0.74 22.56 6.58
CA VAL B 476 -1.28 21.38 7.23
C VAL B 476 -0.97 21.43 8.71
N GLY B 477 -2.00 21.31 9.54
CA GLY B 477 -1.81 21.34 10.98
C GLY B 477 -3.10 21.71 11.68
N SER B 478 -2.97 22.18 12.91
CA SER B 478 -4.10 22.57 13.74
C SER B 478 -4.39 24.05 13.48
N LEU B 479 -5.27 24.31 12.52
CA LEU B 479 -5.69 25.65 12.18
C LEU B 479 -7.19 25.78 12.34
N THR B 480 -7.63 26.76 13.10
CA THR B 480 -9.04 26.98 13.36
C THR B 480 -9.63 27.91 12.30
N ILE B 481 -10.79 27.53 11.78
CA ILE B 481 -11.47 28.36 10.78
C ILE B 481 -12.04 29.60 11.47
N ASN B 482 -11.70 30.77 10.94
CA ASN B 482 -12.13 32.02 11.53
C ASN B 482 -12.81 32.89 10.47
N GLU B 483 -13.10 34.14 10.83
CA GLU B 483 -13.75 35.06 9.90
C GLU B 483 -12.73 35.84 9.07
N GLU B 484 -11.66 36.34 9.70
CA GLU B 484 -10.67 37.10 8.96
C GLU B 484 -9.74 36.19 8.16
N ARG B 485 -9.43 35.00 8.69
CA ARG B 485 -8.54 34.09 7.99
C ARG B 485 -9.16 33.63 6.67
N SER B 486 -10.46 33.34 6.67
CA SER B 486 -11.12 32.87 5.46
C SER B 486 -11.22 33.94 4.38
N GLU B 487 -10.92 35.20 4.71
CA GLU B 487 -10.92 36.26 3.71
C GLU B 487 -9.58 36.43 3.01
N VAL B 488 -8.48 35.99 3.63
CA VAL B 488 -7.16 36.11 3.04
C VAL B 488 -6.80 34.82 2.32
N VAL B 489 -6.78 33.71 3.07
CA VAL B 489 -6.50 32.41 2.51
C VAL B 489 -7.81 31.67 2.31
N ASP B 490 -7.76 30.57 1.57
CA ASP B 490 -8.93 29.77 1.27
C ASP B 490 -8.82 28.42 1.96
N PHE B 491 -9.85 28.05 2.71
CA PHE B 491 -9.85 26.84 3.51
C PHE B 491 -10.50 25.70 2.76
N SER B 492 -10.73 24.58 3.45
CA SER B 492 -11.40 23.42 2.88
C SER B 492 -12.44 22.89 3.84
N VAL B 493 -12.99 21.71 3.56
CA VAL B 493 -14.06 21.16 4.39
C VAL B 493 -13.47 20.73 5.73
N PRO B 494 -14.08 21.09 6.86
CA PRO B 494 -13.56 20.64 8.15
C PRO B 494 -13.75 19.14 8.36
N PHE B 495 -12.86 18.57 9.18
CA PHE B 495 -12.93 17.15 9.49
C PHE B 495 -13.05 16.85 10.98
N VAL B 496 -12.84 17.83 11.86
CA VAL B 496 -12.98 17.64 13.29
C VAL B 496 -13.75 18.82 13.86
N GLU B 497 -14.79 18.54 14.64
CA GLU B 497 -15.60 19.59 15.24
C GLU B 497 -14.94 20.08 16.52
N THR B 498 -14.87 21.39 16.69
CA THR B 498 -14.24 21.99 17.87
C THR B 498 -14.75 23.40 18.05
N GLY B 499 -14.48 23.96 19.22
CA GLY B 499 -14.89 25.32 19.53
C GLY B 499 -14.26 25.86 20.80
N ILE B 500 -15.04 26.57 21.60
CA ILE B 500 -14.58 27.16 22.86
C ILE B 500 -15.32 26.50 24.00
N SER B 501 -14.60 26.12 25.04
CA SER B 501 -15.18 25.44 26.20
C SER B 501 -14.51 25.99 27.46
N VAL B 502 -14.76 25.33 28.59
CA VAL B 502 -14.21 25.73 29.88
C VAL B 502 -13.59 24.51 30.54
N MET B 503 -12.68 24.76 31.48
CA MET B 503 -11.95 23.70 32.16
C MET B 503 -11.83 23.97 33.65
N VAL B 504 -12.91 24.39 34.28
CA VAL B 504 -12.88 24.59 35.72
C VAL B 504 -12.86 23.23 36.42
N SER B 505 -12.30 23.20 37.62
CA SER B 505 -12.15 21.97 38.39
C SER B 505 -12.68 22.17 39.80
N ARG B 506 -13.39 21.17 40.29
CA ARG B 506 -13.88 21.21 41.67
C ARG B 506 -12.73 21.07 42.65
N SER B 507 -12.86 21.73 43.81
CA SER B 507 -11.81 21.67 44.82
C SER B 507 -11.64 20.27 45.37
N ASN B 508 -12.74 19.58 45.67
CA ASN B 508 -12.70 18.23 46.20
C ASN B 508 -13.93 17.48 45.68
N GLY B 509 -14.16 16.30 46.24
CA GLY B 509 -15.28 15.47 45.84
C GLY B 509 -16.63 16.14 46.04
N THR B 510 -17.50 16.02 45.04
CA THR B 510 -18.84 16.60 45.10
C THR B 510 -19.84 15.48 45.35
N VAL B 511 -20.60 15.62 46.44
CA VAL B 511 -21.61 14.62 46.83
C VAL B 511 -22.93 15.34 47.06
N SER B 512 -24.02 14.77 46.53
CA SER B 512 -25.34 15.36 46.69
C SER B 512 -26.12 14.57 47.72
N PRO B 513 -26.46 15.15 48.87
CA PRO B 513 -27.26 14.40 49.86
C PRO B 513 -28.62 13.98 49.35
N SER B 514 -29.21 14.76 48.45
CA SER B 514 -30.54 14.46 47.89
C SER B 514 -31.59 14.32 48.98
N ALA B 515 -31.53 15.21 49.97
CA ALA B 515 -32.53 15.19 51.04
C ALA B 515 -33.92 15.49 50.52
N PHE B 516 -34.04 16.46 49.60
CA PHE B 516 -35.31 16.81 49.01
C PHE B 516 -35.72 15.87 47.88
N LEU B 517 -34.83 14.96 47.47
CA LEU B 517 -35.15 13.99 46.42
C LEU B 517 -35.77 12.71 46.97
N GLU B 518 -35.96 12.62 48.28
CA GLU B 518 -36.60 11.46 48.87
C GLU B 518 -38.07 11.39 48.46
N PRO B 519 -38.66 10.19 48.42
CA PRO B 519 -40.07 10.08 48.02
C PRO B 519 -41.03 10.57 49.09
N PHE B 520 -40.51 11.20 50.14
CA PHE B 520 -41.36 11.75 51.18
C PHE B 520 -42.12 12.97 50.66
N SER B 521 -43.14 13.36 51.42
CA SER B 521 -44.02 14.47 51.05
C SER B 521 -44.65 14.25 49.67
N ALA B 522 -45.11 13.01 49.45
CA ALA B 522 -45.73 12.62 48.19
C ALA B 522 -47.07 11.94 48.52
N SER B 523 -47.68 11.36 47.48
CA SER B 523 -48.97 10.70 47.62
C SER B 523 -48.89 9.22 47.31
N VAL B 524 -47.72 8.61 47.51
CA VAL B 524 -47.51 7.18 47.35
C VAL B 524 -47.26 6.50 48.68
N TRP B 525 -46.17 6.86 49.35
CA TRP B 525 -45.93 6.34 50.70
C TRP B 525 -47.00 6.82 51.67
N VAL B 526 -47.44 8.08 51.52
CA VAL B 526 -48.53 8.59 52.34
C VAL B 526 -49.81 7.82 52.08
N MET B 527 -50.08 7.50 50.81
CA MET B 527 -51.27 6.72 50.47
C MET B 527 -51.21 5.32 51.08
N MET B 528 -50.03 4.68 51.01
CA MET B 528 -49.88 3.36 51.61
C MET B 528 -50.07 3.42 53.12
N PHE B 529 -49.51 4.43 53.77
CA PHE B 529 -49.69 4.59 55.21
C PHE B 529 -51.15 4.83 55.56
N VAL B 530 -51.85 5.62 54.76
CA VAL B 530 -53.27 5.89 55.02
C VAL B 530 -54.08 4.61 54.87
N MET B 531 -53.79 3.81 53.83
CA MET B 531 -54.50 2.55 53.65
C MET B 531 -54.23 1.60 54.82
N LEU B 532 -52.97 1.52 55.26
CA LEU B 532 -52.64 0.66 56.39
C LEU B 532 -53.35 1.12 57.66
N LEU B 533 -53.39 2.43 57.89
CA LEU B 533 -54.09 2.96 59.06
C LEU B 533 -55.58 2.67 58.99
N ILE B 534 -56.17 2.79 57.80
CA ILE B 534 -57.59 2.49 57.65
C ILE B 534 -57.86 1.01 57.94
N VAL B 535 -56.99 0.13 57.44
CA VAL B 535 -57.16 -1.30 57.69
C VAL B 535 -57.04 -1.59 59.18
N SER B 536 -56.05 -0.97 59.85
CA SER B 536 -55.88 -1.18 61.28
C SER B 536 -57.08 -0.67 62.06
N ALA B 537 -57.62 0.48 61.68
CA ALA B 537 -58.79 1.02 62.35
C ALA B 537 -60.01 0.11 62.15
N ILE B 538 -60.17 -0.43 60.95
CA ILE B 538 -61.28 -1.34 60.69
C ILE B 538 -61.13 -2.60 61.55
N ALA B 539 -59.92 -3.13 61.64
CA ALA B 539 -59.69 -4.32 62.46
C ALA B 539 -59.96 -4.03 63.93
N VAL B 540 -59.54 -2.86 64.42
CA VAL B 540 -59.77 -2.49 65.81
C VAL B 540 -61.25 -2.35 66.08
N PHE B 541 -61.99 -1.71 65.16
CA PHE B 541 -63.43 -1.58 65.33
C PHE B 541 -64.12 -2.93 65.34
N VAL B 542 -63.68 -3.84 64.46
CA VAL B 542 -64.27 -5.17 64.42
C VAL B 542 -64.01 -5.92 65.72
N PHE B 543 -62.79 -5.83 66.24
CA PHE B 543 -62.43 -6.53 67.46
C PHE B 543 -63.02 -5.88 68.71
N GLU B 544 -63.42 -4.61 68.62
CA GLU B 544 -63.96 -3.92 69.79
C GLU B 544 -65.27 -4.55 70.26
N TYR B 545 -66.13 -4.92 69.32
CA TYR B 545 -67.42 -5.52 69.68
C TYR B 545 -67.24 -6.93 70.21
N PHE B 566 -58.48 6.87 76.15
CA PHE B 566 -58.23 5.53 76.68
C PHE B 566 -57.91 4.54 75.57
N THR B 567 -58.93 3.86 75.07
CA THR B 567 -58.72 2.90 73.99
C THR B 567 -58.24 3.60 72.72
N ILE B 568 -58.82 4.76 72.39
CA ILE B 568 -58.39 5.49 71.20
C ILE B 568 -56.96 5.98 71.37
N GLY B 569 -56.62 6.50 72.54
CA GLY B 569 -55.25 6.95 72.79
C GLY B 569 -54.25 5.80 72.73
N LYS B 570 -54.63 4.65 73.31
CA LYS B 570 -53.76 3.48 73.25
C LYS B 570 -53.56 3.02 71.82
N ALA B 571 -54.63 3.02 71.01
CA ALA B 571 -54.50 2.63 69.61
C ALA B 571 -53.61 3.59 68.85
N ILE B 572 -53.76 4.89 69.10
CA ILE B 572 -52.93 5.89 68.43
C ILE B 572 -51.46 5.70 68.81
N TRP B 573 -51.21 5.47 70.10
CA TRP B 573 -49.83 5.24 70.55
C TRP B 573 -49.25 3.98 69.93
N LEU B 574 -50.05 2.93 69.83
CA LEU B 574 -49.58 1.69 69.19
C LEU B 574 -49.27 1.92 67.72
N LEU B 575 -50.13 2.65 67.01
CA LEU B 575 -49.89 2.93 65.60
C LEU B 575 -48.63 3.76 65.40
N TRP B 576 -48.42 4.76 66.27
CA TRP B 576 -47.21 5.56 66.17
C TRP B 576 -45.97 4.72 66.46
N GLY B 577 -46.04 3.87 67.49
CA GLY B 577 -44.89 3.05 67.83
C GLY B 577 -44.64 1.94 66.81
N LEU B 578 -45.70 1.27 66.35
CA LEU B 578 -45.55 0.15 65.44
C LEU B 578 -45.37 0.62 64.01
N VAL B 579 -44.42 1.51 63.78
CA VAL B 579 -44.13 2.02 62.44
C VAL B 579 -42.65 1.84 62.15
N PHE B 580 -41.79 2.38 63.00
CA PHE B 580 -40.35 2.36 62.81
C PHE B 580 -39.64 1.54 63.88
N ASN B 581 -39.83 1.87 65.15
CA ASN B 581 -39.17 1.19 66.25
C ASN B 581 -40.19 0.78 67.29
N ASN B 582 -40.11 -0.47 67.74
CA ASN B 582 -41.03 -1.01 68.74
C ASN B 582 -40.52 -0.83 70.15
N SER B 583 -39.41 -0.13 70.34
CA SER B 583 -38.84 0.07 71.67
C SER B 583 -39.52 1.21 72.40
N VAL B 584 -40.83 1.16 72.52
CA VAL B 584 -41.60 2.18 73.23
C VAL B 584 -42.78 1.51 73.90
N PRO B 585 -43.02 1.76 75.19
CA PRO B 585 -44.10 1.07 75.90
C PRO B 585 -45.47 1.65 75.57
N VAL B 586 -46.18 0.97 74.67
CA VAL B 586 -47.55 1.31 74.34
C VAL B 586 -48.39 0.03 74.35
N GLN B 587 -47.83 -1.02 74.95
CA GLN B 587 -48.43 -2.34 74.87
C GLN B 587 -49.81 -2.38 75.52
N ASN B 588 -50.75 -3.02 74.83
CA ASN B 588 -52.11 -3.22 75.32
C ASN B 588 -52.77 -4.36 74.56
N PRO B 589 -52.39 -5.62 74.80
CA PRO B 589 -52.99 -6.73 74.06
C PRO B 589 -54.37 -7.09 74.58
N LYS B 590 -55.28 -7.38 73.66
CA LYS B 590 -56.65 -7.71 73.99
C LYS B 590 -57.03 -9.14 73.61
N GLY B 591 -56.83 -9.52 72.35
CA GLY B 591 -57.24 -10.83 71.90
C GLY B 591 -56.52 -11.32 70.66
N THR B 592 -57.06 -12.39 70.05
CA THR B 592 -56.41 -12.97 68.88
C THR B 592 -56.54 -12.05 67.65
N THR B 593 -57.67 -11.34 67.52
CA THR B 593 -57.83 -10.42 66.40
C THR B 593 -56.81 -9.29 66.45
N SER B 594 -56.55 -8.76 67.66
CA SER B 594 -55.54 -7.73 67.81
C SER B 594 -54.16 -8.27 67.45
N LYS B 595 -53.86 -9.50 67.85
CA LYS B 595 -52.59 -10.12 67.48
C LYS B 595 -52.47 -10.27 65.96
N ILE B 596 -53.56 -10.69 65.31
CA ILE B 596 -53.53 -10.87 63.86
C ILE B 596 -53.31 -9.54 63.15
N MET B 597 -54.01 -8.50 63.58
CA MET B 597 -53.84 -7.19 62.94
C MET B 597 -52.45 -6.63 63.20
N VAL B 598 -51.91 -6.85 64.40
CA VAL B 598 -50.55 -6.41 64.71
C VAL B 598 -49.54 -7.14 63.83
N SER B 599 -49.73 -8.44 63.64
CA SER B 599 -48.82 -9.21 62.78
C SER B 599 -48.91 -8.73 61.34
N VAL B 600 -50.12 -8.44 60.86
CA VAL B 600 -50.27 -7.94 59.49
C VAL B 600 -49.58 -6.60 59.33
N TRP B 601 -49.76 -5.70 60.31
CA TRP B 601 -49.11 -4.40 60.25
C TRP B 601 -47.60 -4.53 60.29
N ALA B 602 -47.08 -5.43 61.13
CA ALA B 602 -45.64 -5.64 61.20
C ALA B 602 -45.09 -6.19 59.90
N PHE B 603 -45.81 -7.14 59.28
CA PHE B 603 -45.37 -7.68 58.00
C PHE B 603 -45.35 -6.60 56.92
N PHE B 604 -46.39 -5.76 56.87
CA PHE B 604 -46.42 -4.67 55.90
C PHE B 604 -45.28 -3.70 56.15
N ALA B 605 -45.03 -3.36 57.42
CA ALA B 605 -43.95 -2.43 57.75
C ALA B 605 -42.58 -2.99 57.37
N VAL B 606 -42.36 -4.28 57.64
CA VAL B 606 -41.06 -4.87 57.31
C VAL B 606 -40.88 -4.98 55.81
N ILE B 607 -41.95 -5.28 55.06
CA ILE B 607 -41.86 -5.29 53.61
C ILE B 607 -41.53 -3.91 53.08
N PHE B 608 -42.21 -2.88 53.61
CA PHE B 608 -41.93 -1.51 53.17
C PHE B 608 -40.51 -1.11 53.52
N LEU B 609 -40.02 -1.49 54.70
CA LEU B 609 -38.66 -1.15 55.09
C LEU B 609 -37.63 -1.84 54.19
N ALA B 610 -37.87 -3.12 53.85
CA ALA B 610 -36.97 -3.81 52.94
C ALA B 610 -36.95 -3.15 51.57
N SER B 611 -38.13 -2.78 51.06
CA SER B 611 -38.20 -2.11 49.77
C SER B 611 -37.48 -0.76 49.82
N TYR B 612 -37.64 -0.02 50.92
CA TYR B 612 -36.98 1.27 51.06
C TYR B 612 -35.47 1.11 51.16
N THR B 613 -34.99 0.07 51.84
CA THR B 613 -33.56 -0.18 51.90
C THR B 613 -33.00 -0.52 50.52
N ALA B 614 -33.74 -1.33 49.75
CA ALA B 614 -33.31 -1.64 48.40
C ALA B 614 -33.27 -0.39 47.53
N ASN B 615 -34.28 0.47 47.66
CA ASN B 615 -34.31 1.72 46.91
C ASN B 615 -33.16 2.64 47.30
N LEU B 616 -32.85 2.70 48.60
CA LEU B 616 -31.74 3.53 49.06
C LEU B 616 -30.41 2.99 48.53
N ALA B 617 -30.25 1.67 48.51
CA ALA B 617 -29.05 1.09 47.92
C ALA B 617 -28.94 1.43 46.44
N ALA B 618 -30.04 1.34 45.71
CA ALA B 618 -30.03 1.70 44.30
C ALA B 618 -29.69 3.18 44.11
N PHE B 619 -30.23 4.04 44.97
CA PHE B 619 -29.91 5.47 44.91
C PHE B 619 -28.44 5.71 45.18
N MET B 620 -27.87 5.02 46.17
CA MET B 620 -26.44 5.14 46.45
C MET B 620 -25.60 4.61 45.30
N ILE B 621 -26.12 3.66 44.52
CA ILE B 621 -25.41 3.18 43.35
C ILE B 621 -25.22 4.30 42.34
N GLN B 622 -26.29 5.07 42.09
CA GLN B 622 -26.22 6.17 41.14
C GLN B 622 -25.36 7.30 41.67
N GLU B 623 -24.75 8.06 40.74
CA GLU B 623 -23.91 9.19 41.08
C GLU B 623 -24.31 10.40 40.25
N GLU B 624 -24.15 11.58 40.84
CA GLU B 624 -24.53 12.85 40.21
C GLU B 624 -23.34 13.80 40.31
N PHE B 625 -22.52 13.84 39.26
CA PHE B 625 -21.34 14.69 39.18
C PHE B 625 -21.29 15.38 37.82
N VAL B 626 -22.41 15.98 37.41
CA VAL B 626 -22.53 16.50 36.06
C VAL B 626 -21.50 17.60 35.81
N ASP B 627 -21.60 18.70 36.55
CA ASP B 627 -20.73 19.85 36.33
C ASP B 627 -20.89 20.80 37.52
N GLN B 628 -20.33 22.00 37.40
CA GLN B 628 -20.36 23.00 38.45
C GLN B 628 -21.15 24.24 38.06
N VAL B 629 -20.87 24.82 36.89
CA VAL B 629 -21.51 26.07 36.48
C VAL B 629 -22.28 25.87 35.18
N THR B 630 -21.56 25.43 34.14
CA THR B 630 -22.12 25.18 32.81
C THR B 630 -22.75 26.46 32.25
N GLY B 631 -21.90 27.45 32.03
CA GLY B 631 -22.33 28.71 31.45
C GLY B 631 -21.18 29.66 31.18
N LEU B 632 -21.20 30.30 30.01
CA LEU B 632 -20.13 31.21 29.61
C LEU B 632 -20.43 32.67 29.90
N SER B 633 -21.71 33.06 29.94
CA SER B 633 -22.09 34.44 30.23
C SER B 633 -23.31 34.49 31.13
N ASP B 634 -23.35 33.64 32.16
CA ASP B 634 -24.55 33.59 33.00
C ASP B 634 -24.55 34.69 34.06
N LYS B 635 -23.62 34.62 35.00
CA LYS B 635 -23.51 35.66 36.03
C LYS B 635 -22.08 36.12 36.26
N LYS B 636 -21.10 35.21 36.21
CA LYS B 636 -19.76 35.50 36.70
C LYS B 636 -18.90 36.20 35.65
N PHE B 637 -18.89 35.68 34.43
CA PHE B 637 -17.96 36.17 33.42
C PHE B 637 -18.48 37.43 32.74
N GLN B 638 -18.87 38.42 33.55
CA GLN B 638 -19.23 39.75 33.07
C GLN B 638 -18.42 40.84 33.74
N ARG B 639 -18.31 40.80 35.07
CA ARG B 639 -17.54 41.75 35.85
C ARG B 639 -17.17 41.12 37.19
N PRO B 640 -16.04 40.43 37.27
CA PRO B 640 -15.71 39.71 38.52
C PRO B 640 -15.49 40.61 39.71
N HIS B 641 -15.22 41.90 39.51
CA HIS B 641 -15.00 42.80 40.63
C HIS B 641 -16.24 42.94 41.50
N ASP B 642 -17.42 42.80 40.90
CA ASP B 642 -18.67 42.89 41.64
C ASP B 642 -19.06 41.58 42.33
N TYR B 643 -18.36 40.48 42.02
CA TYR B 643 -18.65 39.20 42.62
C TYR B 643 -17.75 38.86 43.80
N SER B 644 -16.46 39.25 43.72
CA SER B 644 -15.36 39.19 44.68
C SER B 644 -14.26 38.21 44.22
N PRO B 645 -14.52 36.91 44.08
CA PRO B 645 -13.43 35.98 43.76
C PRO B 645 -13.02 36.08 42.31
N PRO B 646 -11.76 36.40 42.03
CA PRO B 646 -11.30 36.50 40.64
C PRO B 646 -11.11 35.14 40.00
N PHE B 647 -12.18 34.57 39.45
CA PHE B 647 -12.10 33.30 38.76
C PHE B 647 -11.06 33.36 37.65
N ARG B 648 -10.27 32.29 37.51
CA ARG B 648 -9.17 32.29 36.57
C ARG B 648 -9.67 32.43 35.14
N PHE B 649 -9.05 33.33 34.39
CA PHE B 649 -9.42 33.62 33.01
C PHE B 649 -8.24 33.32 32.09
N GLY B 650 -7.63 32.16 32.25
CA GLY B 650 -6.36 31.86 31.61
C GLY B 650 -6.43 31.63 30.12
N THR B 651 -6.70 32.69 29.36
CA THR B 651 -6.62 32.61 27.91
C THR B 651 -5.16 32.68 27.47
N VAL B 652 -4.92 32.79 26.17
CA VAL B 652 -3.56 32.92 25.64
C VAL B 652 -3.52 34.07 24.66
N PRO B 653 -2.43 34.83 24.59
CA PRO B 653 -2.36 35.96 23.67
C PRO B 653 -2.17 35.49 22.22
N ASN B 654 -2.40 36.43 21.31
CA ASN B 654 -2.23 36.25 19.87
C ASN B 654 -2.72 34.89 19.38
N GLY B 655 -4.01 34.66 19.59
CA GLY B 655 -4.63 33.42 19.16
C GLY B 655 -5.94 33.64 18.42
N SER B 656 -6.75 32.59 18.33
CA SER B 656 -8.07 32.69 17.71
C SER B 656 -9.19 32.81 18.72
N THR B 657 -9.04 32.22 19.90
CA THR B 657 -10.06 32.36 20.94
C THR B 657 -10.03 33.76 21.55
N GLU B 658 -8.82 34.31 21.74
CA GLU B 658 -8.71 35.63 22.34
C GLU B 658 -9.36 36.70 21.48
N ARG B 659 -9.17 36.64 20.16
CA ARG B 659 -9.78 37.63 19.28
C ARG B 659 -11.30 37.54 19.31
N ASN B 660 -11.84 36.32 19.31
CA ASN B 660 -13.29 36.15 19.37
C ASN B 660 -13.84 36.67 20.70
N ILE B 661 -13.16 36.36 21.81
CA ILE B 661 -13.64 36.81 23.11
C ILE B 661 -13.52 38.32 23.23
N ARG B 662 -12.55 38.93 22.54
CA ARG B 662 -12.45 40.38 22.56
C ARG B 662 -13.54 41.03 21.71
N ASN B 663 -13.85 40.44 20.55
CA ASN B 663 -14.86 41.01 19.67
C ASN B 663 -16.28 40.72 20.13
N ASN B 664 -16.46 39.76 21.03
CA ASN B 664 -17.80 39.47 21.54
C ASN B 664 -18.19 40.46 22.64
N TYR B 665 -17.42 40.49 23.73
CA TYR B 665 -17.64 41.43 24.80
C TYR B 665 -16.31 41.85 25.41
N PRO B 666 -15.94 43.13 25.29
CA PRO B 666 -14.62 43.56 25.77
C PRO B 666 -14.44 43.49 27.28
N TYR B 667 -15.53 43.38 28.05
CA TYR B 667 -15.39 43.36 29.51
C TYR B 667 -14.59 42.15 29.97
N MET B 668 -14.85 40.98 29.39
CA MET B 668 -14.09 39.79 29.77
C MET B 668 -12.63 39.91 29.34
N HIS B 669 -12.37 40.51 28.18
CA HIS B 669 -11.01 40.67 27.71
C HIS B 669 -10.21 41.59 28.62
N GLN B 670 -10.88 42.50 29.33
CA GLN B 670 -10.18 43.42 30.22
C GLN B 670 -9.45 42.68 31.33
N TYR B 671 -10.11 41.68 31.92
CA TYR B 671 -9.51 40.89 32.98
C TYR B 671 -8.70 39.71 32.48
N MET B 672 -8.70 39.46 31.17
CA MET B 672 -7.93 38.35 30.62
C MET B 672 -6.43 38.57 30.73
N THR B 673 -5.99 39.82 30.86
CA THR B 673 -4.56 40.11 30.98
C THR B 673 -4.00 39.74 32.34
N LYS B 674 -4.85 39.44 33.32
CA LYS B 674 -4.36 39.12 34.66
C LYS B 674 -3.68 37.76 34.70
N PHE B 675 -4.30 36.75 34.10
CA PHE B 675 -3.78 35.37 34.14
C PHE B 675 -3.60 34.88 32.71
N ASN B 676 -2.35 34.86 32.24
CA ASN B 676 -2.01 34.26 30.95
C ASN B 676 -0.56 33.80 31.04
N GLN B 677 -0.35 32.52 31.38
CA GLN B 677 0.98 32.04 31.71
C GLN B 677 1.71 31.43 30.52
N LYS B 678 1.16 30.37 29.94
CA LYS B 678 1.87 29.60 28.93
C LYS B 678 0.87 28.72 28.18
N GLY B 679 1.37 27.77 27.42
CA GLY B 679 0.53 26.84 26.67
C GLY B 679 -0.31 25.92 27.53
N VAL B 680 -0.84 24.87 26.92
CA VAL B 680 -1.82 24.02 27.60
C VAL B 680 -1.20 23.33 28.81
N GLU B 681 0.00 22.77 28.64
CA GLU B 681 0.59 21.93 29.68
C GLU B 681 0.90 22.74 30.94
N ASP B 682 1.61 23.86 30.79
CA ASP B 682 1.99 24.66 31.95
C ASP B 682 0.77 25.25 32.64
N ALA B 683 -0.20 25.73 31.86
CA ALA B 683 -1.40 26.30 32.46
C ALA B 683 -2.19 25.24 33.21
N LEU B 684 -2.31 24.03 32.64
CA LEU B 684 -3.00 22.95 33.34
C LEU B 684 -2.27 22.57 34.63
N VAL B 685 -0.93 22.51 34.58
CA VAL B 685 -0.17 22.17 35.77
C VAL B 685 -0.38 23.23 36.86
N SER B 686 -0.35 24.50 36.48
CA SER B 686 -0.55 25.57 37.45
C SER B 686 -1.97 25.53 38.02
N LEU B 687 -2.97 25.27 37.17
CA LEU B 687 -4.35 25.25 37.64
C LEU B 687 -4.67 24.02 38.46
N LYS B 688 -3.87 22.95 38.34
CA LYS B 688 -4.16 21.71 39.04
C LYS B 688 -4.30 21.95 40.54
N THR B 689 -3.32 22.59 41.16
CA THR B 689 -3.42 22.94 42.57
C THR B 689 -2.91 24.33 42.93
N GLY B 690 -2.15 25.01 42.05
CA GLY B 690 -1.47 26.22 42.46
C GLY B 690 -2.32 27.46 42.67
N LYS B 691 -2.80 28.07 41.59
CA LYS B 691 -3.49 29.35 41.70
C LYS B 691 -4.74 29.50 40.85
N LEU B 692 -4.97 28.67 39.85
CA LEU B 692 -6.02 28.90 38.88
C LEU B 692 -7.18 27.93 39.09
N ASP B 693 -8.38 28.39 38.73
CA ASP B 693 -9.60 27.59 38.85
C ASP B 693 -10.22 27.27 37.50
N ALA B 694 -10.48 28.27 36.66
CA ALA B 694 -11.17 28.09 35.40
C ALA B 694 -10.21 28.32 34.23
N PHE B 695 -10.37 27.51 33.18
CA PHE B 695 -9.53 27.57 32.00
C PHE B 695 -10.40 27.51 30.76
N ILE B 696 -10.23 28.46 29.85
CA ILE B 696 -10.99 28.53 28.61
C ILE B 696 -10.02 28.46 27.44
N TYR B 697 -10.17 27.44 26.60
CA TYR B 697 -9.26 27.20 25.49
C TYR B 697 -9.99 26.34 24.47
N ASP B 698 -9.24 25.78 23.52
CA ASP B 698 -9.82 24.97 22.46
C ASP B 698 -10.52 23.75 23.05
N ALA B 699 -11.60 23.33 22.38
CA ALA B 699 -12.43 22.25 22.90
C ALA B 699 -11.74 20.90 22.73
N ALA B 700 -11.14 20.66 21.56
CA ALA B 700 -10.50 19.37 21.32
C ALA B 700 -9.27 19.18 22.19
N VAL B 701 -8.46 20.23 22.33
CA VAL B 701 -7.27 20.15 23.17
C VAL B 701 -7.65 19.86 24.61
N LEU B 702 -8.68 20.56 25.11
CA LEU B 702 -9.12 20.34 26.48
C LEU B 702 -9.71 18.95 26.66
N ASN B 703 -10.45 18.45 25.67
CA ASN B 703 -10.98 17.11 25.76
C ASN B 703 -9.85 16.08 25.85
N TYR B 704 -8.82 16.24 25.02
CA TYR B 704 -7.68 15.33 25.11
C TYR B 704 -6.98 15.44 26.45
N LYS B 705 -6.77 16.66 26.94
CA LYS B 705 -6.05 16.85 28.18
C LYS B 705 -6.81 16.26 29.37
N ALA B 706 -8.13 16.44 29.40
CA ALA B 706 -8.93 15.82 30.45
C ALA B 706 -8.95 14.31 30.31
N GLY B 707 -8.92 13.80 29.08
CA GLY B 707 -8.85 12.36 28.89
C GLY B 707 -7.57 11.74 29.40
N ARG B 708 -6.46 12.49 29.35
CA ARG B 708 -5.15 12.01 29.79
C ARG B 708 -4.70 12.70 31.05
N ASP B 709 -5.62 12.92 31.99
CA ASP B 709 -5.30 13.53 33.28
C ASP B 709 -4.99 12.46 34.30
N GLU B 710 -3.93 12.67 35.07
CA GLU B 710 -3.52 11.71 36.08
C GLU B 710 -4.49 11.73 37.25
N GLY B 711 -5.11 10.58 37.53
CA GLY B 711 -6.08 10.46 38.59
C GLY B 711 -7.49 10.87 38.23
N CYS B 712 -7.71 11.35 37.01
CA CYS B 712 -9.04 11.78 36.55
C CYS B 712 -9.63 12.83 37.49
N LYS B 713 -8.77 13.71 38.01
CA LYS B 713 -9.19 14.78 38.91
C LYS B 713 -9.52 16.07 38.17
N LEU B 714 -9.34 16.11 36.86
CA LEU B 714 -9.64 17.29 36.05
C LEU B 714 -10.72 16.93 35.04
N VAL B 715 -11.83 17.65 35.08
CA VAL B 715 -12.95 17.43 34.17
C VAL B 715 -13.45 18.78 33.68
N THR B 716 -13.74 18.87 32.38
CA THR B 716 -14.32 20.08 31.83
C THR B 716 -15.78 20.19 32.27
N ILE B 717 -16.09 21.24 33.04
CA ILE B 717 -17.44 21.40 33.60
C ILE B 717 -18.22 22.21 32.58
N GLY B 718 -18.72 21.51 31.57
CA GLY B 718 -19.65 22.09 30.62
C GLY B 718 -20.66 21.07 30.14
N SER B 719 -20.60 19.87 30.72
CA SER B 719 -21.44 18.75 30.29
C SER B 719 -21.30 18.50 28.79
N GLY B 720 -20.08 18.68 28.28
CA GLY B 720 -19.84 18.52 26.85
C GLY B 720 -20.56 19.53 25.98
N TYR B 721 -20.55 20.79 26.40
CA TYR B 721 -21.20 21.87 25.64
C TYR B 721 -20.15 22.77 25.02
N ILE B 722 -20.40 23.19 23.79
CA ILE B 722 -19.47 24.01 23.03
C ILE B 722 -20.17 25.32 22.67
N PHE B 723 -19.38 26.38 22.52
CA PHE B 723 -19.90 27.74 22.38
C PHE B 723 -20.00 28.21 20.94
N ALA B 724 -18.93 28.06 20.17
CA ALA B 724 -18.80 28.64 18.83
C ALA B 724 -18.29 27.61 17.83
N THR B 725 -18.96 26.46 17.78
CA THR B 725 -18.51 25.31 17.00
C THR B 725 -18.07 25.68 15.58
N THR B 726 -16.77 25.49 15.31
CA THR B 726 -16.19 25.68 13.99
C THR B 726 -15.08 24.66 13.80
N GLY B 727 -15.11 23.92 12.70
CA GLY B 727 -14.16 22.85 12.49
C GLY B 727 -12.77 23.34 12.12
N TYR B 728 -11.83 22.40 12.09
CA TYR B 728 -10.48 22.67 11.65
C TYR B 728 -10.43 22.68 10.12
N GLY B 729 -9.24 22.68 9.55
CA GLY B 729 -9.13 22.64 8.10
C GLY B 729 -7.69 22.72 7.66
N ILE B 730 -7.49 22.48 6.37
CA ILE B 730 -6.19 22.55 5.73
C ILE B 730 -6.18 23.81 4.88
N ALA B 731 -5.47 24.84 5.33
CA ALA B 731 -5.48 26.14 4.67
C ALA B 731 -4.65 26.06 3.40
N LEU B 732 -5.31 26.10 2.25
CA LEU B 732 -4.65 26.05 0.96
C LEU B 732 -4.30 27.46 0.49
N GLN B 733 -3.88 27.58 -0.76
CA GLN B 733 -3.57 28.88 -1.35
C GLN B 733 -4.84 29.57 -1.82
N LYS B 734 -4.71 30.61 -2.63
CA LYS B 734 -5.84 31.44 -3.04
C LYS B 734 -6.16 31.23 -4.50
N GLY B 735 -6.25 29.96 -4.92
CA GLY B 735 -6.56 29.65 -6.30
C GLY B 735 -5.76 28.48 -6.85
N SER B 736 -4.99 27.82 -6.00
CA SER B 736 -4.19 26.69 -6.44
C SER B 736 -5.09 25.57 -6.94
N PRO B 737 -4.70 24.85 -8.00
CA PRO B 737 -5.55 23.78 -8.55
C PRO B 737 -5.50 22.50 -7.72
N TRP B 738 -5.84 22.62 -6.44
CA TRP B 738 -5.87 21.46 -5.55
C TRP B 738 -7.11 21.39 -4.67
N LYS B 739 -7.91 22.46 -4.57
CA LYS B 739 -8.97 22.51 -3.58
C LYS B 739 -10.03 21.44 -3.83
N ARG B 740 -10.48 21.30 -5.08
CA ARG B 740 -11.56 20.37 -5.38
C ARG B 740 -11.14 18.93 -5.10
N GLN B 741 -9.95 18.54 -5.58
CA GLN B 741 -9.49 17.17 -5.39
C GLN B 741 -9.31 16.85 -3.91
N ILE B 742 -8.71 17.77 -3.16
CA ILE B 742 -8.47 17.53 -1.74
C ILE B 742 -9.80 17.43 -0.98
N ASP B 743 -10.75 18.33 -1.29
CA ASP B 743 -12.04 18.27 -0.62
C ASP B 743 -12.77 16.97 -0.93
N LEU B 744 -12.74 16.53 -2.19
CA LEU B 744 -13.39 15.28 -2.56
C LEU B 744 -12.71 14.10 -1.86
N ALA B 745 -11.39 14.12 -1.78
CA ALA B 745 -10.68 13.04 -1.10
C ALA B 745 -11.03 12.99 0.38
N LEU B 746 -11.12 14.16 1.03
CA LEU B 746 -11.48 14.19 2.44
C LEU B 746 -12.90 13.68 2.67
N LEU B 747 -13.83 14.05 1.80
CA LEU B 747 -15.20 13.54 1.93
C LEU B 747 -15.24 12.04 1.68
N GLN B 748 -14.45 11.55 0.72
CA GLN B 748 -14.38 10.10 0.49
C GLN B 748 -13.84 9.38 1.71
N PHE B 749 -12.81 9.95 2.35
CA PHE B 749 -12.28 9.36 3.57
C PHE B 749 -13.33 9.33 4.67
N VAL B 750 -14.10 10.41 4.81
CA VAL B 750 -15.16 10.45 5.81
C VAL B 750 -16.19 9.36 5.54
N GLY B 751 -16.58 9.20 4.27
CA GLY B 751 -17.58 8.20 3.93
C GLY B 751 -17.10 6.78 4.14
N ASP B 752 -15.84 6.50 3.79
CA ASP B 752 -15.34 5.13 3.81
C ASP B 752 -14.97 4.64 5.20
N GLY B 753 -15.03 5.48 6.22
CA GLY B 753 -14.77 5.03 7.57
C GLY B 753 -13.31 4.88 7.94
N GLU B 754 -12.57 5.98 7.96
CA GLU B 754 -11.16 5.97 8.35
C GLU B 754 -10.88 6.80 9.60
N MET B 755 -11.42 8.02 9.67
CA MET B 755 -11.07 8.89 10.81
C MET B 755 -11.60 8.38 12.14
N GLU B 756 -12.68 7.60 12.16
CA GLU B 756 -13.14 7.05 13.44
C GLU B 756 -12.11 6.11 14.04
N GLU B 757 -11.58 5.19 13.23
CA GLU B 757 -10.51 4.34 13.71
C GLU B 757 -9.25 5.15 13.99
N LEU B 758 -9.03 6.23 13.21
CA LEU B 758 -7.87 7.07 13.44
C LEU B 758 -7.92 7.72 14.83
N GLU B 759 -9.08 8.23 15.22
CA GLU B 759 -9.19 8.86 16.53
C GLU B 759 -9.19 7.83 17.65
N THR B 760 -9.87 6.69 17.44
CA THR B 760 -9.86 5.68 18.49
C THR B 760 -8.48 5.05 18.67
N LEU B 761 -7.59 5.21 17.69
CA LEU B 761 -6.20 4.81 17.86
C LEU B 761 -5.30 5.95 18.33
N TRP B 762 -5.71 7.21 18.12
CA TRP B 762 -4.89 8.35 18.48
C TRP B 762 -5.53 9.24 19.52
N LEU B 763 -6.77 9.69 19.31
CA LEU B 763 -7.43 10.67 20.16
C LEU B 763 -8.46 9.95 21.02
N THR B 764 -8.01 9.48 22.19
CA THR B 764 -8.89 8.81 23.13
C THR B 764 -8.32 8.96 24.53
N GLY B 765 -9.21 9.18 25.51
CA GLY B 765 -8.80 9.40 26.87
C GLY B 765 -8.43 8.12 27.59
N ILE B 766 -7.95 8.30 28.82
CA ILE B 766 -7.58 7.17 29.67
C ILE B 766 -8.78 6.62 30.41
N CYS B 767 -9.49 7.47 31.15
CA CYS B 767 -10.70 7.07 31.87
C CYS B 767 -11.93 7.76 31.29
N HIS B 768 -11.94 9.10 31.30
CA HIS B 768 -13.00 9.96 30.77
C HIS B 768 -14.38 9.30 30.71
N ASN B 769 -14.66 8.60 29.60
CA ASN B 769 -15.96 7.98 29.41
C ASN B 769 -16.20 6.86 30.43
N GLU B 770 -15.17 6.09 30.75
CA GLU B 770 -15.31 4.97 31.67
C GLU B 770 -15.62 5.49 33.06
N LYS B 771 -16.87 5.33 33.49
CA LYS B 771 -17.31 5.80 34.80
C LYS B 771 -18.29 4.83 35.43
N LEU B 779 -22.85 7.31 55.35
CA LEU B 779 -23.38 8.14 56.43
C LEU B 779 -22.64 9.46 56.52
N ASP B 780 -22.83 10.31 55.50
CA ASP B 780 -22.17 11.60 55.48
C ASP B 780 -22.70 12.52 56.57
N ILE B 781 -21.80 13.21 57.25
CA ILE B 781 -22.21 14.14 58.30
C ILE B 781 -23.01 15.31 57.73
N ASP B 782 -22.54 15.88 56.62
CA ASP B 782 -23.23 17.00 56.00
C ASP B 782 -24.57 16.61 55.40
N ASN B 783 -24.74 15.33 55.05
CA ASN B 783 -26.01 14.87 54.49
C ASN B 783 -27.11 14.82 55.53
N MET B 784 -26.76 14.90 56.82
CA MET B 784 -27.73 14.82 57.90
C MET B 784 -28.21 16.20 58.36
N ALA B 785 -27.78 17.27 57.70
CA ALA B 785 -28.19 18.61 58.11
C ALA B 785 -29.69 18.81 57.91
N GLY B 786 -30.23 18.38 56.77
CA GLY B 786 -31.64 18.60 56.50
C GLY B 786 -32.55 17.83 57.44
N VAL B 787 -32.25 16.55 57.67
CA VAL B 787 -33.07 15.75 58.57
C VAL B 787 -32.96 16.26 60.00
N PHE B 788 -31.78 16.72 60.40
CA PHE B 788 -31.62 17.28 61.74
C PHE B 788 -32.42 18.58 61.88
N TYR B 789 -32.42 19.42 60.85
CA TYR B 789 -33.24 20.63 60.89
C TYR B 789 -34.72 20.29 60.96
N MET B 790 -35.15 19.27 60.20
CA MET B 790 -36.54 18.86 60.25
C MET B 790 -36.90 18.32 61.64
N LEU B 791 -36.00 17.57 62.27
CA LEU B 791 -36.25 17.06 63.61
C LEU B 791 -36.33 18.20 64.62
N ALA B 792 -35.46 19.21 64.49
CA ALA B 792 -35.52 20.37 65.37
C ALA B 792 -36.83 21.13 65.19
N ALA B 793 -37.28 21.29 63.95
CA ALA B 793 -38.56 21.93 63.70
C ALA B 793 -39.71 21.14 64.30
N ALA B 794 -39.66 19.81 64.18
CA ALA B 794 -40.69 18.97 64.78
C ALA B 794 -40.70 19.10 66.30
N MET B 795 -39.52 19.15 66.92
CA MET B 795 -39.43 19.33 68.36
C MET B 795 -40.00 20.68 68.78
N ALA B 796 -39.70 21.73 68.01
CA ALA B 796 -40.26 23.04 68.31
C ALA B 796 -41.77 23.04 68.20
N LEU B 797 -42.30 22.38 67.16
CA LEU B 797 -43.75 22.28 67.00
C LEU B 797 -44.39 21.51 68.16
N SER B 798 -43.73 20.43 68.59
CA SER B 798 -44.23 19.67 69.73
C SER B 798 -44.23 20.50 71.00
N LEU B 799 -43.18 21.30 71.22
CA LEU B 799 -43.13 22.18 72.37
C LEU B 799 -44.22 23.23 72.32
N ILE B 800 -44.48 23.79 71.13
CA ILE B 800 -45.55 24.78 70.98
C ILE B 800 -46.90 24.14 71.27
N THR B 801 -47.12 22.91 70.77
CA THR B 801 -48.37 22.21 71.05
C THR B 801 -48.53 21.92 72.53
N PHE B 802 -47.44 21.54 73.21
CA PHE B 802 -47.50 21.30 74.64
C PHE B 802 -47.84 22.59 75.40
N ILE B 803 -47.25 23.70 74.98
CA ILE B 803 -47.56 24.98 75.62
C ILE B 803 -49.02 25.34 75.42
N TRP B 804 -49.53 25.14 74.20
CA TRP B 804 -50.94 25.44 73.92
C TRP B 804 -51.86 24.56 74.75
N GLU B 805 -51.52 23.27 74.89
CA GLU B 805 -52.34 22.38 75.70
C GLU B 805 -52.30 22.79 77.17
N HIS B 806 -51.13 23.18 77.68
CA HIS B 806 -51.02 23.62 79.06
C HIS B 806 -51.71 24.96 79.29
N LEU B 807 -51.90 25.76 78.24
CA LEU B 807 -52.61 27.02 78.41
C LEU B 807 -54.04 26.81 78.87
N PHE B 808 -54.73 25.82 78.31
CA PHE B 808 -56.09 25.52 78.69
C PHE B 808 -56.14 24.61 79.92
N ILE C 1 9.45 13.15 -67.01
CA ILE C 1 8.59 14.32 -66.93
C ILE C 1 7.42 14.05 -66.00
N VAL C 2 6.81 15.13 -65.51
CA VAL C 2 5.65 15.04 -64.62
C VAL C 2 4.61 16.06 -65.07
N ASN C 3 3.36 15.82 -64.68
CA ASN C 3 2.27 16.73 -64.98
C ASN C 3 1.39 16.87 -63.75
N ILE C 4 0.80 18.07 -63.61
CA ILE C 4 -0.06 18.39 -62.47
C ILE C 4 -1.32 19.02 -63.05
N GLY C 5 -2.37 18.22 -63.20
CA GLY C 5 -3.63 18.73 -63.69
C GLY C 5 -4.42 19.45 -62.62
N ALA C 6 -5.51 20.08 -63.05
CA ALA C 6 -6.34 20.85 -62.14
C ALA C 6 -7.72 21.02 -62.73
N VAL C 7 -8.66 21.42 -61.88
CA VAL C 7 -10.04 21.70 -62.27
C VAL C 7 -10.36 23.13 -61.84
N LEU C 8 -10.50 24.02 -62.80
CA LEU C 8 -10.76 25.43 -62.55
C LEU C 8 -12.17 25.80 -63.03
N SER C 9 -12.51 27.08 -62.88
CA SER C 9 -13.84 27.58 -63.21
C SER C 9 -13.91 28.15 -64.62
N THR C 10 -13.10 29.17 -64.92
CA THR C 10 -13.17 29.89 -66.18
C THR C 10 -11.86 29.77 -66.94
N ARG C 11 -11.93 30.10 -68.24
CA ARG C 11 -10.74 30.03 -69.09
C ARG C 11 -9.70 31.06 -68.68
N LYS C 12 -10.13 32.21 -68.15
CA LYS C 12 -9.17 33.19 -67.64
C LYS C 12 -8.37 32.61 -66.48
N HIS C 13 -9.04 31.86 -65.59
CA HIS C 13 -8.32 31.19 -64.52
C HIS C 13 -7.36 30.14 -65.09
N GLU C 14 -7.74 29.48 -66.17
CA GLU C 14 -6.84 28.52 -66.81
C GLU C 14 -5.60 29.21 -67.36
N GLN C 15 -5.77 30.38 -67.98
CA GLN C 15 -4.63 31.13 -68.48
C GLN C 15 -3.74 31.61 -67.33
N MET C 16 -4.36 32.04 -66.23
CA MET C 16 -3.58 32.43 -65.06
C MET C 16 -2.79 31.25 -64.50
N PHE C 17 -3.41 30.06 -64.48
CA PHE C 17 -2.71 28.86 -64.04
C PHE C 17 -1.54 28.53 -64.96
N ARG C 18 -1.73 28.67 -66.27
CA ARG C 18 -0.64 28.44 -67.21
C ARG C 18 0.51 29.41 -66.98
N GLU C 19 0.19 30.69 -66.76
CA GLU C 19 1.23 31.67 -66.48
C GLU C 19 1.96 31.35 -65.18
N ALA C 20 1.20 30.94 -64.16
CA ALA C 20 1.81 30.62 -62.87
C ALA C 20 2.73 29.41 -62.98
N VAL C 21 2.31 28.38 -63.70
CA VAL C 21 3.15 27.20 -63.84
C VAL C 21 4.38 27.51 -64.69
N ASN C 22 4.25 28.39 -65.69
CA ASN C 22 5.40 28.81 -66.46
C ASN C 22 6.40 29.56 -65.59
N GLN C 23 5.90 30.46 -64.74
CA GLN C 23 6.77 31.18 -63.82
C GLN C 23 7.46 30.24 -62.84
N ALA C 24 6.71 29.26 -62.32
CA ALA C 24 7.30 28.29 -61.41
C ALA C 24 8.38 27.46 -62.09
N ASN C 25 8.14 27.06 -63.35
CA ASN C 25 9.17 26.36 -64.10
C ASN C 25 10.40 27.22 -64.31
N LYS C 26 10.19 28.53 -64.55
CA LYS C 26 11.31 29.44 -64.68
C LYS C 26 12.13 29.51 -63.40
N ARG C 27 11.49 29.30 -62.26
CA ARG C 27 12.19 29.29 -60.97
C ARG C 27 12.91 27.96 -60.76
N HIS C 28 13.79 27.94 -59.76
CA HIS C 28 14.53 26.75 -59.36
C HIS C 28 15.44 26.28 -60.49
N GLY C 29 16.11 25.14 -60.30
CA GLY C 29 17.02 24.65 -61.31
C GLY C 29 16.33 24.01 -62.50
N SER C 30 15.18 23.39 -62.28
CA SER C 30 14.42 22.71 -63.33
C SER C 30 15.27 21.66 -64.04
N TRP C 31 16.08 20.94 -63.28
CA TRP C 31 16.96 19.91 -63.83
C TRP C 31 16.24 18.57 -63.78
N LYS C 32 15.96 18.01 -64.96
CA LYS C 32 15.30 16.72 -65.11
C LYS C 32 13.91 16.70 -64.47
N ILE C 33 13.30 17.87 -64.26
CA ILE C 33 11.97 17.95 -63.68
C ILE C 33 11.17 19.04 -64.40
N GLN C 34 10.29 18.62 -65.30
CA GLN C 34 9.42 19.54 -66.03
C GLN C 34 7.97 19.21 -65.68
N LEU C 35 7.18 20.25 -65.39
CA LEU C 35 5.79 20.09 -64.97
C LEU C 35 4.90 20.91 -65.89
N ASN C 36 4.31 20.26 -66.89
CA ASN C 36 3.32 20.89 -67.76
C ASN C 36 1.93 20.53 -67.26
N ALA C 37 1.07 21.54 -67.13
CA ALA C 37 -0.22 21.39 -66.50
C ALA C 37 -1.34 21.28 -67.52
N THR C 38 -2.46 20.70 -67.08
CA THR C 38 -3.66 20.58 -67.89
C THR C 38 -4.87 20.98 -67.04
N SER C 39 -5.92 21.45 -67.71
CA SER C 39 -7.08 21.97 -67.02
C SER C 39 -8.36 21.39 -67.64
N VAL C 40 -9.46 21.53 -66.90
CA VAL C 40 -10.78 21.08 -67.34
C VAL C 40 -11.82 21.92 -66.62
N THR C 41 -12.97 22.11 -67.28
CA THR C 41 -14.02 22.94 -66.74
C THR C 41 -15.00 22.10 -65.92
N HIS C 42 -16.04 22.75 -65.42
CA HIS C 42 -17.07 22.10 -64.62
C HIS C 42 -18.22 21.64 -65.51
N LYS C 43 -19.11 20.83 -64.94
CA LYS C 43 -20.28 20.33 -65.63
C LYS C 43 -21.46 20.37 -64.68
N PRO C 44 -22.68 20.52 -65.20
CA PRO C 44 -23.87 20.52 -64.33
C PRO C 44 -24.12 19.17 -63.68
N ASN C 45 -24.11 18.11 -64.47
CA ASN C 45 -24.33 16.76 -63.94
C ASN C 45 -23.08 16.26 -63.23
N ALA C 46 -23.25 15.83 -61.98
CA ALA C 46 -22.11 15.36 -61.20
C ALA C 46 -21.55 14.06 -61.77
N ILE C 47 -22.41 13.18 -62.27
CA ILE C 47 -21.96 11.91 -62.84
C ILE C 47 -21.05 12.17 -64.03
N GLN C 48 -21.47 13.07 -64.92
CA GLN C 48 -20.64 13.43 -66.06
C GLN C 48 -19.32 14.03 -65.61
N MET C 49 -19.36 14.89 -64.58
CA MET C 49 -18.14 15.50 -64.09
C MET C 49 -17.16 14.44 -63.59
N ALA C 50 -17.64 13.49 -62.79
CA ALA C 50 -16.77 12.47 -62.23
C ALA C 50 -16.19 11.59 -63.34
N LEU C 51 -17.04 11.15 -64.27
CA LEU C 51 -16.55 10.31 -65.36
C LEU C 51 -15.51 11.04 -66.19
N SER C 52 -15.80 12.29 -66.55
CA SER C 52 -14.88 13.08 -67.36
C SER C 52 -13.56 13.31 -66.64
N VAL C 53 -13.62 13.65 -65.35
CA VAL C 53 -12.39 13.96 -64.64
C VAL C 53 -11.52 12.71 -64.50
N CYS C 54 -12.13 11.55 -64.24
CA CYS C 54 -11.31 10.35 -64.13
C CYS C 54 -10.69 10.02 -65.50
N GLU C 55 -11.52 9.96 -66.54
CA GLU C 55 -11.02 9.57 -67.86
C GLU C 55 -10.02 10.57 -68.42
N ASP C 56 -10.04 11.81 -67.97
CA ASP C 56 -9.09 12.81 -68.48
C ASP C 56 -7.82 12.86 -67.64
N LEU C 57 -7.95 13.14 -66.34
CA LEU C 57 -6.77 13.32 -65.51
C LEU C 57 -6.09 12.00 -65.19
N ILE C 58 -6.86 10.96 -64.89
CA ILE C 58 -6.27 9.67 -64.54
C ILE C 58 -5.47 9.11 -65.70
N SER C 59 -6.00 9.26 -66.92
CA SER C 59 -5.30 8.75 -68.11
C SER C 59 -4.00 9.49 -68.39
N SER C 60 -3.81 10.68 -67.80
CA SER C 60 -2.60 11.46 -68.04
C SER C 60 -1.52 11.21 -66.98
N GLN C 61 -1.79 10.35 -66.00
CA GLN C 61 -0.83 10.01 -64.94
C GLN C 61 -0.37 11.27 -64.20
N VAL C 62 -1.32 11.94 -63.56
CA VAL C 62 -1.02 13.15 -62.81
C VAL C 62 -0.37 12.80 -61.48
N TYR C 63 0.21 13.81 -60.84
CA TYR C 63 0.79 13.67 -59.51
C TYR C 63 0.09 14.52 -58.46
N ALA C 64 -0.80 15.42 -58.87
CA ALA C 64 -1.59 16.22 -57.95
C ALA C 64 -2.81 16.74 -58.69
N ILE C 65 -3.82 17.16 -57.93
CA ILE C 65 -5.06 17.68 -58.49
C ILE C 65 -5.49 18.90 -57.69
N LEU C 66 -5.93 19.94 -58.40
CA LEU C 66 -6.43 21.16 -57.78
C LEU C 66 -7.89 21.33 -58.14
N VAL C 67 -8.72 21.61 -57.12
CA VAL C 67 -10.15 21.76 -57.29
C VAL C 67 -10.59 23.08 -56.67
N SER C 68 -11.44 23.81 -57.37
CA SER C 68 -11.93 25.10 -56.91
C SER C 68 -13.44 25.17 -57.05
N HIS C 69 -14.06 25.98 -56.21
CA HIS C 69 -15.52 26.10 -56.23
C HIS C 69 -15.98 26.86 -57.47
N PRO C 70 -16.97 26.34 -58.19
CA PRO C 70 -17.41 26.99 -59.43
C PRO C 70 -18.13 28.30 -59.14
N PRO C 71 -18.23 29.20 -60.13
CA PRO C 71 -18.82 30.52 -59.88
C PRO C 71 -20.31 30.50 -59.57
N THR C 72 -20.97 29.35 -59.59
CA THR C 72 -22.39 29.31 -59.27
C THR C 72 -22.61 29.69 -57.81
N PRO C 73 -23.65 30.44 -57.50
CA PRO C 73 -23.89 30.86 -56.12
C PRO C 73 -24.25 29.67 -55.23
N ASN C 74 -23.92 29.82 -53.94
CA ASN C 74 -24.26 28.88 -52.88
C ASN C 74 -23.83 27.45 -53.18
N ASP C 75 -24.37 26.49 -52.43
CA ASP C 75 -24.13 25.06 -52.62
C ASP C 75 -22.68 24.68 -52.31
N HIS C 76 -22.41 23.37 -52.23
CA HIS C 76 -21.08 22.90 -51.88
C HIS C 76 -20.66 21.67 -52.70
N PHE C 77 -21.27 21.43 -53.86
CA PHE C 77 -20.98 20.22 -54.61
C PHE C 77 -19.61 20.24 -55.29
N THR C 78 -18.79 21.26 -55.04
CA THR C 78 -17.57 21.43 -55.82
C THR C 78 -16.59 20.27 -55.67
N PRO C 79 -16.18 19.86 -54.47
CA PRO C 79 -15.11 18.86 -54.40
C PRO C 79 -15.60 17.42 -54.30
N THR C 80 -16.88 17.21 -53.97
CA THR C 80 -17.32 15.86 -53.62
C THR C 80 -17.14 14.83 -54.74
N PRO C 81 -17.51 15.10 -56.01
CA PRO C 81 -17.30 14.03 -57.01
C PRO C 81 -15.83 13.82 -57.31
N VAL C 82 -15.06 14.90 -57.43
CA VAL C 82 -13.63 14.78 -57.68
C VAL C 82 -12.94 14.11 -56.51
N SER C 83 -13.30 14.49 -55.28
CA SER C 83 -12.68 13.88 -54.11
C SER C 83 -13.01 12.40 -54.01
N TYR C 84 -14.25 12.02 -54.32
CA TYR C 84 -14.62 10.60 -54.27
C TYR C 84 -13.92 9.80 -55.36
N THR C 85 -13.86 10.33 -56.58
CA THR C 85 -13.23 9.59 -57.67
C THR C 85 -11.73 9.48 -57.48
N ALA C 86 -11.06 10.60 -57.16
CA ALA C 86 -9.63 10.56 -56.89
C ALA C 86 -9.31 9.96 -55.53
N GLY C 87 -10.31 9.81 -54.65
CA GLY C 87 -10.09 9.15 -53.38
C GLY C 87 -9.94 7.65 -53.47
N PHE C 88 -10.29 7.04 -54.62
CA PHE C 88 -10.05 5.62 -54.80
C PHE C 88 -8.57 5.31 -54.70
N TYR C 89 -7.74 6.10 -55.38
CA TYR C 89 -6.29 6.05 -55.20
C TYR C 89 -5.90 7.07 -54.14
N ARG C 90 -4.60 7.31 -53.99
CA ARG C 90 -4.10 8.20 -52.94
C ARG C 90 -3.47 9.47 -53.52
N ILE C 91 -3.89 9.87 -54.72
CA ILE C 91 -3.40 11.12 -55.31
C ILE C 91 -4.03 12.28 -54.54
N PRO C 92 -3.22 13.15 -53.94
CA PRO C 92 -3.78 14.25 -53.14
C PRO C 92 -4.50 15.27 -54.00
N VAL C 93 -5.54 15.87 -53.42
CA VAL C 93 -6.32 16.92 -54.05
C VAL C 93 -6.22 18.16 -53.18
N LEU C 94 -5.90 19.29 -53.79
CA LEU C 94 -5.71 20.55 -53.06
C LEU C 94 -6.94 21.43 -53.25
N GLY C 95 -7.54 21.85 -52.13
CA GLY C 95 -8.67 22.74 -52.19
C GLY C 95 -8.24 24.20 -52.28
N LEU C 96 -9.09 25.01 -52.91
CA LEU C 96 -8.76 26.41 -53.17
C LEU C 96 -9.70 27.38 -52.46
N THR C 97 -11.01 27.20 -52.62
CA THR C 97 -11.99 28.10 -52.00
C THR C 97 -13.17 27.32 -51.45
N THR C 98 -12.89 26.17 -50.83
CA THR C 98 -13.93 25.29 -50.29
C THR C 98 -13.76 25.23 -48.78
N ARG C 99 -14.56 26.02 -48.06
CA ARG C 99 -14.56 26.03 -46.60
C ARG C 99 -15.83 25.35 -46.12
N MET C 100 -15.71 24.08 -45.74
CA MET C 100 -16.82 23.34 -45.17
C MET C 100 -16.26 22.34 -44.18
N SER C 101 -17.06 22.04 -43.14
CA SER C 101 -16.60 21.16 -42.09
C SER C 101 -16.74 19.68 -42.45
N ILE C 102 -17.50 19.35 -43.48
CA ILE C 102 -17.69 17.96 -43.86
C ILE C 102 -16.39 17.34 -44.37
N TYR C 103 -15.49 18.17 -44.90
CA TYR C 103 -14.24 17.69 -45.48
C TYR C 103 -13.11 17.63 -44.45
N SER C 104 -13.43 17.54 -43.16
CA SER C 104 -12.42 17.40 -42.13
C SER C 104 -12.31 15.98 -41.60
N ASP C 105 -13.38 15.18 -41.69
CA ASP C 105 -13.35 13.80 -41.23
C ASP C 105 -12.50 12.98 -42.18
N LYS C 106 -11.28 12.63 -41.73
CA LYS C 106 -10.37 11.86 -42.57
C LYS C 106 -10.89 10.47 -42.87
N SER C 107 -11.82 9.96 -42.06
CA SER C 107 -12.41 8.65 -42.35
C SER C 107 -13.24 8.69 -43.62
N ILE C 108 -13.98 9.78 -43.85
CA ILE C 108 -14.80 9.89 -45.05
C ILE C 108 -13.94 10.22 -46.26
N HIS C 109 -13.26 11.36 -46.22
CA HIS C 109 -12.33 11.77 -47.28
C HIS C 109 -10.92 11.48 -46.79
N LEU C 110 -10.33 10.40 -47.27
CA LEU C 110 -9.03 9.95 -46.82
C LEU C 110 -7.87 10.62 -47.56
N SER C 111 -8.16 11.44 -48.56
CA SER C 111 -7.10 12.15 -49.29
C SER C 111 -7.70 13.49 -49.75
N PHE C 112 -7.45 14.53 -48.95
CA PHE C 112 -7.98 15.86 -49.26
C PHE C 112 -7.19 16.89 -48.49
N LEU C 113 -6.60 17.85 -49.19
CA LEU C 113 -5.89 18.96 -48.58
C LEU C 113 -6.43 20.26 -49.14
N ARG C 114 -6.24 21.34 -48.39
CA ARG C 114 -6.69 22.66 -48.82
C ARG C 114 -5.90 23.71 -48.04
N THR C 115 -5.97 24.95 -48.52
CA THR C 115 -5.41 26.10 -47.80
C THR C 115 -6.52 27.16 -47.70
N VAL C 116 -7.41 26.96 -46.73
CA VAL C 116 -8.52 27.84 -46.37
C VAL C 116 -8.92 27.45 -44.96
N PRO C 117 -9.07 28.38 -44.03
CA PRO C 117 -9.52 28.02 -42.68
C PRO C 117 -10.93 27.49 -42.70
N PRO C 118 -11.18 26.37 -42.02
CA PRO C 118 -12.55 25.87 -41.90
C PRO C 118 -13.36 26.69 -40.91
N TYR C 119 -14.59 26.26 -40.61
CA TYR C 119 -15.45 27.02 -39.72
C TYR C 119 -15.12 26.83 -38.25
N SER C 120 -14.20 25.92 -37.91
CA SER C 120 -13.78 25.75 -36.53
C SER C 120 -12.92 26.92 -36.05
N HIS C 121 -12.09 27.48 -36.94
CA HIS C 121 -11.29 28.64 -36.57
C HIS C 121 -12.16 29.82 -36.18
N GLN C 122 -13.41 29.87 -36.64
CA GLN C 122 -14.33 30.88 -36.14
C GLN C 122 -14.56 30.72 -34.64
N SER C 123 -14.76 29.49 -34.18
CA SER C 123 -14.89 29.25 -32.74
C SER C 123 -13.59 29.57 -32.01
N SER C 124 -12.45 29.19 -32.60
CA SER C 124 -11.17 29.49 -31.96
C SER C 124 -10.96 30.99 -31.80
N VAL C 125 -11.27 31.77 -32.83
CA VAL C 125 -11.10 33.22 -32.73
C VAL C 125 -12.15 33.83 -31.83
N TRP C 126 -13.33 33.21 -31.72
CA TRP C 126 -14.30 33.67 -30.74
C TRP C 126 -13.75 33.54 -29.33
N PHE C 127 -13.14 32.39 -29.03
CA PHE C 127 -12.51 32.21 -27.73
C PHE C 127 -11.38 33.24 -27.53
N GLU C 128 -10.56 33.44 -28.57
CA GLU C 128 -9.44 34.37 -28.44
C GLU C 128 -9.92 35.79 -28.17
N MET C 129 -10.98 36.21 -28.85
CA MET C 129 -11.53 37.55 -28.63
C MET C 129 -12.19 37.66 -27.27
N MET C 130 -12.90 36.61 -26.84
CA MET C 130 -13.56 36.62 -25.54
C MET C 130 -12.56 36.68 -24.40
N ARG C 131 -11.37 36.10 -24.59
CA ARG C 131 -10.36 36.09 -23.53
C ARG C 131 -9.86 37.49 -23.19
N VAL C 132 -10.06 38.47 -24.08
CA VAL C 132 -9.55 39.82 -23.86
C VAL C 132 -10.60 40.78 -23.35
N TYR C 133 -11.88 40.40 -23.38
CA TYR C 133 -12.94 41.25 -22.84
C TYR C 133 -13.48 40.77 -21.50
N SER C 134 -13.23 39.50 -21.15
CA SER C 134 -13.51 38.95 -19.82
C SER C 134 -15.00 39.06 -19.46
N TRP C 135 -15.81 38.34 -20.24
CA TRP C 135 -17.23 38.17 -19.93
C TRP C 135 -17.53 36.74 -19.48
N ASN C 136 -17.15 35.74 -20.28
CA ASN C 136 -17.16 34.33 -19.88
C ASN C 136 -18.54 33.87 -19.43
N HIS C 137 -19.57 34.23 -20.18
CA HIS C 137 -20.93 33.75 -19.95
C HIS C 137 -21.60 33.40 -21.27
N ILE C 138 -20.89 32.65 -22.11
CA ILE C 138 -21.34 32.42 -23.47
C ILE C 138 -22.54 31.48 -23.48
N ILE C 139 -23.60 31.91 -24.17
CA ILE C 139 -24.72 31.04 -24.54
C ILE C 139 -24.87 31.10 -26.05
N LEU C 140 -24.89 29.92 -26.69
CA LEU C 140 -24.80 29.84 -28.14
C LEU C 140 -25.95 29.03 -28.71
N LEU C 141 -26.32 29.36 -29.95
CA LEU C 141 -27.33 28.64 -30.71
C LEU C 141 -26.65 27.91 -31.85
N VAL C 142 -26.99 26.64 -32.02
CA VAL C 142 -26.31 25.77 -32.99
C VAL C 142 -27.35 25.11 -33.86
N SER C 143 -27.18 25.20 -35.18
CA SER C 143 -28.04 24.49 -36.11
C SER C 143 -27.77 22.99 -36.04
N ASP C 144 -28.82 22.19 -36.18
CA ASP C 144 -28.72 20.75 -36.00
C ASP C 144 -28.40 20.06 -37.33
N ASP C 145 -27.15 20.26 -37.75
CA ASP C 145 -26.59 19.58 -38.92
C ASP C 145 -25.15 19.21 -38.58
N HIS C 146 -24.39 18.81 -39.59
CA HIS C 146 -22.98 18.57 -39.39
C HIS C 146 -22.18 19.87 -39.28
N GLU C 147 -22.69 20.96 -39.84
CA GLU C 147 -21.96 22.22 -39.81
C GLU C 147 -21.89 22.79 -38.40
N GLY C 148 -23.04 22.85 -37.72
CA GLY C 148 -23.06 23.43 -36.38
C GLY C 148 -22.52 22.50 -35.31
N ARG C 149 -22.65 21.19 -35.50
CA ARG C 149 -22.17 20.24 -34.51
C ARG C 149 -20.66 20.35 -34.35
N ALA C 150 -19.93 20.53 -35.45
CA ALA C 150 -18.48 20.70 -35.37
C ALA C 150 -18.11 21.94 -34.57
N ALA C 151 -18.82 23.04 -34.79
CA ALA C 151 -18.57 24.25 -34.02
C ALA C 151 -18.85 24.03 -32.54
N GLN C 152 -19.94 23.32 -32.23
CA GLN C 152 -20.28 23.04 -30.84
C GLN C 152 -19.17 22.22 -30.17
N LYS C 153 -18.70 21.18 -30.85
CA LYS C 153 -17.64 20.35 -30.27
C LYS C 153 -16.35 21.16 -30.11
N ARG C 154 -16.02 22.01 -31.09
CA ARG C 154 -14.81 22.82 -30.99
C ARG C 154 -14.88 23.79 -29.83
N LEU C 155 -16.04 24.41 -29.62
CA LEU C 155 -16.18 25.35 -28.50
C LEU C 155 -16.22 24.63 -27.16
N GLU C 156 -16.72 23.39 -27.14
CA GLU C 156 -16.85 22.67 -25.88
C GLU C 156 -15.48 22.29 -25.31
N THR C 157 -14.60 21.77 -26.15
CA THR C 157 -13.30 21.30 -25.67
C THR C 157 -12.34 22.44 -25.34
N LEU C 158 -12.45 23.56 -26.07
CA LEU C 158 -11.55 24.68 -25.81
C LEU C 158 -11.76 25.27 -24.42
N LEU C 159 -13.02 25.41 -24.00
CA LEU C 159 -13.32 25.97 -22.70
C LEU C 159 -12.97 25.03 -21.56
N GLU C 160 -12.92 23.72 -21.82
CA GLU C 160 -12.56 22.77 -20.77
C GLU C 160 -11.11 22.95 -20.34
N GLU C 161 -10.23 23.36 -21.26
CA GLU C 161 -8.84 23.60 -20.90
C GLU C 161 -8.70 24.76 -19.93
N ARG C 162 -9.62 25.73 -19.99
CA ARG C 162 -9.64 26.85 -19.07
C ARG C 162 -10.54 26.60 -17.86
N GLU C 163 -11.15 25.43 -17.78
CA GLU C 163 -12.03 25.06 -16.66
C GLU C 163 -13.19 26.04 -16.52
N SER C 164 -14.00 26.11 -17.56
CA SER C 164 -15.14 27.03 -17.60
C SER C 164 -16.33 26.34 -18.26
N LYS C 165 -17.52 26.84 -17.92
CA LYS C 165 -18.76 26.35 -18.50
C LYS C 165 -19.47 27.49 -19.21
N ALA C 166 -20.14 27.17 -20.31
CA ALA C 166 -20.79 28.17 -21.16
C ALA C 166 -22.30 28.00 -21.06
N GLU C 167 -22.89 28.62 -20.03
CA GLU C 167 -24.33 28.71 -19.82
C GLU C 167 -25.11 27.49 -20.29
N LYS C 168 -25.95 27.67 -21.30
CA LYS C 168 -26.75 26.60 -21.87
C LYS C 168 -26.63 26.63 -23.38
N VAL C 169 -26.91 25.48 -24.00
CA VAL C 169 -26.83 25.32 -25.45
C VAL C 169 -28.19 24.88 -25.95
N LEU C 170 -28.65 25.51 -27.04
CA LEU C 170 -29.96 25.25 -27.60
C LEU C 170 -29.83 24.69 -29.02
N GLN C 171 -30.91 24.05 -29.48
CA GLN C 171 -30.96 23.44 -30.80
C GLN C 171 -32.30 23.76 -31.42
N PHE C 172 -32.28 24.50 -32.54
CA PHE C 172 -33.51 25.04 -33.12
C PHE C 172 -33.92 24.36 -34.42
N ASP C 173 -33.19 23.33 -34.88
CA ASP C 173 -33.51 22.52 -36.05
C ASP C 173 -33.40 23.32 -37.35
N PRO C 174 -32.98 22.69 -38.45
CA PRO C 174 -32.89 23.39 -39.73
C PRO C 174 -34.18 23.28 -40.53
N GLY C 175 -34.29 24.16 -41.52
CA GLY C 175 -35.43 24.14 -42.43
C GLY C 175 -36.77 24.40 -41.75
N THR C 176 -36.80 25.36 -40.83
CA THR C 176 -38.03 25.72 -40.13
C THR C 176 -38.25 27.23 -40.24
N LYS C 177 -39.51 27.63 -40.14
CA LYS C 177 -39.89 29.03 -40.28
C LYS C 177 -40.59 29.57 -39.05
N ASN C 178 -40.52 28.87 -37.91
CA ASN C 178 -41.20 29.33 -36.69
C ASN C 178 -40.40 28.82 -35.50
N VAL C 179 -39.64 29.70 -34.87
CA VAL C 179 -38.97 29.40 -33.61
C VAL C 179 -39.39 30.46 -32.60
N THR C 180 -39.97 30.01 -31.49
CA THR C 180 -40.31 30.91 -30.38
C THR C 180 -39.93 30.38 -29.00
N ALA C 181 -39.85 29.05 -28.81
CA ALA C 181 -39.57 28.52 -27.48
C ALA C 181 -38.12 28.76 -27.09
N LEU C 182 -37.19 28.64 -28.04
CA LEU C 182 -35.77 28.80 -27.72
C LEU C 182 -35.47 30.22 -27.27
N LEU C 183 -35.99 31.22 -27.99
CA LEU C 183 -35.75 32.61 -27.61
C LEU C 183 -36.41 32.93 -26.28
N MET C 184 -37.62 32.41 -26.05
CA MET C 184 -38.29 32.64 -24.77
C MET C 184 -37.50 32.04 -23.62
N GLU C 185 -36.98 30.83 -23.80
CA GLU C 185 -36.16 30.22 -22.76
C GLU C 185 -34.88 31.01 -22.53
N ALA C 186 -34.24 31.47 -23.61
CA ALA C 186 -33.02 32.25 -23.47
C ALA C 186 -33.27 33.65 -22.93
N LYS C 187 -34.52 34.11 -22.89
CA LYS C 187 -34.81 35.44 -22.40
C LYS C 187 -34.43 35.57 -20.92
N GLU C 188 -34.76 34.58 -20.11
CA GLU C 188 -34.49 34.62 -18.67
C GLU C 188 -33.19 33.87 -18.40
N LEU C 189 -32.12 34.64 -18.22
CA LEU C 189 -30.81 34.09 -17.88
C LEU C 189 -29.91 35.26 -17.48
N GLU C 190 -28.66 34.94 -17.15
CA GLU C 190 -27.66 35.92 -16.75
C GLU C 190 -26.51 35.97 -17.74
N ALA C 191 -26.82 35.93 -19.04
CA ALA C 191 -25.82 35.88 -20.08
C ALA C 191 -26.24 36.79 -21.22
N ARG C 192 -25.57 37.94 -21.34
CA ARG C 192 -25.88 38.92 -22.38
C ARG C 192 -25.01 38.74 -23.62
N VAL C 193 -24.96 37.53 -24.16
CA VAL C 193 -24.32 37.25 -25.43
C VAL C 193 -25.22 36.30 -26.22
N ILE C 194 -25.29 36.50 -27.54
CA ILE C 194 -26.20 35.73 -28.38
C ILE C 194 -25.41 35.02 -29.48
N ILE C 195 -24.21 34.53 -29.15
CA ILE C 195 -23.34 33.86 -30.12
C ILE C 195 -24.14 32.89 -30.96
N LEU C 196 -24.04 33.02 -32.29
CA LEU C 196 -24.90 32.30 -33.20
C LEU C 196 -24.09 31.82 -34.40
N SER C 197 -24.36 30.58 -34.82
CA SER C 197 -23.77 30.00 -36.03
C SER C 197 -24.91 29.42 -36.85
N ALA C 198 -25.56 30.26 -37.64
CA ALA C 198 -26.69 29.84 -38.47
C ALA C 198 -26.19 29.46 -39.86
N SER C 199 -27.12 29.25 -40.79
CA SER C 199 -26.78 28.90 -42.18
C SER C 199 -27.68 29.71 -43.10
N GLU C 200 -27.20 30.90 -43.48
CA GLU C 200 -27.87 31.74 -44.48
C GLU C 200 -29.31 32.08 -44.10
N ASP C 201 -30.25 31.29 -44.63
CA ASP C 201 -31.67 31.65 -44.53
C ASP C 201 -32.16 31.67 -43.09
N ASP C 202 -31.69 30.71 -42.27
CA ASP C 202 -32.15 30.64 -40.88
C ASP C 202 -31.81 31.91 -40.10
N ALA C 203 -30.76 32.64 -40.52
CA ALA C 203 -30.43 33.89 -39.86
C ALA C 203 -31.59 34.88 -39.95
N ALA C 204 -32.28 34.91 -41.10
CA ALA C 204 -33.39 35.85 -41.26
C ALA C 204 -34.49 35.57 -40.25
N THR C 205 -34.92 34.31 -40.13
CA THR C 205 -36.01 34.00 -39.22
C THR C 205 -35.60 34.17 -37.77
N VAL C 206 -34.36 33.80 -37.42
CA VAL C 206 -33.95 33.99 -36.04
C VAL C 206 -33.83 35.48 -35.70
N TYR C 207 -33.40 36.30 -36.66
CA TYR C 207 -33.32 37.74 -36.42
C TYR C 207 -34.70 38.36 -36.28
N ARG C 208 -35.66 37.91 -37.10
CA ARG C 208 -37.03 38.40 -36.95
C ARG C 208 -37.61 38.02 -35.60
N ALA C 209 -37.38 36.77 -35.17
CA ALA C 209 -37.88 36.34 -33.88
C ALA C 209 -37.25 37.14 -32.74
N ALA C 210 -35.94 37.40 -32.84
CA ALA C 210 -35.28 38.21 -31.81
C ALA C 210 -35.81 39.63 -31.79
N ALA C 211 -36.04 40.21 -32.97
CA ALA C 211 -36.56 41.58 -33.03
C ALA C 211 -37.95 41.67 -32.44
N MET C 212 -38.79 40.67 -32.69
CA MET C 212 -40.13 40.67 -32.12
C MET C 212 -40.13 40.47 -30.60
N LEU C 213 -39.01 40.07 -30.02
CA LEU C 213 -38.91 39.86 -28.58
C LEU C 213 -38.22 41.02 -27.87
N ASN C 214 -37.97 42.12 -28.57
CA ASN C 214 -37.34 43.34 -28.05
C ASN C 214 -36.17 43.00 -27.13
N MET C 215 -35.19 42.30 -27.70
CA MET C 215 -33.96 41.97 -26.98
C MET C 215 -32.73 42.66 -27.54
N THR C 216 -32.83 43.33 -28.69
CA THR C 216 -31.71 44.05 -29.28
C THR C 216 -31.80 45.51 -28.89
N GLY C 217 -30.91 45.94 -28.01
CA GLY C 217 -30.92 47.31 -27.52
C GLY C 217 -30.60 47.41 -26.05
N SER C 218 -29.66 48.28 -25.70
CA SER C 218 -29.20 48.47 -24.32
C SER C 218 -28.78 47.15 -23.69
N GLY C 219 -27.76 46.55 -24.28
CA GLY C 219 -27.24 45.27 -23.85
C GLY C 219 -27.52 44.18 -24.87
N TYR C 220 -27.26 42.94 -24.45
CA TYR C 220 -27.47 41.77 -25.29
C TYR C 220 -26.67 41.86 -26.59
N VAL C 221 -25.34 41.87 -26.44
CA VAL C 221 -24.46 41.91 -27.59
C VAL C 221 -24.63 40.64 -28.43
N TRP C 222 -24.22 40.72 -29.69
CA TRP C 222 -24.33 39.61 -30.62
C TRP C 222 -22.96 39.27 -31.21
N LEU C 223 -22.76 37.98 -31.48
CA LEU C 223 -21.59 37.50 -32.19
C LEU C 223 -22.06 36.47 -33.21
N VAL C 224 -21.55 36.58 -34.45
CA VAL C 224 -22.02 35.75 -35.55
C VAL C 224 -20.82 35.26 -36.36
N GLY C 225 -21.09 34.37 -37.30
CA GLY C 225 -20.07 33.84 -38.18
C GLY C 225 -20.01 34.59 -39.51
N GLU C 226 -19.09 34.13 -40.37
CA GLU C 226 -18.90 34.79 -41.65
C GLU C 226 -20.13 34.68 -42.54
N ARG C 227 -20.79 33.53 -42.53
CA ARG C 227 -21.92 33.28 -43.42
C ARG C 227 -23.23 33.84 -42.90
N GLU C 228 -23.26 34.40 -41.68
CA GLU C 228 -24.50 34.87 -41.09
C GLU C 228 -24.79 36.34 -41.38
N ILE C 229 -23.89 37.05 -42.05
CA ILE C 229 -24.10 38.46 -42.36
C ILE C 229 -23.90 38.70 -43.85
N SER C 230 -24.14 37.68 -44.66
CA SER C 230 -23.91 37.74 -46.10
C SER C 230 -25.23 37.60 -46.84
N GLY C 231 -25.45 38.47 -47.82
CA GLY C 231 -26.61 38.32 -48.69
C GLY C 231 -27.90 38.68 -48.01
N ASN C 232 -28.91 37.82 -48.17
CA ASN C 232 -30.26 38.12 -47.68
C ASN C 232 -30.29 38.21 -46.16
N ALA C 233 -29.37 37.52 -45.47
CA ALA C 233 -29.31 37.62 -44.02
C ALA C 233 -28.93 39.01 -43.55
N LEU C 234 -28.27 39.80 -44.41
CA LEU C 234 -27.86 41.15 -44.03
C LEU C 234 -29.03 42.12 -44.01
N ARG C 235 -30.05 41.89 -44.85
CA ARG C 235 -31.15 42.85 -44.96
C ARG C 235 -31.91 42.99 -43.66
N TYR C 236 -32.23 41.88 -43.00
CA TYR C 236 -33.00 41.88 -41.77
C TYR C 236 -32.03 41.58 -40.62
N ALA C 237 -31.39 42.63 -40.10
CA ALA C 237 -30.41 42.42 -39.05
C ALA C 237 -30.24 43.69 -38.23
N PRO C 238 -30.04 43.59 -36.92
CA PRO C 238 -29.80 44.78 -36.10
C PRO C 238 -28.32 45.17 -36.07
N ASP C 239 -28.09 46.45 -35.82
CA ASP C 239 -26.74 46.97 -35.78
C ASP C 239 -26.00 46.47 -34.55
N GLY C 240 -24.67 46.61 -34.58
CA GLY C 240 -23.83 46.22 -33.47
C GLY C 240 -23.31 44.80 -33.53
N ILE C 241 -23.77 43.99 -34.48
CA ILE C 241 -23.27 42.63 -34.59
C ILE C 241 -21.82 42.65 -35.03
N LEU C 242 -20.98 41.85 -34.36
CA LEU C 242 -19.58 41.72 -34.73
C LEU C 242 -19.47 40.69 -35.83
N GLY C 243 -19.82 41.11 -37.04
CA GLY C 243 -19.87 40.22 -38.19
C GLY C 243 -18.50 39.89 -38.75
N LEU C 244 -17.76 39.06 -38.01
CA LEU C 244 -16.40 38.71 -38.39
C LEU C 244 -16.37 38.04 -39.77
N GLN C 245 -15.36 38.40 -40.56
CA GLN C 245 -15.18 37.86 -41.89
C GLN C 245 -13.70 37.50 -42.08
N LEU C 246 -13.35 37.06 -43.28
CA LEU C 246 -12.01 36.56 -43.57
C LEU C 246 -11.36 37.43 -44.64
N ILE C 247 -10.05 37.61 -44.51
CA ILE C 247 -9.29 38.44 -45.45
C ILE C 247 -8.89 37.60 -46.66
N ASN C 248 -8.88 38.24 -47.83
CA ASN C 248 -8.54 37.58 -49.10
C ASN C 248 -9.43 36.37 -49.34
N GLY C 249 -10.71 36.51 -49.03
CA GLY C 249 -11.66 35.41 -49.17
C GLY C 249 -11.92 35.02 -50.61
N LYS C 250 -12.54 35.91 -51.37
CA LYS C 250 -12.83 35.64 -52.78
C LYS C 250 -11.63 36.00 -53.67
N ASN C 251 -10.47 35.46 -53.32
CA ASN C 251 -9.25 35.63 -54.11
C ASN C 251 -8.62 34.27 -54.33
N GLU C 252 -8.30 33.95 -55.58
CA GLU C 252 -7.80 32.64 -55.93
C GLU C 252 -6.46 32.65 -56.66
N SER C 253 -6.16 33.72 -57.40
CA SER C 253 -4.89 33.77 -58.11
C SER C 253 -3.71 33.69 -57.15
N ALA C 254 -3.76 34.45 -56.05
CA ALA C 254 -2.73 34.34 -55.02
C ALA C 254 -2.73 32.94 -54.41
N HIS C 255 -3.91 32.40 -54.14
CA HIS C 255 -4.00 31.04 -53.61
C HIS C 255 -3.49 30.03 -54.64
N ILE C 256 -3.76 30.27 -55.92
CA ILE C 256 -3.25 29.38 -56.96
C ILE C 256 -1.71 29.40 -56.96
N SER C 257 -1.13 30.60 -56.87
CA SER C 257 0.33 30.69 -56.84
C SER C 257 0.91 29.99 -55.61
N ASP C 258 0.29 30.19 -54.45
CA ASP C 258 0.77 29.52 -53.24
C ASP C 258 0.67 28.00 -53.38
N ALA C 259 -0.44 27.51 -53.93
CA ALA C 259 -0.62 26.07 -54.09
C ALA C 259 0.39 25.48 -55.05
N VAL C 260 0.64 26.15 -56.19
CA VAL C 260 1.60 25.61 -57.14
C VAL C 260 3.02 25.67 -56.56
N GLY C 261 3.32 26.71 -55.79
CA GLY C 261 4.64 26.77 -55.16
C GLY C 261 4.86 25.66 -54.16
N VAL C 262 3.87 25.43 -53.29
CA VAL C 262 4.03 24.37 -52.30
C VAL C 262 4.03 23.00 -52.97
N VAL C 263 3.25 22.82 -54.05
CA VAL C 263 3.25 21.55 -54.77
C VAL C 263 4.62 21.31 -55.41
N ALA C 264 5.22 22.35 -56.00
CA ALA C 264 6.54 22.20 -56.59
C ALA C 264 7.58 21.87 -55.52
N GLN C 265 7.50 22.53 -54.37
CA GLN C 265 8.43 22.23 -53.28
C GLN C 265 8.28 20.78 -52.82
N ALA C 266 7.04 20.31 -52.67
CA ALA C 266 6.81 18.93 -52.25
C ALA C 266 7.32 17.94 -53.28
N VAL C 267 7.11 18.23 -54.57
CA VAL C 267 7.58 17.34 -55.62
C VAL C 267 9.10 17.26 -55.61
N HIS C 268 9.76 18.42 -55.48
CA HIS C 268 11.23 18.42 -55.44
C HIS C 268 11.74 17.68 -54.22
N GLU C 269 11.08 17.83 -53.07
CA GLU C 269 11.48 17.09 -51.88
C GLU C 269 11.30 15.59 -52.07
N LEU C 270 10.20 15.18 -52.70
CA LEU C 270 9.91 13.76 -52.86
C LEU C 270 10.80 13.10 -53.91
N LEU C 271 11.27 13.87 -54.90
CA LEU C 271 12.07 13.29 -55.97
C LEU C 271 13.34 12.64 -55.44
N GLU C 272 13.93 13.21 -54.38
CA GLU C 272 15.14 12.65 -53.78
C GLU C 272 14.75 11.59 -52.76
N LYS C 273 14.43 10.41 -53.26
CA LYS C 273 13.98 9.30 -52.44
C LYS C 273 14.31 7.99 -53.16
N GLU C 274 13.71 6.90 -52.70
CA GLU C 274 13.92 5.60 -53.31
C GLU C 274 13.08 5.47 -54.57
N ASN C 275 12.95 4.25 -55.10
CA ASN C 275 12.21 4.03 -56.33
C ASN C 275 10.77 4.52 -56.19
N ILE C 276 10.30 5.24 -57.20
CA ILE C 276 8.97 5.84 -57.20
C ILE C 276 8.23 5.35 -58.44
N THR C 277 6.96 4.97 -58.25
CA THR C 277 6.12 4.51 -59.34
C THR C 277 5.28 5.67 -59.86
N ASP C 278 4.34 5.37 -60.75
CA ASP C 278 3.44 6.37 -61.29
C ASP C 278 2.00 5.92 -61.10
N PRO C 279 1.09 6.86 -60.84
CA PRO C 279 -0.32 6.48 -60.69
C PRO C 279 -0.85 5.87 -61.97
N PRO C 280 -1.74 4.89 -61.85
CA PRO C 280 -2.24 4.20 -63.04
C PRO C 280 -3.12 5.08 -63.90
N ARG C 281 -3.24 4.69 -65.17
CA ARG C 281 -4.02 5.42 -66.15
C ARG C 281 -5.06 4.50 -66.77
N GLY C 282 -6.27 5.03 -66.96
CA GLY C 282 -7.31 4.28 -67.64
C GLY C 282 -8.69 4.36 -67.01
N CYS C 283 -8.75 4.51 -65.68
CA CYS C 283 -9.99 4.57 -64.92
C CYS C 283 -10.80 3.28 -65.04
N VAL C 284 -10.25 2.26 -65.72
CA VAL C 284 -10.97 1.02 -65.94
C VAL C 284 -10.17 -0.19 -65.48
N GLY C 285 -8.96 -0.33 -66.01
CA GLY C 285 -8.19 -1.54 -65.86
C GLY C 285 -7.31 -1.66 -64.63
N ASN C 286 -7.37 -0.70 -63.71
CA ASN C 286 -6.53 -0.72 -62.52
C ASN C 286 -7.39 -0.58 -61.27
N THR C 287 -7.19 -1.46 -60.30
CA THR C 287 -7.95 -1.44 -59.05
C THR C 287 -7.04 -1.38 -57.84
N ASN C 288 -5.76 -1.03 -58.02
CA ASN C 288 -4.80 -1.00 -56.92
C ASN C 288 -4.12 0.36 -56.88
N ILE C 289 -3.97 0.89 -55.66
CA ILE C 289 -3.23 2.13 -55.46
C ILE C 289 -1.73 1.85 -55.52
N TRP C 290 -0.95 2.88 -55.83
CA TRP C 290 0.49 2.71 -55.85
C TRP C 290 1.05 2.74 -54.42
N LYS C 291 2.25 2.17 -54.28
CA LYS C 291 2.78 1.86 -52.95
C LYS C 291 2.96 3.12 -52.11
N THR C 292 3.64 4.12 -52.64
CA THR C 292 3.94 5.33 -51.87
C THR C 292 2.85 6.39 -52.04
N GLY C 293 1.60 5.99 -51.83
CA GLY C 293 0.49 6.88 -51.93
C GLY C 293 0.45 7.86 -50.76
N PRO C 294 0.21 7.36 -49.56
CA PRO C 294 0.17 8.24 -48.38
C PRO C 294 1.50 8.91 -48.08
N LEU C 295 2.61 8.42 -48.63
CA LEU C 295 3.90 9.05 -48.37
C LEU C 295 3.95 10.47 -48.94
N PHE C 296 3.39 10.66 -50.14
CA PHE C 296 3.33 12.00 -50.72
C PHE C 296 2.50 12.93 -49.85
N LYS C 297 1.36 12.45 -49.35
CA LYS C 297 0.54 13.27 -48.47
C LYS C 297 1.29 13.62 -47.20
N ARG C 298 2.00 12.64 -46.61
CA ARG C 298 2.73 12.89 -45.37
C ARG C 298 3.84 13.91 -45.57
N VAL C 299 4.59 13.80 -46.67
CA VAL C 299 5.63 14.79 -46.92
C VAL C 299 5.03 16.13 -47.30
N LEU C 300 3.79 16.14 -47.81
CA LEU C 300 3.13 17.40 -48.11
C LEU C 300 2.65 18.12 -46.87
N MET C 301 2.28 17.38 -45.81
CA MET C 301 1.96 18.02 -44.54
C MET C 301 3.14 18.79 -43.99
N SER C 302 4.35 18.21 -44.06
CA SER C 302 5.54 18.81 -43.48
C SER C 302 6.24 19.75 -44.45
N SER C 303 5.53 20.31 -45.41
CA SER C 303 6.09 21.25 -46.37
C SER C 303 5.69 22.66 -45.97
N LYS C 304 6.67 23.49 -45.65
CA LYS C 304 6.45 24.88 -45.26
C LYS C 304 7.12 25.80 -46.27
N TYR C 305 6.37 26.77 -46.77
CA TYR C 305 6.89 27.71 -47.77
C TYR C 305 6.19 29.06 -47.52
N ALA C 306 6.83 29.90 -46.72
CA ALA C 306 6.27 31.19 -46.34
C ALA C 306 6.85 32.32 -47.20
N ASP C 307 6.74 32.17 -48.52
CA ASP C 307 7.22 33.20 -49.43
C ASP C 307 6.34 33.43 -50.66
N GLY C 308 5.20 32.76 -50.78
CA GLY C 308 4.44 32.89 -52.00
C GLY C 308 3.70 34.19 -52.17
N VAL C 309 2.63 34.40 -51.39
CA VAL C 309 1.90 35.66 -51.42
C VAL C 309 1.66 36.15 -50.01
N THR C 310 1.65 35.23 -49.05
CA THR C 310 1.18 35.53 -47.70
C THR C 310 2.13 34.89 -46.69
N GLY C 311 1.67 34.82 -45.44
CA GLY C 311 2.49 34.31 -44.35
C GLY C 311 2.75 32.82 -44.40
N ARG C 312 3.06 32.24 -43.25
CA ARG C 312 3.44 30.83 -43.16
C ARG C 312 2.26 29.96 -43.54
N VAL C 313 2.35 29.30 -44.70
CA VAL C 313 1.33 28.36 -45.15
C VAL C 313 1.72 27.01 -44.55
N GLU C 314 1.32 26.79 -43.30
CA GLU C 314 1.67 25.59 -42.55
C GLU C 314 0.46 24.68 -42.42
N PHE C 315 0.66 23.39 -42.69
CA PHE C 315 -0.40 22.40 -42.59
C PHE C 315 -0.26 21.66 -41.27
N ASN C 316 -1.33 21.65 -40.48
CA ASN C 316 -1.32 20.95 -39.21
C ASN C 316 -1.69 19.48 -39.42
N GLU C 317 -1.95 18.75 -38.33
CA GLU C 317 -2.26 17.33 -38.45
C GLU C 317 -3.57 17.10 -39.20
N ASP C 318 -4.56 17.97 -38.99
CA ASP C 318 -5.82 17.84 -39.72
C ASP C 318 -5.62 18.12 -41.20
N GLY C 319 -4.79 19.10 -41.54
CA GLY C 319 -4.52 19.43 -42.91
C GLY C 319 -5.29 20.61 -43.47
N ASP C 320 -5.97 21.39 -42.62
CA ASP C 320 -6.75 22.52 -43.12
C ASP C 320 -5.85 23.72 -43.36
N ARG C 321 -5.24 24.27 -42.31
CA ARG C 321 -4.28 25.37 -42.39
C ARG C 321 -3.85 25.72 -40.97
N LYS C 322 -2.82 26.57 -40.88
CA LYS C 322 -2.37 27.11 -39.62
C LYS C 322 -1.96 28.57 -39.82
N PHE C 323 -2.11 29.35 -38.76
CA PHE C 323 -1.71 30.76 -38.74
C PHE C 323 -2.42 31.55 -39.85
N ALA C 324 -3.74 31.62 -39.73
CA ALA C 324 -4.56 32.37 -40.66
C ALA C 324 -4.71 33.81 -40.20
N ASN C 325 -5.37 34.63 -41.02
CA ASN C 325 -5.61 36.03 -40.71
C ASN C 325 -7.07 36.36 -40.93
N TYR C 326 -7.65 37.12 -40.00
CA TYR C 326 -9.04 37.55 -40.06
C TYR C 326 -9.10 39.07 -39.99
N SER C 327 -10.32 39.60 -40.10
CA SER C 327 -10.55 41.04 -40.04
C SER C 327 -11.91 41.26 -39.39
N ILE C 328 -11.91 41.53 -38.09
CA ILE C 328 -13.16 41.71 -37.35
C ILE C 328 -13.87 42.95 -37.88
N MET C 329 -15.05 42.75 -38.44
CA MET C 329 -15.88 43.83 -38.95
C MET C 329 -17.14 43.95 -38.12
N ASN C 330 -17.60 45.19 -37.94
CA ASN C 330 -18.76 45.48 -37.12
C ASN C 330 -19.76 46.28 -37.94
N LEU C 331 -21.01 45.84 -37.95
CA LEU C 331 -22.07 46.59 -38.60
C LEU C 331 -22.36 47.86 -37.81
N GLN C 332 -22.47 48.98 -38.51
CA GLN C 332 -22.71 50.27 -37.87
C GLN C 332 -23.54 51.13 -38.84
N ARG C 333 -24.85 51.06 -38.67
CA ARG C 333 -25.79 51.76 -39.55
C ARG C 333 -25.50 51.44 -41.02
N ARG C 334 -25.39 50.15 -41.32
CA ARG C 334 -24.99 49.65 -42.62
C ARG C 334 -23.57 50.09 -42.96
N LYS C 335 -23.04 49.65 -44.10
CA LYS C 335 -21.71 50.01 -44.55
C LYS C 335 -20.65 49.59 -43.52
N LEU C 336 -20.53 48.27 -43.38
CA LEU C 336 -19.58 47.66 -42.45
C LEU C 336 -18.23 48.36 -42.48
N VAL C 337 -17.68 48.60 -41.30
CA VAL C 337 -16.42 49.32 -41.13
C VAL C 337 -15.45 48.43 -40.36
N GLN C 338 -14.21 48.33 -40.85
CA GLN C 338 -13.21 47.52 -40.19
C GLN C 338 -12.92 48.06 -38.79
N VAL C 339 -12.80 47.15 -37.83
CA VAL C 339 -12.64 47.54 -36.43
C VAL C 339 -11.40 46.91 -35.82
N GLY C 340 -10.96 45.76 -36.34
CA GLY C 340 -9.80 45.12 -35.76
C GLY C 340 -9.23 44.03 -36.63
N ILE C 341 -8.00 43.64 -36.29
CA ILE C 341 -7.24 42.62 -36.99
C ILE C 341 -7.00 41.48 -36.02
N TYR C 342 -6.87 40.27 -36.57
CA TYR C 342 -6.53 39.09 -35.79
C TYR C 342 -5.46 38.31 -36.53
N ASN C 343 -4.46 37.81 -35.79
CA ASN C 343 -3.37 37.06 -36.40
C ASN C 343 -2.96 35.84 -35.56
N GLY C 344 -3.70 35.50 -34.51
CA GLY C 344 -3.37 34.35 -33.69
C GLY C 344 -2.92 34.74 -32.29
N THR C 345 -3.83 34.65 -31.34
CA THR C 345 -3.59 34.98 -29.93
C THR C 345 -3.05 36.39 -29.73
N HIS C 346 -3.16 37.24 -30.76
CA HIS C 346 -2.65 38.60 -30.72
C HIS C 346 -3.67 39.56 -31.31
N VAL C 347 -4.91 39.45 -30.85
CA VAL C 347 -5.97 40.33 -31.36
C VAL C 347 -5.61 41.78 -31.07
N ILE C 348 -5.54 42.58 -32.12
CA ILE C 348 -5.16 43.98 -32.03
C ILE C 348 -6.33 44.83 -32.49
N PRO C 349 -7.10 45.40 -31.56
CA PRO C 349 -8.17 46.32 -31.94
C PRO C 349 -7.60 47.58 -32.57
N ASN C 350 -8.33 48.12 -33.54
CA ASN C 350 -7.96 49.38 -34.15
C ASN C 350 -8.44 50.53 -33.26
N ASP C 351 -8.35 51.75 -33.77
CA ASP C 351 -8.72 52.94 -33.01
C ASP C 351 -9.75 53.78 -33.75
N ARG C 352 -10.67 53.12 -34.45
CA ARG C 352 -11.71 53.86 -35.17
C ARG C 352 -12.83 54.28 -34.22
N LYS C 353 -13.58 53.29 -33.72
CA LYS C 353 -14.62 53.49 -32.72
C LYS C 353 -15.26 52.13 -32.43
N ILE C 354 -16.15 52.11 -31.44
CA ILE C 354 -16.99 50.95 -31.14
C ILE C 354 -18.40 51.46 -30.86
N ILE C 355 -19.39 50.83 -31.48
CA ILE C 355 -20.80 51.13 -31.23
C ILE C 355 -21.52 49.83 -30.90
N TRP C 356 -21.81 49.62 -29.62
CA TRP C 356 -22.52 48.44 -29.19
C TRP C 356 -23.99 48.56 -29.58
N PRO C 357 -24.72 47.43 -29.65
CA PRO C 357 -26.08 47.48 -30.21
C PRO C 357 -27.10 48.13 -29.29
N GLY C 358 -26.76 49.29 -28.73
CA GLY C 358 -27.71 50.08 -27.98
C GLY C 358 -27.50 51.56 -28.20
N GLY C 359 -26.53 51.91 -29.05
CA GLY C 359 -26.14 53.29 -29.24
C GLY C 359 -25.22 53.83 -28.18
N GLU C 360 -24.81 53.02 -27.22
CA GLU C 360 -23.94 53.47 -26.14
C GLU C 360 -22.49 53.45 -26.59
N THR C 361 -21.56 53.62 -25.64
CA THR C 361 -20.13 53.57 -25.93
C THR C 361 -19.35 52.67 -25.00
N GLU C 362 -19.79 52.47 -23.76
CA GLU C 362 -19.09 51.59 -22.83
C GLU C 362 -19.40 50.13 -23.15
N LYS C 363 -18.45 49.26 -22.85
CA LYS C 363 -18.63 47.83 -23.09
C LYS C 363 -19.67 47.28 -22.13
N PRO C 364 -20.77 46.69 -22.62
CA PRO C 364 -21.80 46.18 -21.71
C PRO C 364 -21.35 44.92 -21.01
N ARG C 365 -21.35 44.95 -19.68
CA ARG C 365 -21.02 43.77 -18.90
C ARG C 365 -22.17 42.76 -18.96
N GLY C 366 -21.85 41.50 -19.20
CA GLY C 366 -22.85 40.47 -19.37
C GLY C 366 -23.26 39.74 -18.10
N TYR C 367 -23.95 40.41 -17.19
CA TYR C 367 -24.42 39.76 -15.97
C TYR C 367 -25.50 40.61 -15.31
N GLN C 368 -26.59 39.96 -14.89
CA GLN C 368 -27.68 40.61 -14.16
C GLN C 368 -27.99 39.95 -12.83
N MET C 369 -28.02 38.62 -12.80
CA MET C 369 -28.19 37.80 -11.58
C MET C 369 -29.63 37.82 -11.06
N SER C 370 -30.48 38.67 -11.64
CA SER C 370 -31.92 38.69 -11.46
C SER C 370 -32.37 39.04 -10.04
N THR C 371 -31.46 39.09 -9.07
CA THR C 371 -31.77 39.39 -7.67
C THR C 371 -33.06 38.71 -7.19
N ARG C 372 -33.16 37.41 -7.49
CA ARG C 372 -34.33 36.64 -7.09
C ARG C 372 -33.96 35.17 -7.04
N LEU C 373 -34.51 34.46 -6.05
CA LEU C 373 -34.23 33.05 -5.85
C LEU C 373 -35.53 32.26 -5.82
N LYS C 374 -35.39 30.94 -5.82
CA LYS C 374 -36.52 30.01 -5.89
C LYS C 374 -36.34 28.88 -4.86
N ILE C 375 -36.06 29.26 -3.61
CA ILE C 375 -35.72 28.29 -2.57
C ILE C 375 -36.75 27.18 -2.51
N VAL C 376 -36.27 25.95 -2.34
CA VAL C 376 -37.12 24.77 -2.20
C VAL C 376 -36.74 24.04 -0.92
N THR C 377 -37.73 23.71 -0.10
CA THR C 377 -37.51 23.06 1.18
C THR C 377 -38.36 21.80 1.27
N ILE C 378 -37.93 20.88 2.13
CA ILE C 378 -38.64 19.63 2.39
C ILE C 378 -39.13 19.66 3.83
N HIS C 379 -40.38 19.23 4.03
CA HIS C 379 -40.98 19.25 5.36
C HIS C 379 -40.21 18.35 6.32
N GLN C 380 -39.93 18.88 7.51
CA GLN C 380 -39.26 18.13 8.57
C GLN C 380 -39.85 18.57 9.90
N GLU C 381 -39.73 17.70 10.91
CA GLU C 381 -40.40 17.95 12.17
C GLU C 381 -39.83 19.16 12.90
N PRO C 382 -38.55 19.18 13.29
CA PRO C 382 -38.05 20.29 14.11
C PRO C 382 -37.40 21.43 13.32
N PHE C 383 -37.30 21.33 12.00
CA PHE C 383 -36.60 22.33 11.21
C PHE C 383 -37.56 23.21 10.42
N VAL C 384 -38.42 22.62 9.60
CA VAL C 384 -39.37 23.37 8.76
C VAL C 384 -40.75 22.80 9.06
N TYR C 385 -41.47 23.43 9.98
CA TYR C 385 -42.82 23.00 10.30
C TYR C 385 -43.76 23.25 9.13
N VAL C 386 -44.83 22.46 9.07
CA VAL C 386 -45.89 22.63 8.08
C VAL C 386 -47.21 22.81 8.83
N LYS C 387 -47.93 23.86 8.50
CA LYS C 387 -49.20 24.14 9.16
C LYS C 387 -50.21 24.67 8.16
N PRO C 388 -51.37 24.03 8.02
CA PRO C 388 -52.40 24.53 7.11
C PRO C 388 -52.87 25.91 7.54
N THR C 389 -53.15 26.77 6.55
CA THR C 389 -53.58 28.13 6.83
C THR C 389 -55.07 28.16 7.16
N LEU C 390 -55.51 29.30 7.68
CA LEU C 390 -56.90 29.48 8.08
C LEU C 390 -57.75 29.82 6.86
N SER C 391 -59.01 30.20 7.09
CA SER C 391 -59.89 30.55 5.98
C SER C 391 -59.41 31.79 5.25
N ASP C 392 -58.90 32.79 5.99
CA ASP C 392 -58.40 34.00 5.36
C ASP C 392 -57.22 33.71 4.46
N GLY C 393 -56.30 32.87 4.90
CA GLY C 393 -55.15 32.52 4.10
C GLY C 393 -53.83 33.01 4.67
N THR C 394 -53.84 34.21 5.22
CA THR C 394 -52.62 34.79 5.79
C THR C 394 -52.40 34.25 7.20
N CYS C 395 -51.15 33.86 7.48
CA CYS C 395 -50.81 33.34 8.79
C CYS C 395 -50.85 34.46 9.83
N LYS C 396 -51.33 34.13 11.02
CA LYS C 396 -51.42 35.07 12.13
C LYS C 396 -51.70 34.28 13.41
N GLU C 397 -51.84 35.01 14.51
CA GLU C 397 -52.19 34.44 15.81
C GLU C 397 -51.15 33.40 16.24
N GLU C 398 -49.92 33.87 16.43
CA GLU C 398 -48.84 33.01 16.90
C GLU C 398 -47.88 33.83 17.74
N PHE C 399 -47.44 33.25 18.86
CA PHE C 399 -46.50 33.90 19.76
C PHE C 399 -45.61 32.84 20.38
N THR C 400 -44.35 33.20 20.62
CA THR C 400 -43.38 32.27 21.17
C THR C 400 -43.58 32.13 22.68
N VAL C 401 -42.73 31.31 23.31
CA VAL C 401 -42.86 31.05 24.74
C VAL C 401 -42.58 32.32 25.55
N ASN C 402 -41.48 33.00 25.23
CA ASN C 402 -41.14 34.23 25.96
C ASN C 402 -42.04 35.39 25.56
N GLY C 403 -42.60 35.36 24.36
CA GLY C 403 -43.44 36.44 23.88
C GLY C 403 -42.72 37.35 22.91
N ASP C 404 -42.94 37.12 21.62
CA ASP C 404 -42.28 37.87 20.56
C ASP C 404 -42.89 37.49 19.22
N PRO C 405 -42.82 38.35 18.20
CA PRO C 405 -43.35 37.99 16.89
C PRO C 405 -42.59 36.81 16.30
N VAL C 406 -43.30 35.98 15.55
CA VAL C 406 -42.75 34.80 14.89
C VAL C 406 -42.84 35.02 13.39
N LYS C 407 -41.70 34.95 12.71
CA LYS C 407 -41.67 35.18 11.27
C LYS C 407 -42.28 33.98 10.54
N LYS C 408 -43.17 34.28 9.59
CA LYS C 408 -43.85 33.24 8.81
C LYS C 408 -43.76 33.58 7.33
N VAL C 409 -43.68 32.54 6.51
CA VAL C 409 -43.62 32.68 5.06
C VAL C 409 -44.66 31.75 4.45
N ILE C 410 -45.03 32.07 3.21
CA ILE C 410 -46.09 31.35 2.51
C ILE C 410 -45.46 30.20 1.74
N CYS C 411 -45.85 28.97 2.10
CA CYS C 411 -45.35 27.77 1.43
C CYS C 411 -46.36 27.32 0.38
N THR C 412 -45.94 27.29 -0.88
CA THR C 412 -46.81 26.85 -1.97
C THR C 412 -46.58 25.36 -2.27
N GLY C 413 -46.82 24.54 -1.24
CA GLY C 413 -46.56 23.13 -1.32
C GLY C 413 -47.79 22.30 -1.60
N PRO C 414 -47.58 21.10 -2.15
CA PRO C 414 -48.72 20.22 -2.43
C PRO C 414 -49.42 19.78 -1.17
N ASN C 415 -50.74 19.60 -1.28
CA ASN C 415 -51.56 19.12 -0.17
C ASN C 415 -51.84 17.63 -0.25
N ASP C 416 -51.84 17.05 -1.45
CA ASP C 416 -52.10 15.63 -1.64
C ASP C 416 -50.85 14.85 -1.24
N THR C 417 -50.69 14.66 0.07
CA THR C 417 -49.54 13.93 0.59
C THR C 417 -49.61 12.44 0.25
N SER C 418 -50.77 11.94 -0.17
CA SER C 418 -50.89 10.54 -0.53
C SER C 418 -50.09 10.24 -1.79
N PRO C 419 -49.59 9.01 -1.94
CA PRO C 419 -48.82 8.67 -3.14
C PRO C 419 -49.69 8.54 -4.37
N GLY C 420 -50.05 9.68 -4.96
CA GLY C 420 -50.90 9.70 -6.14
C GLY C 420 -52.28 10.24 -5.86
N SER C 421 -52.50 11.50 -6.20
CA SER C 421 -53.77 12.18 -5.94
C SER C 421 -53.74 13.51 -6.69
N PRO C 422 -54.91 14.09 -6.96
CA PRO C 422 -54.94 15.42 -7.62
C PRO C 422 -54.21 16.46 -6.80
N ARG C 423 -53.13 17.00 -7.36
CA ARG C 423 -52.32 17.98 -6.67
C ARG C 423 -53.07 19.30 -6.52
N HIS C 424 -52.77 20.00 -5.42
CA HIS C 424 -53.39 21.29 -5.14
C HIS C 424 -52.33 22.21 -4.55
N THR C 425 -51.98 23.27 -5.28
CA THR C 425 -50.97 24.21 -4.82
C THR C 425 -51.57 25.22 -3.85
N VAL C 426 -52.23 24.73 -2.81
CA VAL C 426 -52.82 25.62 -1.81
C VAL C 426 -51.71 26.25 -0.98
N PRO C 427 -51.70 27.57 -0.80
CA PRO C 427 -50.64 28.20 0.00
C PRO C 427 -50.70 27.80 1.46
N GLN C 428 -49.69 27.06 1.92
CA GLN C 428 -49.60 26.63 3.31
C GLN C 428 -48.71 27.61 4.09
N CYS C 429 -48.46 27.28 5.35
CA CYS C 429 -47.65 28.10 6.23
C CYS C 429 -46.51 27.26 6.79
N CYS C 430 -45.30 27.79 6.72
CA CYS C 430 -44.09 27.11 7.19
C CYS C 430 -43.25 28.06 8.03
N TYR C 431 -42.63 27.51 9.07
CA TYR C 431 -41.80 28.29 9.97
C TYR C 431 -40.84 27.36 10.70
N GLY C 432 -39.80 27.93 11.24
CA GLY C 432 -38.88 27.14 12.06
C GLY C 432 -37.45 27.65 11.94
N PHE C 433 -36.51 26.73 12.15
CA PHE C 433 -35.09 27.05 12.18
C PHE C 433 -34.62 27.59 10.84
N CYS C 434 -34.74 26.77 9.78
CA CYS C 434 -34.20 27.15 8.49
C CYS C 434 -34.89 28.39 7.94
N ILE C 435 -36.19 28.56 8.22
CA ILE C 435 -36.88 29.77 7.77
C ILE C 435 -36.31 31.01 8.45
N ASP C 436 -36.02 30.92 9.75
CA ASP C 436 -35.40 32.04 10.45
C ASP C 436 -34.02 32.34 9.88
N LEU C 437 -33.24 31.30 9.60
CA LEU C 437 -31.92 31.52 9.00
C LEU C 437 -32.04 32.19 7.64
N LEU C 438 -33.01 31.76 6.83
CA LEU C 438 -33.22 32.38 5.52
C LEU C 438 -33.64 33.83 5.65
N ILE C 439 -34.48 34.13 6.65
CA ILE C 439 -34.89 35.52 6.89
C ILE C 439 -33.68 36.38 7.24
N LYS C 440 -32.81 35.87 8.11
CA LYS C 440 -31.61 36.61 8.47
C LYS C 440 -30.70 36.81 7.25
N LEU C 441 -30.56 35.77 6.42
CA LEU C 441 -29.74 35.89 5.22
C LEU C 441 -30.30 36.93 4.25
N ALA C 442 -31.61 36.91 4.04
CA ALA C 442 -32.24 37.90 3.15
C ALA C 442 -32.13 39.30 3.73
N ARG C 443 -32.13 39.43 5.05
CA ARG C 443 -31.85 40.74 5.64
C ARG C 443 -30.43 41.19 5.34
N THR C 444 -29.47 40.27 5.44
CA THR C 444 -28.07 40.63 5.21
C THR C 444 -27.78 40.84 3.73
N MET C 445 -28.29 39.95 2.87
CA MET C 445 -28.03 40.00 1.44
C MET C 445 -29.33 40.27 0.70
N ASN C 446 -29.29 41.22 -0.24
CA ASN C 446 -30.50 41.71 -0.89
C ASN C 446 -30.98 40.70 -1.94
N PHE C 447 -32.17 40.14 -1.71
CA PHE C 447 -32.89 39.36 -2.72
C PHE C 447 -34.32 39.20 -2.24
N THR C 448 -35.10 38.39 -2.96
CA THR C 448 -36.51 38.18 -2.64
C THR C 448 -36.83 36.71 -2.80
N TYR C 449 -37.02 36.02 -1.68
CA TYR C 449 -37.28 34.58 -1.69
C TYR C 449 -38.73 34.30 -2.09
N GLU C 450 -38.94 33.12 -2.67
CA GLU C 450 -40.28 32.60 -2.98
C GLU C 450 -40.22 31.10 -2.70
N VAL C 451 -40.58 30.71 -1.48
CA VAL C 451 -40.43 29.34 -1.04
C VAL C 451 -41.54 28.49 -1.62
N HIS C 452 -41.18 27.38 -2.26
CA HIS C 452 -42.14 26.39 -2.72
C HIS C 452 -41.63 25.00 -2.33
N LEU C 453 -42.51 24.21 -1.73
CA LEU C 453 -42.14 22.90 -1.20
C LEU C 453 -41.97 21.90 -2.33
N VAL C 454 -41.17 20.86 -2.07
CA VAL C 454 -40.91 19.85 -3.09
C VAL C 454 -42.18 19.06 -3.39
N ALA C 455 -42.17 18.40 -4.54
CA ALA C 455 -43.34 17.65 -5.01
C ALA C 455 -43.32 16.21 -4.55
N ASP C 456 -42.25 15.48 -4.85
CA ASP C 456 -42.20 14.05 -4.52
C ASP C 456 -42.19 13.82 -3.02
N GLY C 457 -41.15 14.34 -2.34
CA GLY C 457 -41.00 14.19 -0.89
C GLY C 457 -39.69 13.53 -0.51
N LYS C 458 -39.12 12.71 -1.38
CA LYS C 458 -37.86 12.06 -1.09
C LYS C 458 -36.72 13.07 -1.16
N PHE C 459 -35.68 12.82 -0.36
CA PHE C 459 -34.53 13.73 -0.32
C PHE C 459 -33.81 13.77 -1.66
N GLY C 460 -33.66 12.61 -2.30
CA GLY C 460 -33.00 12.55 -3.59
C GLY C 460 -31.73 11.73 -3.60
N THR C 461 -31.79 10.55 -4.23
CA THR C 461 -30.65 9.67 -4.32
C THR C 461 -30.58 9.09 -5.73
N GLN C 462 -29.38 8.66 -6.12
CA GLN C 462 -29.21 8.05 -7.43
C GLN C 462 -29.98 6.74 -7.52
N GLU C 463 -30.68 6.56 -8.64
CA GLU C 463 -31.46 5.35 -8.85
C GLU C 463 -31.64 5.14 -10.35
N ARG C 464 -31.70 3.87 -10.75
CA ARG C 464 -31.87 3.54 -12.16
C ARG C 464 -33.31 3.81 -12.58
N VAL C 465 -33.47 4.48 -13.73
CA VAL C 465 -34.80 4.76 -14.25
C VAL C 465 -35.43 3.48 -14.79
N ASN C 466 -36.76 3.43 -14.77
CA ASN C 466 -37.48 2.24 -15.20
C ASN C 466 -37.35 2.06 -16.71
N ASN C 467 -37.32 0.78 -17.13
CA ASN C 467 -37.24 0.40 -18.54
C ASN C 467 -36.00 1.00 -19.21
N SER C 468 -34.89 1.03 -18.48
CA SER C 468 -33.63 1.54 -19.00
C SER C 468 -32.51 1.00 -18.12
N ASN C 469 -31.29 1.52 -18.35
CA ASN C 469 -30.14 1.11 -17.55
C ASN C 469 -29.25 2.29 -17.19
N LYS C 470 -29.78 3.51 -17.17
CA LYS C 470 -29.01 4.70 -16.88
C LYS C 470 -29.33 5.20 -15.47
N LYS C 471 -28.65 6.27 -15.07
CA LYS C 471 -28.81 6.86 -13.75
C LYS C 471 -29.26 8.31 -13.88
N GLU C 472 -30.23 8.70 -13.07
CA GLU C 472 -30.72 10.06 -13.06
C GLU C 472 -31.15 10.44 -11.65
N TRP C 473 -31.16 11.73 -11.37
CA TRP C 473 -31.53 12.24 -10.07
C TRP C 473 -33.04 12.34 -9.93
N ASN C 474 -33.50 12.48 -8.69
CA ASN C 474 -34.92 12.59 -8.40
C ASN C 474 -35.08 13.28 -7.05
N GLY C 475 -36.34 13.43 -6.63
CA GLY C 475 -36.62 14.01 -5.33
C GLY C 475 -36.24 15.49 -5.24
N MET C 476 -35.94 15.91 -4.02
CA MET C 476 -35.52 17.30 -3.81
C MET C 476 -34.21 17.58 -4.52
N MET C 477 -33.27 16.63 -4.50
CA MET C 477 -31.99 16.82 -5.17
C MET C 477 -32.18 16.99 -6.67
N GLY C 478 -33.10 16.22 -7.26
CA GLY C 478 -33.36 16.33 -8.69
C GLY C 478 -33.89 17.68 -9.11
N GLU C 479 -34.52 18.42 -8.20
CA GLU C 479 -35.06 19.74 -8.49
C GLU C 479 -34.02 20.84 -8.30
N LEU C 480 -32.74 20.49 -8.32
CA LEU C 480 -31.66 21.48 -8.30
C LEU C 480 -30.85 21.46 -9.59
N LEU C 481 -30.49 20.28 -10.09
CA LEU C 481 -29.96 20.13 -11.44
C LEU C 481 -31.14 20.17 -12.43
N SER C 482 -31.81 21.31 -12.42
CA SER C 482 -33.15 21.45 -12.97
C SER C 482 -33.37 22.93 -13.26
N GLY C 483 -34.63 23.34 -13.31
CA GLY C 483 -35.00 24.69 -13.65
C GLY C 483 -35.06 25.59 -12.44
N GLN C 484 -36.26 25.83 -11.91
CA GLN C 484 -36.50 26.84 -10.88
C GLN C 484 -35.41 26.88 -9.81
N ALA C 485 -35.25 25.80 -9.06
CA ALA C 485 -34.11 25.53 -8.18
C ALA C 485 -33.49 26.77 -7.55
N ASP C 486 -32.23 27.02 -7.88
CA ASP C 486 -31.41 28.19 -7.58
C ASP C 486 -30.89 28.22 -6.14
N MET C 487 -31.34 27.33 -5.26
CA MET C 487 -30.80 27.16 -3.91
C MET C 487 -31.61 26.07 -3.23
N ILE C 488 -31.09 25.59 -2.10
CA ILE C 488 -31.78 24.61 -1.26
C ILE C 488 -31.49 24.95 0.20
N VAL C 489 -32.53 25.17 0.97
CA VAL C 489 -32.42 25.43 2.40
C VAL C 489 -33.24 24.37 3.12
N ALA C 490 -32.56 23.35 3.61
CA ALA C 490 -33.18 22.20 4.25
C ALA C 490 -32.08 21.33 4.86
N PRO C 491 -32.41 20.34 5.70
CA PRO C 491 -31.37 19.42 6.16
C PRO C 491 -30.82 18.59 5.01
N LEU C 492 -29.57 18.86 4.61
CA LEU C 492 -28.93 18.21 3.47
C LEU C 492 -27.55 17.77 3.91
N THR C 493 -27.42 16.50 4.29
CA THR C 493 -26.16 15.99 4.82
C THR C 493 -25.07 16.04 3.75
N ILE C 494 -23.85 16.37 4.19
CA ILE C 494 -22.71 16.41 3.29
C ILE C 494 -22.23 14.99 3.05
N ASN C 495 -22.02 14.63 1.78
CA ASN C 495 -21.59 13.29 1.43
C ASN C 495 -20.79 13.34 0.15
N ASN C 496 -19.98 12.30 -0.06
CA ASN C 496 -19.10 12.27 -1.23
C ASN C 496 -19.89 12.16 -2.52
N GLU C 497 -20.95 11.36 -2.53
CA GLU C 497 -21.71 11.11 -3.76
C GLU C 497 -22.45 12.35 -4.26
N ARG C 498 -22.56 13.40 -3.45
CA ARG C 498 -23.29 14.61 -3.84
C ARG C 498 -22.37 15.80 -4.06
N ALA C 499 -21.07 15.68 -3.80
CA ALA C 499 -20.17 16.82 -3.85
C ALA C 499 -19.55 17.07 -5.21
N GLN C 500 -19.81 16.20 -6.19
CA GLN C 500 -19.25 16.44 -7.53
C GLN C 500 -20.11 17.42 -8.30
N TYR C 501 -21.38 17.10 -8.49
CA TYR C 501 -22.25 17.94 -9.32
C TYR C 501 -22.49 19.31 -8.68
N ILE C 502 -22.64 19.36 -7.36
CA ILE C 502 -22.89 20.60 -6.65
C ILE C 502 -21.86 20.73 -5.53
N GLU C 503 -21.88 21.90 -4.89
CA GLU C 503 -21.03 22.18 -3.74
C GLU C 503 -21.86 22.86 -2.66
N PHE C 504 -21.40 22.71 -1.42
CA PHE C 504 -22.09 23.26 -0.26
C PHE C 504 -21.28 24.40 0.34
N SER C 505 -21.78 24.93 1.44
CA SER C 505 -21.12 25.98 2.20
C SER C 505 -20.56 25.40 3.49
N LYS C 506 -20.03 26.26 4.34
CA LYS C 506 -19.58 25.82 5.65
C LYS C 506 -20.78 25.35 6.46
N PRO C 507 -20.71 24.20 7.11
CA PRO C 507 -21.88 23.67 7.81
C PRO C 507 -22.35 24.60 8.91
N PHE C 508 -23.67 24.72 9.06
CA PHE C 508 -24.26 25.53 10.10
C PHE C 508 -24.81 24.69 11.25
N LYS C 509 -24.63 23.38 11.22
CA LYS C 509 -25.03 22.52 12.32
C LYS C 509 -24.33 21.18 12.17
N TYR C 510 -23.52 20.81 13.16
CA TYR C 510 -22.85 19.52 13.16
C TYR C 510 -23.75 18.49 13.84
N GLN C 511 -24.00 17.37 13.17
CA GLN C 511 -24.90 16.37 13.73
C GLN C 511 -24.62 15.02 13.09
N GLY C 512 -24.45 14.00 13.92
CA GLY C 512 -24.34 12.64 13.46
C GLY C 512 -25.70 11.96 13.41
N LEU C 513 -25.66 10.63 13.28
CA LEU C 513 -26.87 9.82 13.26
C LEU C 513 -26.77 8.76 14.34
N THR C 514 -27.82 8.63 15.15
CA THR C 514 -27.85 7.74 16.30
C THR C 514 -28.97 6.72 16.14
N ILE C 515 -29.21 5.95 17.21
CA ILE C 515 -30.24 4.93 17.25
C ILE C 515 -31.32 5.36 18.22
N LEU C 516 -32.57 5.34 17.76
CA LEU C 516 -33.72 5.64 18.59
C LEU C 516 -34.50 4.36 18.82
N VAL C 517 -34.78 4.06 20.09
CA VAL C 517 -35.41 2.80 20.48
C VAL C 517 -36.62 3.11 21.36
N LYS C 518 -37.55 2.16 21.40
CA LYS C 518 -38.75 2.29 22.19
C LYS C 518 -38.45 2.08 23.68
N LYS C 519 -39.38 2.50 24.52
CA LYS C 519 -39.26 2.39 25.96
C LYS C 519 -40.52 1.77 26.55
N GLU C 520 -40.35 1.06 27.66
CA GLU C 520 -41.46 0.43 28.36
C GLU C 520 -41.31 0.66 29.85
N ILE C 521 -42.43 0.62 30.55
CA ILE C 521 -42.43 0.83 32.00
C ILE C 521 -41.73 -0.35 32.68
N PRO C 522 -40.74 -0.11 33.54
CA PRO C 522 -40.06 -1.21 34.21
C PRO C 522 -41.02 -2.02 35.07
N ARG C 523 -40.80 -3.34 35.09
CA ARG C 523 -41.62 -4.25 35.88
C ARG C 523 -41.04 -4.52 37.26
N SER C 524 -39.91 -3.92 37.60
CA SER C 524 -39.28 -4.13 38.90
C SER C 524 -39.75 -3.10 39.93
N THR C 525 -41.06 -2.97 40.07
CA THR C 525 -41.66 -2.05 41.03
C THR C 525 -42.04 -2.74 42.34
N LEU C 526 -41.76 -4.03 42.47
CA LEU C 526 -42.08 -4.80 43.68
C LEU C 526 -43.58 -4.74 44.00
N ASP C 527 -44.40 -4.72 42.95
CA ASP C 527 -45.84 -4.66 43.14
C ASP C 527 -46.36 -5.90 43.88
N SER C 528 -45.86 -7.07 43.49
CA SER C 528 -46.23 -8.30 44.18
C SER C 528 -45.48 -8.41 45.50
N PHE C 529 -45.99 -9.26 46.39
CA PHE C 529 -45.39 -9.43 47.71
C PHE C 529 -43.99 -10.00 47.62
N MET C 530 -43.79 -11.01 46.78
CA MET C 530 -42.50 -11.68 46.65
C MET C 530 -42.20 -11.95 45.17
N GLN C 531 -42.39 -10.93 44.34
CA GLN C 531 -42.11 -11.09 42.90
C GLN C 531 -40.65 -11.41 42.62
N PRO C 532 -39.65 -10.70 43.18
CA PRO C 532 -38.25 -11.07 42.88
C PRO C 532 -37.85 -12.42 43.44
N PHE C 533 -38.14 -12.65 44.71
CA PHE C 533 -37.79 -13.89 45.38
C PHE C 533 -38.81 -14.98 45.02
N GLN C 534 -38.70 -16.13 45.67
CA GLN C 534 -39.61 -17.25 45.44
C GLN C 534 -40.74 -17.17 46.47
N SER C 535 -41.91 -16.73 46.03
CA SER C 535 -43.06 -16.64 46.93
C SER C 535 -43.48 -18.02 47.42
N THR C 536 -43.54 -19.00 46.50
CA THR C 536 -43.99 -20.34 46.87
C THR C 536 -43.10 -20.94 47.96
N LEU C 537 -41.77 -20.82 47.79
CA LEU C 537 -40.85 -21.27 48.83
C LEU C 537 -41.19 -20.63 50.17
N TRP C 538 -41.54 -19.34 50.15
CA TRP C 538 -41.98 -18.67 51.38
C TRP C 538 -43.16 -19.42 51.99
N LEU C 539 -44.18 -19.69 51.18
CA LEU C 539 -45.31 -20.49 51.66
C LEU C 539 -44.82 -21.82 52.21
N LEU C 540 -43.84 -22.43 51.54
CA LEU C 540 -43.24 -23.66 52.06
C LEU C 540 -42.69 -23.44 53.45
N VAL C 541 -41.87 -22.40 53.64
CA VAL C 541 -41.32 -22.17 54.97
C VAL C 541 -42.42 -21.72 55.91
N GLY C 542 -43.55 -21.23 55.39
CA GLY C 542 -44.70 -21.01 56.23
C GLY C 542 -45.13 -22.30 56.91
N LEU C 543 -45.25 -23.37 56.14
CA LEU C 543 -45.53 -24.67 56.74
C LEU C 543 -44.48 -25.01 57.79
N SER C 544 -43.25 -24.54 57.58
CA SER C 544 -42.19 -24.78 58.56
C SER C 544 -42.58 -24.29 59.94
N VAL C 545 -43.07 -23.05 60.04
CA VAL C 545 -43.44 -22.56 61.36
C VAL C 545 -44.65 -23.30 61.87
N HIS C 546 -45.51 -23.78 60.96
CA HIS C 546 -46.59 -24.67 61.39
C HIS C 546 -46.03 -25.89 62.08
N VAL C 547 -44.97 -26.48 61.51
CA VAL C 547 -44.26 -27.56 62.19
C VAL C 547 -43.76 -27.08 63.54
N VAL C 548 -43.21 -25.86 63.59
CA VAL C 548 -42.82 -25.27 64.86
C VAL C 548 -44.02 -25.19 65.79
N ALA C 549 -45.18 -24.79 65.25
CA ALA C 549 -46.39 -24.81 66.05
C ALA C 549 -46.69 -26.23 66.54
N VAL C 550 -46.51 -27.22 65.67
CA VAL C 550 -46.61 -28.61 66.10
C VAL C 550 -45.57 -28.88 67.19
N MET C 551 -44.35 -28.39 66.98
CA MET C 551 -43.34 -28.47 68.03
C MET C 551 -43.81 -27.77 69.29
N LEU C 552 -44.49 -26.63 69.14
CA LEU C 552 -45.08 -25.96 70.29
C LEU C 552 -46.06 -26.88 71.00
N TYR C 553 -46.84 -27.66 70.23
CA TYR C 553 -47.70 -28.67 70.84
C TYR C 553 -46.87 -29.69 71.61
N LEU C 554 -45.74 -30.12 71.03
CA LEU C 554 -44.84 -30.99 71.75
C LEU C 554 -44.27 -30.31 72.97
N LEU C 555 -44.17 -28.98 72.94
CA LEU C 555 -43.76 -28.20 74.10
C LEU C 555 -44.95 -27.74 74.94
N ASP C 556 -46.18 -28.02 74.50
CA ASP C 556 -47.35 -27.61 75.26
C ASP C 556 -47.43 -28.36 76.59
N ARG C 557 -47.14 -29.66 76.57
CA ARG C 557 -47.21 -30.47 77.78
C ARG C 557 -46.06 -31.48 77.82
N THR C 577 -52.55 -24.52 76.25
CA THR C 577 -51.41 -23.61 76.17
C THR C 577 -50.73 -23.70 74.81
N LEU C 578 -51.13 -24.69 74.01
CA LEU C 578 -50.58 -24.84 72.68
C LEU C 578 -50.93 -23.64 71.80
N SER C 579 -52.17 -23.16 71.90
CA SER C 579 -52.57 -21.97 71.16
C SER C 579 -51.77 -20.75 71.61
N SER C 580 -51.53 -20.63 72.92
CA SER C 580 -50.72 -19.52 73.42
C SER C 580 -49.28 -19.62 72.91
N ALA C 581 -48.72 -20.83 72.87
CA ALA C 581 -47.38 -21.00 72.33
C ALA C 581 -47.32 -20.64 70.85
N MET C 582 -48.33 -21.06 70.08
CA MET C 582 -48.37 -20.71 68.67
C MET C 582 -48.48 -19.20 68.48
N TRP C 583 -49.31 -18.54 69.29
CA TRP C 583 -49.44 -17.09 69.21
C TRP C 583 -48.13 -16.40 69.55
N PHE C 584 -47.43 -16.88 70.57
CA PHE C 584 -46.14 -16.28 70.93
C PHE C 584 -45.12 -16.48 69.81
N SER C 585 -45.12 -17.67 69.19
CA SER C 585 -44.20 -17.90 68.07
C SER C 585 -44.51 -16.99 66.90
N TRP C 586 -45.80 -16.82 66.59
CA TRP C 586 -46.20 -15.93 65.50
C TRP C 586 -45.80 -14.49 65.80
N GLY C 587 -45.97 -14.05 67.05
CA GLY C 587 -45.53 -12.72 67.42
C GLY C 587 -44.03 -12.55 67.31
N VAL C 588 -43.28 -13.58 67.71
CA VAL C 588 -41.82 -13.54 67.59
C VAL C 588 -41.37 -13.60 66.13
N LEU C 589 -42.23 -14.08 65.23
CA LEU C 589 -41.88 -14.08 63.81
C LEU C 589 -41.64 -12.68 63.30
N LEU C 590 -42.49 -11.73 63.69
CA LEU C 590 -42.39 -10.34 63.23
C LEU C 590 -42.07 -9.39 64.38
N ASN C 591 -41.49 -9.90 65.47
CA ASN C 591 -41.10 -9.08 66.62
C ASN C 591 -42.30 -8.32 67.20
N SER C 592 -43.46 -8.97 67.22
CA SER C 592 -44.65 -8.34 67.77
C SER C 592 -44.57 -8.20 69.28
N GLY C 593 -43.92 -9.14 69.95
CA GLY C 593 -43.82 -9.09 71.40
C GLY C 593 -45.14 -9.27 72.13
N ILE C 594 -45.95 -10.25 71.70
CA ILE C 594 -47.24 -10.49 72.35
C ILE C 594 -47.05 -10.90 73.79
N GLY C 595 -46.11 -11.81 74.05
CA GLY C 595 -45.85 -12.26 75.40
C GLY C 595 -46.92 -13.14 76.00
N GLU C 596 -47.70 -13.82 75.16
CA GLU C 596 -48.79 -14.67 75.64
C GLU C 596 -48.35 -16.12 75.84
N GLY C 597 -47.09 -16.45 75.59
CA GLY C 597 -46.63 -17.82 75.74
C GLY C 597 -45.62 -17.98 76.86
N ALA C 598 -45.96 -18.81 77.85
CA ALA C 598 -45.10 -19.08 79.00
C ALA C 598 -45.01 -20.59 79.20
N PRO C 599 -44.20 -21.27 78.40
CA PRO C 599 -44.05 -22.73 78.58
C PRO C 599 -43.47 -23.06 79.95
N ARG C 600 -43.94 -24.15 80.54
CA ARG C 600 -43.50 -24.54 81.87
C ARG C 600 -42.05 -25.04 81.84
N SER C 601 -41.73 -25.91 80.88
CA SER C 601 -40.40 -26.49 80.83
C SER C 601 -39.38 -25.48 80.34
N PHE C 602 -38.20 -25.47 80.98
CA PHE C 602 -37.12 -24.61 80.54
C PHE C 602 -36.62 -25.01 79.15
N SER C 603 -36.56 -26.32 78.89
CA SER C 603 -36.14 -26.78 77.56
C SER C 603 -37.12 -26.31 76.49
N ALA C 604 -38.41 -26.25 76.82
CA ALA C 604 -39.39 -25.72 75.88
C ALA C 604 -39.11 -24.26 75.56
N ARG C 605 -38.78 -23.47 76.58
CA ARG C 605 -38.45 -22.07 76.35
C ARG C 605 -37.19 -21.93 75.51
N ILE C 606 -36.18 -22.77 75.76
CA ILE C 606 -34.96 -22.73 74.98
C ILE C 606 -35.24 -23.08 73.52
N LEU C 607 -36.07 -24.10 73.29
CA LEU C 607 -36.44 -24.47 71.93
C LEU C 607 -37.22 -23.35 71.24
N GLY C 608 -38.12 -22.70 71.97
CA GLY C 608 -38.85 -21.58 71.39
C GLY C 608 -37.94 -20.42 71.03
N MET C 609 -36.97 -20.11 71.90
CA MET C 609 -36.01 -19.06 71.59
C MET C 609 -35.16 -19.41 70.38
N VAL C 610 -34.74 -20.67 70.27
CA VAL C 610 -33.97 -21.11 69.11
C VAL C 610 -34.80 -20.99 67.84
N TRP C 611 -36.07 -21.38 67.91
CA TRP C 611 -36.95 -21.28 66.75
C TRP C 611 -37.15 -19.82 66.35
N ALA C 612 -37.31 -18.93 67.32
CA ALA C 612 -37.47 -17.51 67.02
C ALA C 612 -36.20 -16.95 66.38
N GLY C 613 -35.03 -17.35 66.88
CA GLY C 613 -33.78 -16.91 66.27
C GLY C 613 -33.63 -17.41 64.85
N PHE C 614 -33.98 -18.67 64.61
CA PHE C 614 -33.91 -19.22 63.25
C PHE C 614 -34.87 -18.50 62.32
N ALA C 615 -36.07 -18.20 62.79
CA ALA C 615 -37.03 -17.46 61.98
C ALA C 615 -36.53 -16.05 61.67
N MET C 616 -35.91 -15.39 62.66
CA MET C 616 -35.35 -14.07 62.42
C MET C 616 -34.22 -14.12 61.40
N ILE C 617 -33.37 -15.15 61.49
CA ILE C 617 -32.28 -15.31 60.52
C ILE C 617 -32.85 -15.53 59.12
N ILE C 618 -33.89 -16.36 59.02
CA ILE C 618 -34.50 -16.62 57.71
C ILE C 618 -35.11 -15.33 57.14
N VAL C 619 -35.77 -14.55 58.00
CA VAL C 619 -36.37 -13.29 57.54
C VAL C 619 -35.29 -12.33 57.07
N ALA C 620 -34.18 -12.25 57.81
CA ALA C 620 -33.08 -11.38 57.41
C ALA C 620 -32.49 -11.83 56.07
N SER C 621 -32.32 -13.14 55.90
CA SER C 621 -31.79 -13.66 54.63
C SER C 621 -32.74 -13.35 53.48
N TYR C 622 -34.05 -13.50 53.70
CA TYR C 622 -35.02 -13.19 52.66
C TYR C 622 -34.98 -11.71 52.29
N THR C 623 -34.89 -10.83 53.30
CA THR C 623 -34.82 -9.40 53.03
C THR C 623 -33.54 -9.05 52.26
N ALA C 624 -32.42 -9.66 52.64
CA ALA C 624 -31.17 -9.42 51.92
C ALA C 624 -31.28 -9.90 50.48
N ASN C 625 -31.89 -11.07 50.27
CA ASN C 625 -32.05 -11.59 48.90
C ASN C 625 -32.94 -10.67 48.07
N LEU C 626 -34.03 -10.18 48.64
CA LEU C 626 -34.91 -9.28 47.89
C LEU C 626 -34.21 -7.97 47.58
N ALA C 627 -33.44 -7.45 48.53
CA ALA C 627 -32.69 -6.21 48.27
C ALA C 627 -31.67 -6.41 47.18
N ALA C 628 -30.95 -7.54 47.20
CA ALA C 628 -29.96 -7.82 46.16
C ALA C 628 -30.63 -7.98 44.79
N PHE C 629 -31.77 -8.66 44.75
CA PHE C 629 -32.48 -8.82 43.49
C PHE C 629 -32.96 -7.48 42.94
N LEU C 630 -33.46 -6.61 43.82
CA LEU C 630 -33.89 -5.29 43.38
C LEU C 630 -32.71 -4.45 42.89
N VAL C 631 -31.58 -4.53 43.58
CA VAL C 631 -30.41 -3.75 43.19
C VAL C 631 -29.86 -4.23 41.86
N LEU C 632 -29.80 -5.55 41.65
CA LEU C 632 -29.23 -6.12 40.45
C LEU C 632 -30.22 -6.21 39.29
N ASP C 633 -31.46 -5.79 39.49
CA ASP C 633 -32.48 -5.86 38.44
C ASP C 633 -32.17 -4.80 37.38
N ARG C 634 -31.62 -5.24 36.24
CA ARG C 634 -31.31 -4.34 35.14
C ARG C 634 -31.45 -5.11 33.83
N PRO C 635 -32.68 -5.35 33.38
CA PRO C 635 -32.90 -6.13 32.16
C PRO C 635 -32.81 -5.32 30.88
N GLU C 636 -32.47 -4.03 30.96
CA GLU C 636 -32.40 -3.17 29.79
C GLU C 636 -30.99 -3.20 29.23
N GLU C 637 -30.82 -3.89 28.09
CA GLU C 637 -29.53 -3.95 27.40
C GLU C 637 -29.83 -3.89 25.90
N ARG C 638 -29.81 -2.69 25.35
CA ARG C 638 -30.18 -2.46 23.96
C ARG C 638 -28.95 -2.39 23.08
N ILE C 639 -29.19 -2.32 21.77
CA ILE C 639 -28.09 -2.27 20.81
C ILE C 639 -27.33 -0.97 20.95
N THR C 640 -26.00 -1.05 20.95
CA THR C 640 -25.15 0.12 21.06
C THR C 640 -24.10 0.06 19.96
N GLY C 641 -24.18 0.98 19.01
CA GLY C 641 -23.22 1.06 17.93
C GLY C 641 -23.44 0.01 16.85
N ILE C 642 -22.53 0.02 15.89
CA ILE C 642 -22.60 -0.94 14.79
C ILE C 642 -21.87 -2.24 15.14
N ASN C 643 -20.84 -2.17 15.99
CA ASN C 643 -20.08 -3.34 16.37
C ASN C 643 -20.88 -4.33 17.20
N ASP C 644 -22.06 -3.95 17.67
CA ASP C 644 -22.90 -4.84 18.47
C ASP C 644 -23.24 -6.10 17.70
N PRO C 645 -22.92 -7.29 18.22
CA PRO C 645 -23.29 -8.52 17.50
C PRO C 645 -24.79 -8.69 17.31
N ARG C 646 -25.60 -8.20 18.26
CA ARG C 646 -27.05 -8.37 18.14
C ARG C 646 -27.59 -7.64 16.91
N LEU C 647 -27.22 -6.37 16.75
CA LEU C 647 -27.65 -5.63 15.58
C LEU C 647 -27.04 -6.20 14.31
N ARG C 648 -25.75 -6.56 14.36
CA ARG C 648 -25.08 -7.10 13.19
C ARG C 648 -25.70 -8.43 12.76
N ASN C 649 -26.03 -9.29 13.72
CA ASN C 649 -26.69 -10.55 13.39
C ASN C 649 -28.10 -10.28 12.90
N PRO C 650 -28.48 -10.80 11.73
CA PRO C 650 -29.86 -10.58 11.25
C PRO C 650 -30.88 -11.15 12.21
N SER C 651 -32.00 -10.43 12.36
CA SER C 651 -33.06 -10.82 13.27
C SER C 651 -34.38 -10.90 12.52
N ASP C 652 -35.09 -12.02 12.70
CA ASP C 652 -36.41 -12.21 12.11
C ASP C 652 -37.53 -11.79 13.04
N LYS C 653 -37.22 -11.37 14.26
CA LYS C 653 -38.24 -10.98 15.24
C LYS C 653 -38.50 -9.48 15.18
N PHE C 654 -37.47 -8.66 15.38
CA PHE C 654 -37.58 -7.21 15.34
C PHE C 654 -36.83 -6.67 14.12
N ILE C 655 -37.45 -5.72 13.45
CA ILE C 655 -36.90 -5.15 12.23
C ILE C 655 -36.54 -3.68 12.47
N TYR C 656 -35.67 -3.16 11.60
CA TYR C 656 -35.25 -1.77 11.67
C TYR C 656 -34.88 -1.29 10.28
N ALA C 657 -35.16 -0.02 10.01
CA ALA C 657 -34.88 0.57 8.72
C ALA C 657 -34.87 2.09 8.87
N THR C 658 -34.74 2.80 7.74
CA THR C 658 -34.74 4.25 7.73
C THR C 658 -35.58 4.72 6.55
N VAL C 659 -35.52 6.01 6.27
CA VAL C 659 -36.26 6.56 5.13
C VAL C 659 -35.71 5.95 3.85
N LYS C 660 -36.62 5.53 2.97
CA LYS C 660 -36.21 4.83 1.76
C LYS C 660 -35.51 5.77 0.79
N GLN C 661 -34.30 5.38 0.38
CA GLN C 661 -33.51 6.10 -0.62
C GLN C 661 -33.30 7.56 -0.22
N SER C 662 -32.64 7.76 0.92
CA SER C 662 -32.35 9.11 1.40
C SER C 662 -31.05 9.06 2.21
N SER C 663 -29.93 9.38 1.55
CA SER C 663 -28.65 9.62 2.21
C SER C 663 -28.14 8.40 2.98
N VAL C 664 -28.86 8.02 4.04
CA VAL C 664 -28.37 6.97 4.94
C VAL C 664 -28.16 5.67 4.18
N ASP C 665 -29.13 5.30 3.33
CA ASP C 665 -28.99 4.09 2.54
C ASP C 665 -27.72 4.13 1.70
N ILE C 666 -27.39 5.30 1.14
CA ILE C 666 -26.16 5.44 0.37
C ILE C 666 -24.96 5.01 1.22
N TYR C 667 -24.92 5.45 2.46
CA TYR C 667 -23.86 5.02 3.37
C TYR C 667 -23.84 3.50 3.48
N PHE C 668 -25.01 2.90 3.69
CA PHE C 668 -25.08 1.45 3.80
C PHE C 668 -24.71 0.74 2.50
N ARG C 669 -24.71 1.47 1.39
CA ARG C 669 -24.30 0.90 0.11
C ARG C 669 -22.82 1.09 -0.17
N ARG C 670 -22.09 1.82 0.68
CA ARG C 670 -20.67 2.06 0.46
C ARG C 670 -19.78 1.40 1.51
N GLN C 671 -20.37 0.72 2.50
CA GLN C 671 -19.61 -0.02 3.50
C GLN C 671 -19.99 -1.48 3.36
N VAL C 672 -19.25 -2.20 2.52
CA VAL C 672 -19.56 -3.60 2.22
C VAL C 672 -19.38 -4.51 3.42
N GLU C 673 -18.74 -4.04 4.49
CA GLU C 673 -18.57 -4.87 5.67
C GLU C 673 -19.91 -5.25 6.29
N LEU C 674 -20.84 -4.30 6.36
CA LEU C 674 -22.16 -4.56 6.92
C LEU C 674 -22.91 -5.60 6.10
N SER C 675 -23.24 -5.25 4.85
CA SER C 675 -23.83 -6.18 3.89
C SER C 675 -25.17 -6.72 4.36
N THR C 676 -25.14 -7.52 5.44
CA THR C 676 -26.36 -8.17 5.92
C THR C 676 -27.39 -7.15 6.38
N MET C 677 -26.95 -6.10 7.07
CA MET C 677 -27.88 -5.10 7.56
C MET C 677 -28.58 -4.38 6.42
N TYR C 678 -27.84 -4.05 5.36
CA TYR C 678 -28.43 -3.38 4.21
C TYR C 678 -29.48 -4.26 3.54
N ARG C 679 -29.15 -5.54 3.33
CA ARG C 679 -30.10 -6.45 2.71
C ARG C 679 -31.33 -6.64 3.58
N HIS C 680 -31.14 -6.75 4.89
CA HIS C 680 -32.28 -6.93 5.80
C HIS C 680 -33.18 -5.70 5.81
N MET C 681 -32.59 -4.51 5.82
CA MET C 681 -33.38 -3.28 5.89
C MET C 681 -33.92 -2.84 4.53
N GLU C 682 -33.46 -3.46 3.44
CA GLU C 682 -33.93 -3.07 2.11
C GLU C 682 -35.41 -3.36 1.89
N LYS C 683 -36.03 -4.21 2.72
CA LYS C 683 -37.41 -4.59 2.54
C LYS C 683 -38.30 -4.13 3.70
N HIS C 684 -37.84 -3.16 4.48
CA HIS C 684 -38.66 -2.63 5.57
C HIS C 684 -38.60 -1.11 5.68
N ASN C 685 -38.04 -0.42 4.69
CA ASN C 685 -37.92 1.04 4.77
C ASN C 685 -39.28 1.70 4.68
N TYR C 686 -39.49 2.72 5.50
CA TYR C 686 -40.71 3.52 5.46
C TYR C 686 -40.51 4.72 4.54
N GLU C 687 -41.57 5.07 3.82
CA GLU C 687 -41.53 6.14 2.83
C GLU C 687 -41.89 7.50 3.41
N SER C 688 -41.68 7.70 4.71
CA SER C 688 -41.99 8.97 5.35
C SER C 688 -41.12 9.13 6.59
N ALA C 689 -41.02 10.38 7.06
CA ALA C 689 -40.21 10.65 8.24
C ALA C 689 -41.00 10.41 9.52
N ALA C 690 -42.25 10.88 9.56
CA ALA C 690 -43.07 10.72 10.76
C ALA C 690 -43.77 9.37 10.82
N GLU C 691 -43.83 8.63 9.71
CA GLU C 691 -44.52 7.33 9.72
C GLU C 691 -43.84 6.37 10.68
N ALA C 692 -42.52 6.28 10.63
CA ALA C 692 -41.80 5.41 11.56
C ALA C 692 -41.89 5.91 12.98
N ILE C 693 -41.80 7.23 13.18
CA ILE C 693 -41.82 7.77 14.53
C ILE C 693 -43.19 7.57 15.19
N GLN C 694 -44.25 7.46 14.39
CA GLN C 694 -45.56 7.15 14.95
C GLN C 694 -45.87 5.67 15.00
N ALA C 695 -45.20 4.86 14.18
CA ALA C 695 -45.39 3.41 14.20
C ALA C 695 -44.50 2.71 15.21
N VAL C 696 -43.49 3.38 15.75
CA VAL C 696 -42.65 2.75 16.77
C VAL C 696 -43.46 2.43 18.01
N ARG C 697 -44.31 3.36 18.45
CA ARG C 697 -45.18 3.12 19.58
C ARG C 697 -46.25 2.08 19.28
N ASP C 698 -46.44 1.71 18.01
CA ASP C 698 -47.37 0.66 17.62
C ASP C 698 -46.75 -0.73 17.71
N ASN C 699 -45.50 -0.84 18.14
CA ASN C 699 -44.81 -2.12 18.30
C ASN C 699 -44.70 -2.86 16.97
N LYS C 700 -44.16 -2.18 15.98
CA LYS C 700 -43.87 -2.77 14.67
C LYS C 700 -42.42 -2.62 14.25
N LEU C 701 -41.81 -1.47 14.52
CA LEU C 701 -40.39 -1.24 14.26
C LEU C 701 -39.71 -0.97 15.59
N HIS C 702 -38.85 -1.89 16.02
CA HIS C 702 -38.20 -1.77 17.32
C HIS C 702 -37.00 -0.83 17.31
N ALA C 703 -36.53 -0.42 16.14
CA ALA C 703 -35.37 0.47 16.05
C ALA C 703 -35.52 1.37 14.84
N PHE C 704 -34.92 2.55 14.93
CA PHE C 704 -34.99 3.55 13.87
C PHE C 704 -33.64 4.24 13.72
N ILE C 705 -33.18 4.41 12.49
CA ILE C 705 -31.94 5.11 12.17
C ILE C 705 -32.30 6.44 11.55
N TRP C 706 -31.80 7.52 12.15
CA TRP C 706 -32.05 8.86 11.62
C TRP C 706 -31.02 9.82 12.23
N ASP C 707 -30.97 11.03 11.67
CA ASP C 707 -30.00 12.02 12.14
C ASP C 707 -30.31 12.43 13.58
N SER C 708 -29.26 12.83 14.30
CA SER C 708 -29.40 13.13 15.71
C SER C 708 -30.25 14.37 15.96
N ALA C 709 -30.23 15.34 15.05
CA ALA C 709 -30.92 16.60 15.28
C ALA C 709 -32.42 16.39 15.45
N VAL C 710 -33.04 15.57 14.57
CA VAL C 710 -34.47 15.31 14.69
C VAL C 710 -34.77 14.43 15.89
N LEU C 711 -33.94 13.40 16.11
CA LEU C 711 -34.22 12.42 17.15
C LEU C 711 -34.14 13.03 18.55
N GLU C 712 -33.16 13.92 18.78
CA GLU C 712 -33.04 14.54 20.10
C GLU C 712 -34.28 15.37 20.43
N PHE C 713 -34.74 16.17 19.48
CA PHE C 713 -35.95 16.96 19.72
C PHE C 713 -37.17 16.06 19.90
N GLU C 714 -37.26 14.99 19.11
CA GLU C 714 -38.39 14.08 19.23
C GLU C 714 -38.44 13.44 20.61
N ALA C 715 -37.27 13.04 21.14
CA ALA C 715 -37.22 12.49 22.48
C ALA C 715 -37.55 13.55 23.53
N SER C 716 -37.05 14.77 23.33
CA SER C 716 -37.25 15.84 24.32
C SER C 716 -38.72 16.23 24.43
N GLN C 717 -39.41 16.37 23.29
CA GLN C 717 -40.79 16.84 23.32
C GLN C 717 -41.73 15.79 23.91
N LYS C 718 -41.80 14.63 23.26
CA LYS C 718 -42.62 13.51 23.75
C LYS C 718 -41.74 12.65 24.64
N CYS C 719 -41.83 12.86 25.95
CA CYS C 719 -40.99 12.16 26.92
C CYS C 719 -41.51 10.73 27.10
N ASP C 720 -41.39 9.95 26.03
CA ASP C 720 -41.76 8.54 26.02
C ASP C 720 -40.65 7.64 25.52
N LEU C 721 -39.80 8.13 24.62
CA LEU C 721 -38.70 7.38 24.05
C LEU C 721 -37.37 7.99 24.48
N VAL C 722 -36.31 7.20 24.34
CA VAL C 722 -34.96 7.65 24.65
C VAL C 722 -34.05 7.34 23.46
N THR C 723 -32.95 8.09 23.37
CA THR C 723 -31.95 7.89 22.33
C THR C 723 -30.69 7.33 22.99
N THR C 724 -30.25 6.17 22.51
CA THR C 724 -29.09 5.47 23.05
C THR C 724 -27.97 5.45 22.03
N GLY C 725 -26.89 4.74 22.37
CA GLY C 725 -25.78 4.59 21.47
C GLY C 725 -24.87 5.80 21.44
N GLU C 726 -23.95 5.78 20.47
CA GLU C 726 -22.98 6.85 20.29
C GLU C 726 -23.02 7.33 18.84
N LEU C 727 -22.59 8.58 18.65
CA LEU C 727 -22.60 9.17 17.33
C LEU C 727 -21.61 8.47 16.42
N PHE C 728 -22.00 8.28 15.16
CA PHE C 728 -21.11 7.72 14.15
C PHE C 728 -21.42 8.38 12.82
N PHE C 729 -20.44 8.35 11.92
CA PHE C 729 -20.50 9.08 10.65
C PHE C 729 -20.82 10.55 10.90
N ARG C 730 -19.99 11.18 11.73
CA ARG C 730 -20.20 12.57 12.11
C ARG C 730 -19.97 13.48 10.91
N SER C 731 -20.93 14.38 10.66
CA SER C 731 -20.84 15.31 9.56
C SER C 731 -21.67 16.54 9.92
N GLY C 732 -21.86 17.42 8.94
CA GLY C 732 -22.62 18.64 9.17
C GLY C 732 -23.62 18.87 8.06
N PHE C 733 -24.59 19.72 8.36
CA PHE C 733 -25.61 20.09 7.38
C PHE C 733 -25.02 21.16 6.47
N GLY C 734 -25.87 21.79 5.66
CA GLY C 734 -25.38 22.86 4.81
C GLY C 734 -26.39 23.36 3.78
N ILE C 735 -26.26 24.64 3.42
CA ILE C 735 -27.12 25.23 2.40
C ILE C 735 -26.62 24.80 1.04
N GLY C 736 -27.53 24.31 0.21
CA GLY C 736 -27.16 23.83 -1.11
C GLY C 736 -26.91 24.96 -2.10
N MET C 737 -26.38 24.57 -3.25
CA MET C 737 -26.11 25.51 -4.34
C MET C 737 -25.96 24.71 -5.62
N ARG C 738 -25.91 25.42 -6.74
CA ARG C 738 -25.88 24.80 -8.07
C ARG C 738 -24.59 25.17 -8.78
N LYS C 739 -23.77 24.17 -9.08
CA LYS C 739 -22.57 24.32 -9.91
C LYS C 739 -21.67 25.44 -9.40
N ASP C 740 -21.76 26.61 -10.01
CA ASP C 740 -20.94 27.75 -9.63
C ASP C 740 -21.78 29.01 -9.78
N SER C 741 -22.03 29.69 -8.66
CA SER C 741 -22.84 30.90 -8.63
C SER C 741 -22.12 31.96 -7.82
N PRO C 742 -22.35 33.24 -8.11
CA PRO C 742 -21.68 34.31 -7.34
C PRO C 742 -22.04 34.34 -5.87
N TRP C 743 -23.15 33.72 -5.46
CA TRP C 743 -23.58 33.78 -4.08
C TRP C 743 -22.68 33.00 -3.12
N LYS C 744 -21.76 32.18 -3.64
CA LYS C 744 -21.05 31.22 -2.80
C LYS C 744 -20.24 31.91 -1.71
N GLN C 745 -19.36 32.84 -2.10
CA GLN C 745 -18.46 33.45 -1.13
C GLN C 745 -19.22 34.28 -0.11
N ASN C 746 -20.19 35.07 -0.56
CA ASN C 746 -20.97 35.90 0.35
C ASN C 746 -21.75 35.04 1.34
N VAL C 747 -22.38 33.95 0.85
CA VAL C 747 -23.17 33.09 1.72
C VAL C 747 -22.27 32.43 2.76
N SER C 748 -21.12 31.90 2.34
CA SER C 748 -20.23 31.24 3.28
C SER C 748 -19.71 32.21 4.33
N LEU C 749 -19.31 33.41 3.90
CA LEU C 749 -18.80 34.39 4.84
C LEU C 749 -19.88 34.84 5.82
N SER C 750 -21.11 35.03 5.33
CA SER C 750 -22.19 35.43 6.23
C SER C 750 -22.50 34.34 7.24
N ILE C 751 -22.51 33.08 6.80
CA ILE C 751 -22.77 31.99 7.74
C ILE C 751 -21.67 31.92 8.81
N LEU C 752 -20.41 32.07 8.39
CA LEU C 752 -19.33 32.05 9.37
C LEU C 752 -19.44 33.20 10.36
N LYS C 753 -19.75 34.40 9.86
CA LYS C 753 -19.87 35.56 10.73
C LYS C 753 -21.03 35.38 11.73
N SER C 754 -22.15 34.84 11.26
CA SER C 754 -23.26 34.57 12.16
C SER C 754 -22.89 33.52 13.19
N HIS C 755 -22.13 32.50 12.77
CA HIS C 755 -21.75 31.43 13.68
C HIS C 755 -20.85 31.95 14.79
N GLU C 756 -19.89 32.81 14.44
CA GLU C 756 -18.97 33.35 15.44
C GLU C 756 -19.59 34.45 16.30
N ASN C 757 -20.77 34.94 15.94
CA ASN C 757 -21.40 36.02 16.68
C ASN C 757 -22.35 35.54 17.78
N GLY C 758 -22.58 34.24 17.87
CA GLY C 758 -23.50 33.71 18.86
C GLY C 758 -24.96 33.80 18.52
N PHE C 759 -25.30 34.41 17.37
CA PHE C 759 -26.70 34.49 16.97
C PHE C 759 -27.27 33.12 16.67
N MET C 760 -26.50 32.28 15.97
CA MET C 760 -26.98 30.93 15.65
C MET C 760 -27.21 30.12 16.91
N GLU C 761 -26.30 30.23 17.88
CA GLU C 761 -26.46 29.48 19.13
C GLU C 761 -27.73 29.90 19.86
N ASP C 762 -27.98 31.21 19.97
CA ASP C 762 -29.16 31.68 20.67
C ASP C 762 -30.43 31.26 19.94
N LEU C 763 -30.44 31.38 18.61
CA LEU C 763 -31.63 30.99 17.85
C LEU C 763 -31.90 29.48 17.99
N ASP C 764 -30.84 28.67 17.92
CA ASP C 764 -31.01 27.23 18.08
C ASP C 764 -31.53 26.91 19.47
N LYS C 765 -30.99 27.56 20.50
CA LYS C 765 -31.47 27.33 21.86
C LYS C 765 -32.95 27.67 21.97
N THR C 766 -33.34 28.83 21.44
CA THR C 766 -34.73 29.26 21.54
C THR C 766 -35.67 28.30 20.82
N TRP C 767 -35.28 27.84 19.63
CA TRP C 767 -36.19 27.03 18.83
C TRP C 767 -36.09 25.53 19.08
N VAL C 768 -35.11 25.08 19.86
CA VAL C 768 -34.96 23.64 20.09
C VAL C 768 -34.93 23.32 21.57
N ARG C 769 -34.08 24.01 22.34
CA ARG C 769 -33.69 23.58 23.67
C ARG C 769 -34.72 23.92 24.74
N TYR C 770 -35.98 24.17 24.38
CA TYR C 770 -37.03 24.36 25.37
C TYR C 770 -37.55 23.00 25.84
N GLN C 771 -36.62 22.12 26.23
CA GLN C 771 -36.97 20.73 26.54
C GLN C 771 -37.91 20.66 27.74
N GLU C 772 -39.07 20.03 27.54
CA GLU C 772 -40.00 19.83 28.64
C GLU C 772 -39.56 18.68 29.54
N CYS C 773 -38.97 17.64 28.97
CA CYS C 773 -38.52 16.49 29.75
C CYS C 773 -37.01 16.29 29.62
N LEU C 783 -39.49 4.65 47.84
CA LEU C 783 -40.85 4.17 48.05
C LEU C 783 -41.62 4.07 46.74
N THR C 784 -41.84 2.84 46.28
CA THR C 784 -42.55 2.63 45.03
C THR C 784 -44.04 2.90 45.20
N PHE C 785 -44.70 3.22 44.09
CA PHE C 785 -46.12 3.49 44.08
C PHE C 785 -46.95 2.26 43.74
N GLU C 786 -46.53 1.48 42.74
CA GLU C 786 -47.22 0.23 42.42
C GLU C 786 -47.10 -0.76 43.58
N ASN C 787 -45.92 -0.81 44.21
CA ASN C 787 -45.77 -1.65 45.40
C ASN C 787 -46.70 -1.19 46.51
N MET C 788 -46.83 0.13 46.70
CA MET C 788 -47.74 0.65 47.71
C MET C 788 -49.18 0.26 47.42
N ALA C 789 -49.60 0.36 46.16
CA ALA C 789 -50.96 -0.01 45.80
C ALA C 789 -51.21 -1.50 46.01
N GLY C 790 -50.25 -2.34 45.62
CA GLY C 790 -50.40 -3.77 45.84
C GLY C 790 -50.45 -4.12 47.32
N VAL C 791 -49.61 -3.48 48.12
CA VAL C 791 -49.63 -3.71 49.57
C VAL C 791 -50.95 -3.27 50.17
N PHE C 792 -51.48 -2.13 49.69
CA PHE C 792 -52.77 -1.66 50.18
C PHE C 792 -53.89 -2.65 49.85
N MET C 793 -53.88 -3.17 48.61
CA MET C 793 -54.91 -4.14 48.23
C MET C 793 -54.79 -5.43 49.05
N LEU C 794 -53.55 -5.91 49.25
CA LEU C 794 -53.36 -7.11 50.07
C LEU C 794 -53.80 -6.87 51.50
N VAL C 795 -53.50 -5.69 52.05
CA VAL C 795 -53.90 -5.36 53.41
C VAL C 795 -55.42 -5.31 53.52
N ALA C 796 -56.09 -4.72 52.53
CA ALA C 796 -57.54 -4.67 52.55
C ALA C 796 -58.15 -6.07 52.50
N GLY C 797 -57.62 -6.93 51.64
CA GLY C 797 -58.12 -8.29 51.57
C GLY C 797 -57.90 -9.05 52.87
N GLY C 798 -56.71 -8.94 53.45
CA GLY C 798 -56.43 -9.58 54.71
C GLY C 798 -57.30 -9.05 55.84
N ILE C 799 -57.59 -7.74 55.82
CA ILE C 799 -58.43 -7.14 56.84
C ILE C 799 -59.85 -7.66 56.71
N VAL C 800 -60.36 -7.79 55.47
CA VAL C 800 -61.70 -8.34 55.28
C VAL C 800 -61.76 -9.78 55.77
N ALA C 801 -60.75 -10.58 55.42
CA ALA C 801 -60.73 -11.97 55.88
C ALA C 801 -60.65 -12.05 57.40
N GLY C 802 -59.83 -11.21 58.02
CA GLY C 802 -59.72 -11.22 59.47
C GLY C 802 -60.99 -10.76 60.15
N ILE C 803 -61.68 -9.78 59.55
CA ILE C 803 -62.96 -9.32 60.11
C ILE C 803 -63.99 -10.44 60.04
N PHE C 804 -64.05 -11.15 58.92
CA PHE C 804 -64.98 -12.28 58.81
C PHE C 804 -64.65 -13.37 59.83
N LEU C 805 -63.36 -13.69 59.97
CA LEU C 805 -62.95 -14.71 60.94
C LEU C 805 -63.28 -14.27 62.37
N ILE C 806 -63.07 -13.00 62.69
CA ILE C 806 -63.36 -12.50 64.03
C ILE C 806 -64.86 -12.54 64.30
N PHE C 807 -65.67 -12.19 63.31
CA PHE C 807 -67.12 -12.27 63.47
C PHE C 807 -67.56 -13.72 63.71
N ILE C 808 -67.00 -14.66 62.94
CA ILE C 808 -67.34 -16.06 63.12
C ILE C 808 -66.92 -16.55 64.50
N GLU C 809 -65.73 -16.16 64.95
CA GLU C 809 -65.25 -16.56 66.26
C GLU C 809 -66.11 -15.99 67.38
N ILE C 810 -66.53 -14.72 67.23
CA ILE C 810 -67.39 -14.10 68.24
C ILE C 810 -68.74 -14.80 68.30
N ALA C 811 -69.30 -15.12 67.13
CA ALA C 811 -70.57 -15.84 67.10
C ALA C 811 -70.45 -17.22 67.74
N TYR C 812 -69.35 -17.92 67.47
CA TYR C 812 -69.14 -19.23 68.09
C TYR C 812 -68.97 -19.11 69.60
N LYS C 813 -68.22 -18.10 70.06
CA LYS C 813 -68.01 -17.92 71.49
C LYS C 813 -69.31 -17.57 72.21
N ARG C 814 -70.15 -16.74 71.58
CA ARG C 814 -71.45 -16.42 72.18
C ARG C 814 -72.33 -17.66 72.29
N HIS C 815 -72.13 -18.64 71.41
CA HIS C 815 -72.87 -19.90 71.47
C HIS C 815 -72.13 -20.99 72.22
N LYS C 816 -70.97 -20.68 72.78
CA LYS C 816 -70.18 -21.67 73.53
C LYS C 816 -69.25 -21.00 74.52
N ASN D 2 -38.45 -5.83 -60.83
CA ASN D 2 -37.96 -5.09 -59.68
C ASN D 2 -36.69 -5.72 -59.13
N ILE D 3 -35.97 -4.96 -58.30
CA ILE D 3 -34.74 -5.34 -57.59
C ILE D 3 -33.67 -5.88 -58.55
N ALA D 4 -32.49 -6.15 -58.00
CA ALA D 4 -31.39 -6.71 -58.77
C ALA D 4 -30.42 -7.37 -57.82
N VAL D 5 -29.57 -8.23 -58.36
CA VAL D 5 -28.54 -8.92 -57.59
C VAL D 5 -27.21 -8.75 -58.32
N MET D 6 -26.20 -8.27 -57.61
CA MET D 6 -24.89 -8.01 -58.17
C MET D 6 -23.83 -8.68 -57.30
N LEU D 7 -22.90 -9.39 -57.95
CA LEU D 7 -21.84 -10.10 -57.25
C LEU D 7 -20.50 -9.72 -57.86
N GLY D 8 -19.42 -10.28 -57.32
CA GLY D 8 -18.10 -10.03 -57.85
C GLY D 8 -17.43 -11.26 -58.43
N HIS D 9 -17.70 -12.42 -57.84
CA HIS D 9 -17.23 -13.71 -58.33
C HIS D 9 -15.71 -13.83 -58.36
N SER D 10 -15.01 -12.80 -57.87
CA SER D 10 -13.55 -12.81 -57.94
C SER D 10 -12.96 -13.93 -57.08
N HIS D 11 -13.49 -14.13 -55.88
CA HIS D 11 -13.01 -15.16 -54.99
C HIS D 11 -14.09 -16.16 -54.59
N ASP D 12 -15.32 -15.98 -55.03
CA ASP D 12 -16.42 -16.87 -54.70
C ASP D 12 -16.94 -17.51 -55.98
N VAL D 13 -17.14 -18.83 -55.94
CA VAL D 13 -17.61 -19.57 -57.12
C VAL D 13 -19.13 -19.54 -57.27
N THR D 14 -19.85 -18.96 -56.31
CA THR D 14 -21.30 -18.88 -56.40
C THR D 14 -21.67 -17.95 -57.55
N GLU D 15 -22.20 -18.54 -58.64
CA GLU D 15 -22.49 -17.78 -59.85
C GLU D 15 -23.62 -18.47 -60.60
N ARG D 16 -23.78 -18.11 -61.87
CA ARG D 16 -24.78 -18.68 -62.77
C ARG D 16 -26.20 -18.37 -62.29
N GLU D 17 -26.98 -19.41 -62.01
CA GLU D 17 -28.39 -19.25 -61.69
C GLU D 17 -28.77 -19.73 -60.30
N LEU D 18 -27.87 -20.43 -59.59
CA LEU D 18 -28.19 -20.91 -58.26
C LEU D 18 -28.48 -19.77 -57.30
N ARG D 19 -27.68 -18.71 -57.35
CA ARG D 19 -27.88 -17.53 -56.51
C ARG D 19 -28.58 -16.40 -57.26
N THR D 20 -29.44 -16.75 -58.21
CA THR D 20 -30.17 -15.74 -58.96
C THR D 20 -31.65 -16.08 -59.18
N LEU D 21 -32.15 -17.16 -58.59
CA LEU D 21 -33.55 -17.54 -58.71
C LEU D 21 -34.10 -17.84 -57.32
N TRP D 22 -35.43 -18.02 -57.27
CA TRP D 22 -36.15 -18.30 -56.02
C TRP D 22 -35.93 -17.19 -55.00
N GLY D 23 -36.50 -16.03 -55.32
CA GLY D 23 -36.40 -14.88 -54.46
C GLY D 23 -37.39 -14.94 -53.33
N PRO D 24 -38.14 -13.87 -53.11
CA PRO D 24 -39.05 -13.78 -51.96
C PRO D 24 -40.43 -14.37 -52.22
N GLU D 25 -40.46 -15.62 -52.68
CA GLU D 25 -41.73 -16.32 -52.87
C GLU D 25 -42.07 -17.17 -51.66
N GLN D 26 -41.23 -18.18 -51.37
CA GLN D 26 -41.37 -19.06 -50.21
C GLN D 26 -42.82 -19.45 -49.96
N ALA D 27 -43.42 -18.90 -48.89
CA ALA D 27 -44.82 -19.12 -48.58
C ALA D 27 -45.49 -17.82 -48.15
N ALA D 28 -45.00 -16.69 -48.63
CA ALA D 28 -45.56 -15.39 -48.27
C ALA D 28 -46.98 -15.26 -48.84
N GLY D 29 -47.79 -14.46 -48.15
CA GLY D 29 -49.18 -14.28 -48.55
C GLY D 29 -49.34 -13.64 -49.90
N LEU D 30 -49.00 -12.35 -50.02
CA LEU D 30 -49.07 -11.64 -51.29
C LEU D 30 -48.24 -10.36 -51.26
N PRO D 31 -46.91 -10.46 -51.16
CA PRO D 31 -46.09 -9.24 -51.14
C PRO D 31 -46.18 -8.47 -52.45
N LEU D 32 -45.82 -9.11 -53.56
CA LEU D 32 -45.85 -8.50 -54.88
C LEU D 32 -45.52 -9.59 -55.90
N ASP D 33 -45.44 -9.18 -57.17
CA ASP D 33 -44.92 -10.03 -58.24
C ASP D 33 -43.46 -9.64 -58.46
N VAL D 34 -42.55 -10.47 -57.99
CA VAL D 34 -41.13 -10.13 -57.90
C VAL D 34 -40.36 -10.94 -58.93
N ASN D 35 -39.52 -10.25 -59.70
CA ASN D 35 -38.58 -10.88 -60.60
C ASN D 35 -37.17 -10.54 -60.18
N VAL D 36 -36.21 -11.39 -60.56
CA VAL D 36 -34.82 -11.22 -60.19
C VAL D 36 -33.97 -11.22 -61.45
N VAL D 37 -33.09 -10.23 -61.57
CA VAL D 37 -32.16 -10.11 -62.69
C VAL D 37 -30.76 -10.36 -62.17
N ALA D 38 -30.02 -11.23 -62.85
CA ALA D 38 -28.67 -11.59 -62.44
C ALA D 38 -27.64 -10.65 -63.06
N LEU D 39 -26.46 -10.63 -62.44
CA LEU D 39 -25.35 -9.83 -62.94
C LEU D 39 -24.06 -10.40 -62.38
N LEU D 40 -22.97 -10.15 -63.11
CA LEU D 40 -21.63 -10.60 -62.70
C LEU D 40 -20.63 -9.64 -63.32
N MET D 41 -20.10 -8.73 -62.51
CA MET D 41 -19.19 -7.70 -62.99
C MET D 41 -17.73 -8.14 -62.83
N ASN D 42 -16.84 -7.41 -63.49
CA ASN D 42 -15.41 -7.64 -63.39
C ASN D 42 -14.88 -6.94 -62.13
N ARG D 43 -13.56 -6.80 -62.05
CA ARG D 43 -12.95 -6.12 -60.91
C ARG D 43 -13.51 -4.71 -60.77
N THR D 44 -13.83 -4.33 -59.53
CA THR D 44 -14.53 -3.07 -59.26
C THR D 44 -13.65 -1.88 -59.63
N ASP D 45 -14.10 -1.10 -60.60
CA ASP D 45 -13.44 0.12 -61.04
C ASP D 45 -14.46 1.24 -61.07
N PRO D 46 -14.03 2.49 -60.89
CA PRO D 46 -14.99 3.61 -60.83
C PRO D 46 -15.84 3.74 -62.08
N LYS D 47 -15.20 3.90 -63.24
CA LYS D 47 -15.95 4.10 -64.47
C LYS D 47 -16.83 2.90 -64.78
N SER D 48 -16.31 1.70 -64.60
CA SER D 48 -17.10 0.50 -64.84
C SER D 48 -18.30 0.45 -63.91
N LEU D 49 -18.11 0.79 -62.63
CA LEU D 49 -19.22 0.80 -61.68
C LEU D 49 -20.29 1.78 -62.10
N ILE D 50 -19.88 3.00 -62.46
CA ILE D 50 -20.86 4.02 -62.86
C ILE D 50 -21.63 3.56 -64.09
N THR D 51 -20.91 3.04 -65.09
CA THR D 51 -21.57 2.62 -66.32
C THR D 51 -22.54 1.48 -66.06
N HIS D 52 -22.13 0.48 -65.28
CA HIS D 52 -22.99 -0.67 -65.02
C HIS D 52 -24.23 -0.26 -64.24
N VAL D 53 -24.07 0.56 -63.20
CA VAL D 53 -25.23 0.96 -62.39
C VAL D 53 -26.18 1.82 -63.21
N CYS D 54 -25.65 2.79 -63.96
CA CYS D 54 -26.53 3.65 -64.75
C CYS D 54 -27.16 2.90 -65.91
N ASP D 55 -26.55 1.82 -66.39
CA ASP D 55 -27.19 0.99 -67.40
C ASP D 55 -28.31 0.15 -66.78
N LEU D 56 -28.08 -0.39 -65.59
CA LEU D 56 -29.14 -1.11 -64.89
C LEU D 56 -30.29 -0.18 -64.54
N MET D 57 -30.01 1.12 -64.37
CA MET D 57 -31.07 2.09 -64.11
C MET D 57 -32.07 2.13 -65.26
N SER D 58 -31.57 2.09 -66.50
CA SER D 58 -32.43 2.02 -67.68
C SER D 58 -32.93 0.58 -67.79
N GLY D 59 -34.03 0.30 -67.08
CA GLY D 59 -34.56 -1.05 -67.04
C GLY D 59 -35.47 -1.27 -65.85
N ALA D 60 -35.24 -2.34 -65.08
CA ALA D 60 -36.09 -2.63 -63.94
C ALA D 60 -35.81 -1.69 -62.77
N ARG D 61 -34.60 -1.75 -62.22
CA ARG D 61 -34.19 -0.91 -61.10
C ARG D 61 -35.22 -0.93 -59.98
N ILE D 62 -36.06 0.11 -59.93
CA ILE D 62 -37.22 0.18 -59.05
C ILE D 62 -36.78 0.15 -57.59
N HIS D 63 -36.31 -1.01 -57.13
CA HIS D 63 -35.92 -1.19 -55.74
C HIS D 63 -34.40 -1.27 -55.57
N GLY D 64 -33.63 -1.00 -56.61
CA GLY D 64 -32.19 -1.00 -56.51
C GLY D 64 -31.62 -2.41 -56.41
N LEU D 65 -30.31 -2.46 -56.21
CA LEU D 65 -29.57 -3.71 -56.18
C LEU D 65 -29.05 -4.00 -54.79
N VAL D 66 -28.52 -5.22 -54.63
CA VAL D 66 -28.06 -5.74 -53.35
C VAL D 66 -26.58 -6.07 -53.49
N PHE D 67 -25.85 -5.26 -54.26
CA PHE D 67 -24.47 -5.52 -54.65
C PHE D 67 -23.62 -6.02 -53.49
N GLY D 68 -22.78 -6.99 -53.80
CA GLY D 68 -21.75 -7.44 -52.88
C GLY D 68 -20.49 -7.81 -53.64
N ASP D 69 -19.35 -7.59 -52.99
CA ASP D 69 -18.07 -7.79 -53.63
C ASP D 69 -17.14 -8.57 -52.70
N ASP D 70 -15.93 -8.83 -53.20
CA ASP D 70 -14.91 -9.53 -52.43
C ASP D 70 -13.64 -8.73 -52.25
N THR D 71 -13.54 -7.55 -52.85
CA THR D 71 -12.36 -6.73 -52.72
C THR D 71 -12.22 -6.21 -51.30
N ASP D 72 -10.96 -6.00 -50.88
CA ASP D 72 -10.66 -5.48 -49.55
C ASP D 72 -10.50 -3.97 -49.52
N GLN D 73 -10.70 -3.29 -50.64
CA GLN D 73 -10.57 -1.84 -50.66
C GLN D 73 -11.66 -1.18 -49.83
N GLU D 74 -11.30 -0.08 -49.18
CA GLU D 74 -12.21 0.63 -48.27
C GLU D 74 -12.81 1.88 -48.90
N ALA D 75 -12.69 2.05 -50.21
CA ALA D 75 -13.19 3.24 -50.87
C ALA D 75 -14.46 3.03 -51.66
N VAL D 76 -14.92 1.78 -51.81
CA VAL D 76 -16.10 1.52 -52.61
C VAL D 76 -17.36 2.07 -51.93
N ALA D 77 -17.40 2.00 -50.60
CA ALA D 77 -18.63 2.34 -49.87
C ALA D 77 -19.03 3.79 -50.09
N GLN D 78 -18.07 4.72 -49.97
CA GLN D 78 -18.41 6.14 -50.10
C GLN D 78 -18.86 6.47 -51.52
N MET D 79 -18.17 5.93 -52.52
CA MET D 79 -18.57 6.19 -53.91
C MET D 79 -19.95 5.63 -54.19
N LEU D 80 -20.25 4.43 -53.68
CA LEU D 80 -21.57 3.86 -53.87
C LEU D 80 -22.64 4.68 -53.17
N ASP D 81 -22.32 5.21 -51.97
CA ASP D 81 -23.26 6.08 -51.29
C ASP D 81 -23.52 7.34 -52.09
N PHE D 82 -22.49 7.91 -52.71
CA PHE D 82 -22.67 9.07 -53.56
C PHE D 82 -23.55 8.74 -54.76
N ILE D 83 -23.33 7.57 -55.37
CA ILE D 83 -24.14 7.15 -56.52
C ILE D 83 -25.60 7.03 -56.10
N SER D 84 -25.86 6.40 -54.96
CA SER D 84 -27.23 6.29 -54.47
C SER D 84 -27.79 7.66 -54.11
N SER D 85 -26.93 8.60 -53.73
CA SER D 85 -27.40 9.93 -53.36
C SER D 85 -27.86 10.72 -54.58
N HIS D 86 -27.15 10.58 -55.70
CA HIS D 86 -27.51 11.32 -56.91
C HIS D 86 -28.41 10.52 -57.85
N THR D 87 -28.94 9.38 -57.40
CA THR D 87 -29.95 8.63 -58.13
C THR D 87 -30.80 7.91 -57.10
N PHE D 88 -32.04 8.35 -56.93
CA PHE D 88 -32.86 7.92 -55.79
C PHE D 88 -33.33 6.48 -55.99
N VAL D 89 -32.41 5.55 -55.76
CA VAL D 89 -32.74 4.13 -55.75
C VAL D 89 -32.20 3.53 -54.45
N PRO D 90 -33.05 2.89 -53.64
CA PRO D 90 -32.54 2.23 -52.43
C PRO D 90 -31.52 1.15 -52.79
N ILE D 91 -30.46 1.08 -52.00
CA ILE D 91 -29.35 0.17 -52.28
C ILE D 91 -28.89 -0.47 -50.98
N LEU D 92 -28.27 -1.64 -51.10
CA LEU D 92 -27.84 -2.42 -49.96
C LEU D 92 -26.35 -2.75 -50.09
N GLY D 93 -25.85 -3.50 -49.12
CA GLY D 93 -24.47 -3.96 -49.11
C GLY D 93 -24.30 -5.14 -48.19
N ILE D 94 -23.63 -6.20 -48.65
CA ILE D 94 -23.59 -7.47 -47.95
C ILE D 94 -22.16 -7.91 -47.65
N HIS D 95 -21.28 -7.86 -48.64
CA HIS D 95 -19.98 -8.52 -48.56
C HIS D 95 -18.86 -7.59 -49.00
N GLY D 96 -17.68 -7.82 -48.44
CA GLY D 96 -16.46 -7.18 -48.89
C GLY D 96 -16.42 -5.67 -48.75
N GLY D 97 -16.42 -4.98 -49.90
CA GLY D 97 -16.28 -3.54 -49.87
C GLY D 97 -17.44 -2.84 -49.17
N ALA D 98 -18.66 -3.27 -49.44
CA ALA D 98 -19.83 -2.64 -48.84
C ALA D 98 -20.08 -3.19 -47.44
N SER D 99 -19.05 -3.16 -46.59
CA SER D 99 -19.18 -3.58 -45.20
C SER D 99 -18.45 -2.67 -44.22
N MET D 100 -17.48 -1.88 -44.68
CA MET D 100 -16.78 -0.94 -43.80
C MET D 100 -17.71 0.22 -43.48
N ILE D 101 -18.41 0.13 -42.34
CA ILE D 101 -19.41 1.12 -41.99
C ILE D 101 -18.74 2.47 -41.75
N MET D 102 -19.36 3.53 -42.28
CA MET D 102 -18.88 4.88 -42.14
C MET D 102 -19.91 5.71 -41.38
N ALA D 103 -19.44 6.64 -40.55
CA ALA D 103 -20.34 7.42 -39.71
C ALA D 103 -21.04 8.51 -40.49
N ASP D 104 -20.27 9.43 -41.08
CA ASP D 104 -20.86 10.57 -41.78
C ASP D 104 -21.35 10.16 -43.16
N LYS D 105 -22.52 10.67 -43.53
CA LYS D 105 -23.10 10.40 -44.84
C LYS D 105 -24.06 11.53 -45.19
N ASP D 106 -24.44 11.59 -46.46
CA ASP D 106 -25.37 12.61 -46.91
C ASP D 106 -26.74 12.37 -46.28
N PRO D 107 -27.46 13.43 -45.92
CA PRO D 107 -28.79 13.24 -45.31
C PRO D 107 -29.78 12.53 -46.21
N THR D 108 -29.70 12.74 -47.52
CA THR D 108 -30.61 12.11 -48.46
C THR D 108 -30.07 10.80 -49.02
N SER D 109 -28.91 10.35 -48.56
CA SER D 109 -28.34 9.11 -49.06
C SER D 109 -29.12 7.91 -48.53
N THR D 110 -29.48 7.00 -49.42
CA THR D 110 -30.16 5.76 -49.06
C THR D 110 -29.16 4.63 -49.29
N PHE D 111 -28.32 4.38 -48.29
CA PHE D 111 -27.28 3.36 -48.37
C PHE D 111 -27.18 2.68 -47.01
N PHE D 112 -27.26 1.35 -47.00
CA PHE D 112 -27.31 0.59 -45.77
C PHE D 112 -26.32 -0.56 -45.82
N GLN D 113 -25.73 -0.86 -44.66
CA GLN D 113 -24.68 -1.86 -44.56
C GLN D 113 -25.03 -2.87 -43.47
N PHE D 114 -24.66 -4.13 -43.70
CA PHE D 114 -24.96 -5.17 -42.73
C PHE D 114 -24.01 -5.17 -41.54
N GLY D 115 -22.77 -4.72 -41.74
CA GLY D 115 -21.79 -4.82 -40.68
C GLY D 115 -22.11 -3.92 -39.50
N ALA D 116 -21.58 -4.30 -38.34
CA ALA D 116 -21.80 -3.53 -37.12
C ALA D 116 -20.91 -2.30 -37.08
N SER D 117 -21.29 -1.34 -36.24
CA SER D 117 -20.60 -0.07 -36.15
C SER D 117 -19.51 -0.14 -35.09
N ILE D 118 -18.94 1.02 -34.73
CA ILE D 118 -17.85 1.05 -33.77
C ILE D 118 -18.38 1.05 -32.33
N GLN D 119 -19.55 1.64 -32.09
CA GLN D 119 -20.04 1.77 -30.73
C GLN D 119 -20.46 0.43 -30.13
N GLN D 120 -21.03 -0.46 -30.95
CA GLN D 120 -21.44 -1.76 -30.43
C GLN D 120 -20.24 -2.64 -30.11
N GLN D 121 -19.14 -2.47 -30.84
CA GLN D 121 -17.93 -3.23 -30.53
C GLN D 121 -17.43 -2.94 -29.13
N ALA D 122 -17.51 -1.67 -28.70
CA ALA D 122 -17.10 -1.32 -27.34
C ALA D 122 -17.97 -2.03 -26.30
N THR D 123 -19.28 -2.07 -26.53
CA THR D 123 -20.16 -2.76 -25.59
C THR D 123 -19.84 -4.25 -25.53
N VAL D 124 -19.60 -4.87 -26.68
CA VAL D 124 -19.27 -6.30 -26.69
C VAL D 124 -17.96 -6.54 -25.95
N MET D 125 -16.97 -5.67 -26.17
CA MET D 125 -15.68 -5.81 -25.51
C MET D 125 -15.83 -5.67 -23.99
N LEU D 126 -16.61 -4.68 -23.55
CA LEU D 126 -16.83 -4.53 -22.11
C LEU D 126 -17.57 -5.74 -21.54
N LYS D 127 -18.50 -6.31 -22.31
CA LYS D 127 -19.23 -7.49 -21.84
C LYS D 127 -18.29 -8.68 -21.64
N ILE D 128 -17.46 -8.96 -22.63
CA ILE D 128 -16.55 -10.11 -22.50
C ILE D 128 -15.55 -9.86 -21.38
N MET D 129 -15.12 -8.60 -21.22
CA MET D 129 -14.20 -8.27 -20.14
C MET D 129 -14.86 -8.49 -18.77
N GLN D 130 -16.14 -8.15 -18.65
CA GLN D 130 -16.85 -8.38 -17.39
C GLN D 130 -17.03 -9.87 -17.12
N ASP D 131 -17.29 -10.66 -18.17
CA ASP D 131 -17.60 -12.06 -17.99
C ASP D 131 -16.42 -12.89 -17.51
N TYR D 132 -15.21 -12.34 -17.52
CA TYR D 132 -14.02 -13.06 -17.06
C TYR D 132 -13.39 -12.45 -15.83
N ASP D 133 -14.03 -11.45 -15.22
CA ASP D 133 -13.59 -10.86 -13.96
C ASP D 133 -12.17 -10.30 -14.07
N TRP D 134 -12.02 -9.29 -14.92
CA TRP D 134 -10.76 -8.57 -15.07
C TRP D 134 -10.84 -7.13 -14.60
N HIS D 135 -11.96 -6.46 -14.85
CA HIS D 135 -12.29 -5.16 -14.24
C HIS D 135 -11.26 -4.08 -14.55
N VAL D 136 -10.31 -3.87 -13.63
CA VAL D 136 -9.39 -2.74 -13.75
C VAL D 136 -8.61 -2.83 -15.06
N PHE D 137 -8.62 -1.74 -15.82
CA PHE D 137 -8.06 -1.77 -17.18
C PHE D 137 -7.28 -0.52 -17.55
N SER D 138 -6.95 -0.38 -18.82
CA SER D 138 -6.26 0.80 -19.33
C SER D 138 -6.68 0.99 -20.78
N LEU D 139 -6.48 2.21 -21.28
CA LEU D 139 -7.09 2.65 -22.54
C LEU D 139 -6.08 3.37 -23.43
N VAL D 140 -4.90 2.79 -23.62
CA VAL D 140 -3.91 3.41 -24.49
C VAL D 140 -4.42 3.38 -25.94
N THR D 141 -4.63 4.57 -26.51
CA THR D 141 -5.11 4.72 -27.87
C THR D 141 -4.26 5.73 -28.61
N THR D 142 -3.98 5.45 -29.87
CA THR D 142 -3.19 6.34 -30.71
C THR D 142 -4.12 7.32 -31.42
N ILE D 143 -3.58 8.06 -32.39
CA ILE D 143 -4.35 9.06 -33.13
C ILE D 143 -4.96 8.41 -34.35
N PHE D 144 -6.28 8.54 -34.48
CA PHE D 144 -7.05 8.03 -35.61
C PHE D 144 -8.45 8.61 -35.51
N PRO D 145 -9.12 8.89 -36.62
CA PRO D 145 -10.46 9.49 -36.55
C PRO D 145 -11.43 8.61 -35.77
N GLY D 146 -12.25 9.26 -34.95
CA GLY D 146 -13.23 8.56 -34.14
C GLY D 146 -12.73 8.13 -32.77
N TYR D 147 -11.45 8.34 -32.46
CA TYR D 147 -10.94 7.90 -31.17
C TYR D 147 -11.56 8.68 -30.02
N ARG D 148 -11.82 9.98 -30.23
CA ARG D 148 -12.51 10.76 -29.22
C ARG D 148 -13.91 10.20 -28.94
N GLU D 149 -14.61 9.82 -30.02
CA GLU D 149 -15.93 9.21 -29.85
C GLU D 149 -15.85 7.91 -29.06
N PHE D 150 -14.84 7.08 -29.36
CA PHE D 150 -14.67 5.82 -28.63
C PHE D 150 -14.40 6.07 -27.15
N ILE D 151 -13.52 7.02 -26.84
CA ILE D 151 -13.21 7.31 -25.45
C ILE D 151 -14.44 7.84 -24.72
N SER D 152 -15.17 8.76 -25.35
CA SER D 152 -16.37 9.31 -24.72
C SER D 152 -17.41 8.22 -24.48
N PHE D 153 -17.60 7.33 -25.45
CA PHE D 153 -18.58 6.27 -25.29
C PHE D 153 -18.19 5.31 -24.18
N VAL D 154 -16.90 4.94 -24.11
CA VAL D 154 -16.49 4.03 -23.05
C VAL D 154 -16.61 4.70 -21.68
N LYS D 155 -16.34 6.01 -21.61
CA LYS D 155 -16.54 6.73 -20.36
C LYS D 155 -18.01 6.74 -19.94
N THR D 156 -18.91 6.99 -20.90
CA THR D 156 -20.33 6.98 -20.61
C THR D 156 -20.78 5.60 -20.15
N THR D 157 -20.30 4.55 -20.80
CA THR D 157 -20.71 3.19 -20.42
C THR D 157 -20.19 2.82 -19.05
N VAL D 158 -18.94 3.17 -18.73
CA VAL D 158 -18.39 2.80 -17.44
C VAL D 158 -19.04 3.61 -16.32
N ASP D 159 -19.40 4.86 -16.59
CA ASP D 159 -19.99 5.71 -15.55
C ASP D 159 -21.32 5.15 -15.07
N ASN D 160 -22.31 5.05 -15.97
CA ASN D 160 -23.65 4.62 -15.60
C ASN D 160 -23.74 3.09 -15.67
N SER D 161 -23.00 2.45 -14.78
CA SER D 161 -22.98 0.99 -14.69
C SER D 161 -23.15 0.57 -13.25
N PHE D 162 -23.77 -0.59 -13.05
CA PHE D 162 -24.06 -1.10 -11.73
C PHE D 162 -22.95 -1.99 -11.16
N VAL D 163 -21.94 -2.32 -11.94
CA VAL D 163 -20.88 -3.21 -11.48
C VAL D 163 -19.73 -2.43 -10.85
N GLY D 164 -19.21 -1.43 -11.55
CA GLY D 164 -18.13 -0.63 -11.03
C GLY D 164 -16.77 -1.05 -11.56
N TRP D 165 -16.23 -0.28 -12.50
CA TRP D 165 -14.94 -0.57 -13.11
C TRP D 165 -13.93 0.48 -12.69
N ASP D 166 -12.69 0.05 -12.50
CA ASP D 166 -11.59 0.95 -12.22
C ASP D 166 -10.77 1.18 -13.48
N MET D 167 -10.43 2.45 -13.73
CA MET D 167 -9.69 2.79 -14.93
C MET D 167 -8.66 3.86 -14.59
N GLN D 168 -7.43 3.68 -15.08
CA GLN D 168 -6.36 4.61 -14.81
C GLN D 168 -5.44 4.69 -16.03
N ASN D 169 -4.76 5.82 -16.15
CA ASN D 169 -3.74 6.04 -17.19
C ASN D 169 -4.33 5.84 -18.58
N VAL D 170 -5.26 6.73 -18.94
CA VAL D 170 -5.84 6.71 -20.28
C VAL D 170 -4.90 7.45 -21.24
N ILE D 171 -4.01 6.70 -21.86
CA ILE D 171 -2.94 7.27 -22.66
C ILE D 171 -3.44 7.61 -24.05
N THR D 172 -3.07 8.78 -24.55
CA THR D 172 -3.28 9.18 -25.94
C THR D 172 -1.92 9.64 -26.44
N LEU D 173 -1.11 8.70 -26.92
CA LEU D 173 0.27 8.98 -27.28
C LEU D 173 0.38 9.27 -28.78
N ASP D 174 0.80 10.50 -29.13
CA ASP D 174 1.15 10.84 -30.50
C ASP D 174 2.39 11.74 -30.45
N THR D 175 3.57 11.12 -30.42
CA THR D 175 4.83 11.83 -30.62
C THR D 175 5.85 10.78 -31.05
N SER D 176 6.07 10.67 -32.36
CA SER D 176 6.89 9.61 -32.93
C SER D 176 6.43 8.28 -32.32
N PHE D 177 7.34 7.33 -32.13
CA PHE D 177 7.03 6.14 -31.36
C PHE D 177 8.17 5.65 -30.48
N GLU D 178 9.31 6.34 -30.43
CA GLU D 178 10.40 5.94 -29.56
C GLU D 178 11.13 7.15 -28.97
N ASP D 179 10.45 8.28 -28.84
CA ASP D 179 11.08 9.53 -28.42
C ASP D 179 10.60 9.91 -27.02
N ALA D 180 11.24 9.36 -26.01
CA ALA D 180 11.15 9.83 -24.63
C ALA D 180 9.74 9.75 -24.06
N LYS D 181 8.84 10.61 -24.55
CA LYS D 181 7.51 10.73 -23.94
C LYS D 181 6.73 9.43 -24.06
N THR D 182 6.77 8.79 -25.24
CA THR D 182 6.06 7.54 -25.42
C THR D 182 6.55 6.46 -24.47
N GLN D 183 7.86 6.44 -24.20
CA GLN D 183 8.42 5.41 -23.33
C GLN D 183 7.85 5.52 -21.92
N VAL D 184 7.91 6.72 -21.33
CA VAL D 184 7.41 6.89 -19.97
C VAL D 184 5.89 6.72 -19.91
N GLN D 185 5.19 7.24 -20.93
CA GLN D 185 3.74 7.10 -20.95
C GLN D 185 3.32 5.64 -21.01
N LEU D 186 4.06 4.82 -21.75
CA LEU D 186 3.77 3.39 -21.78
C LEU D 186 4.21 2.71 -20.48
N LYS D 187 5.28 3.19 -19.87
CA LYS D 187 5.75 2.61 -18.61
C LYS D 187 4.81 2.90 -17.45
N LYS D 188 3.96 3.92 -17.58
CA LYS D 188 3.03 4.26 -16.49
C LYS D 188 2.04 3.12 -16.22
N ILE D 189 1.72 2.32 -17.24
CA ILE D 189 0.72 1.27 -17.08
C ILE D 189 1.29 0.12 -16.27
N HIS D 190 0.55 -0.32 -15.25
CA HIS D 190 0.96 -1.46 -14.44
C HIS D 190 -0.15 -2.46 -14.17
N SER D 191 -1.41 -2.16 -14.49
CA SER D 191 -2.47 -3.15 -14.40
C SER D 191 -2.33 -4.15 -15.53
N SER D 192 -3.18 -5.17 -15.54
CA SER D 192 -3.11 -6.22 -16.57
C SER D 192 -4.46 -6.43 -17.22
N VAL D 193 -4.80 -5.53 -18.14
CA VAL D 193 -5.60 -5.78 -19.34
C VAL D 193 -5.52 -4.49 -20.13
N ILE D 194 -5.42 -4.58 -21.46
CA ILE D 194 -5.16 -3.41 -22.29
C ILE D 194 -6.19 -3.34 -23.40
N LEU D 195 -6.76 -2.16 -23.61
CA LEU D 195 -7.59 -1.86 -24.77
C LEU D 195 -6.85 -0.84 -25.62
N LEU D 196 -6.63 -1.16 -26.89
CA LEU D 196 -5.94 -0.26 -27.79
C LEU D 196 -6.72 -0.10 -29.08
N TYR D 197 -6.66 1.10 -29.65
CA TYR D 197 -7.43 1.47 -30.83
C TYR D 197 -6.47 2.13 -31.81
N CYS D 198 -6.08 1.39 -32.84
CA CYS D 198 -5.07 1.85 -33.79
C CYS D 198 -5.50 1.45 -35.19
N SER D 199 -4.57 1.55 -36.14
CA SER D 199 -4.82 1.23 -37.55
C SER D 199 -3.72 0.28 -38.03
N LYS D 200 -3.94 -1.01 -37.79
CA LYS D 200 -3.08 -2.08 -38.28
C LYS D 200 -1.59 -1.83 -38.02
N ASP D 201 -0.96 -1.02 -38.86
CA ASP D 201 0.48 -0.83 -38.78
C ASP D 201 0.89 -0.19 -37.46
N GLU D 202 0.13 0.80 -36.99
CA GLU D 202 0.43 1.43 -35.71
C GLU D 202 0.34 0.42 -34.56
N ALA D 203 -0.67 -0.44 -34.59
CA ALA D 203 -0.80 -1.46 -33.57
C ALA D 203 0.38 -2.43 -33.60
N VAL D 204 0.82 -2.81 -34.80
CA VAL D 204 1.97 -3.71 -34.92
C VAL D 204 3.21 -3.05 -34.35
N LEU D 205 3.45 -1.78 -34.67
CA LEU D 205 4.61 -1.08 -34.15
C LEU D 205 4.54 -0.97 -32.63
N ILE D 206 3.36 -0.64 -32.10
CA ILE D 206 3.22 -0.48 -30.65
C ILE D 206 3.47 -1.81 -29.94
N LEU D 207 2.91 -2.90 -30.46
CA LEU D 207 3.11 -4.20 -29.84
C LEU D 207 4.58 -4.63 -29.90
N SER D 208 5.23 -4.40 -31.06
CA SER D 208 6.63 -4.77 -31.18
C SER D 208 7.50 -3.96 -30.22
N GLU D 209 7.22 -2.67 -30.08
CA GLU D 209 8.00 -1.84 -29.16
C GLU D 209 7.75 -2.25 -27.71
N ALA D 210 6.50 -2.52 -27.35
CA ALA D 210 6.16 -2.87 -25.97
C ALA D 210 6.54 -4.29 -25.61
N ARG D 211 6.86 -5.14 -26.58
CA ARG D 211 7.32 -6.48 -26.25
C ARG D 211 8.63 -6.43 -25.47
N SER D 212 9.55 -5.56 -25.88
CA SER D 212 10.83 -5.45 -25.20
C SER D 212 10.66 -4.93 -23.77
N LEU D 213 9.65 -4.11 -23.52
CA LEU D 213 9.48 -3.53 -22.20
C LEU D 213 8.87 -4.50 -21.21
N GLY D 214 8.22 -5.56 -21.70
CA GLY D 214 7.71 -6.61 -20.85
C GLY D 214 6.23 -6.58 -20.54
N LEU D 215 5.44 -5.84 -21.31
CA LEU D 215 4.00 -5.77 -21.07
C LEU D 215 3.21 -6.92 -21.68
N THR D 216 3.85 -7.83 -22.39
CA THR D 216 3.14 -8.92 -23.06
C THR D 216 3.65 -10.28 -22.57
N GLY D 217 3.79 -10.43 -21.26
CA GLY D 217 4.23 -11.69 -20.70
C GLY D 217 3.16 -12.75 -20.69
N TYR D 218 3.20 -13.65 -19.70
CA TYR D 218 2.23 -14.72 -19.60
C TYR D 218 0.93 -14.31 -18.94
N ASP D 219 0.86 -13.10 -18.36
CA ASP D 219 -0.28 -12.65 -17.58
C ASP D 219 -0.77 -11.29 -18.05
N PHE D 220 -0.91 -11.13 -19.37
CA PHE D 220 -1.48 -9.93 -19.95
C PHE D 220 -2.38 -10.30 -21.11
N PHE D 221 -3.53 -9.62 -21.21
CA PHE D 221 -4.55 -9.94 -22.20
C PHE D 221 -4.86 -8.69 -23.01
N TRP D 222 -4.21 -8.54 -24.16
CA TRP D 222 -4.52 -7.43 -25.05
C TRP D 222 -5.89 -7.63 -25.68
N ILE D 223 -6.64 -6.55 -25.80
CA ILE D 223 -7.96 -6.55 -26.43
C ILE D 223 -8.00 -5.43 -27.45
N VAL D 224 -8.55 -5.70 -28.63
CA VAL D 224 -8.47 -4.76 -29.73
C VAL D 224 -9.71 -4.88 -30.62
N PRO D 225 -10.30 -3.75 -31.07
CA PRO D 225 -11.49 -3.84 -31.92
C PRO D 225 -11.23 -4.44 -33.28
N SER D 226 -12.28 -4.56 -34.11
CA SER D 226 -12.19 -5.24 -35.39
C SER D 226 -11.36 -4.47 -36.42
N LEU D 227 -11.01 -3.22 -36.16
CA LEU D 227 -10.26 -2.45 -37.14
C LEU D 227 -8.86 -3.00 -37.35
N VAL D 228 -8.26 -3.59 -36.32
CA VAL D 228 -6.91 -4.14 -36.43
C VAL D 228 -6.92 -5.62 -36.78
N SER D 229 -8.06 -6.31 -36.62
CA SER D 229 -8.13 -7.72 -37.00
C SER D 229 -7.81 -7.92 -38.47
N GLY D 230 -8.10 -6.92 -39.31
CA GLY D 230 -7.74 -7.02 -40.71
C GLY D 230 -8.63 -7.96 -41.48
N ASN D 231 -8.03 -8.64 -42.46
CA ASN D 231 -8.74 -9.57 -43.33
C ASN D 231 -8.78 -10.99 -42.77
N THR D 232 -8.25 -11.21 -41.57
CA THR D 232 -8.24 -12.51 -40.90
C THR D 232 -7.51 -13.57 -41.72
N GLU D 233 -6.62 -13.17 -42.60
CA GLU D 233 -5.83 -14.12 -43.38
C GLU D 233 -4.34 -13.87 -43.31
N LEU D 234 -3.92 -12.61 -43.25
CA LEU D 234 -2.51 -12.24 -43.18
C LEU D 234 -2.19 -11.72 -41.79
N ILE D 235 -1.16 -12.30 -41.16
CA ILE D 235 -0.79 -11.97 -39.79
C ILE D 235 0.71 -11.72 -39.73
N PRO D 236 1.16 -10.52 -39.34
CA PRO D 236 2.60 -10.28 -39.22
C PRO D 236 3.18 -10.99 -37.99
N LYS D 237 4.51 -10.99 -37.93
CA LYS D 237 5.23 -11.69 -36.86
C LYS D 237 5.41 -10.77 -35.64
N GLU D 238 4.32 -10.13 -35.27
CA GLU D 238 4.31 -9.27 -34.09
C GLU D 238 3.11 -9.49 -33.18
N PHE D 239 2.07 -10.19 -33.62
CA PHE D 239 0.88 -10.37 -32.80
C PHE D 239 1.09 -11.53 -31.83
N PRO D 240 1.07 -11.30 -30.52
CA PRO D 240 1.17 -12.41 -29.58
C PRO D 240 -0.11 -13.22 -29.53
N SER D 241 0.02 -14.49 -29.17
CA SER D 241 -1.14 -15.34 -29.01
C SER D 241 -1.96 -14.88 -27.81
N GLY D 242 -3.27 -15.16 -27.86
CA GLY D 242 -4.17 -14.66 -26.83
C GLY D 242 -4.50 -13.20 -27.05
N LEU D 243 -5.16 -12.90 -28.15
CA LEU D 243 -5.38 -11.54 -28.64
C LEU D 243 -6.86 -11.31 -28.93
N ILE D 244 -7.71 -11.58 -27.94
CA ILE D 244 -9.16 -11.45 -28.05
C ILE D 244 -9.53 -10.17 -28.79
N SER D 245 -10.33 -10.30 -29.85
CA SER D 245 -10.65 -9.16 -30.70
C SER D 245 -11.98 -9.44 -31.39
N VAL D 246 -13.02 -8.70 -30.99
CA VAL D 246 -14.33 -8.89 -31.60
C VAL D 246 -14.27 -8.52 -33.07
N SER D 247 -14.87 -9.35 -33.92
CA SER D 247 -14.88 -9.12 -35.36
C SER D 247 -16.18 -9.65 -35.93
N TYR D 248 -16.53 -9.15 -37.12
CA TYR D 248 -17.74 -9.59 -37.78
C TYR D 248 -17.60 -11.03 -38.27
N ASP D 249 -18.72 -11.73 -38.31
CA ASP D 249 -18.71 -13.14 -38.67
C ASP D 249 -18.40 -13.34 -40.15
N ASP D 250 -17.55 -14.33 -40.43
CA ASP D 250 -17.24 -14.70 -41.81
C ASP D 250 -17.17 -16.20 -42.00
N TRP D 251 -17.59 -16.99 -41.02
CA TRP D 251 -17.54 -18.45 -41.11
C TRP D 251 -18.88 -19.12 -40.89
N ASP D 252 -19.71 -18.59 -39.98
CA ASP D 252 -20.97 -19.24 -39.64
C ASP D 252 -21.91 -19.29 -40.84
N TYR D 253 -22.34 -18.12 -41.32
CA TYR D 253 -23.23 -18.03 -42.46
C TYR D 253 -22.72 -16.98 -43.42
N SER D 254 -22.92 -17.23 -44.72
CA SER D 254 -22.42 -16.32 -45.73
C SER D 254 -23.19 -16.53 -47.03
N LEU D 255 -23.09 -15.53 -47.91
CA LEU D 255 -23.61 -15.59 -49.28
C LEU D 255 -25.11 -15.85 -49.34
N GLU D 256 -25.49 -17.12 -49.52
CA GLU D 256 -26.88 -17.44 -49.85
C GLU D 256 -27.85 -16.91 -48.80
N ALA D 257 -27.54 -17.14 -47.51
CA ALA D 257 -28.40 -16.63 -46.45
C ALA D 257 -28.43 -15.11 -46.47
N ARG D 258 -27.28 -14.48 -46.70
CA ARG D 258 -27.21 -13.02 -46.71
C ARG D 258 -28.07 -12.43 -47.82
N VAL D 259 -27.92 -12.94 -49.05
CA VAL D 259 -28.68 -12.39 -50.17
C VAL D 259 -30.16 -12.70 -50.01
N ARG D 260 -30.49 -13.88 -49.48
CA ARG D 260 -31.89 -14.19 -49.23
C ARG D 260 -32.50 -13.21 -48.23
N ASP D 261 -31.78 -12.93 -47.14
CA ASP D 261 -32.27 -11.98 -46.15
C ASP D 261 -32.43 -10.59 -46.74
N GLY D 262 -31.46 -10.16 -47.55
CA GLY D 262 -31.56 -8.84 -48.17
C GLY D 262 -32.73 -8.71 -49.11
N ILE D 263 -32.94 -9.73 -49.95
CA ILE D 263 -34.08 -9.71 -50.87
C ILE D 263 -35.38 -9.71 -50.10
N GLY D 264 -35.47 -10.52 -49.04
CA GLY D 264 -36.66 -10.51 -48.21
C GLY D 264 -36.91 -9.15 -47.57
N ILE D 265 -35.85 -8.50 -47.09
CA ILE D 265 -35.99 -7.20 -46.46
C ILE D 265 -36.52 -6.18 -47.48
N LEU D 266 -35.95 -6.17 -48.68
CA LEU D 266 -36.38 -5.24 -49.71
C LEU D 266 -37.83 -5.50 -50.10
N THR D 267 -38.21 -6.76 -50.25
CA THR D 267 -39.58 -7.10 -50.64
C THR D 267 -40.57 -6.72 -49.55
N THR D 268 -40.21 -6.95 -48.28
CA THR D 268 -41.10 -6.57 -47.18
C THR D 268 -41.24 -5.05 -47.10
N ALA D 269 -40.15 -4.31 -47.35
CA ALA D 269 -40.25 -2.87 -47.40
C ALA D 269 -41.17 -2.41 -48.52
N ALA D 270 -41.07 -3.05 -49.68
CA ALA D 270 -41.97 -2.72 -50.79
C ALA D 270 -43.42 -3.02 -50.44
N SER D 271 -43.66 -4.15 -49.78
CA SER D 271 -45.02 -4.48 -49.36
C SER D 271 -45.55 -3.47 -48.36
N SER D 272 -44.72 -3.03 -47.42
CA SER D 272 -45.13 -2.01 -46.46
C SER D 272 -45.44 -0.70 -47.17
N MET D 273 -44.64 -0.35 -48.18
CA MET D 273 -44.90 0.86 -48.96
C MET D 273 -46.23 0.76 -49.69
N LEU D 274 -46.51 -0.40 -50.29
CA LEU D 274 -47.76 -0.59 -51.02
C LEU D 274 -48.96 -0.71 -50.09
N GLU D 275 -48.74 -1.03 -48.81
CA GLU D 275 -49.85 -1.12 -47.87
C GLU D 275 -50.56 0.22 -47.71
N LYS D 276 -49.81 1.30 -47.55
CA LYS D 276 -50.38 2.63 -47.34
C LYS D 276 -50.51 3.42 -48.62
N PHE D 277 -49.39 3.67 -49.31
CA PHE D 277 -49.41 4.51 -50.50
C PHE D 277 -49.99 3.77 -51.71
N SER D 278 -49.89 2.44 -51.74
CA SER D 278 -50.47 1.61 -52.80
C SER D 278 -49.90 1.93 -54.17
N TYR D 279 -48.64 2.39 -54.22
CA TYR D 279 -47.98 2.62 -55.50
C TYR D 279 -46.47 2.68 -55.26
N ILE D 280 -45.72 2.06 -56.15
CA ILE D 280 -44.26 2.03 -56.09
C ILE D 280 -43.73 2.64 -57.38
N PRO D 281 -43.36 3.92 -57.38
CA PRO D 281 -42.93 4.57 -58.61
C PRO D 281 -41.43 4.46 -58.85
N GLU D 282 -41.08 4.27 -60.13
CA GLU D 282 -39.67 4.27 -60.52
C GLU D 282 -39.14 5.70 -60.51
N ALA D 283 -37.95 5.87 -59.95
CA ALA D 283 -37.36 7.20 -59.77
C ALA D 283 -36.27 7.52 -60.79
N LYS D 284 -35.49 6.52 -61.22
CA LYS D 284 -34.41 6.76 -62.16
C LYS D 284 -34.96 7.19 -63.51
N ALA D 285 -34.29 8.14 -64.14
CA ALA D 285 -34.72 8.69 -65.42
C ALA D 285 -33.74 8.36 -66.54
N SER D 286 -32.46 8.73 -66.39
CA SER D 286 -31.48 8.51 -67.45
C SER D 286 -30.09 8.38 -66.85
N CYS D 287 -29.26 7.56 -67.50
CA CYS D 287 -27.88 7.40 -67.06
C CYS D 287 -27.09 8.71 -67.19
N TYR D 288 -27.30 9.42 -68.31
CA TYR D 288 -26.62 10.67 -68.58
C TYR D 288 -27.65 11.79 -68.73
N GLY D 289 -27.16 12.97 -69.12
CA GLY D 289 -28.00 14.12 -69.36
C GLY D 289 -27.58 15.28 -68.48
N GLN D 290 -28.48 16.27 -68.39
CA GLN D 290 -28.24 17.45 -67.59
C GLN D 290 -29.57 18.07 -67.22
N MET D 291 -29.54 18.94 -66.21
CA MET D 291 -30.72 19.66 -65.72
C MET D 291 -31.82 18.69 -65.30
N GLU D 292 -31.51 17.89 -64.28
CA GLU D 292 -32.44 16.90 -63.76
C GLU D 292 -33.18 17.45 -62.54
N ARG D 293 -34.23 16.73 -62.15
CA ARG D 293 -35.02 17.10 -60.99
C ARG D 293 -34.16 16.98 -59.72
N PRO D 294 -34.26 17.96 -58.81
CA PRO D 294 -33.43 17.87 -57.59
C PRO D 294 -33.72 16.66 -56.72
N GLU D 295 -34.97 16.45 -56.34
CA GLU D 295 -35.32 15.33 -55.47
C GLU D 295 -36.75 14.92 -55.72
N VAL D 296 -37.06 13.68 -55.34
CA VAL D 296 -38.39 13.11 -55.49
C VAL D 296 -38.89 12.71 -54.10
N PRO D 297 -39.75 13.51 -53.48
CA PRO D 297 -40.24 13.17 -52.14
C PRO D 297 -41.47 12.28 -52.19
N MET D 298 -41.74 11.67 -53.34
CA MET D 298 -42.93 10.84 -53.49
C MET D 298 -42.87 9.62 -52.57
N HIS D 299 -41.71 8.98 -52.47
CA HIS D 299 -41.55 7.78 -51.67
C HIS D 299 -40.46 8.00 -50.62
N THR D 300 -40.76 7.65 -49.38
CA THR D 300 -39.80 7.74 -48.27
C THR D 300 -39.71 6.37 -47.61
N LEU D 301 -38.73 5.57 -48.04
CA LEU D 301 -38.57 4.22 -47.50
C LEU D 301 -37.93 4.20 -46.12
N HIS D 302 -37.25 5.29 -45.73
CA HIS D 302 -36.57 5.30 -44.44
C HIS D 302 -37.52 5.11 -43.26
N PRO D 303 -38.64 5.83 -43.14
CA PRO D 303 -39.57 5.54 -42.03
C PRO D 303 -40.38 4.28 -42.24
N PHE D 304 -40.57 3.84 -43.48
CA PHE D 304 -41.41 2.68 -43.74
C PHE D 304 -40.70 1.38 -43.39
N MET D 305 -39.39 1.28 -43.66
CA MET D 305 -38.64 0.06 -43.41
C MET D 305 -37.83 0.13 -42.11
N VAL D 306 -38.03 1.17 -41.30
CA VAL D 306 -37.35 1.25 -40.01
C VAL D 306 -37.85 0.23 -39.00
N ASN D 307 -38.89 -0.53 -39.33
CA ASN D 307 -39.39 -1.58 -38.46
C ASN D 307 -39.92 -2.69 -39.35
N VAL D 308 -39.10 -3.71 -39.57
CA VAL D 308 -39.44 -4.80 -40.48
C VAL D 308 -38.79 -6.08 -39.98
N THR D 309 -39.54 -7.19 -40.07
CA THR D 309 -39.03 -8.50 -39.73
C THR D 309 -39.39 -9.48 -40.83
N TRP D 310 -38.53 -10.48 -41.03
CA TRP D 310 -38.74 -11.48 -42.08
C TRP D 310 -38.29 -12.84 -41.58
N ASP D 311 -39.10 -13.86 -41.86
CA ASP D 311 -38.81 -15.23 -41.48
C ASP D 311 -38.56 -15.36 -39.97
N GLY D 312 -39.36 -14.65 -39.19
CA GLY D 312 -39.25 -14.72 -37.74
C GLY D 312 -38.15 -13.88 -37.11
N LYS D 313 -36.94 -13.94 -37.67
CA LYS D 313 -35.83 -13.19 -37.10
C LYS D 313 -36.05 -11.70 -37.30
N ASP D 314 -35.36 -10.92 -36.46
CA ASP D 314 -35.48 -9.46 -36.47
C ASP D 314 -34.33 -8.86 -37.26
N LEU D 315 -34.66 -8.08 -38.28
CA LEU D 315 -33.69 -7.34 -39.09
C LEU D 315 -34.22 -5.91 -39.21
N SER D 316 -33.88 -5.06 -38.25
CA SER D 316 -34.37 -3.70 -38.21
C SER D 316 -33.19 -2.73 -38.21
N PHE D 317 -33.40 -1.57 -38.80
CA PHE D 317 -32.39 -0.52 -38.88
C PHE D 317 -32.75 0.60 -37.91
N THR D 318 -31.86 1.60 -37.85
CA THR D 318 -32.01 2.70 -36.92
C THR D 318 -31.95 4.04 -37.66
N GLU D 319 -31.81 5.14 -36.91
CA GLU D 319 -31.71 6.45 -37.53
C GLU D 319 -30.56 6.52 -38.53
N GLU D 320 -29.50 5.76 -38.30
CA GLU D 320 -28.40 5.62 -39.24
C GLU D 320 -28.45 4.24 -39.88
N GLY D 321 -27.47 3.94 -40.72
CA GLY D 321 -27.40 2.65 -41.37
C GLY D 321 -26.79 1.58 -40.49
N TYR D 322 -27.26 1.50 -39.25
CA TYR D 322 -26.74 0.57 -38.25
C TYR D 322 -27.76 -0.53 -38.01
N GLN D 323 -27.36 -1.78 -38.20
CA GLN D 323 -28.25 -2.89 -37.91
C GLN D 323 -28.49 -3.00 -36.41
N VAL D 324 -29.74 -3.31 -36.05
CA VAL D 324 -30.10 -3.38 -34.63
C VAL D 324 -29.44 -4.58 -33.96
N HIS D 325 -29.49 -5.74 -34.62
CA HIS D 325 -28.96 -6.99 -34.05
C HIS D 325 -27.88 -7.54 -34.97
N PRO D 326 -26.62 -7.13 -34.80
CA PRO D 326 -25.54 -7.72 -35.59
C PRO D 326 -25.26 -9.14 -35.16
N ARG D 327 -24.54 -9.87 -36.03
CA ARG D 327 -24.12 -11.24 -35.76
C ARG D 327 -22.63 -11.30 -35.41
N LEU D 328 -22.16 -10.34 -34.63
CA LEU D 328 -20.74 -10.27 -34.27
C LEU D 328 -20.30 -11.54 -33.54
N VAL D 329 -19.04 -11.90 -33.73
CA VAL D 329 -18.43 -13.03 -33.06
C VAL D 329 -17.12 -12.57 -32.42
N VAL D 330 -16.51 -13.47 -31.66
CA VAL D 330 -15.24 -13.21 -30.99
C VAL D 330 -14.21 -14.20 -31.52
N ILE D 331 -12.99 -13.72 -31.74
CA ILE D 331 -11.90 -14.55 -32.24
C ILE D 331 -10.67 -14.32 -31.38
N VAL D 332 -9.78 -15.32 -31.39
CA VAL D 332 -8.55 -15.27 -30.60
C VAL D 332 -7.45 -15.97 -31.39
N LEU D 333 -6.25 -15.39 -31.35
CA LEU D 333 -5.12 -15.96 -32.07
C LEU D 333 -4.63 -17.21 -31.36
N ASN D 334 -4.66 -18.34 -32.06
CA ASN D 334 -4.28 -19.61 -31.48
C ASN D 334 -2.76 -19.74 -31.46
N LYS D 335 -2.26 -20.93 -31.15
CA LYS D 335 -0.83 -21.20 -31.15
C LYS D 335 -0.28 -21.57 -32.52
N ASP D 336 -1.15 -21.73 -33.52
CA ASP D 336 -0.73 -22.07 -34.88
C ASP D 336 -0.98 -20.94 -35.85
N ARG D 337 -1.16 -19.71 -35.35
CA ARG D 337 -1.40 -18.52 -36.17
C ARG D 337 -2.64 -18.70 -37.06
N GLU D 338 -3.78 -18.87 -36.39
CA GLU D 338 -5.05 -19.00 -37.06
C GLU D 338 -6.15 -18.50 -36.13
N TRP D 339 -7.16 -17.84 -36.68
CA TRP D 339 -8.22 -17.26 -35.88
C TRP D 339 -9.25 -18.33 -35.52
N GLU D 340 -9.56 -18.43 -34.23
CA GLU D 340 -10.50 -19.42 -33.74
C GLU D 340 -11.90 -18.82 -33.68
N LYS D 341 -12.84 -19.55 -33.06
CA LYS D 341 -14.25 -19.18 -33.08
C LYS D 341 -14.84 -19.32 -31.68
N VAL D 342 -14.17 -18.76 -30.68
CA VAL D 342 -14.67 -18.82 -29.32
C VAL D 342 -15.73 -17.74 -29.11
N GLY D 343 -16.87 -18.15 -28.58
CA GLY D 343 -17.95 -17.23 -28.31
C GLY D 343 -18.77 -16.90 -29.56
N LYS D 344 -19.98 -16.39 -29.32
CA LYS D 344 -20.86 -15.98 -30.41
C LYS D 344 -21.91 -15.05 -29.84
N TRP D 345 -21.88 -13.79 -30.26
CA TRP D 345 -22.80 -12.78 -29.73
C TRP D 345 -24.20 -13.06 -30.29
N GLU D 346 -25.04 -13.70 -29.48
CA GLU D 346 -26.43 -13.92 -29.82
C GLU D 346 -27.23 -12.65 -29.53
N ASN D 347 -28.55 -12.77 -29.48
CA ASN D 347 -29.46 -11.63 -29.29
C ASN D 347 -28.91 -10.60 -28.31
N HIS D 348 -28.70 -10.99 -27.04
CA HIS D 348 -28.05 -10.10 -26.10
C HIS D 348 -27.00 -10.74 -25.21
N THR D 349 -27.02 -12.06 -25.00
CA THR D 349 -26.05 -12.70 -24.14
C THR D 349 -24.79 -13.06 -24.92
N LEU D 350 -23.68 -13.18 -24.17
CA LEU D 350 -22.41 -13.51 -24.81
C LEU D 350 -22.39 -14.96 -25.30
N SER D 351 -22.81 -15.89 -24.44
CA SER D 351 -22.91 -17.31 -24.78
C SER D 351 -21.61 -17.84 -25.40
N LEU D 352 -20.55 -17.76 -24.61
CA LEU D 352 -19.23 -18.18 -25.06
C LEU D 352 -19.08 -19.70 -24.91
N ARG D 353 -17.87 -20.20 -25.13
CA ARG D 353 -17.59 -21.63 -25.10
C ARG D 353 -16.70 -22.05 -23.94
N HIS D 354 -15.55 -21.42 -23.79
CA HIS D 354 -14.60 -21.83 -22.75
C HIS D 354 -15.07 -21.32 -21.39
N ALA D 355 -15.05 -22.22 -20.40
CA ALA D 355 -15.47 -21.84 -19.06
C ALA D 355 -14.48 -20.90 -18.40
N VAL D 356 -13.18 -21.21 -18.51
CA VAL D 356 -12.13 -20.38 -17.94
C VAL D 356 -11.10 -20.09 -19.02
N TRP D 357 -10.35 -19.02 -18.83
CA TRP D 357 -9.35 -18.61 -19.81
C TRP D 357 -8.20 -19.62 -19.83
N PRO D 358 -7.88 -20.23 -20.97
CA PRO D 358 -6.90 -21.31 -20.99
C PRO D 358 -5.45 -20.87 -20.78
N ARG D 359 -5.20 -19.57 -20.60
CA ARG D 359 -3.84 -19.06 -20.33
C ARG D 359 -2.87 -19.46 -21.44
N TYR D 360 -3.13 -18.89 -22.63
CA TYR D 360 -2.34 -19.20 -23.81
C TYR D 360 -0.87 -18.80 -23.60
N LYS D 361 -0.02 -19.32 -24.48
CA LYS D 361 1.41 -19.04 -24.44
C LYS D 361 1.70 -17.75 -25.21
N SER D 362 2.44 -16.84 -24.57
CA SER D 362 2.59 -15.49 -25.11
C SER D 362 3.41 -15.48 -26.39
N PHE D 363 4.53 -16.19 -26.40
CA PHE D 363 5.47 -16.10 -27.51
C PHE D 363 6.28 -17.40 -27.60
N SER D 364 7.33 -17.37 -28.41
CA SER D 364 8.23 -18.50 -28.55
C SER D 364 9.43 -18.41 -27.61
N ASP D 365 9.51 -17.35 -26.79
CA ASP D 365 10.63 -17.20 -25.88
C ASP D 365 10.20 -16.73 -24.49
N CYS D 366 8.90 -16.62 -24.22
CA CYS D 366 8.44 -16.19 -22.91
C CYS D 366 8.70 -17.27 -21.86
N GLU D 367 8.99 -16.82 -20.64
CA GLU D 367 9.27 -17.75 -19.57
C GLU D 367 7.99 -18.50 -19.16
N PRO D 368 8.12 -19.75 -18.74
CA PRO D 368 6.94 -20.52 -18.32
C PRO D 368 6.31 -19.92 -17.08
N ASP D 369 4.99 -20.08 -16.97
CA ASP D 369 4.25 -19.53 -15.84
C ASP D 369 4.60 -20.27 -14.56
N ASP D 370 4.78 -19.50 -13.48
CA ASP D 370 5.06 -20.06 -12.17
C ASP D 370 4.23 -19.45 -11.06
N ASN D 371 3.55 -18.34 -11.29
CA ASN D 371 2.76 -17.66 -10.28
C ASN D 371 1.27 -17.95 -10.37
N HIS D 372 0.88 -18.93 -11.20
CA HIS D 372 -0.51 -19.34 -11.33
C HIS D 372 -0.65 -20.77 -10.84
N LEU D 373 -1.60 -20.98 -9.92
CA LEU D 373 -1.78 -22.29 -9.30
C LEU D 373 -3.25 -22.48 -8.97
N SER D 374 -3.66 -23.74 -8.90
CA SER D 374 -5.03 -24.11 -8.60
C SER D 374 -5.16 -24.53 -7.14
N ILE D 375 -6.35 -24.33 -6.59
CA ILE D 375 -6.60 -24.53 -5.16
C ILE D 375 -7.89 -25.34 -5.00
N VAL D 376 -7.86 -26.31 -4.09
CA VAL D 376 -9.00 -27.18 -3.81
C VAL D 376 -9.51 -26.88 -2.40
N THR D 377 -10.82 -26.68 -2.28
CA THR D 377 -11.44 -26.39 -0.99
C THR D 377 -12.69 -27.23 -0.81
N LEU D 378 -13.23 -27.17 0.41
CA LEU D 378 -14.47 -27.86 0.75
C LEU D 378 -15.37 -26.88 1.49
N GLU D 379 -16.65 -26.86 1.13
CA GLU D 379 -17.59 -25.88 1.66
C GLU D 379 -18.25 -26.45 2.92
N GLU D 380 -17.82 -25.96 4.07
CA GLU D 380 -18.40 -26.34 5.36
C GLU D 380 -17.83 -25.41 6.42
N ALA D 381 -18.59 -25.28 7.52
CA ALA D 381 -18.18 -24.54 8.71
C ALA D 381 -18.06 -23.04 8.42
N PRO D 382 -17.89 -22.19 9.43
CA PRO D 382 -17.69 -20.76 9.16
C PRO D 382 -16.40 -20.45 8.43
N PHE D 383 -15.50 -21.42 8.27
CA PHE D 383 -14.23 -21.15 7.61
C PHE D 383 -14.43 -20.77 6.15
N VAL D 384 -15.31 -21.47 5.44
CA VAL D 384 -15.64 -21.13 4.06
C VAL D 384 -17.06 -21.59 3.78
N ILE D 385 -17.90 -20.68 3.29
CA ILE D 385 -19.29 -20.98 2.96
C ILE D 385 -19.58 -20.48 1.56
N VAL D 386 -20.25 -21.31 0.76
CA VAL D 386 -20.59 -20.93 -0.61
C VAL D 386 -21.88 -20.11 -0.63
N GLU D 387 -22.11 -19.43 -1.75
CA GLU D 387 -23.30 -18.61 -1.92
C GLU D 387 -23.67 -18.63 -3.40
N ASP D 388 -24.64 -17.79 -3.77
CA ASP D 388 -25.11 -17.70 -5.15
C ASP D 388 -25.09 -16.25 -5.59
N ILE D 389 -24.83 -16.05 -6.89
CA ILE D 389 -24.73 -14.69 -7.43
C ILE D 389 -26.11 -14.05 -7.47
N ASP D 390 -26.14 -12.73 -7.28
CA ASP D 390 -27.39 -12.00 -7.34
C ASP D 390 -27.92 -11.98 -8.78
N PRO D 391 -29.24 -11.97 -8.96
CA PRO D 391 -29.81 -11.93 -10.31
C PRO D 391 -29.35 -10.71 -11.09
N LEU D 392 -29.63 -9.53 -10.57
CA LEU D 392 -29.11 -8.30 -11.16
C LEU D 392 -27.63 -8.15 -10.82
N THR D 393 -26.85 -7.65 -11.78
CA THR D 393 -25.41 -7.50 -11.65
C THR D 393 -24.77 -8.87 -11.32
N GLU D 394 -24.85 -9.75 -12.33
CA GLU D 394 -24.59 -11.17 -12.11
C GLU D 394 -23.11 -11.44 -11.84
N THR D 395 -22.66 -11.02 -10.65
CA THR D 395 -21.32 -11.30 -10.14
C THR D 395 -21.43 -11.44 -8.63
N CYS D 396 -20.29 -11.36 -7.94
CA CYS D 396 -20.28 -11.26 -6.49
C CYS D 396 -19.70 -9.90 -6.11
N VAL D 397 -20.23 -9.34 -5.02
CA VAL D 397 -20.27 -7.88 -4.88
C VAL D 397 -18.89 -7.31 -4.59
N ARG D 398 -18.26 -7.69 -3.48
CA ARG D 398 -17.08 -6.88 -3.13
C ARG D 398 -15.84 -7.69 -2.76
N ASN D 399 -16.00 -8.77 -2.00
CA ASN D 399 -14.83 -9.40 -1.39
C ASN D 399 -14.75 -10.88 -1.69
N THR D 400 -15.90 -11.54 -1.81
CA THR D 400 -15.93 -12.98 -1.98
C THR D 400 -15.34 -13.35 -3.34
N VAL D 401 -14.29 -14.16 -3.33
CA VAL D 401 -13.64 -14.60 -4.57
C VAL D 401 -14.57 -15.58 -5.28
N PRO D 402 -14.58 -15.61 -6.61
CA PRO D 402 -15.47 -16.55 -7.32
C PRO D 402 -14.84 -17.95 -7.37
N CYS D 403 -15.63 -18.94 -6.96
CA CYS D 403 -15.19 -20.33 -6.96
C CYS D 403 -16.16 -21.16 -7.77
N ARG D 404 -15.65 -21.81 -8.82
CA ARG D 404 -16.50 -22.60 -9.72
C ARG D 404 -16.55 -24.03 -9.20
N LYS D 405 -17.76 -24.51 -8.94
CA LYS D 405 -17.99 -25.86 -8.42
C LYS D 405 -18.64 -26.72 -9.48
N PHE D 406 -18.22 -27.98 -9.55
CA PHE D 406 -18.83 -28.92 -10.47
C PHE D 406 -20.28 -29.18 -10.08
N VAL D 407 -21.15 -29.27 -11.08
CA VAL D 407 -22.58 -29.41 -10.88
C VAL D 407 -23.08 -30.64 -11.64
N LYS D 408 -23.87 -31.46 -10.97
CA LYS D 408 -24.55 -32.60 -11.58
C LYS D 408 -25.95 -32.18 -12.03
N ILE D 409 -26.55 -33.01 -12.87
CA ILE D 409 -27.90 -32.74 -13.36
C ILE D 409 -28.83 -33.88 -12.98
N ASN D 410 -28.57 -35.08 -13.52
CA ASN D 410 -29.42 -36.24 -13.22
C ASN D 410 -28.59 -37.51 -13.47
N ASN D 411 -28.08 -38.09 -12.39
CA ASN D 411 -27.38 -39.38 -12.42
C ASN D 411 -26.33 -39.45 -13.52
N SER D 412 -26.66 -40.13 -14.61
CA SER D 412 -25.73 -40.26 -15.73
C SER D 412 -25.46 -38.93 -16.41
N THR D 413 -26.39 -37.97 -16.29
CA THR D 413 -26.23 -36.64 -16.85
C THR D 413 -25.50 -35.70 -15.90
N ASN D 414 -24.71 -36.24 -14.96
CA ASN D 414 -24.02 -35.39 -13.99
C ASN D 414 -23.03 -34.45 -14.66
N GLU D 415 -22.52 -34.83 -15.83
CA GLU D 415 -21.57 -33.98 -16.54
C GLU D 415 -22.30 -32.78 -17.15
N GLY D 416 -22.33 -31.67 -16.41
CA GLY D 416 -23.02 -30.48 -16.86
C GLY D 416 -22.15 -29.23 -16.82
N MET D 417 -22.78 -28.08 -16.97
CA MET D 417 -22.05 -26.82 -16.96
C MET D 417 -21.47 -26.53 -15.58
N ASN D 418 -20.22 -26.07 -15.55
CA ASN D 418 -19.56 -25.70 -14.30
C ASN D 418 -20.10 -24.34 -13.87
N VAL D 419 -21.16 -24.38 -13.05
CA VAL D 419 -21.85 -23.16 -12.65
C VAL D 419 -20.94 -22.31 -11.77
N LYS D 420 -20.90 -21.02 -12.06
CA LYS D 420 -20.11 -20.09 -11.26
C LYS D 420 -20.76 -19.87 -9.90
N LYS D 421 -19.91 -19.77 -8.86
CA LYS D 421 -20.35 -19.46 -7.52
C LYS D 421 -19.31 -18.56 -6.86
N CYS D 422 -19.76 -17.80 -5.86
CA CYS D 422 -18.85 -16.98 -5.08
C CYS D 422 -18.95 -17.39 -3.62
N CYS D 423 -17.79 -17.59 -2.99
CA CYS D 423 -17.71 -18.14 -1.64
C CYS D 423 -16.80 -17.27 -0.78
N LYS D 424 -17.19 -17.11 0.48
CA LYS D 424 -16.44 -16.31 1.44
C LYS D 424 -16.39 -17.04 2.77
N GLY D 425 -15.55 -16.54 3.66
CA GLY D 425 -15.41 -17.15 4.97
C GLY D 425 -14.14 -16.69 5.66
N PHE D 426 -13.60 -17.56 6.52
CA PHE D 426 -12.39 -17.25 7.26
C PHE D 426 -11.15 -17.55 6.44
N CYS D 427 -11.04 -18.77 5.92
CA CYS D 427 -9.84 -19.16 5.17
C CYS D 427 -9.69 -18.35 3.88
N ILE D 428 -10.79 -17.87 3.31
CA ILE D 428 -10.71 -17.10 2.08
C ILE D 428 -9.97 -15.79 2.32
N ASP D 429 -10.21 -15.14 3.47
CA ASP D 429 -9.52 -13.89 3.77
C ASP D 429 -8.02 -14.11 3.91
N ILE D 430 -7.63 -15.18 4.61
CA ILE D 430 -6.20 -15.44 4.77
C ILE D 430 -5.58 -15.81 3.42
N LEU D 431 -6.33 -16.51 2.56
CA LEU D 431 -5.82 -16.82 1.23
C LEU D 431 -5.61 -15.54 0.42
N LYS D 432 -6.56 -14.61 0.50
CA LYS D 432 -6.42 -13.34 -0.22
C LYS D 432 -5.21 -12.55 0.28
N LYS D 433 -5.04 -12.48 1.60
CA LYS D 433 -3.90 -11.75 2.15
C LYS D 433 -2.58 -12.42 1.75
N LEU D 434 -2.56 -13.76 1.75
CA LEU D 434 -1.36 -14.47 1.32
C LEU D 434 -1.06 -14.19 -0.14
N SER D 435 -2.07 -14.17 -1.00
CA SER D 435 -1.86 -13.87 -2.40
C SER D 435 -1.34 -12.46 -2.58
N ARG D 436 -1.83 -11.51 -1.78
CA ARG D 436 -1.31 -10.15 -1.83
C ARG D 436 0.14 -10.10 -1.41
N THR D 437 0.51 -10.85 -0.36
CA THR D 437 1.85 -10.77 0.22
C THR D 437 2.89 -11.61 -0.52
N VAL D 438 2.48 -12.55 -1.37
CA VAL D 438 3.43 -13.40 -2.09
C VAL D 438 3.33 -13.24 -3.60
N LYS D 439 2.37 -12.45 -4.11
CA LYS D 439 2.26 -12.12 -5.53
C LYS D 439 2.09 -13.38 -6.40
N PHE D 440 0.97 -14.04 -6.19
CA PHE D 440 0.55 -15.14 -7.04
C PHE D 440 -0.95 -15.09 -7.24
N THR D 441 -1.42 -15.71 -8.31
CA THR D 441 -2.83 -15.71 -8.69
C THR D 441 -3.38 -17.13 -8.65
N TYR D 442 -4.59 -17.28 -8.15
CA TYR D 442 -5.20 -18.58 -7.89
C TYR D 442 -6.32 -18.87 -8.87
N ASP D 443 -6.78 -20.13 -8.83
CA ASP D 443 -7.85 -20.65 -9.68
C ASP D 443 -8.83 -21.46 -8.85
N LEU D 444 -9.29 -20.86 -7.75
CA LEU D 444 -10.07 -21.58 -6.74
C LEU D 444 -11.26 -22.31 -7.33
N TYR D 445 -11.44 -23.56 -6.94
CA TYR D 445 -12.55 -24.39 -7.40
C TYR D 445 -12.81 -25.48 -6.37
N LEU D 446 -14.09 -25.80 -6.18
CA LEU D 446 -14.51 -26.71 -5.12
C LEU D 446 -14.23 -28.16 -5.52
N VAL D 447 -14.67 -29.08 -4.66
CA VAL D 447 -14.40 -30.51 -4.82
C VAL D 447 -15.71 -31.25 -4.97
N THR D 448 -15.74 -32.23 -5.88
CA THR D 448 -16.90 -33.09 -6.08
C THR D 448 -16.85 -34.36 -5.25
N ASN D 449 -15.77 -34.60 -4.52
CA ASN D 449 -15.64 -35.77 -3.67
C ASN D 449 -16.36 -35.57 -2.34
N GLY D 450 -16.14 -36.47 -1.39
CA GLY D 450 -16.84 -36.42 -0.12
C GLY D 450 -16.14 -35.62 0.96
N LYS D 451 -15.76 -36.30 2.03
CA LYS D 451 -15.22 -35.65 3.23
C LYS D 451 -13.76 -35.26 3.07
N HIS D 452 -13.11 -34.91 4.18
CA HIS D 452 -11.70 -34.53 4.15
C HIS D 452 -10.85 -35.58 3.46
N GLY D 453 -11.10 -36.85 3.73
CA GLY D 453 -10.39 -37.92 3.07
C GLY D 453 -9.89 -39.01 3.99
N LYS D 454 -10.26 -40.24 3.69
CA LYS D 454 -9.80 -41.42 4.43
C LYS D 454 -9.27 -42.45 3.45
N LYS D 455 -8.13 -43.05 3.80
CA LYS D 455 -7.49 -44.02 2.92
C LYS D 455 -8.32 -45.30 2.88
N VAL D 456 -8.99 -45.53 1.75
CA VAL D 456 -9.80 -46.74 1.54
C VAL D 456 -9.32 -47.42 0.27
N ASN D 457 -9.00 -48.71 0.37
CA ASN D 457 -8.51 -49.50 -0.76
C ASN D 457 -7.27 -48.86 -1.38
N ASN D 458 -6.36 -48.37 -0.53
CA ASN D 458 -5.09 -47.77 -0.96
C ASN D 458 -5.31 -46.61 -1.92
N VAL D 459 -6.31 -45.78 -1.63
CA VAL D 459 -6.58 -44.58 -2.42
C VAL D 459 -7.24 -43.55 -1.52
N TRP D 460 -7.09 -42.28 -1.88
CA TRP D 460 -7.68 -41.17 -1.13
C TRP D 460 -8.78 -40.52 -1.97
N ASN D 461 -9.49 -39.58 -1.35
CA ASN D 461 -10.58 -38.89 -2.02
C ASN D 461 -10.87 -37.59 -1.29
N GLY D 462 -10.89 -36.49 -2.04
CA GLY D 462 -11.22 -35.19 -1.48
C GLY D 462 -10.02 -34.48 -0.89
N MET D 463 -9.78 -33.24 -1.35
CA MET D 463 -8.67 -32.42 -0.89
C MET D 463 -7.34 -33.17 -0.96
N ILE D 464 -7.11 -34.09 -0.02
CA ILE D 464 -5.87 -34.84 0.01
C ILE D 464 -5.72 -35.67 -1.26
N GLY D 465 -6.79 -36.31 -1.70
CA GLY D 465 -6.72 -37.12 -2.90
C GLY D 465 -6.36 -36.30 -4.13
N GLU D 466 -6.94 -35.10 -4.25
CA GLU D 466 -6.61 -34.25 -5.39
C GLU D 466 -5.22 -33.64 -5.27
N VAL D 467 -4.76 -33.41 -4.03
CA VAL D 467 -3.43 -32.85 -3.85
C VAL D 467 -2.36 -33.86 -4.20
N VAL D 468 -2.55 -35.12 -3.81
CA VAL D 468 -1.53 -36.14 -4.03
C VAL D 468 -1.32 -36.37 -5.53
N TYR D 469 -2.39 -36.48 -6.29
CA TYR D 469 -2.28 -36.82 -7.71
C TYR D 469 -2.14 -35.59 -8.60
N GLN D 470 -1.21 -34.71 -8.22
CA GLN D 470 -0.74 -33.59 -9.04
C GLN D 470 -1.87 -32.91 -9.81
N ARG D 471 -2.87 -32.43 -9.08
CA ARG D 471 -3.99 -31.74 -9.68
C ARG D 471 -4.15 -30.30 -9.23
N ALA D 472 -3.75 -29.96 -8.02
CA ALA D 472 -3.80 -28.58 -7.53
C ALA D 472 -2.87 -28.47 -6.34
N VAL D 473 -1.83 -27.66 -6.46
CA VAL D 473 -0.78 -27.60 -5.42
C VAL D 473 -1.24 -26.57 -4.40
N MET D 474 -2.21 -26.95 -3.58
CA MET D 474 -2.66 -26.26 -2.39
C MET D 474 -3.83 -27.05 -1.81
N ALA D 475 -4.11 -26.81 -0.53
CA ALA D 475 -5.33 -27.31 0.08
C ALA D 475 -5.61 -26.45 1.31
N VAL D 476 -6.53 -25.50 1.16
CA VAL D 476 -6.90 -24.61 2.26
C VAL D 476 -8.32 -24.93 2.69
N GLY D 477 -8.59 -24.69 3.97
CA GLY D 477 -9.89 -25.00 4.52
C GLY D 477 -9.77 -25.58 5.92
N SER D 478 -10.77 -26.39 6.32
CA SER D 478 -10.78 -26.98 7.66
C SER D 478 -10.08 -28.34 7.66
N LEU D 479 -8.79 -28.31 7.34
CA LEU D 479 -7.96 -29.50 7.37
C LEU D 479 -7.57 -29.80 8.81
N THR D 480 -6.67 -30.76 9.01
CA THR D 480 -6.17 -31.06 10.33
C THR D 480 -4.87 -31.85 10.20
N ILE D 481 -3.97 -31.64 11.16
CA ILE D 481 -2.67 -32.30 11.15
C ILE D 481 -2.82 -33.66 11.80
N ASN D 482 -2.22 -34.67 11.17
CA ASN D 482 -2.27 -36.04 11.66
C ASN D 482 -0.89 -36.66 11.53
N GLU D 483 -0.80 -37.96 11.84
CA GLU D 483 0.45 -38.69 11.67
C GLU D 483 0.51 -39.40 10.33
N GLU D 484 -0.59 -40.04 9.92
CA GLU D 484 -0.63 -40.68 8.61
C GLU D 484 -0.80 -39.65 7.50
N ARG D 485 -1.39 -38.49 7.80
CA ARG D 485 -1.58 -37.46 6.78
C ARG D 485 -0.26 -36.79 6.43
N SER D 486 0.57 -36.48 7.44
CA SER D 486 1.80 -35.75 7.21
C SER D 486 2.86 -36.57 6.50
N GLU D 487 2.65 -37.88 6.32
CA GLU D 487 3.62 -38.71 5.63
C GLU D 487 3.45 -38.67 4.12
N VAL D 488 2.41 -38.02 3.60
CA VAL D 488 2.15 -37.99 2.16
C VAL D 488 2.23 -36.55 1.66
N VAL D 489 1.95 -35.59 2.53
CA VAL D 489 2.00 -34.17 2.20
C VAL D 489 2.85 -33.45 3.24
N ASP D 490 2.91 -32.13 3.13
CA ASP D 490 3.69 -31.30 4.03
C ASP D 490 2.87 -30.07 4.40
N PHE D 491 2.50 -29.96 5.67
CA PHE D 491 1.73 -28.82 6.14
C PHE D 491 2.66 -27.64 6.39
N SER D 492 2.16 -26.57 7.00
CA SER D 492 2.98 -25.39 7.24
C SER D 492 2.39 -24.58 8.39
N VAL D 493 3.08 -24.60 9.53
CA VAL D 493 2.89 -23.62 10.60
C VAL D 493 1.43 -23.49 11.02
N PRO D 494 0.89 -24.43 11.80
CA PRO D 494 -0.50 -24.31 12.25
C PRO D 494 -0.76 -22.98 12.93
N PHE D 495 -1.91 -22.38 12.64
CA PHE D 495 -2.24 -21.05 13.10
C PHE D 495 -3.46 -20.98 14.00
N VAL D 496 -4.20 -22.08 14.20
CA VAL D 496 -5.27 -22.15 15.18
C VAL D 496 -5.09 -23.44 15.98
N GLU D 497 -5.68 -23.46 17.17
CA GLU D 497 -5.53 -24.58 18.10
C GLU D 497 -6.79 -25.44 18.05
N THR D 498 -6.71 -26.54 17.31
CA THR D 498 -7.79 -27.52 17.25
C THR D 498 -7.56 -28.61 18.29
N GLY D 499 -8.32 -29.71 18.16
CA GLY D 499 -8.16 -30.85 19.03
C GLY D 499 -9.40 -31.73 19.04
N ILE D 500 -9.90 -32.06 20.23
CA ILE D 500 -11.13 -32.83 20.37
C ILE D 500 -11.73 -32.49 21.72
N SER D 501 -13.06 -32.50 21.78
CA SER D 501 -13.75 -32.11 23.00
C SER D 501 -15.16 -32.70 22.98
N VAL D 502 -15.80 -32.67 24.14
CA VAL D 502 -17.14 -33.24 24.33
C VAL D 502 -18.11 -32.09 24.58
N MET D 503 -19.27 -32.16 23.93
CA MET D 503 -20.33 -31.17 24.12
C MET D 503 -21.62 -31.89 24.46
N VAL D 504 -22.29 -31.43 25.52
CA VAL D 504 -23.52 -32.04 26.00
C VAL D 504 -24.57 -30.95 26.20
N SER D 505 -25.84 -31.38 26.22
CA SER D 505 -26.93 -30.46 26.47
C SER D 505 -26.93 -30.01 27.93
N ARG D 506 -27.22 -28.73 28.15
CA ARG D 506 -27.19 -28.18 29.50
C ARG D 506 -28.37 -27.25 29.78
N SER D 507 -29.42 -27.26 28.95
CA SER D 507 -30.57 -26.40 29.17
C SER D 507 -31.58 -26.97 30.15
N ASN D 508 -31.42 -28.23 30.57
CA ASN D 508 -32.38 -28.83 31.48
C ASN D 508 -32.28 -28.23 32.88
N GLY D 509 -31.06 -28.03 33.38
CA GLY D 509 -30.87 -27.50 34.71
C GLY D 509 -29.83 -26.40 34.79
N THR D 510 -30.25 -25.22 35.26
CA THR D 510 -29.32 -24.10 35.39
C THR D 510 -28.24 -24.40 36.42
N VAL D 511 -28.63 -24.98 37.57
CA VAL D 511 -27.70 -25.35 38.64
C VAL D 511 -26.90 -24.13 39.08
N SER D 512 -27.59 -23.07 39.49
CA SER D 512 -26.92 -21.85 39.90
C SER D 512 -26.50 -21.97 41.37
N PRO D 513 -25.21 -21.89 41.68
CA PRO D 513 -24.78 -21.94 43.08
C PRO D 513 -25.19 -20.68 43.83
N SER D 514 -25.31 -20.84 45.15
CA SER D 514 -25.69 -19.75 46.03
C SER D 514 -24.85 -19.86 47.30
N ALA D 515 -25.25 -19.11 48.34
CA ALA D 515 -24.53 -19.15 49.61
C ALA D 515 -24.63 -20.53 50.25
N PHE D 516 -25.76 -21.21 50.06
CA PHE D 516 -25.93 -22.54 50.65
C PHE D 516 -24.96 -23.55 50.05
N LEU D 517 -24.56 -23.36 48.79
CA LEU D 517 -23.60 -24.25 48.17
C LEU D 517 -22.25 -24.19 48.88
N GLU D 518 -21.82 -22.98 49.24
CA GLU D 518 -20.57 -22.84 49.98
C GLU D 518 -20.74 -23.36 51.41
N PRO D 519 -19.68 -23.90 52.00
CA PRO D 519 -19.78 -24.38 53.39
C PRO D 519 -20.10 -23.25 54.35
N PHE D 520 -20.89 -23.58 55.38
CA PHE D 520 -21.29 -22.61 56.38
C PHE D 520 -21.12 -23.22 57.77
N SER D 521 -20.77 -22.37 58.73
CA SER D 521 -20.61 -22.77 60.13
C SER D 521 -19.56 -23.88 60.28
N ALA D 522 -18.52 -23.83 59.44
CA ALA D 522 -17.45 -24.81 59.52
C ALA D 522 -16.71 -24.70 60.86
N SER D 523 -16.03 -23.58 61.09
CA SER D 523 -15.32 -23.35 62.34
C SER D 523 -15.54 -21.97 62.94
N VAL D 524 -15.93 -20.96 62.17
CA VAL D 524 -16.12 -19.62 62.72
C VAL D 524 -17.32 -19.60 63.65
N TRP D 525 -18.38 -20.35 63.31
CA TRP D 525 -19.57 -20.36 64.14
C TRP D 525 -19.30 -20.86 65.55
N VAL D 526 -18.37 -21.82 65.69
CA VAL D 526 -17.97 -22.26 67.02
C VAL D 526 -17.32 -21.11 67.79
N MET D 527 -16.49 -20.32 67.11
CA MET D 527 -15.86 -19.17 67.76
C MET D 527 -16.92 -18.15 68.20
N MET D 528 -17.91 -17.88 67.35
CA MET D 528 -18.97 -16.97 67.75
C MET D 528 -19.74 -17.51 68.95
N PHE D 529 -20.03 -18.81 68.94
CA PHE D 529 -20.74 -19.42 70.05
C PHE D 529 -19.97 -19.28 71.35
N VAL D 530 -18.65 -19.53 71.31
CA VAL D 530 -17.88 -19.48 72.54
C VAL D 530 -17.74 -18.05 73.04
N MET D 531 -17.57 -17.07 72.14
CA MET D 531 -17.44 -15.70 72.64
C MET D 531 -18.76 -15.20 73.20
N LEU D 532 -19.89 -15.55 72.56
CA LEU D 532 -21.17 -15.13 73.10
C LEU D 532 -21.47 -15.80 74.43
N LEU D 533 -21.08 -17.08 74.58
CA LEU D 533 -21.24 -17.75 75.86
C LEU D 533 -20.39 -17.08 76.94
N ILE D 534 -19.15 -16.70 76.61
CA ILE D 534 -18.30 -16.02 77.57
C ILE D 534 -18.90 -14.67 77.96
N VAL D 535 -19.43 -13.94 76.98
CA VAL D 535 -20.05 -12.64 77.26
C VAL D 535 -21.26 -12.82 78.17
N SER D 536 -22.09 -13.83 77.89
CA SER D 536 -23.26 -14.10 78.71
C SER D 536 -22.85 -14.46 80.14
N ALA D 537 -21.81 -15.28 80.29
CA ALA D 537 -21.33 -15.64 81.61
C ALA D 537 -20.81 -14.43 82.36
N ILE D 538 -20.09 -13.53 81.66
CA ILE D 538 -19.59 -12.31 82.29
C ILE D 538 -20.75 -11.43 82.75
N ALA D 539 -21.78 -11.30 81.90
CA ALA D 539 -22.94 -10.50 82.28
C ALA D 539 -23.67 -11.10 83.49
N VAL D 540 -23.79 -12.43 83.52
CA VAL D 540 -24.43 -13.09 84.65
C VAL D 540 -23.63 -12.86 85.93
N PHE D 541 -22.30 -12.98 85.83
CA PHE D 541 -21.45 -12.73 86.99
C PHE D 541 -21.56 -11.29 87.47
N VAL D 542 -21.64 -10.34 86.54
CA VAL D 542 -21.80 -8.94 86.91
C VAL D 542 -23.13 -8.73 87.62
N PHE D 543 -24.19 -9.35 87.11
CA PHE D 543 -25.50 -9.23 87.76
C PHE D 543 -25.48 -9.84 89.16
N GLU D 544 -24.81 -10.99 89.32
CA GLU D 544 -24.81 -11.68 90.61
C GLU D 544 -24.14 -10.82 91.68
N TYR D 545 -23.04 -10.18 91.36
CA TYR D 545 -22.32 -9.35 92.32
C TYR D 545 -23.05 -8.02 92.55
N PHE D 566 -34.69 -17.75 88.90
CA PHE D 566 -34.56 -17.93 87.47
C PHE D 566 -34.03 -16.66 86.79
N THR D 567 -33.28 -15.87 87.55
CA THR D 567 -32.71 -14.65 87.00
C THR D 567 -31.70 -14.94 85.90
N ILE D 568 -30.90 -15.99 86.08
CA ILE D 568 -29.91 -16.35 85.07
C ILE D 568 -30.59 -16.76 83.77
N GLY D 569 -31.64 -17.56 83.87
CA GLY D 569 -32.36 -17.97 82.67
C GLY D 569 -33.02 -16.79 81.97
N LYS D 570 -33.61 -15.86 82.74
CA LYS D 570 -34.21 -14.68 82.15
C LYS D 570 -33.17 -13.82 81.45
N ALA D 571 -31.99 -13.65 82.07
CA ALA D 571 -30.93 -12.88 81.44
C ALA D 571 -30.44 -13.55 80.16
N ILE D 572 -30.31 -14.88 80.18
CA ILE D 572 -29.88 -15.60 78.98
C ILE D 572 -30.90 -15.43 77.86
N TRP D 573 -32.19 -15.54 78.19
CA TRP D 573 -33.24 -15.36 77.20
C TRP D 573 -33.21 -13.94 76.64
N LEU D 574 -33.01 -12.94 77.51
CA LEU D 574 -32.95 -11.55 77.06
C LEU D 574 -31.77 -11.32 76.12
N LEU D 575 -30.61 -11.89 76.46
CA LEU D 575 -29.45 -11.75 75.59
C LEU D 575 -29.67 -12.45 74.26
N TRP D 576 -30.27 -13.63 74.28
CA TRP D 576 -30.57 -14.35 73.03
C TRP D 576 -31.53 -13.55 72.16
N GLY D 577 -32.55 -12.95 72.78
CA GLY D 577 -33.45 -12.11 72.01
C GLY D 577 -32.76 -10.89 71.43
N LEU D 578 -31.95 -10.21 72.24
CA LEU D 578 -31.21 -9.05 71.75
C LEU D 578 -30.31 -9.43 70.59
N VAL D 579 -29.74 -10.64 70.63
CA VAL D 579 -28.93 -11.11 69.51
C VAL D 579 -29.80 -11.39 68.29
N PHE D 580 -30.95 -12.04 68.50
CA PHE D 580 -31.79 -12.45 67.37
C PHE D 580 -32.66 -11.31 66.88
N ASN D 581 -33.59 -10.84 67.72
CA ASN D 581 -34.54 -9.80 67.35
C ASN D 581 -35.32 -9.38 68.58
N ASN D 582 -35.82 -8.15 68.56
CA ASN D 582 -36.55 -7.60 69.71
C ASN D 582 -37.79 -8.42 70.00
N SER D 583 -37.78 -9.13 71.12
CA SER D 583 -38.88 -9.98 71.56
C SER D 583 -39.33 -9.55 72.96
N VAL D 584 -40.20 -10.34 73.56
CA VAL D 584 -40.71 -10.04 74.89
C VAL D 584 -39.68 -10.46 75.92
N PRO D 585 -39.09 -9.52 76.67
CA PRO D 585 -38.09 -9.90 77.68
C PRO D 585 -38.71 -10.17 79.05
N VAL D 586 -37.87 -10.46 80.03
CA VAL D 586 -38.29 -10.62 81.41
C VAL D 586 -37.70 -9.49 82.24
N GLN D 587 -38.06 -9.45 83.51
CA GLN D 587 -37.59 -8.39 84.41
C GLN D 587 -36.28 -8.76 85.08
N ASN D 588 -35.35 -9.27 84.28
CA ASN D 588 -34.03 -9.63 84.78
C ASN D 588 -33.12 -8.40 85.00
N PRO D 589 -32.94 -7.53 84.01
CA PRO D 589 -32.02 -6.41 84.21
C PRO D 589 -32.50 -5.44 85.28
N LYS D 590 -31.54 -4.84 85.97
CA LYS D 590 -31.82 -3.86 87.01
C LYS D 590 -30.59 -3.00 87.24
N GLY D 591 -30.80 -1.84 87.84
CA GLY D 591 -29.70 -0.92 88.10
C GLY D 591 -29.24 -0.19 86.85
N THR D 592 -28.00 0.29 86.91
CA THR D 592 -27.40 1.06 85.83
C THR D 592 -26.51 0.23 84.92
N THR D 593 -25.79 -0.74 85.47
CA THR D 593 -24.90 -1.57 84.66
C THR D 593 -25.69 -2.40 83.65
N SER D 594 -26.86 -2.90 84.05
CA SER D 594 -27.65 -3.74 83.16
C SER D 594 -28.15 -2.95 81.95
N LYS D 595 -28.54 -1.69 82.15
CA LYS D 595 -28.98 -0.88 81.03
C LYS D 595 -27.85 -0.63 80.04
N ILE D 596 -26.65 -0.36 80.54
CA ILE D 596 -25.50 -0.17 79.67
C ILE D 596 -25.18 -1.46 78.92
N MET D 597 -25.28 -2.60 79.61
CA MET D 597 -25.05 -3.88 78.95
C MET D 597 -26.07 -4.11 77.84
N VAL D 598 -27.34 -3.80 78.11
CA VAL D 598 -28.38 -3.97 77.10
C VAL D 598 -28.14 -3.07 75.90
N SER D 599 -27.76 -1.82 76.14
CA SER D 599 -27.48 -0.89 75.05
C SER D 599 -26.29 -1.38 74.22
N VAL D 600 -25.24 -1.85 74.88
CA VAL D 600 -24.06 -2.35 74.18
C VAL D 600 -24.43 -3.58 73.35
N TRP D 601 -25.24 -4.48 73.91
CA TRP D 601 -25.66 -5.67 73.18
C TRP D 601 -26.51 -5.30 71.97
N ALA D 602 -27.40 -4.31 72.13
CA ALA D 602 -28.21 -3.86 70.99
C ALA D 602 -27.33 -3.27 69.90
N PHE D 603 -26.35 -2.45 70.27
CA PHE D 603 -25.45 -1.88 69.28
C PHE D 603 -24.64 -2.96 68.58
N PHE D 604 -24.15 -3.95 69.34
CA PHE D 604 -23.40 -5.05 68.74
C PHE D 604 -24.27 -5.85 67.77
N ALA D 605 -25.52 -6.12 68.16
CA ALA D 605 -26.43 -6.85 67.28
C ALA D 605 -26.72 -6.05 66.01
N VAL D 606 -26.90 -4.74 66.14
CA VAL D 606 -27.14 -3.90 64.96
C VAL D 606 -25.95 -3.95 64.02
N ILE D 607 -24.74 -3.82 64.58
CA ILE D 607 -23.53 -3.89 63.76
C ILE D 607 -23.41 -5.25 63.09
N PHE D 608 -23.69 -6.33 63.84
CA PHE D 608 -23.57 -7.67 63.29
C PHE D 608 -24.57 -7.91 62.17
N LEU D 609 -25.81 -7.45 62.34
CA LEU D 609 -26.80 -7.64 61.28
C LEU D 609 -26.47 -6.80 60.06
N ALA D 610 -25.96 -5.58 60.27
CA ALA D 610 -25.53 -4.76 59.14
C ALA D 610 -24.39 -5.43 58.38
N SER D 611 -23.42 -5.99 59.10
CA SER D 611 -22.32 -6.69 58.45
C SER D 611 -22.80 -7.93 57.73
N TYR D 612 -23.75 -8.66 58.31
CA TYR D 612 -24.30 -9.85 57.65
C TYR D 612 -25.03 -9.48 56.37
N THR D 613 -25.82 -8.40 56.41
CA THR D 613 -26.51 -7.95 55.20
C THR D 613 -25.52 -7.50 54.14
N ALA D 614 -24.46 -6.80 54.54
CA ALA D 614 -23.44 -6.36 53.59
C ALA D 614 -22.74 -7.56 52.96
N ASN D 615 -22.41 -8.58 53.78
CA ASN D 615 -21.76 -9.78 53.25
C ASN D 615 -22.68 -10.53 52.30
N LEU D 616 -23.97 -10.62 52.64
CA LEU D 616 -24.92 -11.28 51.75
C LEU D 616 -25.03 -10.54 50.42
N ALA D 617 -25.08 -9.20 50.47
CA ALA D 617 -25.13 -8.42 49.24
C ALA D 617 -23.87 -8.61 48.41
N ALA D 618 -22.71 -8.65 49.06
CA ALA D 618 -21.46 -8.85 48.34
C ALA D 618 -21.41 -10.24 47.70
N PHE D 619 -21.88 -11.26 48.42
CA PHE D 619 -21.86 -12.63 47.90
C PHE D 619 -22.94 -12.88 46.86
N MET D 620 -23.97 -12.04 46.81
CA MET D 620 -25.02 -12.22 45.81
C MET D 620 -24.49 -12.07 44.39
N ILE D 621 -23.40 -11.33 44.21
CA ILE D 621 -22.82 -11.17 42.88
C ILE D 621 -21.99 -12.37 42.44
N GLN D 622 -21.70 -13.30 43.34
CA GLN D 622 -20.95 -14.50 42.98
C GLN D 622 -21.86 -15.55 42.37
N GLU D 623 -21.37 -16.21 41.32
CA GLU D 623 -22.16 -17.22 40.63
C GLU D 623 -21.20 -18.17 39.92
N GLU D 624 -21.74 -19.32 39.52
CA GLU D 624 -20.97 -20.34 38.82
C GLU D 624 -21.95 -21.20 38.03
N PHE D 625 -21.46 -22.36 37.55
CA PHE D 625 -22.29 -23.26 36.77
C PHE D 625 -21.75 -24.68 36.92
N VAL D 626 -22.55 -25.65 36.49
CA VAL D 626 -22.15 -27.05 36.58
C VAL D 626 -21.00 -27.32 35.62
N ASP D 627 -20.18 -28.31 35.96
CA ASP D 627 -19.01 -28.65 35.16
C ASP D 627 -19.01 -30.09 34.64
N GLN D 628 -19.76 -31.00 35.26
CA GLN D 628 -19.84 -32.41 34.87
C GLN D 628 -18.41 -32.98 34.95
N VAL D 629 -17.96 -33.73 33.96
CA VAL D 629 -16.61 -34.29 33.96
C VAL D 629 -15.73 -33.42 33.08
N THR D 630 -14.41 -33.51 33.31
CA THR D 630 -13.43 -32.70 32.61
C THR D 630 -12.63 -33.58 31.66
N GLY D 631 -12.51 -33.13 30.41
CA GLY D 631 -11.72 -33.83 29.42
C GLY D 631 -12.44 -35.02 28.81
N LEU D 632 -11.87 -35.50 27.71
CA LEU D 632 -12.43 -36.67 27.03
C LEU D 632 -12.33 -37.93 27.89
N SER D 633 -11.39 -37.98 28.83
CA SER D 633 -11.26 -39.10 29.74
C SER D 633 -12.16 -38.86 30.94
N ASP D 634 -13.25 -39.62 31.02
CA ASP D 634 -14.22 -39.49 32.10
C ASP D 634 -14.52 -40.86 32.66
N LYS D 635 -15.11 -40.86 33.87
CA LYS D 635 -15.47 -42.12 34.51
C LYS D 635 -16.49 -42.89 33.70
N LYS D 636 -17.50 -42.20 33.17
CA LYS D 636 -18.53 -42.88 32.38
C LYS D 636 -17.97 -43.38 31.06
N PHE D 637 -17.07 -42.62 30.43
CA PHE D 637 -16.52 -43.02 29.15
C PHE D 637 -15.37 -44.01 29.26
N GLN D 638 -14.92 -44.33 30.48
CA GLN D 638 -13.86 -45.33 30.63
C GLN D 638 -14.31 -46.68 30.11
N ARG D 639 -15.54 -47.08 30.42
CA ARG D 639 -16.13 -48.31 29.91
C ARG D 639 -17.47 -47.99 29.24
N PRO D 640 -17.74 -48.57 28.07
CA PRO D 640 -18.99 -48.23 27.38
C PRO D 640 -20.22 -48.84 28.02
N HIS D 641 -20.14 -50.11 28.45
CA HIS D 641 -21.28 -50.82 28.99
C HIS D 641 -21.47 -50.49 30.47
N ASP D 642 -22.31 -51.26 31.14
CA ASP D 642 -22.59 -51.14 32.58
C ASP D 642 -23.27 -49.80 32.83
N TYR D 643 -23.04 -49.21 34.00
CA TYR D 643 -23.68 -47.96 34.46
C TYR D 643 -25.19 -48.21 34.49
N SER D 644 -26.01 -47.26 34.07
CA SER D 644 -27.46 -47.46 34.09
C SER D 644 -28.14 -46.77 32.91
N PRO D 645 -27.96 -45.47 32.68
CA PRO D 645 -28.62 -44.83 31.54
C PRO D 645 -27.91 -45.17 30.25
N PRO D 646 -28.66 -45.41 29.16
CA PRO D 646 -28.02 -45.71 27.88
C PRO D 646 -27.38 -44.47 27.28
N PHE D 647 -26.06 -44.39 27.33
CA PHE D 647 -25.36 -43.22 26.81
C PHE D 647 -25.37 -43.20 25.29
N ARG D 648 -25.48 -42.00 24.73
CA ARG D 648 -25.45 -41.82 23.28
C ARG D 648 -24.61 -40.58 23.00
N PHE D 649 -23.43 -40.77 22.40
CA PHE D 649 -22.49 -39.69 22.17
C PHE D 649 -22.09 -39.64 20.71
N GLY D 650 -21.73 -38.44 20.25
CA GLY D 650 -21.42 -38.20 18.86
C GLY D 650 -20.27 -39.01 18.31
N THR D 651 -20.49 -39.66 17.17
CA THR D 651 -19.49 -40.50 16.53
C THR D 651 -19.44 -40.21 15.04
N VAL D 652 -19.37 -38.92 14.69
CA VAL D 652 -19.38 -38.50 13.29
C VAL D 652 -18.15 -39.06 12.59
N PRO D 653 -18.32 -39.89 11.56
CA PRO D 653 -17.16 -40.55 10.94
C PRO D 653 -16.49 -39.72 9.87
N ASN D 654 -15.53 -40.31 9.18
CA ASN D 654 -14.83 -39.69 8.06
C ASN D 654 -14.15 -38.38 8.49
N GLY D 655 -13.18 -38.54 9.39
CA GLY D 655 -12.44 -37.39 9.87
C GLY D 655 -11.42 -37.83 10.90
N SER D 656 -10.76 -36.83 11.49
CA SER D 656 -9.77 -37.11 12.52
C SER D 656 -10.41 -37.63 13.80
N THR D 657 -11.62 -37.15 14.12
CA THR D 657 -12.28 -37.54 15.36
C THR D 657 -12.63 -39.03 15.40
N GLU D 658 -12.62 -39.70 14.24
CA GLU D 658 -12.88 -41.13 14.19
C GLU D 658 -11.60 -41.95 14.24
N ARG D 659 -10.61 -41.58 13.42
CA ARG D 659 -9.35 -42.31 13.40
C ARG D 659 -8.61 -42.18 14.71
N ASN D 660 -8.67 -41.01 15.35
CA ASN D 660 -8.00 -40.82 16.63
C ASN D 660 -8.54 -41.78 17.67
N ILE D 661 -9.87 -41.95 17.72
CA ILE D 661 -10.46 -42.88 18.67
C ILE D 661 -10.16 -44.33 18.28
N ARG D 662 -10.24 -44.63 16.99
CA ARG D 662 -10.06 -46.01 16.54
C ARG D 662 -8.62 -46.49 16.63
N ASN D 663 -7.65 -45.57 16.71
CA ASN D 663 -6.24 -45.95 16.74
C ASN D 663 -5.58 -45.71 18.09
N ASN D 664 -6.32 -45.15 19.06
CA ASN D 664 -5.74 -44.91 20.38
C ASN D 664 -6.69 -45.23 21.52
N TYR D 665 -7.89 -45.76 21.24
CA TYR D 665 -8.86 -46.06 22.28
C TYR D 665 -9.88 -47.06 21.76
N PRO D 666 -9.48 -48.31 21.47
CA PRO D 666 -10.39 -49.29 20.87
C PRO D 666 -11.36 -49.93 21.86
N TYR D 667 -11.98 -49.10 22.68
CA TYR D 667 -12.99 -49.55 23.63
C TYR D 667 -14.30 -48.79 23.49
N MET D 668 -14.24 -47.50 23.18
CA MET D 668 -15.43 -46.69 22.92
C MET D 668 -15.74 -46.58 21.44
N HIS D 669 -15.31 -47.58 20.65
CA HIS D 669 -15.53 -47.60 19.21
C HIS D 669 -16.68 -48.49 18.80
N GLN D 670 -16.70 -49.74 19.30
CA GLN D 670 -17.76 -50.67 18.93
C GLN D 670 -19.12 -50.18 19.40
N TYR D 671 -19.18 -49.60 20.60
CA TYR D 671 -20.45 -49.12 21.13
C TYR D 671 -21.00 -47.97 20.29
N MET D 672 -20.12 -47.12 19.78
CA MET D 672 -20.54 -45.95 19.00
C MET D 672 -20.62 -46.21 17.51
N THR D 673 -20.43 -47.46 17.08
CA THR D 673 -20.45 -47.77 15.65
C THR D 673 -21.81 -47.46 15.04
N LYS D 674 -22.89 -47.95 15.66
CA LYS D 674 -24.23 -47.70 15.16
C LYS D 674 -24.87 -46.49 15.84
N PHE D 675 -24.14 -45.37 15.87
CA PHE D 675 -24.67 -44.14 16.44
C PHE D 675 -24.26 -42.90 15.67
N ASN D 676 -23.58 -43.05 14.53
CA ASN D 676 -23.08 -41.90 13.79
C ASN D 676 -24.22 -41.08 13.22
N GLN D 677 -24.07 -39.76 13.30
CA GLN D 677 -25.03 -38.83 12.73
C GLN D 677 -24.64 -38.48 11.30
N LYS D 678 -25.30 -37.49 10.71
CA LYS D 678 -25.03 -37.07 9.34
C LYS D 678 -24.15 -35.82 9.30
N GLY D 679 -24.58 -34.74 9.95
CA GLY D 679 -23.81 -33.51 9.97
C GLY D 679 -23.85 -32.87 11.34
N VAL D 680 -23.03 -31.84 11.50
CA VAL D 680 -22.94 -31.15 12.78
C VAL D 680 -24.29 -30.50 13.13
N GLU D 681 -24.87 -29.80 12.15
CA GLU D 681 -26.16 -29.16 12.39
C GLU D 681 -27.25 -30.20 12.65
N ASP D 682 -27.26 -31.28 11.87
CA ASP D 682 -28.24 -32.34 12.09
C ASP D 682 -28.05 -32.99 13.45
N ALA D 683 -26.80 -33.22 13.85
CA ALA D 683 -26.53 -33.81 15.15
C ALA D 683 -27.01 -32.90 16.28
N LEU D 684 -26.76 -31.60 16.16
CA LEU D 684 -27.22 -30.66 17.17
C LEU D 684 -28.74 -30.61 17.23
N VAL D 685 -29.39 -30.61 16.07
CA VAL D 685 -30.85 -30.58 16.03
C VAL D 685 -31.43 -31.83 16.69
N SER D 686 -30.85 -32.99 16.39
CA SER D 686 -31.30 -34.22 17.04
C SER D 686 -31.01 -34.20 18.54
N LEU D 687 -29.91 -33.54 18.94
CA LEU D 687 -29.61 -33.44 20.37
C LEU D 687 -30.60 -32.54 21.08
N LYS D 688 -31.17 -31.56 20.38
CA LYS D 688 -32.17 -30.69 21.01
C LYS D 688 -33.37 -31.49 21.46
N THR D 689 -33.87 -32.39 20.61
CA THR D 689 -34.91 -33.34 20.99
C THR D 689 -34.19 -34.60 21.44
N GLY D 690 -33.86 -34.65 22.73
CA GLY D 690 -32.83 -35.52 23.26
C GLY D 690 -32.79 -36.95 22.77
N LYS D 691 -31.75 -37.26 21.99
CA LYS D 691 -31.44 -38.61 21.55
C LYS D 691 -29.99 -38.93 21.87
N LEU D 692 -29.14 -37.91 21.76
CA LEU D 692 -27.71 -38.02 22.01
C LEU D 692 -27.38 -37.30 23.30
N ASP D 693 -26.69 -37.99 24.21
CA ASP D 693 -26.32 -37.41 25.49
C ASP D 693 -25.00 -36.66 25.45
N ALA D 694 -24.25 -36.76 24.35
CA ALA D 694 -22.96 -36.09 24.22
C ALA D 694 -22.62 -35.96 22.75
N PHE D 695 -21.61 -35.14 22.47
CA PHE D 695 -21.16 -34.93 21.10
C PHE D 695 -19.65 -34.71 21.10
N ILE D 696 -18.97 -35.34 20.15
CA ILE D 696 -17.52 -35.26 20.01
C ILE D 696 -17.19 -34.73 18.63
N TYR D 697 -16.38 -33.68 18.58
CA TYR D 697 -16.00 -33.08 17.31
C TYR D 697 -14.75 -32.21 17.54
N ASP D 698 -14.18 -31.74 16.44
CA ASP D 698 -13.03 -30.85 16.53
C ASP D 698 -13.41 -29.56 17.25
N ALA D 699 -12.69 -29.24 18.31
CA ALA D 699 -13.08 -28.12 19.17
C ALA D 699 -12.61 -26.78 18.62
N ALA D 700 -12.92 -26.51 17.37
CA ALA D 700 -12.77 -25.19 16.78
C ALA D 700 -14.03 -24.72 16.06
N VAL D 701 -14.71 -25.62 15.37
CA VAL D 701 -16.02 -25.33 14.81
C VAL D 701 -17.12 -25.54 15.84
N LEU D 702 -16.97 -26.56 16.68
CA LEU D 702 -17.97 -26.85 17.71
C LEU D 702 -18.01 -25.75 18.76
N ASN D 703 -16.84 -25.19 19.10
CA ASN D 703 -16.80 -24.10 20.07
C ASN D 703 -17.57 -22.89 19.57
N TYR D 704 -17.40 -22.55 18.29
CA TYR D 704 -18.16 -21.45 17.71
C TYR D 704 -19.65 -21.82 17.59
N LYS D 705 -19.93 -23.07 17.19
CA LYS D 705 -21.32 -23.48 16.95
C LYS D 705 -22.14 -23.41 18.23
N ALA D 706 -21.56 -23.87 19.35
CA ALA D 706 -22.29 -23.81 20.62
C ALA D 706 -22.38 -22.40 21.16
N GLY D 707 -21.53 -21.49 20.71
CA GLY D 707 -21.56 -20.12 21.16
C GLY D 707 -22.54 -19.21 20.46
N ARG D 708 -23.22 -19.70 19.43
CA ARG D 708 -24.18 -18.90 18.68
C ARG D 708 -25.44 -19.71 18.39
N ASP D 709 -25.92 -20.45 19.39
CA ASP D 709 -27.13 -21.24 19.25
C ASP D 709 -28.33 -20.37 19.64
N GLU D 710 -29.49 -21.01 19.84
CA GLU D 710 -30.70 -20.28 20.21
C GLU D 710 -30.63 -19.87 21.67
N GLY D 711 -30.07 -18.70 21.95
CA GLY D 711 -29.87 -18.26 23.31
C GLY D 711 -28.69 -18.88 24.01
N CYS D 712 -27.87 -19.65 23.29
CA CYS D 712 -26.72 -20.38 23.82
C CYS D 712 -27.03 -20.99 25.20
N LYS D 713 -28.18 -21.68 25.27
CA LYS D 713 -28.52 -22.40 26.48
C LYS D 713 -27.55 -23.54 26.74
N LEU D 714 -27.13 -24.25 25.69
CA LEU D 714 -26.19 -25.34 25.80
C LEU D 714 -24.76 -24.84 25.53
N VAL D 715 -23.80 -25.45 26.22
CA VAL D 715 -22.40 -25.08 26.14
C VAL D 715 -21.56 -26.35 26.20
N THR D 716 -20.24 -26.17 26.14
CA THR D 716 -19.31 -27.28 26.17
C THR D 716 -19.31 -27.96 27.54
N ILE D 717 -18.53 -29.02 27.67
CA ILE D 717 -18.43 -29.79 28.90
C ILE D 717 -17.11 -29.45 29.58
N GLY D 718 -17.19 -29.04 30.84
CA GLY D 718 -16.00 -28.70 31.58
C GLY D 718 -15.37 -27.39 31.10
N SER D 719 -14.08 -27.25 31.38
CA SER D 719 -13.32 -26.08 31.00
C SER D 719 -12.65 -26.24 29.63
N GLY D 720 -13.18 -27.10 28.77
CA GLY D 720 -12.59 -27.32 27.47
C GLY D 720 -11.21 -27.93 27.53
N TYR D 721 -11.04 -28.96 28.35
CA TYR D 721 -9.75 -29.64 28.46
C TYR D 721 -9.50 -30.48 27.21
N ILE D 722 -8.88 -29.87 26.20
CA ILE D 722 -8.68 -30.54 24.92
C ILE D 722 -7.71 -31.70 25.08
N PHE D 723 -7.97 -32.78 24.37
CA PHE D 723 -7.17 -33.99 24.50
C PHE D 723 -5.87 -33.90 23.71
N ALA D 724 -5.97 -33.75 22.39
CA ALA D 724 -4.81 -33.72 21.50
C ALA D 724 -4.82 -32.42 20.72
N THR D 725 -4.22 -31.37 21.29
CA THR D 725 -4.18 -30.05 20.65
C THR D 725 -3.20 -30.10 19.49
N THR D 726 -3.71 -30.35 18.28
CA THR D 726 -2.85 -30.54 17.12
C THR D 726 -2.63 -29.25 16.34
N GLY D 727 -3.72 -28.66 15.82
CA GLY D 727 -3.62 -27.42 15.08
C GLY D 727 -4.28 -27.53 13.73
N TYR D 728 -4.07 -26.51 12.91
CA TYR D 728 -4.60 -26.43 11.55
C TYR D 728 -3.44 -26.41 10.56
N GLY D 729 -3.74 -26.12 9.31
CA GLY D 729 -2.69 -25.95 8.32
C GLY D 729 -3.24 -25.98 6.92
N ILE D 730 -2.39 -25.57 5.99
CA ILE D 730 -2.69 -25.59 4.56
C ILE D 730 -1.74 -26.59 3.92
N ALA D 731 -2.31 -27.61 3.28
CA ALA D 731 -1.50 -28.68 2.73
C ALA D 731 -0.70 -28.19 1.52
N LEU D 732 0.23 -29.02 1.07
CA LEU D 732 1.08 -28.69 -0.06
C LEU D 732 1.54 -29.97 -0.72
N GLN D 733 1.94 -29.86 -1.99
CA GLN D 733 2.55 -30.99 -2.67
C GLN D 733 3.94 -31.25 -2.09
N LYS D 734 4.30 -32.52 -2.01
CA LYS D 734 5.56 -32.90 -1.37
C LYS D 734 6.74 -32.29 -2.10
N GLY D 735 7.46 -31.41 -1.43
CA GLY D 735 8.66 -30.81 -2.00
C GLY D 735 8.41 -29.62 -2.89
N SER D 736 7.26 -28.97 -2.78
CA SER D 736 6.98 -27.81 -3.62
C SER D 736 7.91 -26.65 -3.26
N PRO D 737 8.41 -25.91 -4.26
CA PRO D 737 9.32 -24.79 -3.96
C PRO D 737 8.67 -23.67 -3.17
N TRP D 738 7.34 -23.57 -3.17
CA TRP D 738 6.67 -22.49 -2.46
C TRP D 738 6.84 -22.61 -0.95
N LYS D 739 6.90 -23.84 -0.44
CA LYS D 739 6.70 -24.15 0.97
C LYS D 739 7.39 -23.15 1.89
N ARG D 740 8.73 -23.06 1.79
CA ARG D 740 9.50 -22.18 2.66
C ARG D 740 8.88 -20.80 2.72
N GLN D 741 8.77 -20.14 1.56
CA GLN D 741 8.24 -18.79 1.51
C GLN D 741 6.91 -18.71 2.24
N ILE D 742 6.00 -19.63 1.94
CA ILE D 742 4.67 -19.57 2.52
C ILE D 742 4.76 -19.55 4.03
N ASP D 743 5.57 -20.46 4.60
CA ASP D 743 5.70 -20.53 6.05
C ASP D 743 6.08 -19.17 6.60
N LEU D 744 7.12 -18.55 6.04
CA LEU D 744 7.56 -17.26 6.54
C LEU D 744 6.41 -16.27 6.55
N ALA D 745 5.68 -16.20 5.43
CA ALA D 745 4.58 -15.24 5.34
C ALA D 745 3.61 -15.42 6.50
N LEU D 746 3.23 -16.66 6.78
CA LEU D 746 2.25 -16.90 7.84
C LEU D 746 2.76 -16.37 9.17
N LEU D 747 4.04 -16.62 9.47
CA LEU D 747 4.59 -16.15 10.74
C LEU D 747 4.49 -14.64 10.83
N GLN D 748 4.76 -13.94 9.72
CA GLN D 748 4.66 -12.48 9.74
C GLN D 748 3.26 -12.04 10.14
N PHE D 749 2.24 -12.72 9.63
CA PHE D 749 0.87 -12.34 9.95
C PHE D 749 0.55 -12.52 11.42
N VAL D 750 1.26 -13.40 12.13
CA VAL D 750 1.06 -13.52 13.57
C VAL D 750 1.57 -12.27 14.27
N GLY D 751 2.67 -11.70 13.78
CA GLY D 751 3.28 -10.58 14.48
C GLY D 751 2.41 -9.32 14.47
N ASP D 752 1.83 -9.00 13.32
CA ASP D 752 1.06 -7.76 13.19
C ASP D 752 -0.43 -7.97 13.46
N GLY D 753 -0.74 -8.63 14.57
CA GLY D 753 -2.09 -8.77 15.08
C GLY D 753 -3.18 -9.05 14.06
N GLU D 754 -2.92 -9.93 13.10
CA GLU D 754 -3.91 -10.23 12.07
C GLU D 754 -4.91 -11.29 12.50
N MET D 755 -4.41 -12.42 13.04
CA MET D 755 -5.30 -13.50 13.42
C MET D 755 -6.26 -13.08 14.51
N GLU D 756 -5.80 -12.30 15.48
CA GLU D 756 -6.65 -11.92 16.60
C GLU D 756 -7.85 -11.11 16.12
N GLU D 757 -7.60 -10.05 15.35
CA GLU D 757 -8.70 -9.21 14.87
C GLU D 757 -9.57 -9.97 13.88
N LEU D 758 -8.96 -10.82 13.04
CA LEU D 758 -9.75 -11.59 12.08
C LEU D 758 -10.70 -12.53 12.78
N GLU D 759 -10.22 -13.24 13.80
CA GLU D 759 -11.09 -14.13 14.57
C GLU D 759 -12.16 -13.35 15.31
N THR D 760 -11.79 -12.20 15.88
CA THR D 760 -12.77 -11.38 16.59
C THR D 760 -13.87 -10.91 15.66
N LEU D 761 -13.53 -10.60 14.41
CA LEU D 761 -14.53 -10.17 13.45
C LEU D 761 -15.37 -11.33 12.92
N TRP D 762 -14.77 -12.50 12.75
CA TRP D 762 -15.42 -13.60 12.02
C TRP D 762 -16.06 -14.64 12.93
N LEU D 763 -15.28 -15.26 13.82
CA LEU D 763 -15.71 -16.48 14.49
C LEU D 763 -15.92 -16.29 16.00
N THR D 764 -16.18 -15.07 16.45
CA THR D 764 -16.50 -14.81 17.84
C THR D 764 -18.00 -14.72 18.02
N GLY D 765 -18.52 -15.43 19.03
CA GLY D 765 -19.94 -15.48 19.27
C GLY D 765 -20.47 -14.24 19.97
N ILE D 766 -21.76 -14.29 20.28
CA ILE D 766 -22.44 -13.17 20.92
C ILE D 766 -22.52 -13.31 22.43
N CYS D 767 -22.39 -14.53 22.97
CA CYS D 767 -22.46 -14.74 24.41
C CYS D 767 -21.26 -15.49 24.96
N HIS D 768 -20.17 -15.59 24.20
CA HIS D 768 -18.96 -16.21 24.71
C HIS D 768 -18.39 -15.42 25.88
N ASN D 769 -18.44 -14.08 25.78
CA ASN D 769 -18.00 -13.24 26.89
C ASN D 769 -18.89 -13.45 28.11
N GLU D 770 -20.20 -13.59 27.91
CA GLU D 770 -21.12 -13.80 29.01
C GLU D 770 -20.84 -15.14 29.69
N LYS D 771 -20.81 -15.13 31.02
CA LYS D 771 -20.55 -16.34 31.79
C LYS D 771 -21.16 -16.24 33.19
N LEU D 779 -34.06 -16.33 47.49
CA LEU D 779 -34.74 -17.51 48.03
C LEU D 779 -34.16 -18.79 47.43
N ASP D 780 -33.04 -19.24 47.97
CA ASP D 780 -32.38 -20.43 47.48
C ASP D 780 -33.08 -21.69 48.00
N ILE D 781 -33.25 -22.67 47.12
CA ILE D 781 -33.88 -23.93 47.52
C ILE D 781 -32.97 -24.71 48.45
N ASP D 782 -31.66 -24.69 48.17
CA ASP D 782 -30.72 -25.40 49.03
C ASP D 782 -30.69 -24.81 50.44
N ASN D 783 -30.74 -23.49 50.54
CA ASN D 783 -30.78 -22.85 51.86
C ASN D 783 -32.06 -23.22 52.61
N MET D 784 -33.19 -23.26 51.90
CA MET D 784 -34.44 -23.67 52.54
C MET D 784 -34.37 -25.11 53.03
N ALA D 785 -33.80 -26.01 52.21
CA ALA D 785 -33.65 -27.40 52.64
C ALA D 785 -32.74 -27.50 53.85
N GLY D 786 -31.64 -26.75 53.86
CA GLY D 786 -30.73 -26.79 54.99
C GLY D 786 -31.36 -26.27 56.27
N VAL D 787 -32.11 -25.16 56.17
CA VAL D 787 -32.75 -24.63 57.36
C VAL D 787 -33.87 -25.55 57.84
N PHE D 788 -34.57 -26.22 56.92
CA PHE D 788 -35.58 -27.19 57.33
C PHE D 788 -34.93 -28.38 58.04
N TYR D 789 -33.81 -28.86 57.53
CA TYR D 789 -33.10 -29.95 58.19
C TYR D 789 -32.61 -29.53 59.57
N MET D 790 -32.10 -28.30 59.69
CA MET D 790 -31.66 -27.80 60.99
C MET D 790 -32.82 -27.70 61.96
N LEU D 791 -33.97 -27.21 61.50
CA LEU D 791 -35.14 -27.10 62.37
C LEU D 791 -35.61 -28.48 62.81
N ALA D 792 -35.63 -29.45 61.90
CA ALA D 792 -36.03 -30.80 62.26
C ALA D 792 -35.08 -31.41 63.28
N ALA D 793 -33.77 -31.21 63.09
CA ALA D 793 -32.80 -31.72 64.05
C ALA D 793 -32.96 -31.05 65.42
N ALA D 794 -33.22 -29.74 65.43
CA ALA D 794 -33.44 -29.04 66.69
C ALA D 794 -34.69 -29.55 67.39
N MET D 795 -35.76 -29.79 66.64
CA MET D 795 -36.99 -30.32 67.23
C MET D 795 -36.76 -31.72 67.80
N ALA D 796 -36.04 -32.57 67.07
CA ALA D 796 -35.74 -33.90 67.57
C ALA D 796 -34.89 -33.84 68.83
N LEU D 797 -33.90 -32.95 68.85
CA LEU D 797 -33.08 -32.78 70.05
C LEU D 797 -33.90 -32.29 71.23
N SER D 798 -34.83 -31.36 70.99
CA SER D 798 -35.68 -30.87 72.06
C SER D 798 -36.56 -31.98 72.60
N LEU D 799 -37.14 -32.81 71.72
CA LEU D 799 -37.95 -33.93 72.16
C LEU D 799 -37.13 -34.93 72.97
N ILE D 800 -35.90 -35.20 72.52
CA ILE D 800 -35.04 -36.14 73.24
C ILE D 800 -34.70 -35.60 74.62
N THR D 801 -34.38 -34.30 74.70
CA THR D 801 -34.07 -33.70 76.00
C THR D 801 -35.27 -33.72 76.92
N PHE D 802 -36.47 -33.46 76.37
CA PHE D 802 -37.68 -33.53 77.19
C PHE D 802 -37.91 -34.94 77.71
N ILE D 803 -37.71 -35.95 76.86
CA ILE D 803 -37.87 -37.33 77.29
C ILE D 803 -36.86 -37.68 78.38
N TRP D 804 -35.61 -37.24 78.21
CA TRP D 804 -34.59 -37.52 79.21
C TRP D 804 -34.92 -36.83 80.54
N GLU D 805 -35.41 -35.59 80.48
CA GLU D 805 -35.78 -34.88 81.71
C GLU D 805 -36.96 -35.57 82.40
N HIS D 806 -37.93 -36.05 81.61
CA HIS D 806 -39.04 -36.80 82.20
C HIS D 806 -38.54 -38.09 82.86
N LEU D 807 -37.60 -38.78 82.21
CA LEU D 807 -37.02 -39.98 82.81
C LEU D 807 -36.26 -39.65 84.08
N PHE D 808 -35.52 -38.55 84.08
CA PHE D 808 -34.76 -38.14 85.26
C PHE D 808 -35.62 -37.28 86.19
N LEU E 1 54.23 -66.59 4.97
CA LEU E 1 54.83 -65.48 4.26
C LEU E 1 56.15 -65.89 3.59
N GLN E 2 56.23 -67.16 3.19
CA GLN E 2 57.40 -67.70 2.51
C GLN E 2 57.05 -67.96 1.06
N LEU E 3 57.90 -67.50 0.15
CA LEU E 3 57.62 -67.54 -1.28
C LEU E 3 58.46 -68.62 -1.95
N GLN E 4 57.87 -69.30 -2.92
CA GLN E 4 58.52 -70.42 -3.59
C GLN E 4 58.15 -70.37 -5.06
N GLU E 5 59.17 -70.54 -5.91
CA GLU E 5 58.99 -70.43 -7.36
C GLU E 5 58.91 -71.82 -7.98
N SER E 6 57.95 -72.00 -8.89
CA SER E 6 57.58 -73.33 -9.33
C SER E 6 58.52 -73.87 -10.40
N GLY E 7 58.65 -73.16 -11.52
CA GLY E 7 59.34 -73.66 -12.68
C GLY E 7 60.79 -74.04 -12.42
N PRO E 8 61.06 -75.35 -12.38
CA PRO E 8 62.40 -75.80 -12.01
C PRO E 8 63.49 -75.44 -13.02
N GLY E 9 63.33 -75.89 -14.27
CA GLY E 9 64.41 -75.75 -15.24
C GLY E 9 64.00 -75.53 -16.68
N LEU E 10 62.77 -75.08 -16.93
CA LEU E 10 62.32 -74.91 -18.31
C LEU E 10 63.11 -73.82 -19.00
N VAL E 11 63.98 -74.21 -19.93
CA VAL E 11 64.90 -73.28 -20.58
C VAL E 11 64.79 -73.39 -22.09
N LYS E 12 63.61 -73.76 -22.58
CA LYS E 12 63.41 -73.92 -24.02
C LYS E 12 63.53 -72.57 -24.72
N PRO E 13 64.40 -72.43 -25.71
CA PRO E 13 64.54 -71.15 -26.40
C PRO E 13 63.42 -70.90 -27.39
N SER E 14 63.24 -69.61 -27.73
CA SER E 14 62.28 -69.18 -28.74
C SER E 14 60.87 -69.68 -28.42
N GLN E 15 60.49 -69.59 -27.15
CA GLN E 15 59.19 -70.03 -26.68
C GLN E 15 58.69 -69.03 -25.64
N THR E 16 57.64 -69.43 -24.92
CA THR E 16 57.11 -68.63 -23.82
C THR E 16 57.39 -69.36 -22.51
N LEU E 17 58.12 -68.71 -21.61
CA LEU E 17 58.44 -69.27 -20.31
C LEU E 17 57.60 -68.57 -19.24
N SER E 18 57.03 -69.37 -18.34
CA SER E 18 56.10 -68.87 -17.32
C SER E 18 56.48 -69.46 -15.97
N LEU E 19 57.37 -68.80 -15.24
CA LEU E 19 57.62 -69.16 -13.86
C LEU E 19 56.40 -68.84 -13.02
N THR E 20 56.15 -69.68 -12.02
CA THR E 20 55.02 -69.49 -11.12
C THR E 20 55.53 -69.46 -9.67
N CYS E 21 54.89 -68.63 -8.85
CA CYS E 21 55.29 -68.44 -7.47
C CYS E 21 54.09 -68.57 -6.57
N THR E 22 54.30 -69.16 -5.40
CA THR E 22 53.26 -69.33 -4.40
C THR E 22 53.78 -68.87 -3.05
N VAL E 23 52.84 -68.46 -2.19
CA VAL E 23 53.15 -67.94 -0.86
C VAL E 23 52.48 -68.82 0.17
N SER E 24 53.25 -69.25 1.16
CA SER E 24 52.76 -70.07 2.27
C SER E 24 52.78 -69.24 3.55
N GLY E 25 51.69 -69.35 4.31
CA GLY E 25 51.54 -68.59 5.53
C GLY E 25 51.07 -67.17 5.35
N GLY E 26 50.71 -66.77 4.13
CA GLY E 26 50.21 -65.43 3.89
C GLY E 26 49.12 -65.46 2.84
N SER E 27 48.20 -64.50 2.98
CA SER E 27 47.06 -64.38 2.08
C SER E 27 47.24 -63.15 1.20
N ILE E 28 47.05 -63.33 -0.11
CA ILE E 28 47.18 -62.21 -1.04
C ILE E 28 46.12 -61.15 -0.85
N SER E 29 45.05 -61.44 -0.10
CA SER E 29 43.99 -60.47 0.17
C SER E 29 44.51 -59.50 1.23
N SER E 30 45.36 -58.58 0.79
CA SER E 30 46.01 -57.63 1.68
C SER E 30 46.21 -56.33 0.90
N SER E 31 47.05 -55.44 1.42
CA SER E 31 47.35 -54.17 0.80
C SER E 31 48.82 -54.12 0.38
N ASN E 32 49.31 -55.19 -0.22
CA ASN E 32 50.71 -55.32 -0.62
C ASN E 32 50.79 -55.48 -2.13
N TRP E 33 52.02 -55.60 -2.63
CA TRP E 33 52.30 -55.85 -4.03
C TRP E 33 53.26 -57.03 -4.14
N TRP E 34 53.57 -57.43 -5.36
CA TRP E 34 54.50 -58.53 -5.61
C TRP E 34 55.35 -58.20 -6.82
N SER E 35 56.66 -58.35 -6.70
CA SER E 35 57.60 -57.94 -7.73
C SER E 35 58.47 -59.12 -8.15
N TRP E 36 59.10 -58.98 -9.31
CA TRP E 36 59.86 -60.05 -9.95
C TRP E 36 61.26 -59.58 -10.33
N VAL E 37 61.98 -59.02 -9.36
CA VAL E 37 63.35 -58.55 -9.60
C VAL E 37 64.16 -59.65 -10.28
N ARG E 38 64.79 -59.30 -11.40
CA ARG E 38 65.59 -60.23 -12.17
C ARG E 38 67.07 -59.98 -11.90
N GLN E 39 67.81 -61.07 -11.67
CA GLN E 39 69.23 -60.97 -11.29
C GLN E 39 70.12 -61.57 -12.38
N PRO E 40 70.72 -60.74 -13.24
CA PRO E 40 71.71 -61.27 -14.17
C PRO E 40 72.95 -61.72 -13.43
N PRO E 41 73.64 -62.74 -13.93
CA PRO E 41 74.83 -63.26 -13.23
C PRO E 41 76.07 -62.44 -13.55
N GLY E 42 76.76 -61.98 -12.51
CA GLY E 42 77.96 -61.20 -12.66
C GLY E 42 77.74 -59.71 -12.87
N LYS E 43 76.50 -59.24 -12.83
CA LYS E 43 76.19 -57.82 -13.00
C LYS E 43 75.16 -57.44 -11.93
N GLY E 44 74.59 -56.25 -12.07
CA GLY E 44 73.68 -55.73 -11.08
C GLY E 44 72.28 -56.31 -11.13
N LEU E 45 71.27 -55.48 -10.94
CA LEU E 45 69.88 -55.91 -10.89
C LEU E 45 69.07 -55.14 -11.91
N GLU E 46 67.80 -55.56 -12.07
CA GLU E 46 66.88 -54.88 -12.97
C GLU E 46 65.46 -55.25 -12.58
N TRP E 47 64.70 -54.26 -12.14
CA TRP E 47 63.30 -54.49 -11.78
C TRP E 47 62.46 -54.75 -13.04
N ILE E 48 61.48 -55.64 -12.92
CA ILE E 48 60.65 -56.07 -14.04
C ILE E 48 59.26 -55.47 -13.97
N GLY E 49 58.51 -55.79 -12.92
CA GLY E 49 57.15 -55.29 -12.81
C GLY E 49 56.50 -55.81 -11.54
N GLU E 50 55.36 -55.19 -11.21
CA GLU E 50 54.60 -55.55 -10.04
C GLU E 50 53.11 -55.58 -10.37
N ILE E 51 52.37 -56.39 -9.62
CA ILE E 51 50.94 -56.58 -9.83
C ILE E 51 50.24 -56.46 -8.50
N TYR E 52 49.22 -55.60 -8.42
CA TYR E 52 48.45 -55.47 -7.20
C TYR E 52 47.60 -56.72 -6.98
N HIS E 53 47.07 -56.86 -5.78
CA HIS E 53 46.35 -58.08 -5.43
C HIS E 53 45.08 -58.27 -6.25
N SER E 54 44.50 -57.20 -6.80
CA SER E 54 43.21 -57.33 -7.48
C SER E 54 43.27 -57.04 -8.97
N GLY E 55 43.64 -55.82 -9.38
CA GLY E 55 43.32 -55.43 -10.75
C GLY E 55 44.35 -54.91 -11.71
N ASN E 56 45.43 -54.27 -11.23
CA ASN E 56 46.28 -53.49 -12.11
C ASN E 56 47.75 -53.79 -11.88
N THR E 57 48.53 -53.59 -12.94
CA THR E 57 49.96 -53.92 -12.98
C THR E 57 50.78 -52.66 -13.18
N ASN E 58 52.11 -52.83 -13.11
CA ASN E 58 53.05 -51.74 -13.35
C ASN E 58 54.37 -52.36 -13.80
N TYR E 59 54.64 -52.30 -15.11
CA TYR E 59 55.86 -52.86 -15.67
C TYR E 59 56.93 -51.78 -15.84
N ASN E 60 58.14 -52.23 -16.13
CA ASN E 60 59.22 -51.31 -16.45
C ASN E 60 59.02 -50.78 -17.87
N PRO E 61 59.17 -49.46 -18.08
CA PRO E 61 58.90 -48.90 -19.42
C PRO E 61 59.79 -49.44 -20.52
N SER E 62 61.01 -49.89 -20.19
CA SER E 62 61.92 -50.39 -21.22
C SER E 62 61.35 -51.62 -21.91
N LEU E 63 61.15 -52.69 -21.16
CA LEU E 63 60.53 -53.91 -21.68
C LEU E 63 59.03 -53.94 -21.37
N LYS E 64 58.36 -52.85 -21.73
CA LYS E 64 56.95 -52.67 -21.40
C LYS E 64 55.99 -53.36 -22.36
N SER E 65 56.50 -53.96 -23.44
CA SER E 65 55.63 -54.54 -24.45
C SER E 65 55.87 -56.04 -24.65
N ARG E 66 56.48 -56.71 -23.68
CA ARG E 66 56.77 -58.13 -23.80
C ARG E 66 56.42 -58.96 -22.58
N VAL E 67 56.03 -58.34 -21.46
CA VAL E 67 55.76 -59.06 -20.22
C VAL E 67 54.33 -58.79 -19.80
N THR E 68 53.57 -59.85 -19.51
CA THR E 68 52.25 -59.76 -18.92
C THR E 68 52.23 -60.62 -17.66
N VAL E 69 51.82 -60.01 -16.55
CA VAL E 69 51.83 -60.67 -15.24
C VAL E 69 50.39 -60.81 -14.78
N SER E 70 50.05 -61.99 -14.26
CA SER E 70 48.71 -62.29 -13.77
C SER E 70 48.79 -62.95 -12.41
N VAL E 71 47.70 -62.83 -11.66
CA VAL E 71 47.56 -63.41 -10.34
C VAL E 71 46.20 -64.11 -10.26
N ASP E 72 46.10 -65.05 -9.31
CA ASP E 72 44.83 -65.73 -9.08
C ASP E 72 44.79 -66.10 -7.60
N LYS E 73 43.71 -65.70 -6.94
CA LYS E 73 43.54 -65.96 -5.52
C LYS E 73 43.05 -67.37 -5.23
N SER E 74 42.30 -67.98 -6.16
CA SER E 74 41.76 -69.31 -5.93
C SER E 74 42.86 -70.33 -5.71
N LYS E 75 43.85 -70.37 -6.61
CA LYS E 75 45.02 -71.18 -6.41
C LYS E 75 46.12 -70.44 -5.66
N ASN E 76 45.93 -69.16 -5.37
CA ASN E 76 46.83 -68.36 -4.55
C ASN E 76 48.24 -68.35 -5.15
N GLN E 77 48.34 -67.83 -6.36
CA GLN E 77 49.65 -67.79 -7.02
C GLN E 77 49.62 -66.77 -8.15
N PHE E 78 50.81 -66.26 -8.49
CA PHE E 78 50.98 -65.33 -9.59
C PHE E 78 52.08 -65.84 -10.51
N SER E 79 51.98 -65.46 -11.78
CA SER E 79 52.93 -65.90 -12.79
C SER E 79 52.95 -64.89 -13.92
N LEU E 80 54.01 -64.92 -14.72
CA LEU E 80 54.12 -64.07 -15.89
C LEU E 80 53.89 -64.87 -17.17
N LYS E 81 53.86 -64.13 -18.28
CA LYS E 81 53.68 -64.71 -19.61
C LYS E 81 54.69 -64.10 -20.57
N LEU E 82 55.96 -64.08 -20.16
CA LEU E 82 57.01 -63.49 -20.97
C LEU E 82 57.11 -64.16 -22.34
N THR E 83 57.17 -63.35 -23.39
CA THR E 83 57.25 -63.82 -24.76
C THR E 83 58.53 -63.32 -25.41
N SER E 84 58.91 -63.99 -26.51
CA SER E 84 60.06 -63.60 -27.32
C SER E 84 61.35 -63.57 -26.48
N VAL E 85 61.64 -64.70 -25.84
CA VAL E 85 62.86 -64.83 -25.06
C VAL E 85 64.05 -64.87 -26.02
N THR E 86 65.08 -64.09 -25.70
CA THR E 86 66.28 -64.00 -26.52
C THR E 86 67.48 -64.51 -25.73
N ALA E 87 68.67 -64.37 -26.32
CA ALA E 87 69.90 -64.84 -25.69
C ALA E 87 70.33 -63.98 -24.50
N ALA E 88 69.69 -62.83 -24.29
CA ALA E 88 70.02 -61.95 -23.18
C ALA E 88 69.21 -62.26 -21.93
N ASP E 89 68.39 -63.31 -21.96
CA ASP E 89 67.53 -63.66 -20.83
C ASP E 89 68.16 -64.67 -19.89
N THR E 90 69.45 -64.97 -20.07
CA THR E 90 70.11 -65.95 -19.20
C THR E 90 70.36 -65.35 -17.82
N ALA E 91 69.30 -65.11 -17.07
CA ALA E 91 69.39 -64.57 -15.73
C ALA E 91 68.47 -65.34 -14.79
N VAL E 92 68.88 -65.47 -13.54
CA VAL E 92 68.06 -66.16 -12.55
C VAL E 92 66.93 -65.24 -12.12
N TYR E 93 65.71 -65.75 -12.16
CA TYR E 93 64.52 -64.97 -11.83
C TYR E 93 64.12 -65.21 -10.39
N TYR E 94 63.79 -64.14 -9.69
CA TYR E 94 63.45 -64.18 -8.27
C TYR E 94 61.95 -63.98 -8.09
N CYS E 95 61.54 -63.93 -6.82
CA CYS E 95 60.13 -63.75 -6.47
C CYS E 95 60.10 -63.12 -5.08
N ALA E 96 59.86 -61.81 -5.03
CA ALA E 96 59.99 -61.05 -3.80
C ALA E 96 58.74 -60.24 -3.53
N ARG E 97 58.37 -60.13 -2.26
CA ARG E 97 57.26 -59.31 -1.80
C ARG E 97 57.79 -57.98 -1.29
N ASP E 98 56.97 -56.94 -1.44
CA ASP E 98 57.27 -55.63 -0.88
C ASP E 98 56.17 -55.23 0.09
N VAL E 99 56.37 -54.09 0.75
CA VAL E 99 55.39 -53.52 1.67
C VAL E 99 54.98 -52.16 1.12
N SER E 100 53.66 -51.96 0.99
CA SER E 100 53.16 -50.70 0.45
C SER E 100 53.56 -49.54 1.35
N GLY E 101 52.98 -49.49 2.55
CA GLY E 101 53.30 -48.47 3.53
C GLY E 101 53.38 -47.08 2.95
N GLY E 102 54.58 -46.50 2.97
CA GLY E 102 54.87 -45.28 2.26
C GLY E 102 56.23 -45.38 1.59
N VAL E 103 56.78 -46.59 1.57
CA VAL E 103 58.12 -46.85 1.08
C VAL E 103 58.07 -48.00 0.08
N ASN E 104 59.00 -47.99 -0.88
CA ASN E 104 59.17 -49.11 -1.80
C ASN E 104 60.32 -49.97 -1.30
N TRP E 105 59.99 -50.88 -0.37
CA TRP E 105 60.97 -51.72 0.30
C TRP E 105 60.51 -53.16 0.22
N PHE E 106 61.39 -54.03 -0.26
CA PHE E 106 61.05 -55.42 -0.49
C PHE E 106 61.12 -56.22 0.80
N ASP E 107 60.14 -57.09 1.00
CA ASP E 107 60.07 -57.98 2.14
C ASP E 107 61.05 -59.14 1.95
N PRO E 108 61.15 -60.07 2.91
CA PRO E 108 61.93 -61.31 2.67
C PRO E 108 61.73 -61.90 1.29
N TRP E 109 62.84 -62.19 0.62
CA TRP E 109 62.83 -62.59 -0.78
C TRP E 109 62.50 -64.08 -0.91
N GLY E 110 62.55 -64.57 -2.15
CA GLY E 110 62.31 -65.97 -2.45
C GLY E 110 63.61 -66.75 -2.59
N GLN E 111 63.46 -68.04 -2.88
CA GLN E 111 64.62 -68.92 -3.02
C GLN E 111 65.35 -68.67 -4.33
N GLY E 112 64.62 -68.47 -5.42
CA GLY E 112 65.21 -68.29 -6.72
C GLY E 112 65.30 -69.58 -7.52
N THR E 113 65.44 -69.43 -8.83
CA THR E 113 65.51 -70.55 -9.76
C THR E 113 66.81 -70.48 -10.55
N LEU E 114 66.94 -71.37 -11.53
CA LEU E 114 68.14 -71.48 -12.36
C LEU E 114 67.71 -71.60 -13.83
N VAL E 115 66.84 -70.70 -14.26
CA VAL E 115 66.32 -70.71 -15.63
C VAL E 115 67.26 -69.86 -16.48
N THR E 116 68.20 -70.52 -17.15
CA THR E 116 69.15 -69.86 -18.03
C THR E 116 69.15 -70.56 -19.38
N VAL E 117 68.99 -69.79 -20.45
CA VAL E 117 69.01 -70.33 -21.80
C VAL E 117 70.17 -69.76 -22.59
N LEU F 1 -39.40 68.81 -34.95
CA LEU F 1 -38.04 69.32 -35.12
C LEU F 1 -37.90 70.10 -36.42
N GLN F 2 -37.06 71.12 -36.41
CA GLN F 2 -36.81 71.94 -37.59
C GLN F 2 -35.30 72.12 -37.77
N LEU F 3 -34.90 72.31 -39.02
CA LEU F 3 -33.50 72.48 -39.36
C LEU F 3 -33.33 73.75 -40.21
N GLN F 4 -32.27 74.50 -39.91
CA GLN F 4 -31.96 75.72 -40.65
C GLN F 4 -30.47 75.74 -40.96
N GLU F 5 -30.13 75.68 -42.25
CA GLU F 5 -28.74 75.63 -42.68
C GLU F 5 -28.30 77.01 -43.16
N SER F 6 -27.21 77.50 -42.58
CA SER F 6 -26.63 78.79 -42.95
C SER F 6 -25.19 78.58 -43.36
N GLY F 7 -24.81 79.13 -44.51
CA GLY F 7 -23.47 79.01 -45.01
C GLY F 7 -22.67 80.30 -44.85
N PRO F 8 -21.36 80.23 -45.11
CA PRO F 8 -20.53 81.44 -45.00
C PRO F 8 -20.86 82.49 -46.04
N GLY F 9 -21.52 82.12 -47.13
CA GLY F 9 -21.82 83.06 -48.20
C GLY F 9 -20.70 83.28 -49.20
N LEU F 10 -19.55 82.65 -49.00
CA LEU F 10 -18.42 82.78 -49.92
C LEU F 10 -18.48 81.64 -50.93
N VAL F 11 -18.55 81.99 -52.21
CA VAL F 11 -18.64 81.01 -53.28
C VAL F 11 -17.52 81.25 -54.29
N LYS F 12 -16.41 81.82 -53.83
CA LYS F 12 -15.29 82.07 -54.72
C LYS F 12 -14.67 80.76 -55.19
N PRO F 13 -14.15 80.72 -56.42
CA PRO F 13 -13.52 79.49 -56.91
C PRO F 13 -12.27 79.14 -56.12
N SER F 14 -12.00 77.84 -56.02
CA SER F 14 -10.84 77.31 -55.32
C SER F 14 -10.82 77.76 -53.86
N GLN F 15 -11.84 77.34 -53.12
CA GLN F 15 -11.99 77.69 -51.71
C GLN F 15 -12.59 76.50 -50.97
N THR F 16 -12.91 76.71 -49.70
CA THR F 16 -13.49 75.68 -48.85
C THR F 16 -14.80 76.20 -48.26
N LEU F 17 -15.87 75.43 -48.42
CA LEU F 17 -17.18 75.78 -47.88
C LEU F 17 -17.36 75.13 -46.51
N SER F 18 -17.94 75.89 -45.59
CA SER F 18 -18.16 75.41 -44.22
C SER F 18 -19.45 76.04 -43.70
N LEU F 19 -20.55 75.30 -43.80
CA LEU F 19 -21.85 75.75 -43.33
C LEU F 19 -22.21 75.07 -42.02
N THR F 20 -23.27 75.55 -41.39
CA THR F 20 -23.77 74.99 -40.14
C THR F 20 -25.28 74.86 -40.22
N CYS F 21 -25.79 73.68 -39.87
CA CYS F 21 -27.22 73.40 -39.90
C CYS F 21 -27.72 73.29 -38.46
N THR F 22 -28.26 74.39 -37.95
CA THR F 22 -28.83 74.40 -36.61
C THR F 22 -30.13 73.62 -36.55
N VAL F 23 -30.38 73.01 -35.41
CA VAL F 23 -31.58 72.20 -35.18
C VAL F 23 -32.35 72.79 -34.02
N SER F 24 -33.64 73.07 -34.24
CA SER F 24 -34.53 73.58 -33.22
C SER F 24 -35.55 72.51 -32.88
N GLY F 25 -35.71 72.25 -31.58
CA GLY F 25 -36.59 71.19 -31.11
C GLY F 25 -35.96 69.82 -31.04
N GLY F 26 -34.68 69.69 -31.41
CA GLY F 26 -34.00 68.41 -31.36
C GLY F 26 -32.69 68.53 -30.61
N SER F 27 -32.17 67.37 -30.20
CA SER F 27 -30.93 67.28 -29.45
C SER F 27 -29.84 66.72 -30.35
N ILE F 28 -28.69 67.40 -30.37
CA ILE F 28 -27.56 66.93 -31.17
C ILE F 28 -27.08 65.57 -30.65
N SER F 29 -26.98 65.43 -29.34
CA SER F 29 -26.56 64.17 -28.72
C SER F 29 -27.78 63.25 -28.61
N SER F 30 -27.77 62.17 -29.37
CA SER F 30 -28.86 61.19 -29.35
C SER F 30 -28.35 59.90 -29.98
N SER F 31 -29.25 58.95 -30.18
CA SER F 31 -28.92 57.68 -30.82
C SER F 31 -29.11 57.71 -32.32
N ASN F 32 -29.48 58.85 -32.88
CA ASN F 32 -29.75 58.96 -34.30
C ASN F 32 -28.47 59.32 -35.06
N TRP F 33 -28.60 59.60 -36.35
CA TRP F 33 -27.48 59.99 -37.21
C TRP F 33 -27.85 61.25 -37.96
N TRP F 34 -26.84 61.98 -38.40
CA TRP F 34 -27.01 63.20 -39.17
C TRP F 34 -26.13 63.14 -40.40
N SER F 35 -26.70 63.43 -41.57
CA SER F 35 -26.01 63.29 -42.84
C SER F 35 -26.23 64.51 -43.71
N TRP F 36 -25.31 64.72 -44.64
CA TRP F 36 -25.37 65.82 -45.59
C TRP F 36 -25.74 65.30 -46.97
N VAL F 37 -26.55 66.06 -47.69
CA VAL F 37 -27.02 65.70 -49.03
C VAL F 37 -26.63 66.80 -49.99
N ARG F 38 -26.10 66.43 -51.14
CA ARG F 38 -25.68 67.36 -52.17
C ARG F 38 -26.52 67.18 -53.42
N GLN F 39 -26.90 68.29 -54.04
CA GLN F 39 -27.70 68.23 -55.26
C GLN F 39 -27.14 69.20 -56.30
N PRO F 40 -26.55 68.70 -57.39
CA PRO F 40 -26.12 69.59 -58.46
C PRO F 40 -27.32 70.18 -59.18
N PRO F 41 -27.18 71.36 -59.78
CA PRO F 41 -28.32 71.97 -60.47
C PRO F 41 -28.67 71.20 -61.75
N GLY F 42 -29.96 70.93 -61.92
CA GLY F 42 -30.43 70.23 -63.10
C GLY F 42 -29.86 68.84 -63.26
N LYS F 43 -29.73 68.09 -62.18
CA LYS F 43 -29.19 66.74 -62.22
C LYS F 43 -29.81 65.95 -61.09
N GLY F 44 -29.21 64.79 -60.77
CA GLY F 44 -29.69 63.95 -59.71
C GLY F 44 -29.22 64.40 -58.34
N LEU F 45 -29.20 63.46 -57.40
CA LEU F 45 -28.79 63.74 -56.03
C LEU F 45 -27.78 62.69 -55.58
N GLU F 46 -26.92 63.10 -54.65
CA GLU F 46 -25.90 62.22 -54.13
C GLU F 46 -25.68 62.50 -52.65
N TRP F 47 -25.10 61.53 -51.96
CA TRP F 47 -24.85 61.59 -50.53
C TRP F 47 -23.36 61.72 -50.27
N ILE F 48 -22.98 62.68 -49.43
CA ILE F 48 -21.58 63.01 -49.23
C ILE F 48 -21.02 62.52 -47.89
N GLY F 49 -21.87 62.23 -46.91
CA GLY F 49 -21.38 61.73 -45.65
C GLY F 49 -22.41 61.85 -44.56
N GLU F 50 -22.14 61.15 -43.45
CA GLU F 50 -23.01 61.16 -42.28
C GLU F 50 -22.15 61.39 -41.04
N ILE F 51 -22.75 62.06 -40.05
CA ILE F 51 -22.06 62.42 -38.83
C ILE F 51 -22.67 61.65 -37.65
N TYR F 52 -21.86 61.51 -36.60
CA TYR F 52 -22.32 60.89 -35.35
C TYR F 52 -21.55 61.53 -34.21
N HIS F 53 -22.28 61.93 -33.15
CA HIS F 53 -21.66 62.57 -32.01
C HIS F 53 -20.80 61.62 -31.18
N SER F 54 -20.91 60.31 -31.40
CA SER F 54 -20.23 59.33 -30.59
C SER F 54 -18.91 58.86 -31.20
N GLY F 55 -18.46 59.48 -32.29
CA GLY F 55 -17.20 59.07 -32.89
C GLY F 55 -17.18 58.92 -34.39
N ASN F 56 -16.95 57.70 -34.86
CA ASN F 56 -16.56 57.46 -36.25
C ASN F 56 -17.64 57.94 -37.22
N THR F 57 -17.20 58.27 -38.43
CA THR F 57 -18.09 58.70 -39.51
C THR F 57 -17.60 58.09 -40.81
N ASN F 58 -18.52 58.00 -41.78
CA ASN F 58 -18.23 57.45 -43.10
C ASN F 58 -18.69 58.46 -44.15
N TYR F 59 -17.74 59.13 -44.80
CA TYR F 59 -18.10 60.18 -45.75
C TYR F 59 -18.45 59.60 -47.11
N ASN F 60 -17.46 59.02 -47.79
CA ASN F 60 -17.62 58.44 -49.12
C ASN F 60 -16.31 57.79 -49.57
N PRO F 61 -16.34 56.79 -50.45
CA PRO F 61 -15.09 56.27 -51.01
C PRO F 61 -14.58 57.10 -52.19
N SER F 62 -15.44 57.91 -52.82
CA SER F 62 -15.00 58.70 -53.97
C SER F 62 -14.12 59.87 -53.54
N LEU F 63 -14.47 60.51 -52.43
CA LEU F 63 -13.75 61.68 -51.92
C LEU F 63 -13.35 61.44 -50.47
N LYS F 64 -12.77 60.27 -50.20
CA LYS F 64 -12.40 59.90 -48.84
C LYS F 64 -11.27 60.76 -48.29
N SER F 65 -10.48 61.41 -49.15
CA SER F 65 -9.31 62.17 -48.72
C SER F 65 -9.47 63.67 -48.96
N ARG F 66 -10.70 64.14 -49.14
CA ARG F 66 -10.93 65.56 -49.39
C ARG F 66 -12.09 66.16 -48.60
N VAL F 67 -12.83 65.36 -47.83
CA VAL F 67 -13.98 65.84 -47.07
C VAL F 67 -13.81 65.46 -45.61
N THR F 68 -14.03 66.41 -44.72
CA THR F 68 -13.98 66.18 -43.29
C THR F 68 -15.11 66.95 -42.63
N VAL F 69 -15.95 66.24 -41.87
CA VAL F 69 -17.11 66.83 -41.22
C VAL F 69 -16.96 66.64 -39.71
N SER F 70 -17.24 67.71 -38.96
CA SER F 70 -17.08 67.70 -37.51
C SER F 70 -18.37 68.17 -36.84
N VAL F 71 -18.50 67.83 -35.56
CA VAL F 71 -19.68 68.16 -34.76
C VAL F 71 -19.22 68.84 -33.47
N ASP F 72 -20.12 69.61 -32.88
CA ASP F 72 -19.86 70.31 -31.62
C ASP F 72 -21.13 70.25 -30.79
N LYS F 73 -21.13 69.39 -29.77
CA LYS F 73 -22.32 69.23 -28.92
C LYS F 73 -22.61 70.47 -28.09
N SER F 74 -21.60 71.30 -27.81
CA SER F 74 -21.84 72.50 -27.00
C SER F 74 -22.77 73.48 -27.71
N LYS F 75 -22.55 73.69 -29.00
CA LYS F 75 -23.35 74.64 -29.78
C LYS F 75 -24.45 73.97 -30.59
N ASN F 76 -24.64 72.65 -30.44
CA ASN F 76 -25.65 71.90 -31.18
C ASN F 76 -25.47 72.08 -32.68
N GLN F 77 -24.21 72.10 -33.13
CA GLN F 77 -23.87 72.38 -34.52
C GLN F 77 -22.99 71.28 -35.07
N PHE F 78 -23.11 71.05 -36.38
CA PHE F 78 -22.22 70.16 -37.12
C PHE F 78 -21.83 70.86 -38.41
N SER F 79 -20.54 70.85 -38.73
CA SER F 79 -20.02 71.55 -39.89
C SER F 79 -19.06 70.67 -40.66
N LEU F 80 -18.94 70.94 -41.96
CA LEU F 80 -18.08 70.19 -42.86
C LEU F 80 -16.98 71.08 -43.40
N LYS F 81 -15.83 70.48 -43.69
CA LYS F 81 -14.67 71.19 -44.22
C LYS F 81 -14.26 70.49 -45.52
N LEU F 82 -14.79 70.98 -46.65
CA LEU F 82 -14.47 70.42 -47.97
C LEU F 82 -13.28 71.20 -48.53
N THR F 83 -12.09 70.62 -48.43
CA THR F 83 -10.87 71.26 -48.89
C THR F 83 -10.60 70.93 -50.35
N SER F 84 -9.87 71.82 -51.02
CA SER F 84 -9.50 71.67 -52.42
C SER F 84 -10.73 71.48 -53.31
N VAL F 85 -11.79 72.22 -53.02
CA VAL F 85 -13.02 72.13 -53.79
C VAL F 85 -12.83 72.85 -55.11
N THR F 86 -13.18 72.18 -56.20
CA THR F 86 -13.04 72.75 -57.52
C THR F 86 -14.15 73.76 -57.80
N ALA F 87 -13.94 74.57 -58.85
CA ALA F 87 -14.93 75.56 -59.24
C ALA F 87 -16.21 74.94 -59.80
N ALA F 88 -16.19 73.67 -60.17
CA ALA F 88 -17.36 72.98 -60.69
C ALA F 88 -18.22 72.36 -59.58
N ASP F 89 -17.90 72.64 -58.32
CA ASP F 89 -18.64 72.09 -57.18
C ASP F 89 -19.88 72.89 -56.84
N THR F 90 -20.40 73.70 -57.77
CA THR F 90 -21.60 74.47 -57.51
C THR F 90 -22.80 73.54 -57.38
N ALA F 91 -23.42 73.53 -56.21
CA ALA F 91 -24.56 72.67 -55.94
C ALA F 91 -25.33 73.24 -54.77
N VAL F 92 -26.34 72.51 -54.29
CA VAL F 92 -27.15 72.91 -53.16
C VAL F 92 -27.00 71.85 -52.07
N TYR F 93 -26.78 72.32 -50.84
CA TYR F 93 -26.52 71.44 -49.70
C TYR F 93 -27.74 71.41 -48.79
N TYR F 94 -28.20 70.21 -48.46
CA TYR F 94 -29.35 70.01 -47.59
C TYR F 94 -28.97 69.13 -46.42
N CYS F 95 -29.55 69.41 -45.25
CA CYS F 95 -29.26 68.65 -44.04
C CYS F 95 -30.52 67.93 -43.58
N ALA F 96 -30.61 66.64 -43.91
CA ALA F 96 -31.64 65.74 -43.38
C ALA F 96 -30.94 64.63 -42.62
N ARG F 97 -31.35 64.40 -41.37
CA ARG F 97 -30.49 63.63 -40.47
C ARG F 97 -30.62 62.11 -40.68
N ASP F 98 -31.76 61.53 -40.29
CA ASP F 98 -31.99 60.09 -40.37
C ASP F 98 -33.34 59.72 -39.76
N VAL F 99 -33.70 58.45 -39.83
CA VAL F 99 -34.67 57.86 -38.90
C VAL F 99 -33.96 56.67 -38.24
N SER F 100 -34.18 56.51 -36.94
CA SER F 100 -33.54 55.41 -36.23
C SER F 100 -33.93 54.06 -36.84
N GLY F 101 -35.18 53.65 -36.62
CA GLY F 101 -35.77 52.49 -37.28
C GLY F 101 -34.87 51.29 -37.47
N GLY F 102 -34.88 50.73 -38.67
CA GLY F 102 -34.00 49.64 -39.03
C GLY F 102 -33.29 49.88 -40.35
N VAL F 103 -33.73 50.91 -41.08
CA VAL F 103 -33.12 51.29 -42.35
C VAL F 103 -33.01 52.81 -42.40
N ASN F 104 -32.16 53.29 -43.30
CA ASN F 104 -31.93 54.72 -43.44
C ASN F 104 -33.03 55.34 -44.30
N TRP F 105 -33.58 56.46 -43.84
CA TRP F 105 -34.64 57.15 -44.57
C TRP F 105 -34.66 58.58 -44.06
N PHE F 106 -34.40 59.54 -44.94
CA PHE F 106 -34.24 60.93 -44.53
C PHE F 106 -35.61 61.54 -44.24
N ASP F 107 -35.80 61.99 -43.00
CA ASP F 107 -37.05 62.60 -42.57
C ASP F 107 -36.80 63.41 -41.30
N PRO F 108 -37.13 64.71 -41.29
CA PRO F 108 -37.59 65.51 -42.44
C PRO F 108 -36.41 66.03 -43.24
N TRP F 109 -36.66 66.87 -44.25
CA TRP F 109 -35.62 67.46 -45.07
C TRP F 109 -35.49 68.93 -44.73
N GLY F 110 -34.25 69.40 -44.57
CA GLY F 110 -34.02 70.79 -44.31
C GLY F 110 -34.27 71.66 -45.54
N GLN F 111 -34.39 72.97 -45.29
CA GLN F 111 -34.64 73.90 -46.38
C GLN F 111 -33.45 74.00 -47.34
N GLY F 112 -32.25 73.62 -46.89
CA GLY F 112 -31.09 73.62 -47.75
C GLY F 112 -30.42 74.98 -47.87
N THR F 113 -29.32 75.00 -48.62
CA THR F 113 -28.56 76.21 -48.87
C THR F 113 -28.19 76.26 -50.35
N LEU F 114 -27.96 77.48 -50.83
CA LEU F 114 -27.61 77.72 -52.23
C LEU F 114 -26.17 78.18 -52.32
N VAL F 115 -25.38 77.49 -53.13
CA VAL F 115 -23.99 77.84 -53.37
C VAL F 115 -23.71 77.77 -54.86
N THR F 116 -23.02 78.77 -55.39
CA THR F 116 -22.69 78.85 -56.81
C THR F 116 -21.21 79.20 -56.93
N VAL F 117 -20.36 78.18 -56.97
CA VAL F 117 -18.92 78.38 -57.09
C VAL F 117 -18.55 78.93 -58.46
N ASN G 1 65.03 -41.76 -15.54
CA ASN G 1 65.97 -42.85 -15.35
C ASN G 1 67.37 -42.32 -15.03
N PHE G 2 68.06 -43.02 -14.14
CA PHE G 2 69.41 -42.64 -13.74
C PHE G 2 70.19 -43.91 -13.40
N MET G 3 71.32 -43.73 -12.70
CA MET G 3 72.22 -44.84 -12.40
C MET G 3 73.01 -44.49 -11.15
N LEU G 4 73.24 -45.49 -10.30
CA LEU G 4 73.95 -45.32 -9.05
C LEU G 4 75.28 -46.04 -9.11
N THR G 5 76.34 -45.39 -8.61
CA THR G 5 77.71 -45.83 -8.83
C THR G 5 78.30 -46.41 -7.54
N GLN G 6 78.68 -47.68 -7.60
CA GLN G 6 79.58 -48.31 -6.64
C GLN G 6 80.63 -49.01 -7.48
N PRO G 7 81.84 -48.44 -7.60
CA PRO G 7 82.67 -48.74 -8.78
C PRO G 7 82.99 -50.22 -9.00
N HIS G 8 83.73 -50.86 -8.10
CA HIS G 8 83.79 -52.32 -8.15
C HIS G 8 83.82 -53.01 -6.79
N SER G 9 84.43 -52.42 -5.76
CA SER G 9 84.72 -53.14 -4.53
C SER G 9 85.40 -52.26 -3.49
N VAL G 10 85.64 -52.83 -2.30
CA VAL G 10 86.45 -52.18 -1.27
C VAL G 10 87.11 -53.29 -0.45
N SER G 11 88.22 -52.95 0.20
CA SER G 11 88.95 -53.92 1.01
C SER G 11 89.80 -53.17 2.03
N GLU G 12 89.89 -53.73 3.23
CA GLU G 12 90.69 -53.12 4.30
C GLU G 12 90.99 -54.19 5.35
N SER G 13 91.93 -53.87 6.23
CA SER G 13 92.30 -54.76 7.31
C SER G 13 91.21 -54.78 8.38
N PRO G 14 91.14 -55.84 9.18
CA PRO G 14 90.14 -55.89 10.26
C PRO G 14 90.35 -54.75 11.25
N GLY G 15 89.25 -54.24 11.77
CA GLY G 15 89.28 -53.13 12.70
C GLY G 15 89.37 -51.76 12.08
N LYS G 16 89.31 -51.66 10.75
CA LYS G 16 89.40 -50.39 10.06
C LYS G 16 88.01 -49.75 9.98
N THR G 17 87.89 -48.68 9.19
CA THR G 17 86.61 -47.98 9.03
C THR G 17 86.57 -47.44 7.60
N VAL G 18 85.82 -48.11 6.73
CA VAL G 18 85.71 -47.71 5.33
C VAL G 18 84.41 -48.29 4.78
N THR G 19 83.70 -47.48 3.98
CA THR G 19 82.46 -47.92 3.38
C THR G 19 82.29 -47.21 2.05
N ILE G 20 81.57 -47.87 1.13
CA ILE G 20 81.29 -47.29 -0.17
C ILE G 20 80.10 -46.33 -0.06
N SER G 21 79.95 -45.49 -1.09
CA SER G 21 78.89 -44.48 -1.12
C SER G 21 78.11 -44.58 -2.43
N CYS G 22 76.84 -44.19 -2.36
CA CYS G 22 75.96 -44.21 -3.51
C CYS G 22 75.88 -42.81 -4.12
N THR G 23 76.23 -42.70 -5.40
CA THR G 23 76.20 -41.44 -6.12
C THR G 23 75.10 -41.48 -7.16
N ARG G 24 74.27 -40.43 -7.19
CA ARG G 24 73.15 -40.35 -8.12
C ARG G 24 73.49 -39.37 -9.23
N SER G 25 73.22 -39.77 -10.47
CA SER G 25 73.60 -38.95 -11.63
C SER G 25 72.65 -37.77 -11.81
N SER G 26 71.37 -38.06 -12.05
CA SER G 26 70.38 -37.03 -12.33
C SER G 26 69.51 -36.77 -11.11
N GLY G 27 69.19 -35.50 -10.88
CA GLY G 27 68.40 -35.15 -9.73
C GLY G 27 69.22 -35.15 -8.45
N SER G 28 68.51 -35.13 -7.33
CA SER G 28 69.13 -35.10 -6.01
C SER G 28 68.43 -36.10 -5.11
N ILE G 29 69.20 -36.70 -4.21
CA ILE G 29 68.65 -37.67 -3.24
C ILE G 29 68.20 -36.85 -2.03
N ALA G 30 67.00 -36.30 -2.13
CA ALA G 30 66.41 -35.56 -1.04
C ALA G 30 64.95 -35.96 -0.86
N SER G 31 64.31 -36.38 -1.95
CA SER G 31 62.91 -36.80 -1.92
C SER G 31 62.77 -38.30 -1.73
N ASN G 32 63.32 -39.08 -2.65
CA ASN G 32 63.18 -40.54 -2.62
C ASN G 32 64.41 -41.13 -1.94
N TYR G 33 64.29 -41.43 -0.66
CA TYR G 33 65.42 -41.96 0.10
C TYR G 33 65.80 -43.36 -0.40
N VAL G 34 67.07 -43.69 -0.22
CA VAL G 34 67.62 -44.92 -0.75
C VAL G 34 67.68 -45.98 0.35
N GLN G 35 67.91 -47.23 -0.05
CA GLN G 35 68.03 -48.34 0.88
C GLN G 35 69.25 -49.18 0.54
N TRP G 36 69.81 -49.82 1.55
CA TRP G 36 70.98 -50.67 1.39
C TRP G 36 70.59 -52.12 1.67
N TYR G 37 70.99 -53.00 0.76
CA TYR G 37 70.67 -54.42 0.77
C TYR G 37 71.93 -55.23 0.95
N GLN G 38 71.83 -56.31 1.74
CA GLN G 38 72.94 -57.22 1.97
C GLN G 38 72.68 -58.54 1.27
N GLN G 39 73.66 -59.01 0.50
CA GLN G 39 73.52 -60.23 -0.29
C GLN G 39 74.72 -61.13 0.03
N ARG G 40 74.50 -62.09 0.93
CA ARG G 40 75.53 -63.09 1.21
C ARG G 40 75.71 -64.00 0.01
N PRO G 41 76.93 -64.47 -0.23
CA PRO G 41 77.16 -65.35 -1.39
C PRO G 41 76.34 -66.63 -1.30
N GLY G 42 75.84 -67.07 -2.45
CA GLY G 42 75.05 -68.29 -2.51
C GLY G 42 73.71 -68.22 -1.82
N SER G 43 73.13 -67.03 -1.69
CA SER G 43 71.85 -66.87 -1.03
C SER G 43 71.13 -65.64 -1.58
N ALA G 44 69.82 -65.60 -1.34
CA ALA G 44 69.02 -64.47 -1.77
C ALA G 44 69.37 -63.22 -0.96
N PRO G 45 69.30 -62.04 -1.56
CA PRO G 45 69.64 -60.82 -0.82
C PRO G 45 68.67 -60.56 0.33
N THR G 46 69.18 -59.94 1.38
CA THR G 46 68.39 -59.55 2.53
C THR G 46 68.68 -58.09 2.89
N THR G 47 67.67 -57.39 3.38
CA THR G 47 67.82 -55.99 3.70
C THR G 47 68.80 -55.82 4.86
N VAL G 48 69.57 -54.73 4.81
CA VAL G 48 70.45 -54.35 5.91
C VAL G 48 70.09 -52.98 6.49
N ILE G 49 69.71 -52.01 5.65
CA ILE G 49 69.25 -50.74 6.18
C ILE G 49 68.26 -50.11 5.21
N TYR G 50 67.32 -49.35 5.76
CA TYR G 50 66.30 -48.65 5.00
C TYR G 50 66.04 -47.29 5.64
N GLU G 51 65.93 -46.27 4.78
CA GLU G 51 65.74 -44.86 5.15
C GLU G 51 66.97 -44.24 5.81
N ASP G 52 68.04 -45.02 6.04
CA ASP G 52 69.27 -44.54 6.66
C ASP G 52 69.04 -44.05 8.08
N ASN G 53 67.85 -44.28 8.62
CA ASN G 53 67.52 -43.90 9.99
C ASN G 53 66.82 -44.99 10.79
N GLN G 54 66.18 -45.96 10.13
CA GLN G 54 65.52 -47.07 10.81
C GLN G 54 66.28 -48.36 10.53
N ARG G 55 66.31 -49.24 11.53
CA ARG G 55 67.10 -50.46 11.44
C ARG G 55 66.23 -51.68 11.69
N PRO G 56 66.42 -52.76 10.93
CA PRO G 56 65.68 -54.00 11.20
C PRO G 56 66.09 -54.56 12.56
N SER G 57 65.15 -55.25 13.20
CA SER G 57 65.39 -55.79 14.53
C SER G 57 66.40 -56.93 14.48
N GLY G 58 67.38 -56.89 15.38
CA GLY G 58 68.38 -57.93 15.51
C GLY G 58 69.68 -57.64 14.79
N VAL G 59 69.68 -56.73 13.82
CA VAL G 59 70.92 -56.38 13.11
C VAL G 59 71.81 -55.56 14.03
N PRO G 60 73.12 -55.80 14.06
CA PRO G 60 74.00 -54.99 14.91
C PRO G 60 74.00 -53.53 14.51
N ASP G 61 74.23 -52.66 15.48
CA ASP G 61 74.24 -51.22 15.28
C ASP G 61 75.51 -50.73 14.60
N ARG G 62 76.33 -51.63 14.07
CA ARG G 62 77.55 -51.22 13.38
C ARG G 62 77.25 -50.35 12.17
N PHE G 63 76.25 -50.72 11.38
CA PHE G 63 75.87 -49.96 10.20
C PHE G 63 75.09 -48.72 10.59
N SER G 64 75.31 -47.64 9.85
CA SER G 64 74.54 -46.40 10.06
C SER G 64 74.60 -45.56 8.80
N GLY G 65 73.44 -45.21 8.25
CA GLY G 65 73.38 -44.47 7.01
C GLY G 65 73.26 -42.97 7.21
N SER G 66 73.53 -42.24 6.13
CA SER G 66 73.43 -40.78 6.15
C SER G 66 73.27 -40.28 4.72
N ILE G 67 72.71 -39.08 4.60
CA ILE G 67 72.48 -38.43 3.30
C ILE G 67 73.27 -37.13 3.29
N ASP G 68 74.13 -36.96 2.30
CA ASP G 68 74.96 -35.76 2.24
C ASP G 68 74.16 -34.55 1.79
N SER G 69 73.24 -34.74 0.84
CA SER G 69 72.43 -33.66 0.25
C SER G 69 73.28 -32.53 -0.32
N SER G 70 74.55 -32.81 -0.62
CA SER G 70 75.46 -31.81 -1.17
C SER G 70 75.92 -32.16 -2.58
N SER G 71 76.47 -33.36 -2.78
CA SER G 71 76.91 -33.81 -4.09
C SER G 71 76.13 -35.03 -4.55
N ASN G 72 74.93 -35.25 -3.98
CA ASN G 72 74.10 -36.40 -4.29
C ASN G 72 74.85 -37.71 -4.05
N SER G 73 75.26 -37.91 -2.79
CA SER G 73 76.04 -39.07 -2.41
C SER G 73 75.62 -39.50 -1.01
N ALA G 74 74.84 -40.57 -0.95
CA ALA G 74 74.48 -41.17 0.33
C ALA G 74 75.64 -42.02 0.85
N SER G 75 75.85 -41.99 2.16
CA SER G 75 77.00 -42.64 2.77
C SER G 75 76.53 -43.63 3.84
N LEU G 76 77.42 -44.57 4.15
CA LEU G 76 77.17 -45.59 5.15
C LEU G 76 78.40 -45.72 6.04
N THR G 77 78.19 -46.19 7.26
CA THR G 77 79.27 -46.42 8.22
C THR G 77 79.16 -47.85 8.72
N ILE G 78 80.23 -48.62 8.54
CA ILE G 78 80.28 -50.02 8.98
C ILE G 78 81.50 -50.18 9.90
N SER G 79 81.82 -49.12 10.64
CA SER G 79 83.01 -49.11 11.48
C SER G 79 83.01 -50.28 12.45
N GLY G 80 84.18 -50.86 12.67
CA GLY G 80 84.31 -52.09 13.43
C GLY G 80 84.36 -53.31 12.53
N LEU G 81 85.25 -53.27 11.54
CA LEU G 81 85.33 -54.34 10.55
C LEU G 81 85.76 -55.66 11.19
N LYS G 82 85.21 -56.75 10.69
CA LYS G 82 85.61 -58.10 11.08
C LYS G 82 85.17 -59.06 9.99
N THR G 83 85.41 -60.35 10.22
CA THR G 83 85.36 -61.33 9.14
C THR G 83 83.93 -61.67 8.69
N GLU G 84 82.99 -61.82 9.65
CA GLU G 84 81.72 -62.45 9.32
C GLU G 84 80.86 -61.61 8.38
N ASP G 85 81.14 -60.31 8.25
CA ASP G 85 80.34 -59.42 7.44
C ASP G 85 80.81 -59.39 5.98
N GLU G 86 81.48 -60.44 5.52
CA GLU G 86 81.93 -60.51 4.13
C GLU G 86 80.73 -60.91 3.28
N ALA G 87 80.22 -59.96 2.49
CA ALA G 87 79.09 -60.21 1.61
C ALA G 87 79.08 -59.11 0.55
N ASP G 88 78.00 -59.06 -0.22
CA ASP G 88 77.81 -58.02 -1.22
C ASP G 88 76.86 -56.96 -0.68
N TYR G 89 77.12 -55.71 -1.02
CA TYR G 89 76.28 -54.60 -0.60
C TYR G 89 75.73 -53.89 -1.82
N TYR G 90 74.42 -53.63 -1.81
CA TYR G 90 73.73 -53.01 -2.92
C TYR G 90 72.97 -51.78 -2.46
N CYS G 91 72.85 -50.80 -3.36
CA CYS G 91 72.14 -49.56 -3.09
C CYS G 91 70.99 -49.44 -4.07
N GLN G 92 69.78 -49.23 -3.55
CA GLN G 92 68.58 -49.22 -4.38
C GLN G 92 67.76 -47.98 -4.09
N SER G 93 67.20 -47.38 -5.14
CA SER G 93 66.33 -46.22 -4.99
C SER G 93 65.22 -46.31 -6.03
N TYR G 94 64.36 -45.30 -6.04
CA TYR G 94 63.25 -45.25 -6.98
C TYR G 94 62.90 -43.80 -7.26
N ASP G 95 62.04 -43.60 -8.25
CA ASP G 95 61.61 -42.26 -8.62
C ASP G 95 60.18 -42.35 -9.14
N SER G 96 59.73 -41.28 -9.82
CA SER G 96 58.37 -41.22 -10.33
C SER G 96 58.10 -42.21 -11.46
N SER G 97 59.12 -42.85 -12.00
CA SER G 97 58.94 -43.75 -13.14
C SER G 97 59.24 -45.20 -12.80
N THR G 98 60.43 -45.51 -12.30
CA THR G 98 60.83 -46.90 -12.06
C THR G 98 61.52 -46.98 -10.71
N VAL G 99 62.08 -48.16 -10.44
CA VAL G 99 62.95 -48.40 -9.29
C VAL G 99 64.22 -49.05 -9.81
N VAL G 100 65.38 -48.56 -9.38
CA VAL G 100 66.66 -49.00 -9.90
C VAL G 100 67.58 -49.39 -8.76
N PHE G 101 68.58 -50.20 -9.11
CA PHE G 101 69.56 -50.75 -8.20
C PHE G 101 70.95 -50.24 -8.56
N GLY G 102 71.89 -50.47 -7.65
CA GLY G 102 73.28 -50.09 -7.88
C GLY G 102 74.04 -51.12 -8.69
N GLY G 103 75.34 -50.88 -8.81
CA GLY G 103 76.21 -51.76 -9.56
C GLY G 103 76.58 -53.02 -8.81
N GLY G 104 77.26 -52.86 -7.69
CA GLY G 104 77.69 -53.98 -6.88
C GLY G 104 78.97 -53.63 -6.13
N THR G 105 79.15 -54.27 -4.98
CA THR G 105 80.32 -54.02 -4.14
C THR G 105 80.51 -55.18 -3.19
N LYS G 106 81.72 -55.72 -3.14
CA LYS G 106 82.09 -56.75 -2.18
C LYS G 106 83.25 -56.27 -1.33
N LEU G 107 83.16 -56.50 -0.03
CA LEU G 107 84.18 -56.10 0.92
C LEU G 107 85.06 -57.29 1.28
N THR G 108 86.36 -57.03 1.44
CA THR G 108 87.34 -58.07 1.77
C THR G 108 87.98 -57.73 3.11
N VAL G 109 88.02 -58.71 4.00
CA VAL G 109 88.63 -58.53 5.31
C VAL G 109 89.85 -59.45 5.46
N ASN H 1 -21.16 49.70 -55.37
CA ASN H 1 -21.56 50.90 -56.09
C ASN H 1 -22.31 50.55 -57.38
N PHE H 2 -23.31 51.35 -57.71
CA PHE H 2 -24.13 51.11 -58.89
C PHE H 2 -24.85 52.41 -59.25
N MET H 3 -25.81 52.32 -60.16
CA MET H 3 -26.57 53.48 -60.60
C MET H 3 -28.04 53.08 -60.74
N LEU H 4 -28.90 54.09 -60.67
CA LEU H 4 -30.34 53.91 -60.80
C LEU H 4 -30.82 54.65 -62.03
N THR H 5 -31.64 53.99 -62.84
CA THR H 5 -32.13 54.54 -64.10
C THR H 5 -33.60 54.89 -63.97
N GLN H 6 -33.94 56.13 -64.34
CA GLN H 6 -35.31 56.61 -64.34
C GLN H 6 -35.57 57.37 -65.63
N PRO H 7 -36.80 57.33 -66.14
CA PRO H 7 -37.11 58.08 -67.35
C PRO H 7 -37.09 59.59 -67.11
N HIS H 8 -36.88 60.33 -68.21
CA HIS H 8 -36.77 61.78 -68.11
C HIS H 8 -38.09 62.41 -67.67
N SER H 9 -39.19 62.04 -68.33
CA SER H 9 -40.48 62.65 -68.02
C SER H 9 -41.59 61.72 -68.51
N VAL H 10 -42.78 61.92 -67.93
CA VAL H 10 -43.97 61.17 -68.29
C VAL H 10 -45.15 62.13 -68.33
N SER H 11 -46.22 61.71 -69.00
CA SER H 11 -47.43 62.50 -69.09
C SER H 11 -48.63 61.56 -69.20
N GLU H 12 -49.72 61.92 -68.53
CA GLU H 12 -50.92 61.10 -68.56
C GLU H 12 -52.13 61.97 -68.21
N SER H 13 -53.31 61.44 -68.51
CA SER H 13 -54.55 62.15 -68.22
C SER H 13 -54.78 62.19 -66.71
N PRO H 14 -55.42 63.25 -66.21
CA PRO H 14 -55.73 63.32 -64.78
C PRO H 14 -56.79 62.30 -64.40
N GLY H 15 -56.71 61.83 -63.16
CA GLY H 15 -57.65 60.84 -62.66
C GLY H 15 -57.35 59.42 -63.05
N LYS H 16 -56.23 59.16 -63.72
CA LYS H 16 -55.85 57.82 -64.15
C LYS H 16 -54.74 57.28 -63.26
N THR H 17 -54.26 56.09 -63.60
CA THR H 17 -53.20 55.42 -62.84
C THR H 17 -51.90 55.55 -63.62
N VAL H 18 -50.87 56.07 -62.95
CA VAL H 18 -49.55 56.27 -63.55
C VAL H 18 -48.56 55.42 -62.77
N THR H 19 -47.80 54.59 -63.48
CA THR H 19 -46.81 53.71 -62.87
C THR H 19 -45.42 54.16 -63.29
N ILE H 20 -44.55 54.37 -62.30
CA ILE H 20 -43.17 54.76 -62.53
C ILE H 20 -42.27 53.63 -62.03
N SER H 21 -41.19 53.37 -62.76
CA SER H 21 -40.30 52.26 -62.47
C SER H 21 -38.88 52.77 -62.27
N CYS H 22 -38.24 52.30 -61.20
CA CYS H 22 -36.83 52.60 -60.93
C CYS H 22 -36.06 51.29 -60.99
N THR H 23 -35.04 51.23 -61.83
CA THR H 23 -34.32 50.01 -62.11
C THR H 23 -32.89 50.08 -61.57
N ARG H 24 -32.44 49.00 -60.95
CA ARG H 24 -31.09 48.88 -60.43
C ARG H 24 -30.33 47.87 -61.29
N SER H 25 -29.30 48.36 -61.98
CA SER H 25 -28.59 47.52 -62.95
C SER H 25 -27.77 46.43 -62.25
N SER H 26 -26.98 46.81 -61.25
CA SER H 26 -26.05 45.89 -60.61
C SER H 26 -26.73 45.11 -59.49
N GLY H 27 -26.25 43.89 -59.27
CA GLY H 27 -26.80 43.05 -58.23
C GLY H 27 -28.26 42.75 -58.45
N SER H 28 -29.04 42.88 -57.38
CA SER H 28 -30.48 42.65 -57.44
C SER H 28 -31.15 43.43 -56.32
N ILE H 29 -32.14 44.25 -56.67
CA ILE H 29 -32.86 45.04 -55.67
C ILE H 29 -34.01 44.16 -55.19
N ALA H 30 -33.69 43.28 -54.24
CA ALA H 30 -34.68 42.41 -53.63
C ALA H 30 -34.55 42.29 -52.12
N SER H 31 -33.36 42.54 -51.54
CA SER H 31 -33.15 42.40 -50.12
C SER H 31 -33.19 43.75 -49.40
N ASN H 32 -32.34 44.69 -49.82
CA ASN H 32 -32.31 46.01 -49.20
C ASN H 32 -33.57 46.79 -49.57
N TYR H 33 -33.97 47.66 -48.66
CA TYR H 33 -35.17 48.46 -48.87
C TYR H 33 -34.88 49.64 -49.78
N VAL H 34 -35.96 50.25 -50.29
CA VAL H 34 -35.88 51.44 -51.12
C VAL H 34 -36.91 52.44 -50.61
N GLN H 35 -36.69 53.71 -50.93
CA GLN H 35 -37.63 54.77 -50.58
C GLN H 35 -37.88 55.70 -51.76
N TRP H 36 -39.04 56.33 -51.73
CA TRP H 36 -39.58 57.15 -52.82
C TRP H 36 -39.84 58.55 -52.29
N TYR H 37 -39.00 59.50 -52.70
CA TYR H 37 -39.10 60.89 -52.28
C TYR H 37 -39.75 61.73 -53.37
N GLN H 38 -40.41 62.80 -52.95
CA GLN H 38 -41.00 63.76 -53.87
C GLN H 38 -40.51 65.17 -53.51
N GLN H 39 -40.03 65.89 -54.52
CA GLN H 39 -39.53 67.25 -54.36
C GLN H 39 -40.34 68.20 -55.23
N ARG H 40 -40.90 69.23 -54.60
CA ARG H 40 -41.61 70.28 -55.32
C ARG H 40 -40.62 71.25 -55.96
N PRO H 41 -41.03 71.93 -57.04
CA PRO H 41 -40.13 72.89 -57.68
C PRO H 41 -39.78 74.05 -56.76
N GLY H 42 -38.50 74.14 -56.37
CA GLY H 42 -38.05 75.18 -55.48
C GLY H 42 -38.27 74.92 -54.01
N SER H 43 -38.79 73.74 -53.65
CA SER H 43 -39.07 73.40 -52.26
C SER H 43 -38.26 72.17 -51.87
N ALA H 44 -38.14 71.96 -50.56
CA ALA H 44 -37.40 70.82 -50.05
C ALA H 44 -38.11 69.52 -50.40
N PRO H 45 -37.36 68.45 -50.67
CA PRO H 45 -37.98 67.17 -50.99
C PRO H 45 -38.77 66.62 -49.81
N THR H 46 -39.86 65.90 -50.12
CA THR H 46 -40.72 65.31 -49.12
C THR H 46 -40.84 63.81 -49.39
N THR H 47 -40.64 63.02 -48.35
CA THR H 47 -40.79 61.57 -48.49
C THR H 47 -42.24 61.20 -48.76
N VAL H 48 -42.45 60.23 -49.64
CA VAL H 48 -43.80 59.82 -50.01
C VAL H 48 -44.00 58.35 -49.69
N ILE H 49 -43.06 57.49 -50.07
CA ILE H 49 -43.16 56.07 -49.78
C ILE H 49 -41.92 55.59 -49.06
N TYR H 50 -42.10 54.89 -47.95
CA TYR H 50 -41.02 54.23 -47.24
C TYR H 50 -41.43 52.80 -46.95
N GLU H 51 -40.45 51.90 -46.99
CA GLU H 51 -40.64 50.46 -46.77
C GLU H 51 -41.51 49.81 -47.84
N ASP H 52 -41.87 50.55 -48.89
CA ASP H 52 -42.66 50.09 -50.03
C ASP H 52 -43.96 49.40 -49.62
N ASN H 53 -44.35 49.55 -48.35
CA ASN H 53 -45.62 49.03 -47.88
C ASN H 53 -46.37 49.96 -46.94
N GLN H 54 -45.73 51.00 -46.41
CA GLN H 54 -46.37 51.92 -45.49
C GLN H 54 -46.19 53.35 -46.00
N ARG H 55 -47.03 54.24 -45.49
CA ARG H 55 -47.02 55.64 -45.89
C ARG H 55 -46.88 56.53 -44.67
N PRO H 56 -46.29 57.71 -44.83
CA PRO H 56 -46.17 58.64 -43.71
C PRO H 56 -47.53 59.16 -43.26
N SER H 57 -47.57 59.68 -42.03
CA SER H 57 -48.80 60.23 -41.49
C SER H 57 -49.28 61.39 -42.33
N GLY H 58 -50.54 61.35 -42.73
CA GLY H 58 -51.13 62.39 -43.56
C GLY H 58 -50.88 62.24 -45.05
N VAL H 59 -50.12 61.24 -45.47
CA VAL H 59 -49.84 61.02 -46.89
C VAL H 59 -51.10 60.50 -47.56
N PRO H 60 -51.35 60.83 -48.82
CA PRO H 60 -52.54 60.29 -49.51
C PRO H 60 -52.40 58.80 -49.76
N ASP H 61 -53.55 58.12 -49.77
CA ASP H 61 -53.59 56.69 -49.98
C ASP H 61 -53.45 56.30 -51.45
N ARG H 62 -53.46 57.27 -52.36
CA ARG H 62 -53.33 56.95 -53.78
C ARG H 62 -51.98 56.34 -54.10
N PHE H 63 -50.92 56.86 -53.51
CA PHE H 63 -49.58 56.35 -53.77
C PHE H 63 -49.43 54.94 -53.21
N SER H 64 -48.82 54.06 -54.01
CA SER H 64 -48.57 52.68 -53.61
C SER H 64 -47.23 52.24 -54.17
N GLY H 65 -46.63 51.26 -53.50
CA GLY H 65 -45.33 50.74 -53.91
C GLY H 65 -45.35 49.24 -54.05
N SER H 66 -44.52 48.75 -54.96
CA SER H 66 -44.42 47.32 -55.22
C SER H 66 -43.01 46.99 -55.69
N ILE H 67 -42.64 45.74 -55.51
CA ILE H 67 -41.34 45.22 -55.91
C ILE H 67 -41.56 44.13 -56.96
N ASP H 68 -40.92 44.30 -58.12
CA ASP H 68 -41.07 43.31 -59.19
C ASP H 68 -40.42 41.99 -58.82
N SER H 69 -39.19 42.04 -58.30
CA SER H 69 -38.43 40.88 -57.87
C SER H 69 -38.10 39.95 -59.04
N SER H 70 -38.49 40.34 -60.26
CA SER H 70 -38.19 39.58 -61.47
C SER H 70 -37.35 40.38 -62.45
N SER H 71 -37.76 41.60 -62.77
CA SER H 71 -37.00 42.49 -63.63
C SER H 71 -36.02 43.38 -62.86
N ASN H 72 -35.94 43.20 -61.54
CA ASN H 72 -35.04 43.97 -60.67
C ASN H 72 -35.36 45.47 -60.77
N SER H 73 -36.60 45.80 -60.44
CA SER H 73 -37.06 47.19 -60.47
C SER H 73 -38.16 47.37 -59.44
N ALA H 74 -38.29 48.59 -58.95
CA ALA H 74 -39.32 48.97 -57.99
C ALA H 74 -40.34 49.88 -58.66
N SER H 75 -41.62 49.61 -58.44
CA SER H 75 -42.70 50.32 -59.10
C SER H 75 -43.47 51.16 -58.09
N LEU H 76 -43.77 52.39 -58.47
CA LEU H 76 -44.62 53.28 -57.67
C LEU H 76 -45.82 53.68 -58.51
N THR H 77 -47.02 53.48 -57.95
CA THR H 77 -48.27 53.71 -58.65
C THR H 77 -49.02 54.85 -57.99
N ILE H 78 -49.47 55.80 -58.81
CA ILE H 78 -50.23 56.95 -58.36
C ILE H 78 -51.59 56.93 -59.05
N SER H 79 -52.66 57.02 -58.27
CA SER H 79 -54.02 57.00 -58.78
C SER H 79 -54.69 58.34 -58.53
N GLY H 80 -55.60 58.71 -59.44
CA GLY H 80 -56.28 59.98 -59.33
C GLY H 80 -55.34 61.17 -59.47
N LEU H 81 -54.78 61.34 -60.66
CA LEU H 81 -53.80 62.40 -60.88
C LEU H 81 -54.43 63.77 -60.70
N LYS H 82 -53.69 64.66 -60.05
CA LYS H 82 -54.14 66.03 -59.80
C LYS H 82 -53.02 66.99 -60.15
N THR H 83 -53.41 68.24 -60.42
CA THR H 83 -52.44 69.27 -60.78
C THR H 83 -51.48 69.56 -59.64
N GLU H 84 -51.93 69.39 -58.39
CA GLU H 84 -51.08 69.63 -57.23
C GLU H 84 -49.99 68.58 -57.06
N ASP H 85 -50.06 67.48 -57.81
CA ASP H 85 -49.07 66.42 -57.73
C ASP H 85 -47.90 66.64 -58.68
N GLU H 86 -47.88 67.74 -59.41
CA GLU H 86 -46.81 68.03 -60.36
C GLU H 86 -45.53 68.35 -59.60
N ALA H 87 -44.63 67.37 -59.53
CA ALA H 87 -43.37 67.51 -58.82
C ALA H 87 -42.40 66.47 -59.37
N ASP H 88 -41.22 66.38 -58.76
CA ASP H 88 -40.20 65.42 -59.17
C ASP H 88 -40.19 64.26 -58.19
N TYR H 89 -40.01 63.05 -58.73
CA TYR H 89 -40.02 61.83 -57.93
C TYR H 89 -38.65 61.16 -58.04
N TYR H 90 -38.06 60.83 -56.91
CA TYR H 90 -36.73 60.22 -56.85
C TYR H 90 -36.79 58.90 -56.09
N CYS H 91 -36.03 57.92 -56.57
CA CYS H 91 -35.86 56.65 -55.88
C CYS H 91 -34.49 56.61 -55.21
N GLN H 92 -34.48 56.32 -53.91
CA GLN H 92 -33.25 56.25 -53.13
C GLN H 92 -33.09 54.84 -52.58
N SER H 93 -31.86 54.35 -52.59
CA SER H 93 -31.55 53.02 -52.08
C SER H 93 -30.22 53.06 -51.36
N TYR H 94 -29.97 52.03 -50.56
CA TYR H 94 -28.75 51.91 -49.79
C TYR H 94 -28.12 50.54 -50.01
N ASP H 95 -26.80 50.50 -49.97
CA ASP H 95 -26.05 49.26 -50.19
C ASP H 95 -25.13 48.98 -49.03
N SER H 96 -24.28 47.96 -49.16
CA SER H 96 -23.33 47.62 -48.11
C SER H 96 -22.11 48.53 -48.11
N SER H 97 -21.98 49.43 -49.08
CA SER H 97 -20.89 50.40 -49.08
C SER H 97 -21.39 51.82 -48.99
N THR H 98 -22.26 52.26 -49.90
CA THR H 98 -22.74 53.64 -49.93
C THR H 98 -24.25 53.61 -50.16
N VAL H 99 -24.81 54.79 -50.45
CA VAL H 99 -26.20 54.95 -50.82
C VAL H 99 -26.26 55.69 -52.15
N VAL H 100 -27.37 55.50 -52.88
CA VAL H 100 -27.53 56.09 -54.20
C VAL H 100 -28.95 56.64 -54.34
N PHE H 101 -29.09 57.58 -55.27
CA PHE H 101 -30.37 58.19 -55.59
C PHE H 101 -30.65 58.01 -57.08
N GLY H 102 -31.93 57.92 -57.41
CA GLY H 102 -32.33 57.73 -58.79
C GLY H 102 -32.21 59.00 -59.62
N GLY H 103 -32.33 58.83 -60.94
CA GLY H 103 -32.26 59.96 -61.84
C GLY H 103 -33.40 60.94 -61.64
N GLY H 104 -34.60 60.43 -61.44
CA GLY H 104 -35.75 61.27 -61.20
C GLY H 104 -36.59 61.46 -62.45
N THR H 105 -37.90 61.67 -62.24
CA THR H 105 -38.83 61.90 -63.33
C THR H 105 -39.82 62.99 -62.94
N LYS H 106 -40.32 63.69 -63.94
CA LYS H 106 -41.31 64.75 -63.75
C LYS H 106 -42.53 64.45 -64.62
N LEU H 107 -43.71 64.56 -64.03
CA LEU H 107 -44.96 64.29 -64.74
C LEU H 107 -45.64 65.60 -65.13
N THR H 108 -46.35 65.56 -66.25
CA THR H 108 -47.07 66.71 -66.77
C THR H 108 -48.51 66.33 -67.07
N VAL H 109 -49.42 67.23 -66.74
CA VAL H 109 -50.84 66.99 -66.96
C VAL H 109 -51.28 67.62 -68.28
#